data_2Q7Z
#
_entry.id   2Q7Z
#
_cell.length_a   1.000
_cell.length_b   1.000
_cell.length_c   1.000
_cell.angle_alpha   90.00
_cell.angle_beta   90.00
_cell.angle_gamma   90.00
#
_symmetry.space_group_name_H-M   'P 1'
#
_entity_poly.entity_id   1
_entity_poly.type   'polypeptide(L)'
_entity_poly.pdbx_seq_one_letter_code
;QCNAPEWLPFARPTNLTDEFEFPIGTYLNYECRPGYSGRPFSIICLKNSVWTGAKDRCRRKSCRNPPDPVNGMVHVIKGI
QFGSQIKYSCTKGYRLIGSSSATCIISGDTVIWDNETPICDRIPCGLPPTITNGDFISTNRENFHYGSVVTYRCNPGSGG
RKVFELVGEPSIYCTSNDDQVGIWSGPAPQCIIPNKCTPPNVENGILVSDNRSLFSLNEVVEFRCQPGFVMKGPRRVKCQ
ALNKWEPELPSCSRVCQPPPDVLHAERTQRDKDNFSPGQEVFYSCEPGYDLRGAASMRCTPQGDWSPAAPTCEVKSCDDF
MGQLLNGRVLFPVNLQLGAKVDFVCDEGFQLKGSSASYCVLAGMESLWNSSVPVCEQIFCPSPPVIPNGRHTGKPLEVFP
FGKAVNYTCDPHPDRGTSFDLIGESTIRCTSDPQGNGVWSSPAPRCGILGHCQAPDHFLFAKLKTQTNASDFPIGTSLKY
ECRPEYYGRPFSITCLDNLVWSSPKDVCKRKSCKTPPDPVNGMVHVITDIQVGSRINYSCTTGHRLIGHSSAECILSGNA
AHWSTKPPICQRIPCGLPPTIANGDFISTNRENFHYGSVVTYRCNPGSGGRKVFELVGEPSIYCTSNDDQVGIWSGPAPQ
CIIPNKCTPPNVENGILVSDNRSLFSLNEVVEFRCQPGFVMKGPRRVKCQALNKWEPELPSCSRVCQPPPDVLHAERTQR
DKDNFSPGQEVFYSCEPGYDLRGAASMRCTPQGDWSPAAPTCEVKSCDDFMGQLLNGRVLFPVNLQLGAKVDFVCDEGFQ
LKGSSASYCVLAGMESLWNSSVPVCEQIFCPSPPVIPNGRHTGKPLEVFPFGKAVNYTCDPHPDRGTSFDLIGESTIRCT
SDPQGNGVWSSPAPRCGILGHCQAPDHFLFAKLKTQTNASDFPIGTSLKYECRPEYYGRPFSITCLDNLVWSSPKDVCKR
KSCKTPPDPVNGMVHVITDIQVGSRINYSCTTGHRLIGHSSAECILSGNTAHWSTKPPICQRIPCGLPPTIANGDFISTN
RENFHYGSVVTYRCNLGSRGRKVFELVGEPSIYCTSNDDQVGIWSGPAPQCIIPNKCTPPNVENGILVSDNRSLFSLNEV
VEFRCQPGFVMKGPRRVKCQALNKWEPELPSCSRVCQPPPEILHGEHTPSHQDNFSPGQEVFYSCEPGYDLRGAASLHCT
PQGDWSPEAPRCAVKSCDDFLGQLPHGRVLFPLNLQLGAKVSFVCDEGFRLKGSSVSHCVLVGMRSLWNNSVPVCEHIFC
PNPPAILNGRHTGTPSGDIPYGKEISYTCDPHPDRGMTFNLIGESTIRCTSDPHGNGVWSSPAPRCELSVRAGHCKTPEQ
FPFASPTIPINDFEFPVGTSLNYECRPGYFGKMFSISCLENLVWSSVEDNCRRKSCGPPPEPFNGMVHINTDTQFGSTVN
YSCNEGFRLIGSPSTTCLVSGNNVTWDKKAPICEIISCEPPPTISNGDFYSNNRTSFHNGTVVTYQCHTGPDGEQLFELV
GERSIYCTSKDDQVGVWSSPPPRCISTNKCTAPEVENAIRVPGNRSFFSLTEIIRFRCQPGFVMVGSHTVQCQTNGRWGP
KLPHCSRVCQPPPEILHGEHTLSHQDNFSPGQEVFYSCEPSYDLRGAASLHCTPQGDWSPEAPRCTVKSCDDFLGQLPHG
RVLLPLNLQLGAKVSFVCDEGFRLKGRSASHCVLAGMKALWNSSVPVCEQIFCPNPPAILNGRHTGTPFGDIPYGKEISY
ACDTHPDRGMTFNLIGESSIRCTSDPQGNGVWSSPAPRCELSVPAACPHPPKIQNGHYIGGHVSLYLPGMTISYICDPGY
LLVGKGFIFCTDQGIWSQLDHYCKEVNCSFPLFMNGISKELEMKKVYHYGDYVTLKCEDGYTLEGSPWSQCQADDRWDPP
LAKCTSRAHDA
;
_entity_poly.pdbx_strand_id   A
#
# COMPACT_ATOMS: atom_id res chain seq x y z
CA GLN A 1 -121.93 29.77 -180.74
CA CYS A 2 -124.56 32.23 -179.69
CA ASN A 3 -127.91 30.59 -179.35
CA ALA A 4 -130.97 31.78 -181.20
CA PRO A 5 -131.70 35.39 -180.60
CA GLU A 6 -134.48 36.36 -178.22
CA TRP A 7 -137.83 37.44 -179.57
CA LEU A 8 -138.14 41.17 -180.04
CA PRO A 9 -141.76 41.62 -181.09
CA PHE A 10 -140.98 45.21 -182.06
CA ALA A 11 -138.59 44.13 -184.79
CA ARG A 12 -138.67 41.49 -187.49
CA PRO A 13 -135.56 39.69 -188.55
CA THR A 14 -133.84 41.01 -191.63
CA ASN A 15 -130.81 38.91 -192.35
CA LEU A 16 -130.18 35.81 -194.35
CA THR A 17 -130.04 32.98 -191.93
CA ASP A 18 -130.42 29.24 -192.22
CA GLU A 19 -129.20 27.97 -188.91
CA PHE A 20 -130.50 27.86 -185.35
CA GLU A 21 -127.12 28.44 -183.78
CA PHE A 22 -125.31 31.59 -184.74
CA PRO A 23 -121.62 31.85 -184.68
CA ILE A 24 -120.03 34.37 -182.36
CA GLY A 25 -118.99 37.62 -183.96
CA THR A 26 -122.05 38.39 -186.06
CA TYR A 27 -124.52 41.23 -186.05
CA LEU A 28 -128.05 40.18 -186.84
CA ASN A 29 -130.22 42.85 -188.43
CA TYR A 30 -133.67 43.60 -187.08
CA GLU A 31 -135.94 46.26 -188.44
CA CYS A 32 -138.55 47.90 -186.24
CA ARG A 33 -142.21 47.74 -187.19
CA PRO A 34 -143.88 50.77 -188.72
CA GLY A 35 -145.27 51.65 -185.31
CA TYR A 36 -141.71 52.18 -184.17
CA SER A 37 -138.76 54.23 -185.31
CA GLY A 38 -135.08 53.89 -184.57
CA ARG A 39 -133.42 52.58 -187.72
CA PRO A 40 -132.41 49.03 -188.21
CA PHE A 41 -130.15 47.82 -185.45
CA SER A 42 -128.33 44.60 -184.83
CA ILE A 43 -127.33 42.40 -181.94
CA ILE A 44 -123.76 41.27 -182.08
CA CYS A 45 -122.70 37.93 -180.72
CA LEU A 46 -119.93 38.85 -178.35
CA LYS A 47 -118.46 35.57 -177.19
CA ASN A 48 -120.18 34.27 -174.11
CA SER A 49 -122.84 33.02 -176.47
CA VAL A 50 -124.66 36.23 -175.66
CA TRP A 51 -125.96 38.95 -177.89
CA THR A 52 -125.00 42.54 -177.25
CA GLY A 53 -127.47 44.29 -174.99
CA ALA A 54 -129.37 46.85 -177.01
CA LYS A 55 -130.33 50.11 -175.36
CA ASP A 56 -133.31 52.28 -176.18
CA ARG A 57 -132.75 51.68 -179.87
CA CYS A 58 -136.30 50.96 -180.95
CA ARG A 59 -137.46 53.95 -181.26
CA ARG A 60 -135.05 55.48 -180.09
CA LYS A 61 -133.84 59.20 -179.87
CA SER A 62 -130.52 59.77 -178.14
CA CYS A 63 -131.48 62.99 -176.01
CA ARG A 64 -131.08 63.33 -172.25
CA ASN A 65 -134.22 62.77 -170.21
CA PRO A 66 -135.81 66.07 -169.47
CA PRO A 67 -136.14 67.04 -165.85
CA ASP A 68 -139.60 66.47 -164.52
CA PRO A 69 -141.52 69.66 -164.34
CA VAL A 70 -142.94 70.65 -161.01
CA ASN A 71 -146.46 69.38 -160.58
CA GLY A 72 -146.10 67.30 -163.71
CA MET A 73 -144.12 64.62 -165.52
CA VAL A 74 -143.07 63.66 -169.02
CA HIS A 75 -144.24 60.39 -170.48
CA VAL A 76 -142.04 58.70 -173.02
CA ILE A 77 -144.20 56.53 -175.18
CA LYS A 78 -141.59 54.92 -177.38
CA GLY A 79 -138.34 56.01 -175.76
CA ILE A 80 -136.18 59.07 -176.14
CA GLN A 81 -134.12 58.55 -179.27
CA PHE A 82 -133.82 60.92 -182.11
CA GLY A 83 -137.28 60.76 -183.61
CA SER A 84 -139.35 59.79 -180.59
CA GLN A 85 -141.53 62.47 -179.05
CA ILE A 86 -142.27 62.74 -175.37
CA LYS A 87 -145.62 63.87 -174.03
CA TYR A 88 -145.85 66.34 -171.18
CA SER A 89 -148.72 66.23 -168.73
CA CYS A 90 -149.27 68.04 -165.47
CA THR A 91 -151.16 66.71 -162.50
CA LYS A 92 -154.86 67.38 -162.69
CA GLY A 93 -155.59 70.97 -161.77
CA TYR A 94 -152.48 72.47 -163.23
CA ARG A 95 -152.17 73.31 -166.87
CA LEU A 96 -148.86 73.02 -168.55
CA ILE A 97 -147.61 76.21 -169.98
CA GLY A 98 -145.54 75.62 -173.01
CA SER A 99 -145.76 72.99 -175.68
CA SER A 100 -147.75 69.81 -175.32
CA SER A 101 -145.11 67.47 -176.66
CA ALA A 102 -141.52 67.87 -177.66
CA THR A 103 -139.80 65.70 -180.20
CA CYS A 104 -136.23 64.49 -179.85
CA ILE A 105 -134.34 65.56 -182.96
CA ILE A 106 -130.81 65.99 -184.22
CA SER A 107 -129.25 69.25 -185.37
CA GLY A 108 -126.16 67.60 -186.76
CA ASP A 109 -123.61 67.80 -184.02
CA THR A 110 -125.88 66.63 -181.28
CA VAL A 111 -129.41 65.54 -180.53
CA ILE A 112 -131.64 68.07 -178.79
CA TRP A 113 -135.31 68.27 -177.96
CA ASP A 114 -137.29 70.42 -180.37
CA ASN A 115 -139.03 72.33 -177.62
CA GLU A 116 -138.04 73.25 -174.10
CA THR A 117 -140.02 71.62 -171.31
CA PRO A 118 -143.05 73.50 -170.29
CA ILE A 119 -144.12 74.32 -166.76
CA CYS A 120 -147.18 73.65 -164.70
CA ASP A 121 -147.87 76.61 -165.65
CA ARG A 122 -145.44 79.64 -166.72
CA ILE A 123 -142.46 80.76 -169.02
CA PRO A 124 -140.53 78.30 -171.72
CA CYS A 125 -140.53 80.61 -174.81
CA GLY A 126 -138.73 83.89 -175.05
CA LEU A 127 -139.67 86.79 -177.19
CA PRO A 128 -140.01 86.33 -180.85
CA PRO A 129 -137.27 87.68 -182.99
CA THR A 130 -138.30 91.13 -184.04
CA ILE A 131 -137.58 92.24 -187.55
CA THR A 132 -136.60 95.67 -188.69
CA ASN A 133 -139.48 97.78 -189.87
CA GLY A 134 -141.68 94.88 -188.92
CA ASP A 135 -144.15 95.43 -186.12
CA PHE A 136 -145.40 93.09 -183.43
CA ILE A 137 -148.94 92.22 -182.44
CA SER A 138 -151.21 89.43 -181.31
CA THR A 139 -151.79 88.02 -177.85
CA ASN A 140 -148.09 87.86 -177.15
CA ARG A 141 -146.75 90.75 -175.15
CA GLU A 142 -144.75 90.15 -171.98
CA ASN A 143 -146.07 86.93 -170.55
CA PHE A 144 -144.47 84.41 -172.84
CA HIS A 145 -144.94 80.81 -171.87
CA TYR A 146 -145.66 78.47 -174.71
CA GLY A 147 -147.91 78.19 -177.73
CA SER A 148 -148.56 81.90 -177.96
CA VAL A 149 -148.75 83.17 -181.53
CA VAL A 150 -147.39 86.43 -182.81
CA THR A 151 -148.35 88.20 -186.00
CA TYR A 152 -145.76 90.23 -187.85
CA ARG A 153 -146.19 93.30 -189.99
CA CYS A 154 -144.11 96.03 -191.54
CA ASN A 155 -144.24 99.84 -191.52
CA PRO A 156 -147.17 101.35 -193.34
CA GLY A 157 -146.16 104.98 -192.83
CA SER A 158 -148.95 104.89 -190.27
CA GLY A 159 -152.04 104.40 -192.38
CA GLY A 160 -150.89 101.82 -194.89
CA ARG A 161 -148.77 102.46 -197.90
CA LYS A 162 -146.54 100.65 -200.31
CA VAL A 163 -143.52 100.77 -198.11
CA PHE A 164 -141.86 97.52 -197.22
CA GLU A 165 -143.86 94.35 -197.10
CA LEU A 166 -143.71 91.32 -194.91
CA VAL A 167 -142.83 88.24 -196.87
CA GLY A 168 -142.73 84.71 -195.61
CA GLU A 169 -144.97 83.36 -192.89
CA PRO A 170 -146.61 86.27 -191.34
CA SER A 171 -147.12 84.45 -188.10
CA ILE A 172 -145.09 82.29 -185.77
CA TYR A 173 -145.85 80.56 -182.52
CA CYS A 174 -143.73 79.09 -179.88
CA THR A 175 -142.97 75.40 -179.66
CA SER A 176 -140.15 73.13 -178.60
CA ASN A 177 -137.46 71.24 -180.43
CA ASP A 178 -134.44 71.69 -178.22
CA ASP A 179 -134.81 71.62 -174.52
CA GLN A 180 -136.29 74.42 -172.48
CA VAL A 181 -135.13 77.45 -174.55
CA GLY A 182 -138.52 77.79 -176.14
CA ILE A 183 -137.55 78.19 -179.74
CA TRP A 184 -140.22 79.43 -182.14
CA SER A 185 -141.60 77.61 -185.21
CA GLY A 186 -139.71 79.30 -187.99
CA PRO A 187 -137.77 82.30 -188.92
CA ALA A 188 -139.47 85.60 -188.97
CA PRO A 189 -140.49 87.20 -192.15
CA GLN A 190 -138.66 90.11 -193.68
CA CYS A 191 -139.80 93.40 -195.14
CA ILE A 192 -136.50 95.21 -195.90
CA ILE A 193 -133.50 93.14 -194.38
CA PRO A 194 -131.01 91.10 -196.27
CA ASN A 195 -127.78 90.19 -194.57
CA LYS A 196 -127.86 87.33 -191.84
CA CYS A 197 -124.57 86.24 -189.92
CA THR A 198 -123.37 82.97 -188.52
CA PRO A 199 -122.99 82.06 -184.95
CA PRO A 200 -120.71 84.22 -182.94
CA ASN A 201 -117.30 82.79 -182.30
CA VAL A 202 -116.37 83.39 -178.70
CA GLU A 203 -114.78 80.97 -176.32
CA ASN A 204 -115.64 80.92 -172.63
CA GLY A 205 -118.21 83.68 -173.07
CA ILE A 206 -121.76 82.61 -173.82
CA LEU A 207 -124.12 84.89 -175.70
CA VAL A 208 -127.07 86.06 -173.56
CA SER A 209 -129.55 87.53 -176.02
CA ASP A 210 -131.70 85.66 -178.47
CA ASN A 211 -129.63 82.88 -179.87
CA ARG A 212 -130.64 82.03 -183.39
CA SER A 213 -129.41 79.47 -185.83
CA LEU A 214 -129.20 81.93 -188.65
CA PHE A 215 -129.07 85.55 -187.65
CA SER A 216 -129.98 88.43 -189.88
CA LEU A 217 -128.88 91.99 -190.17
CA ASN A 218 -129.23 94.06 -187.06
CA GLU A 219 -129.16 91.09 -184.83
CA VAL A 220 -127.31 92.12 -181.74
CA VAL A 221 -125.86 89.71 -179.26
CA GLU A 222 -124.36 90.40 -175.86
CA PHE A 223 -121.80 88.08 -174.38
CA ARG A 224 -121.36 87.24 -170.75
CA CYS A 225 -118.26 85.50 -169.59
CA GLN A 226 -118.16 82.30 -167.60
CA PRO A 227 -117.38 82.63 -163.99
CA GLY A 228 -113.74 83.40 -163.43
CA PHE A 229 -113.32 85.01 -166.83
CA VAL A 230 -113.20 88.63 -167.90
CA MET A 231 -114.23 90.05 -171.24
CA LYS A 232 -111.66 91.79 -173.31
CA GLY A 233 -113.50 93.64 -176.02
CA PRO A 234 -116.97 94.95 -176.61
CA ARG A 235 -119.71 93.09 -174.77
CA ARG A 236 -122.18 93.24 -177.63
CA VAL A 237 -121.83 92.54 -181.31
CA LYS A 238 -124.16 93.50 -184.10
CA CYS A 239 -124.44 92.00 -187.53
CA GLN A 240 -123.46 94.25 -190.37
CA ALA A 241 -124.67 94.34 -193.95
CA LEU A 242 -121.25 92.93 -194.72
CA ASN A 243 -122.36 89.87 -192.77
CA LYS A 244 -119.41 90.39 -190.48
CA TRP A 245 -119.74 91.15 -186.83
CA GLU A 246 -118.98 94.65 -185.75
CA PRO A 247 -117.20 95.23 -183.71
CA GLU A 248 -115.21 92.03 -184.02
CA LEU A 249 -116.03 89.32 -181.51
CA PRO A 250 -114.55 89.65 -178.08
CA SER A 251 -112.76 86.97 -176.14
CA CYS A 252 -113.25 86.01 -172.53
CA SER A 253 -110.82 85.15 -169.71
CA ARG A 254 -112.03 81.44 -169.33
CA VAL A 255 -110.62 78.82 -171.91
CA CYS A 256 -107.24 77.59 -170.30
CA GLN A 257 -104.31 75.66 -171.65
CA PRO A 258 -103.22 72.41 -170.26
CA PRO A 259 -101.60 72.63 -166.90
CA PRO A 260 -97.90 72.61 -166.54
CA ASP A 261 -96.44 69.22 -165.85
CA VAL A 262 -94.09 68.65 -163.00
CA LEU A 263 -91.12 66.39 -163.34
CA HIS A 264 -91.71 63.99 -160.55
CA ALA A 265 -95.39 64.18 -159.96
CA GLU A 266 -98.69 63.53 -161.60
CA ARG A 267 -101.70 65.60 -162.29
CA THR A 268 -105.02 64.69 -160.81
CA GLN A 269 -105.96 64.30 -164.43
CA ARG A 270 -109.44 65.45 -163.77
CA ASP A 271 -110.75 66.44 -167.17
CA LYS A 272 -107.15 66.93 -168.13
CA ASP A 273 -108.14 66.99 -171.76
CA ASN A 274 -109.98 70.23 -171.40
CA PHE A 275 -110.06 72.69 -168.59
CA SER A 276 -112.88 75.16 -168.54
CA PRO A 277 -112.43 78.39 -166.79
CA GLY A 278 -112.77 78.34 -163.04
CA GLN A 279 -111.78 74.71 -162.99
CA GLU A 280 -109.14 73.60 -160.59
CA VAL A 281 -106.48 70.99 -161.07
CA PHE A 282 -104.69 69.10 -158.33
CA TYR A 283 -101.06 68.09 -158.35
CA SER A 284 -99.75 65.07 -156.54
CA CYS A 285 -96.29 63.67 -156.06
CA GLU A 286 -94.99 60.13 -156.14
CA PRO A 287 -94.38 58.42 -152.88
CA GLY A 288 -91.25 59.74 -151.28
CA TYR A 289 -91.87 63.17 -152.70
CA ASP A 290 -93.33 66.25 -151.08
CA LEU A 291 -95.08 69.08 -152.84
CA ARG A 292 -93.76 72.58 -152.55
CA GLY A 293 -96.17 75.38 -153.26
CA ALA A 294 -99.93 75.40 -153.58
CA ALA A 295 -101.18 71.95 -154.48
CA SER A 296 -104.06 73.23 -156.54
CA MET A 297 -104.14 75.61 -159.45
CA ARG A 298 -107.20 77.34 -160.75
CA CYS A 299 -107.92 78.71 -164.16
CA THR A 300 -109.02 82.29 -164.12
CA PRO A 301 -112.28 83.05 -165.73
CA GLN A 302 -110.00 84.81 -168.13
CA GLY A 303 -106.41 83.88 -168.61
CA ASP A 304 -104.04 81.08 -167.85
CA TRP A 305 -103.44 79.26 -164.62
CA SER A 306 -103.19 81.61 -161.71
CA PRO A 307 -100.25 80.13 -159.84
CA ALA A 308 -97.09 78.38 -160.93
CA ALA A 309 -97.08 74.62 -160.64
CA PRO A 310 -95.91 72.93 -157.54
CA THR A 311 -92.58 71.20 -157.38
CA CYS A 312 -92.00 67.80 -155.89
CA GLU A 313 -88.77 67.41 -153.61
CA VAL A 314 -86.21 64.43 -153.08
CA LYS A 315 -83.88 63.61 -150.02
CA SER A 316 -81.63 60.57 -150.73
CA CYS A 317 -81.58 59.09 -154.46
CA ASP A 318 -81.78 56.00 -156.57
CA ASP A 319 -78.80 53.96 -155.59
CA PHE A 320 -78.33 52.66 -159.02
CA MET A 321 -76.77 55.56 -160.66
CA GLY A 322 -76.02 53.54 -163.73
CA GLN A 323 -72.46 52.90 -164.69
CA LEU A 324 -71.16 54.83 -167.64
CA LEU A 325 -69.74 52.83 -170.45
CA ASN A 326 -65.99 53.16 -170.43
CA GLY A 327 -66.16 55.18 -167.27
CA ARG A 328 -66.87 54.85 -163.61
CA VAL A 329 -68.98 56.51 -160.97
CA LEU A 330 -67.43 57.20 -157.64
CA PHE A 331 -69.54 57.68 -154.57
CA PRO A 332 -67.66 59.98 -152.31
CA VAL A 333 -69.90 59.18 -149.41
CA ASN A 334 -73.37 57.91 -149.96
CA LEU A 335 -76.23 58.84 -152.17
CA GLN A 336 -78.22 60.97 -149.77
CA LEU A 337 -80.10 64.23 -150.21
CA GLY A 338 -76.89 66.16 -150.41
CA ALA A 339 -74.21 63.71 -151.51
CA LYS A 340 -72.28 64.34 -154.70
CA VAL A 341 -71.21 61.62 -157.07
CA ASP A 342 -68.27 62.09 -159.39
CA PHE A 343 -67.85 60.78 -162.90
CA VAL A 344 -64.52 59.94 -164.47
CA CYS A 345 -63.56 57.98 -167.51
CA ASP A 346 -60.83 55.66 -168.62
CA GLU A 347 -57.82 57.14 -170.30
CA GLY A 348 -58.59 57.97 -173.88
CA PHE A 349 -62.23 58.79 -173.32
CA GLN A 350 -63.45 62.16 -172.17
CA LEU A 351 -66.65 62.87 -170.35
CA LYS A 352 -69.37 64.49 -172.29
CA GLY A 353 -71.70 65.93 -169.74
CA SER A 354 -71.37 67.10 -166.19
CA SER A 355 -68.46 66.02 -164.06
CA ALA A 356 -70.58 65.37 -161.02
CA SER A 357 -74.19 64.99 -160.02
CA TYR A 358 -75.64 66.09 -156.74
CA CYS A 359 -78.49 64.23 -155.15
CA VAL A 360 -81.04 66.94 -154.52
CA LEU A 361 -84.55 67.26 -153.21
CA ALA A 362 -87.12 68.76 -155.50
CA GLY A 363 -90.77 68.34 -154.95
CA MET A 364 -91.70 65.45 -152.75
CA GLU A 365 -88.89 63.18 -153.85
CA SER A 366 -85.20 63.55 -154.38
CA LEU A 367 -83.50 62.95 -157.69
CA TRP A 368 -80.02 63.40 -159.11
CA ASN A 369 -79.30 66.90 -160.34
CA SER A 370 -77.79 65.90 -163.60
CA SER A 371 -78.25 63.09 -166.03
CA VAL A 372 -75.35 60.72 -166.27
CA PRO A 373 -72.72 61.82 -168.67
CA VAL A 374 -71.43 59.55 -171.37
CA CYS A 375 -67.87 59.12 -172.38
CA GLU A 376 -65.41 56.90 -173.93
CA GLN A 377 -66.37 53.24 -172.62
CA ILE A 378 -62.92 51.58 -171.77
CA PHE A 379 -62.13 52.06 -167.99
CA CYS A 380 -58.83 50.57 -166.43
CA PRO A 381 -57.33 51.72 -163.24
CA SER A 382 -53.68 52.50 -163.13
CA PRO A 383 -51.52 49.49 -163.35
CA PRO A 384 -49.61 48.12 -160.42
CA VAL A 385 -46.40 49.93 -159.41
CA ILE A 386 -43.84 47.06 -159.05
CA PRO A 387 -40.82 47.66 -156.99
CA ASN A 388 -37.46 48.11 -158.66
CA GLY A 389 -39.29 48.16 -161.94
CA ARG A 390 -41.01 50.72 -164.06
CA HIS A 391 -43.85 50.97 -166.49
CA THR A 392 -42.74 51.66 -169.99
CA GLY A 393 -44.67 53.83 -172.38
CA LYS A 394 -47.13 54.43 -169.60
CA PRO A 395 -50.08 56.38 -170.65
CA LEU A 396 -51.20 58.66 -167.93
CA GLU A 397 -54.47 57.98 -166.20
CA VAL A 398 -55.72 56.39 -169.30
CA PHE A 399 -55.79 52.77 -170.20
CA PRO A 400 -58.51 51.81 -172.49
CA PHE A 401 -59.72 48.30 -172.48
CA GLY A 402 -57.53 45.93 -174.36
CA LYS A 403 -54.58 48.19 -173.81
CA ALA A 404 -51.41 46.49 -172.72
CA VAL A 405 -48.73 47.72 -170.37
CA ASN A 406 -45.19 46.45 -170.33
CA TYR A 407 -43.06 46.24 -167.21
CA THR A 408 -39.30 46.39 -167.05
CA CYS A 409 -36.77 46.25 -164.26
CA ASP A 410 -34.10 48.75 -163.36
CA PRO A 411 -31.10 48.27 -165.50
CA HIS A 412 -29.21 50.59 -163.23
CA PRO A 413 -28.29 53.51 -165.37
CA ASP A 414 -27.79 51.77 -168.71
CA ARG A 415 -28.49 48.07 -168.67
CA GLY A 416 -26.92 45.55 -166.45
CA THR A 417 -27.01 42.64 -164.12
CA SER A 418 -29.58 44.06 -161.82
CA PHE A 419 -33.02 42.81 -160.98
CA ASP A 420 -34.56 40.72 -163.71
CA LEU A 421 -38.25 40.41 -164.34
CA ILE A 422 -40.03 37.30 -163.16
CA GLY A 423 -43.52 36.45 -164.35
CA GLU A 424 -45.62 37.90 -167.12
CA SER A 425 -43.86 40.94 -168.43
CA THR A 426 -47.04 42.38 -169.80
CA ILE A 427 -50.61 42.69 -168.66
CA ARG A 428 -53.70 43.73 -170.54
CA CYS A 429 -56.85 45.46 -169.47
CA THR A 430 -60.02 43.44 -169.54
CA SER A 431 -63.34 43.49 -167.77
CA ASP A 432 -64.53 40.65 -165.59
CA PRO A 433 -66.98 42.95 -163.85
CA GLN A 434 -68.94 45.45 -165.81
CA GLY A 435 -66.63 48.38 -165.46
CA ASN A 436 -64.00 48.11 -162.79
CA GLY A 437 -61.46 47.84 -165.57
CA VAL A 438 -59.60 44.93 -164.01
CA TRP A 439 -56.20 43.88 -165.30
CA SER A 440 -55.50 40.32 -166.43
CA SER A 441 -53.09 39.31 -163.74
CA PRO A 442 -50.71 40.48 -161.17
CA ALA A 443 -47.63 42.36 -162.13
CA PRO A 444 -44.28 40.78 -162.46
CA ARG A 445 -41.58 40.97 -159.82
CA CYS A 446 -38.05 42.25 -160.16
CA GLY A 447 -35.45 40.05 -158.14
CA ILE A 448 -35.17 36.36 -158.95
CA LEU A 449 -33.45 35.20 -162.24
CA GLY A 450 -34.23 31.38 -162.02
CA HIS A 451 -33.87 29.47 -165.23
CA CYS A 452 -32.08 26.23 -164.02
CA GLN A 453 -31.30 22.66 -164.88
CA ALA A 454 -31.89 19.87 -162.42
CA PRO A 455 -30.01 20.41 -159.24
CA ASP A 456 -26.96 18.30 -158.72
CA HIS A 457 -27.07 15.47 -156.23
CA PHE A 458 -25.87 16.46 -152.77
CA LEU A 459 -26.11 12.91 -151.43
CA PHE A 460 -25.73 14.47 -148.01
CA ALA A 461 -29.21 15.91 -148.32
CA LYS A 462 -32.55 14.53 -149.45
CA LEU A 463 -34.84 16.77 -151.45
CA LYS A 464 -37.81 18.08 -149.59
CA THR A 465 -39.86 20.15 -151.97
CA GLN A 466 -42.77 19.28 -154.15
CA THR A 467 -41.41 18.91 -157.62
CA ASN A 468 -42.78 17.43 -160.81
CA ALA A 469 -40.40 18.50 -163.52
CA SER A 470 -36.79 18.31 -164.65
CA ASP A 471 -36.33 21.96 -165.47
CA PHE A 472 -36.73 24.34 -162.58
CA PRO A 473 -37.81 27.88 -163.07
CA ILE A 474 -35.43 30.71 -162.25
CA GLY A 475 -35.97 32.33 -158.90
CA THR A 476 -36.86 29.44 -156.68
CA SER A 477 -35.20 27.89 -153.65
CA LEU A 478 -35.29 24.14 -153.40
CA LYS A 479 -35.39 22.69 -149.90
CA TYR A 480 -32.91 19.98 -148.98
CA GLU A 481 -32.53 18.34 -145.60
CA CYS A 482 -29.20 16.89 -144.59
CA ARG A 483 -28.99 13.25 -143.50
CA PRO A 484 -29.06 12.26 -139.87
CA GLU A 485 -25.32 11.78 -140.18
CA TYR A 486 -25.15 15.53 -140.73
CA TYR A 487 -26.41 18.65 -139.00
CA GLY A 488 -26.88 22.16 -140.36
CA ARG A 489 -30.63 22.75 -140.72
CA PRO A 490 -32.47 22.54 -143.96
CA PHE A 491 -30.97 24.78 -146.61
CA SER A 492 -32.05 25.67 -150.10
CA ILE A 493 -30.38 26.41 -153.39
CA THR A 494 -31.73 29.49 -155.11
CA CYS A 495 -32.17 29.35 -158.82
CA LEU A 496 -30.39 32.45 -160.01
CA ASP A 497 -30.71 33.81 -163.50
CA ASN A 498 -27.92 32.08 -165.28
CA LEU A 499 -29.37 28.62 -164.97
CA VAL A 500 -27.28 27.97 -161.92
CA TRP A 501 -28.16 27.40 -158.33
CA SER A 502 -26.76 29.54 -155.56
CA SER A 503 -23.45 28.29 -154.28
CA PRO A 504 -23.89 26.79 -150.91
CA LYS A 505 -21.09 27.21 -148.42
CA ASP A 506 -20.28 24.92 -145.55
CA VAL A 507 -23.98 24.52 -144.77
CA CYS A 508 -24.21 20.80 -144.07
CA LYS A 509 -21.81 19.35 -141.42
CA ARG A 510 -23.91 18.82 -138.03
CA LYS A 511 -26.52 16.21 -137.05
CA SER A 512 -29.64 16.73 -134.81
CA CYS A 513 -30.25 13.27 -133.63
CA LYS A 514 -32.64 10.79 -135.16
CA THR A 515 -34.97 9.48 -132.50
CA PRO A 516 -33.87 6.16 -131.23
CA PRO A 517 -36.09 3.21 -131.85
CA ASP A 518 -38.03 2.03 -128.84
CA PRO A 519 -36.17 -0.71 -127.13
CA VAL A 520 -38.21 -3.84 -126.83
CA ASN A 521 -40.21 -3.78 -123.66
CA GLY A 522 -39.13 -0.24 -122.97
CA MET A 523 -39.21 3.31 -124.27
CA VAL A 524 -37.15 6.48 -124.26
CA HIS A 525 -38.57 9.67 -122.92
CA VAL A 526 -37.27 12.96 -124.18
CA ILE A 527 -36.96 15.54 -121.44
CA THR A 528 -37.32 18.37 -123.90
CA ASP A 529 -36.29 17.47 -127.44
CA ILE A 530 -33.61 15.53 -129.19
CA GLN A 531 -31.22 18.21 -130.35
CA VAL A 532 -27.48 18.14 -130.10
CA GLY A 533 -27.66 18.97 -126.42
CA SER A 534 -30.65 17.39 -124.75
CA ARG A 535 -30.31 13.93 -123.35
CA ILE A 536 -33.03 11.32 -123.46
CA ASN A 537 -33.79 9.04 -120.56
CA TYR A 538 -34.37 5.35 -121.12
CA SER A 539 -36.70 3.37 -118.95
CA CYS A 540 -38.11 -0.11 -119.34
CA THR A 541 -41.51 -1.60 -118.74
CA THR A 542 -41.88 -2.32 -115.09
CA GLY A 543 -40.28 -5.62 -114.26
CA HIS A 544 -37.61 -5.36 -116.86
CA ARG A 545 -34.22 -3.86 -116.25
CA LEU A 546 -32.46 -1.71 -118.79
CA ILE A 547 -29.09 -3.13 -119.83
CA GLY A 548 -26.72 -0.67 -121.38
CA HIS A 549 -26.70 2.90 -120.14
CA SER A 550 -29.28 4.93 -118.27
CA SER A 551 -29.43 8.04 -120.40
CA ALA A 552 -27.75 9.04 -123.60
CA GLU A 553 -27.09 12.63 -124.55
CA CYS A 554 -27.50 13.88 -128.10
CA ILE A 555 -24.27 15.54 -129.11
CA LEU A 556 -22.30 16.66 -132.11
CA SER A 557 -18.85 15.48 -133.12
CA GLY A 558 -18.40 17.97 -135.90
CA ASN A 559 -19.38 16.10 -139.02
CA ALA A 560 -22.67 14.78 -137.73
CA ALA A 561 -24.77 14.62 -134.63
CA HIS A 562 -25.10 11.35 -132.78
CA TRP A 563 -25.97 10.01 -129.36
CA SER A 564 -23.22 9.68 -126.82
CA THR A 565 -24.21 6.11 -126.21
CA LYS A 566 -26.24 3.49 -128.05
CA PRO A 567 -29.61 2.56 -126.71
CA PRO A 568 -29.75 -0.14 -124.14
CA ILE A 569 -31.84 -3.31 -124.17
CA CYS A 570 -34.21 -4.54 -121.58
CA GLN A 571 -32.20 -6.44 -119.84
CA ARG A 572 -29.23 -4.20 -120.69
CA ILE A 573 -26.67 -5.40 -117.91
CA PRO A 574 -26.39 -9.33 -117.25
CA CYS A 575 -24.27 -9.28 -113.91
CA GLY A 576 -21.23 -10.95 -112.50
CA LEU A 577 -20.80 -12.49 -109.12
CA PRO A 578 -21.80 -10.56 -106.11
CA PRO A 579 -18.97 -9.20 -104.05
CA THR A 580 -18.05 -11.91 -101.57
CA ILE A 581 -17.77 -11.04 -97.91
CA ALA A 582 -15.07 -12.41 -95.70
CA ASN A 583 -16.48 -15.18 -93.55
CA GLY A 584 -19.82 -14.35 -95.07
CA ASP A 585 -21.49 -17.14 -97.00
CA PHE A 586 -23.52 -17.13 -100.19
CA ILE A 587 -26.95 -18.56 -100.91
CA SER A 588 -30.16 -17.91 -102.75
CA THR A 589 -31.06 -18.67 -106.33
CA ASN A 590 -27.82 -17.20 -107.54
CA ARG A 591 -25.19 -19.79 -108.21
CA GLU A 592 -23.30 -20.01 -111.45
CA ASN A 593 -25.50 -18.58 -114.10
CA PHE A 594 -25.77 -14.94 -113.28
CA HIS A 595 -27.83 -12.96 -115.72
CA TYR A 596 -29.79 -10.13 -114.21
CA GLY A 597 -32.21 -9.53 -111.37
CA SER A 598 -31.00 -12.48 -109.40
CA VAL A 599 -31.02 -11.89 -105.67
CA VAL A 600 -28.47 -13.24 -103.27
CA THR A 601 -28.64 -13.56 -99.51
CA TYR A 602 -25.58 -13.13 -97.33
CA ARG A 603 -24.66 -14.74 -94.05
CA CYS A 604 -21.61 -15.35 -91.94
CA ASN A 605 -19.77 -18.36 -90.51
CA PRO A 606 -21.41 -20.20 -87.66
CA GLY A 607 -18.50 -22.59 -87.05
CA SER A 608 -20.87 -25.23 -88.27
CA GLY A 609 -24.41 -25.29 -87.03
CA GLY A 610 -24.62 -21.79 -85.67
CA ARG A 611 -22.41 -20.12 -83.12
CA LYS A 612 -21.88 -16.67 -81.79
CA VAL A 613 -19.11 -15.97 -84.18
CA PHE A 614 -19.24 -13.02 -86.54
CA GLU A 615 -22.60 -11.68 -87.59
CA LEU A 616 -23.91 -10.16 -90.77
CA VAL A 617 -24.80 -6.49 -90.44
CA GLY A 618 -26.35 -4.27 -93.06
CA GLU A 619 -28.65 -5.35 -95.86
CA PRO A 620 -28.54 -9.03 -95.81
CA SER A 621 -29.48 -9.25 -99.44
CA ILE A 622 -28.55 -7.63 -102.73
CA TYR A 623 -29.74 -7.99 -106.30
CA CYS A 624 -28.48 -7.60 -109.84
CA THR A 625 -29.26 -4.27 -111.43
CA SER A 626 -27.95 -1.82 -114.00
CA ASN A 627 -26.57 1.67 -113.65
CA ASP A 628 -23.93 1.92 -116.34
CA ASP A 629 -24.05 -0.08 -119.45
CA GLN A 630 -23.74 -3.76 -119.23
CA VAL A 631 -21.29 -4.49 -116.45
CA GLY A 632 -23.97 -5.89 -114.23
CA ILE A 633 -23.38 -3.81 -111.13
CA TRP A 634 -25.28 -4.85 -108.01
CA SER A 635 -27.66 -2.73 -105.90
CA GLY A 636 -25.51 -1.84 -102.97
CA PRO A 637 -22.70 -2.75 -100.80
CA ALA A 638 -22.52 -6.08 -99.18
CA PRO A 639 -22.96 -6.52 -95.52
CA GLN A 640 -20.18 -7.07 -93.02
CA CYS A 641 -19.53 -9.63 -90.36
CA ILE A 642 -19.61 -7.49 -87.21
CA ILE A 643 -21.63 -6.74 -83.92
CA PRO A 644 -21.20 -2.88 -83.85
CA ASN A 645 -20.70 -1.01 -80.59
CA LYS A 646 -17.40 -0.87 -78.40
CA CYS A 647 -18.08 -1.23 -74.98
CA THR A 648 -21.44 -2.34 -73.75
CA PRO A 649 -22.51 -2.77 -70.21
CA PRO A 650 -20.52 -5.18 -68.18
CA ASN A 651 -22.09 -8.55 -67.69
CA VAL A 652 -21.67 -9.59 -64.10
CA GLU A 653 -24.25 -11.15 -61.87
CA ASN A 654 -24.41 -10.38 -58.16
CA GLY A 655 -21.56 -7.91 -58.41
CA ILE A 656 -22.46 -4.30 -59.11
CA LEU A 657 -20.02 -1.97 -60.83
CA VAL A 658 -18.83 0.87 -58.58
CA SER A 659 -17.19 3.36 -60.92
CA ASP A 660 -18.88 5.64 -63.38
CA ASN A 661 -21.67 3.71 -64.95
CA ARG A 662 -22.34 4.84 -68.47
CA SER A 663 -24.84 3.75 -71.03
CA LEU A 664 -22.27 3.53 -73.76
CA PHE A 665 -18.70 3.24 -72.62
CA SER A 666 -15.71 4.10 -74.71
CA LEU A 667 -12.18 2.87 -74.88
CA ASN A 668 -10.22 3.07 -71.68
CA GLU A 669 -13.28 3.05 -69.59
CA VAL A 670 -12.45 1.09 -66.49
CA VAL A 671 -15.02 -0.33 -64.16
CA GLU A 672 -14.50 -1.93 -60.78
CA PHE A 673 -16.97 -4.45 -59.45
CA ARG A 674 -17.97 -4.94 -55.88
CA CYS A 675 -19.87 -8.01 -54.86
CA GLN A 676 -23.14 -8.04 -53.00
CA PRO A 677 -23.00 -8.92 -49.40
CA GLY A 678 -22.37 -12.60 -48.92
CA PHE A 679 -20.66 -13.00 -52.26
CA VAL A 680 -16.99 -13.22 -53.18
CA MET A 681 -15.41 -12.17 -56.43
CA LYS A 682 -13.67 -14.73 -58.50
CA GLY A 683 -11.65 -12.90 -61.09
CA PRO A 684 -10.20 -9.46 -61.54
CA ARG A 685 -12.04 -6.71 -59.70
CA ARG A 686 -11.68 -4.17 -62.48
CA VAL A 687 -12.24 -4.40 -66.19
CA LYS A 688 -11.09 -2.04 -68.89
CA CYS A 689 -12.43 -1.63 -72.37
CA GLN A 690 -10.11 -2.62 -75.13
CA ALA A 691 -9.83 -1.32 -78.68
CA LEU A 692 -11.32 -4.66 -79.58
CA ASN A 693 -14.43 -3.49 -77.74
CA LYS A 694 -14.11 -6.52 -75.51
CA TRP A 695 -13.48 -6.30 -71.82
CA GLU A 696 -10.05 -7.22 -70.63
CA PRO A 697 -9.62 -9.07 -68.61
CA GLU A 698 -12.88 -10.94 -69.10
CA LEU A 699 -15.65 -10.08 -66.68
CA PRO A 700 -15.52 -11.65 -63.28
CA SER A 701 -18.34 -13.38 -61.49
CA CYS A 702 -19.42 -12.95 -57.92
CA SER A 703 -22.00 -14.48 -55.48
CA ARG A 704 -25.53 -13.99 -57.40
CA VAL A 705 -26.18 -10.81 -59.39
CA CYS A 706 -28.29 -8.65 -56.81
CA GLN A 707 -30.97 -9.21 -54.24
CA PRO A 708 -34.21 -7.44 -54.26
CA PRO A 709 -34.02 -3.83 -53.34
CA PRO A 710 -34.83 -2.68 -49.91
CA ASP A 711 -38.36 -1.51 -49.49
CA VAL A 712 -39.16 1.82 -47.96
CA LEU A 713 -42.06 2.25 -45.62
CA HIS A 714 -43.96 4.98 -47.31
CA ALA A 715 -42.89 4.73 -50.88
CA GLU A 716 -42.94 2.44 -53.85
CA ARG A 717 -40.32 1.00 -56.06
CA THR A 718 -40.30 1.77 -59.73
CA GLN A 719 -40.83 -1.94 -60.00
CA ARG A 720 -38.88 -2.12 -63.16
CA ASP A 721 -37.98 -5.77 -63.48
CA LYS A 722 -38.41 -5.94 -59.75
CA ASP A 723 -38.51 -9.69 -59.94
CA ASN A 724 -34.91 -9.91 -60.97
CA PHE A 725 -32.21 -7.33 -61.01
CA SER A 726 -29.19 -8.04 -63.10
CA PRO A 727 -25.97 -6.40 -62.24
CA GLY A 728 -25.56 -2.81 -63.32
CA GLN A 729 -29.29 -2.37 -63.28
CA GLU A 730 -30.71 0.62 -61.52
CA VAL A 731 -33.89 0.87 -59.53
CA PHE A 732 -35.84 4.03 -58.84
CA TYR A 733 -37.65 4.85 -55.63
CA SER A 734 -40.69 7.07 -55.48
CA CYS A 735 -42.77 8.37 -52.64
CA GLU A 736 -46.51 8.76 -52.24
CA PRO A 737 -47.95 12.15 -52.73
CA GLY A 738 -47.22 14.33 -49.76
CA TYR A 739 -43.89 12.63 -49.23
CA ASP A 740 -40.42 13.73 -50.19
CA LEU A 741 -37.47 11.48 -50.82
CA ARG A 742 -34.35 11.85 -48.77
CA GLY A 743 -31.16 10.49 -50.24
CA ALA A 744 -30.34 9.36 -53.73
CA ALA A 745 -33.47 8.39 -55.59
CA SER A 746 -31.80 5.69 -57.59
CA MET A 747 -29.78 2.71 -56.51
CA ARG A 748 -27.54 0.69 -58.74
CA CYS A 749 -26.42 -2.86 -58.42
CA THR A 750 -22.68 -3.26 -58.60
CA PRO A 751 -21.39 -5.59 -61.18
CA GLN A 752 -20.45 -7.51 -58.11
CA GLY A 753 -22.22 -7.15 -54.84
CA ASP A 754 -25.38 -5.75 -53.41
CA TRP A 755 -26.94 -2.36 -53.93
CA SER A 756 -24.43 0.39 -53.70
CA PRO A 757 -26.33 2.94 -51.64
CA ALA A 758 -28.85 2.66 -48.85
CA ALA A 759 -32.46 3.14 -49.81
CA PRO A 760 -34.04 6.52 -49.73
CA THR A 761 -36.45 7.49 -47.03
CA CYS A 762 -39.72 9.25 -47.59
CA GLU A 763 -41.99 11.66 -45.45
CA VAL A 764 -43.80 9.00 -45.06
CA LYS A 765 -45.06 5.52 -46.40
CA SER A 766 -48.24 4.89 -44.40
CA CYS A 767 -49.89 1.32 -43.55
CA ASP A 768 -52.97 -0.64 -42.70
CA ASP A 769 -54.26 0.91 -39.54
CA PHE A 770 -55.46 -2.33 -38.23
CA MET A 771 -52.30 -3.84 -37.12
CA GLY A 772 -54.13 -6.65 -35.42
CA GLN A 773 -53.94 -7.00 -31.69
CA LEU A 774 -51.79 -9.80 -30.39
CA LEU A 775 -53.46 -12.25 -28.11
CA ASN A 776 -52.27 -11.64 -24.59
CA GLY A 777 -50.29 -8.65 -25.74
CA ARG A 778 -50.74 -5.13 -26.96
CA VAL A 779 -49.58 -2.95 -29.80
CA LEU A 780 -48.50 0.53 -29.01
CA PHE A 781 -48.48 3.20 -31.67
CA PRO A 782 -45.77 5.60 -30.77
CA VAL A 783 -47.03 8.15 -33.21
CA ASN A 784 -49.09 7.12 -36.16
CA LEU A 785 -48.87 4.44 -38.75
CA GLN A 786 -47.22 6.38 -41.54
CA LEU A 787 -44.50 5.49 -44.00
CA GLY A 788 -41.88 5.70 -41.33
CA ALA A 789 -43.66 5.17 -38.03
CA LYS A 790 -42.65 2.30 -35.78
CA VAL A 791 -45.07 0.27 -33.74
CA ASP A 792 -43.95 -1.58 -30.65
CA PHE A 793 -45.18 -4.90 -29.36
CA VAL A 794 -45.25 -5.88 -25.71
CA CYS A 795 -46.98 -8.62 -23.84
CA ASP A 796 -48.61 -9.15 -20.51
CA GLU A 797 -46.50 -10.42 -17.69
CA GLY A 798 -45.91 -14.11 -18.01
CA PHE A 799 -45.95 -14.17 -21.77
CA GLN A 800 -42.94 -13.41 -23.89
CA LEU A 801 -42.97 -12.16 -27.43
CA LYS A 802 -42.04 -14.59 -30.10
CA GLY A 803 -41.16 -12.52 -33.07
CA SER A 804 -39.90 -9.04 -33.62
CA SER A 805 -40.24 -6.41 -30.93
CA ALA A 806 -41.33 -3.72 -33.33
CA SER A 807 -42.52 -3.29 -36.87
CA TYR A 808 -41.74 -0.34 -39.07
CA CYS A 809 -44.18 0.87 -41.65
CA VAL A 810 -42.14 0.95 -44.81
CA LEU A 811 -42.61 1.67 -48.47
CA ALA A 812 -41.78 -1.09 -50.89
CA GLY A 813 -43.03 -1.11 -54.39
CA MET A 814 -46.04 1.08 -55.00
CA GLU A 815 -47.60 0.55 -51.60
CA SER A 816 -46.40 0.59 -48.06
CA LEU A 817 -46.62 -2.37 -45.74
CA TRP A 818 -45.39 -3.24 -42.27
CA ASN A 819 -41.84 -4.52 -42.16
CA SER A 820 -42.52 -7.44 -39.93
CA SER A 821 -45.38 -9.76 -39.34
CA VAL A 822 -47.02 -9.41 -35.99
CA PRO A 823 -45.37 -11.42 -33.31
CA VAL A 824 -47.32 -13.76 -31.11
CA CYS A 825 -46.93 -14.16 -27.42
CA GLU A 826 -50.63 -15.08 -26.38
CA GLN A 827 -51.48 -16.83 -29.80
CA ILE A 828 -54.32 -19.28 -29.84
CA PHE A 829 -56.20 -18.52 -26.39
CA CYS A 830 -58.84 -21.40 -26.23
CA PRO A 831 -58.39 -24.43 -24.14
CA SER A 832 -59.78 -27.69 -25.36
CA PRO A 833 -63.49 -27.85 -25.24
CA PRO A 834 -65.38 -29.89 -22.74
CA VAL A 835 -65.58 -33.67 -23.32
CA ILE A 836 -69.33 -34.43 -22.85
CA PRO A 837 -70.32 -37.92 -22.05
CA ASN A 838 -71.99 -40.06 -24.69
CA GLY A 839 -71.24 -37.31 -27.14
CA ARG A 840 -68.41 -36.30 -29.35
CA HIS A 841 -66.86 -33.21 -30.80
CA THR A 842 -67.26 -32.95 -34.49
CA GLY A 843 -64.65 -31.50 -36.77
CA LYS A 844 -62.50 -31.02 -33.72
CA PRO A 845 -59.35 -29.22 -34.41
CA LEU A 846 -56.57 -30.55 -32.32
CA GLU A 847 -55.12 -28.41 -29.60
CA VAL A 848 -56.06 -25.40 -31.55
CA PHE A 849 -59.09 -23.25 -31.22
CA PRO A 850 -58.60 -19.74 -32.20
CA PHE A 851 -60.83 -17.13 -30.74
CA GLY A 852 -64.19 -16.94 -32.34
CA LYS A 853 -63.92 -20.53 -33.41
CA ALA A 854 -66.96 -22.64 -32.83
CA VAL A 855 -67.21 -26.27 -31.86
CA ASN A 856 -70.24 -28.43 -32.47
CA TYR A 857 -71.27 -31.28 -30.21
CA THR A 858 -73.23 -34.35 -31.21
CA CYS A 859 -74.47 -37.40 -29.38
CA ASP A 860 -73.80 -41.03 -30.12
CA PRO A 861 -76.10 -42.24 -32.79
CA HIS A 862 -74.99 -45.75 -32.00
CA PRO A 863 -73.34 -46.98 -35.12
CA ASP A 864 -75.38 -45.15 -37.73
CA ARG A 865 -78.03 -42.86 -36.35
CA GLY A 866 -80.75 -43.81 -34.02
CA THR A 867 -82.87 -43.32 -30.98
CA SER A 868 -80.03 -42.94 -28.60
CA PHE A 869 -79.05 -40.03 -26.45
CA ASP A 870 -80.20 -36.72 -27.82
CA LEU A 871 -78.46 -33.44 -27.21
CA ILE A 872 -79.91 -31.07 -24.66
CA GLY A 873 -78.79 -27.46 -24.45
CA GLU A 874 -76.70 -25.37 -26.80
CA SER A 875 -75.31 -27.66 -29.43
CA THR A 876 -72.49 -25.29 -30.20
CA ILE A 877 -70.14 -23.13 -28.22
CA ARG A 878 -67.74 -20.45 -29.33
CA CYS A 879 -64.45 -19.27 -27.98
CA THR A 880 -64.37 -15.82 -26.48
CA SER A 881 -62.29 -13.98 -23.93
CA ASP A 882 -63.74 -12.61 -20.72
CA PRO A 883 -60.31 -12.53 -19.15
CA GLN A 884 -57.35 -11.38 -21.12
CA GLY A 885 -56.19 -14.71 -22.39
CA ASN A 886 -57.59 -17.74 -20.66
CA GLY A 887 -59.53 -18.43 -23.84
CA VAL A 888 -62.81 -19.14 -22.07
CA TRP A 889 -65.70 -20.73 -23.90
CA SER A 890 -69.13 -19.13 -24.03
CA SER A 891 -71.03 -21.63 -21.99
CA PRO A 892 -71.13 -25.11 -20.73
CA ALA A 893 -71.40 -28.00 -23.08
CA PRO A 894 -74.60 -29.71 -23.86
CA ARG A 895 -75.67 -32.99 -22.32
CA CYS A 896 -76.63 -36.20 -24.06
CA GLY A 897 -74.79 -36.21 -21.11
CA ILE A 898 -72.39 -35.96 -17.97
CA LEU A 899 -73.66 -38.77 -15.59
CA GLY A 900 -71.25 -37.37 -12.67
CA HIS A 901 -67.45 -37.36 -12.82
CA CYS A 902 -64.00 -38.05 -11.82
CA GLN A 903 -63.12 -35.36 -9.29
CA ALA A 904 -59.60 -34.04 -8.92
CA PRO A 905 -57.14 -36.89 -8.13
CA ASP A 906 -55.99 -37.06 -4.51
CA HIS A 907 -52.45 -35.99 -3.68
CA PHE A 908 -49.91 -38.80 -3.65
CA LEU A 909 -46.97 -36.60 -2.62
CA PHE A 910 -44.56 -39.37 -3.62
CA ALA A 911 -45.54 -38.79 -7.24
CA LYS A 912 -45.60 -35.65 -9.41
CA LEU A 913 -48.29 -35.22 -12.07
CA LYS A 914 -47.06 -35.98 -15.60
CA THR A 915 -49.91 -35.45 -18.07
CA GLN A 916 -51.53 -32.57 -19.94
CA THR A 917 -54.21 -31.07 -17.69
CA ASN A 918 -56.12 -27.78 -17.65
CA ALA A 919 -59.21 -28.47 -15.53
CA SER A 920 -60.28 -29.61 -12.07
CA ASP A 921 -62.95 -32.09 -13.14
CA PHE A 922 -61.51 -35.03 -15.08
CA PRO A 923 -63.59 -37.05 -17.59
CA ILE A 924 -64.25 -40.69 -16.68
CA GLY A 925 -62.25 -43.14 -18.74
CA THR A 926 -58.79 -41.61 -18.60
CA SER A 927 -55.54 -42.63 -16.90
CA LEU A 928 -53.50 -39.84 -15.32
CA LYS A 929 -49.72 -40.32 -15.41
CA TYR A 930 -47.76 -39.87 -12.17
CA GLU A 931 -44.01 -40.32 -11.70
CA CYS A 932 -42.72 -41.22 -8.23
CA ARG A 933 -40.10 -39.07 -6.50
CA PRO A 934 -36.32 -39.82 -6.67
CA GLU A 935 -36.47 -41.41 -3.21
CA TYR A 936 -38.98 -43.86 -4.71
CA TYR A 937 -39.06 -46.67 -7.27
CA GLY A 938 -41.87 -48.32 -9.23
CA ARG A 939 -42.01 -46.79 -12.72
CA PRO A 940 -44.66 -44.20 -13.75
CA PHE A 941 -48.17 -45.52 -13.06
CA SER A 942 -51.60 -44.01 -13.71
CA ILE A 943 -55.02 -43.82 -12.07
CA THR A 944 -57.90 -44.72 -14.39
CA CYS A 945 -61.22 -42.90 -14.02
CA LEU A 946 -63.65 -45.79 -13.84
CA ASP A 947 -67.21 -44.48 -13.67
CA ASN A 948 -68.27 -43.89 -10.06
CA LEU A 949 -66.28 -40.66 -10.24
CA VAL A 950 -63.41 -42.56 -8.75
CA TRP A 951 -59.87 -43.39 -9.69
CA SER A 952 -58.66 -46.97 -10.04
CA SER A 953 -57.28 -48.25 -6.75
CA PRO A 954 -53.46 -48.37 -7.05
CA LYS A 955 -51.77 -51.22 -5.19
CA ASP A 956 -48.16 -51.32 -4.02
CA VAL A 957 -46.94 -49.56 -7.15
CA CYS A 958 -44.87 -46.75 -5.67
CA LYS A 959 -43.37 -49.56 -3.47
CA ARG A 960 -40.59 -51.81 -5.06
CA LYS A 961 -37.55 -49.43 -5.15
CA SER A 962 -35.62 -50.86 -2.00
CA CYS A 963 -32.37 -51.79 -4.10
CA LYS A 964 -29.20 -49.87 -4.69
CA THR A 965 -28.08 -49.98 -8.26
CA PRO A 966 -25.25 -52.34 -8.85
CA PRO A 967 -21.89 -51.03 -9.70
CA ASP A 968 -21.00 -51.06 -13.34
CA PRO A 969 -19.52 -54.38 -14.12
CA VAL A 970 -16.05 -54.47 -15.52
CA ASN A 971 -16.08 -53.81 -19.21
CA GLY A 972 -19.82 -53.80 -18.93
CA MET A 973 -22.92 -51.82 -18.10
CA VAL A 974 -26.10 -52.52 -16.16
CA HIS A 975 -29.40 -51.64 -17.75
CA VAL A 976 -32.74 -51.05 -16.10
CA ILE A 977 -35.81 -52.05 -17.92
CA THR A 978 -38.54 -50.00 -16.28
CA ASP A 979 -37.43 -48.83 -12.84
CA ILE A 980 -35.61 -49.47 -9.55
CA GLN A 981 -38.83 -50.50 -7.77
CA VAL A 982 -38.90 -53.82 -5.97
CA GLY A 983 -40.45 -56.67 -7.88
CA SER A 984 -38.75 -55.63 -11.09
CA ARG A 985 -36.15 -57.56 -13.03
CA ILE A 986 -33.27 -55.72 -14.67
CA ASN A 987 -30.58 -57.07 -16.95
CA TYR A 988 -26.79 -56.87 -17.22
CA SER A 989 -24.56 -56.57 -20.26
CA CYS A 990 -20.89 -56.62 -21.16
CA THR A 991 -18.45 -56.03 -23.98
CA THR A 992 -19.00 -58.11 -27.04
CA GLY A 993 -17.23 -61.42 -26.67
CA HIS A 994 -17.65 -61.54 -22.92
CA ARG A 995 -19.99 -64.12 -21.48
CA LEU A 996 -21.92 -63.13 -18.38
CA ILE A 997 -20.70 -65.23 -15.52
CA GLY A 998 -23.91 -65.30 -13.59
CA HIS A 999 -27.64 -65.09 -14.11
CA SER A 1000 -27.57 -62.19 -16.53
CA SER A 1001 -30.58 -61.02 -14.54
CA ALA A 1002 -31.51 -59.65 -11.15
CA GLU A 1003 -34.40 -59.39 -8.69
CA CYS A 1004 -34.84 -56.60 -6.17
CA ILE A 1005 -35.43 -58.55 -3.00
CA LEU A 1006 -35.51 -57.29 0.55
CA SER A 1007 -33.31 -59.12 3.00
CA GLY A 1008 -35.24 -57.16 5.61
CA ASN A 1009 -32.49 -54.86 6.73
CA THR A 1010 -31.57 -53.83 3.25
CA ALA A 1011 -32.87 -54.44 -0.22
CA HIS A 1012 -30.40 -55.64 -2.79
CA TRP A 1013 -30.23 -57.57 -6.02
CA SER A 1014 -30.22 -61.34 -5.80
CA THR A 1015 -27.39 -61.61 -8.24
CA LYS A 1016 -23.75 -61.23 -7.41
CA PRO A 1017 -21.72 -58.72 -9.32
CA PRO A 1018 -21.39 -60.06 -12.78
CA ILE A 1019 -18.02 -60.85 -14.29
CA CYS A 1020 -16.74 -60.86 -17.84
CA GLN A 1021 -14.67 -64.10 -17.28
CA ARG A 1022 -14.76 -67.78 -18.82
CA ILE A 1023 -15.87 -70.86 -16.74
CA PRO A 1024 -18.44 -70.89 -13.79
CA CYS A 1025 -16.29 -73.44 -11.45
CA GLY A 1026 -12.67 -74.33 -12.19
CA LEU A 1027 -10.67 -77.33 -11.03
CA PRO A 1028 -11.03 -78.55 -7.41
CA PRO A 1029 -8.14 -77.90 -4.97
CA THR A 1030 -5.90 -80.84 -5.63
CA ILE A 1031 -4.24 -82.31 -2.53
CA ALA A 1032 -0.64 -83.51 -2.74
CA ASN A 1033 -0.38 -87.28 -3.25
CA GLY A 1034 -4.16 -87.37 -3.49
CA ASP A 1035 -5.57 -88.27 -6.90
CA PHE A 1036 -8.80 -87.16 -8.56
CA ILE A 1037 -11.80 -89.01 -10.02
CA SER A 1038 -15.60 -88.87 -10.34
CA THR A 1039 -17.55 -87.16 -13.13
CA ASN A 1040 -15.34 -84.06 -13.16
CA ARG A 1041 -12.54 -84.17 -15.75
CA GLU A 1042 -12.38 -80.89 -17.68
CA ASN A 1043 -15.89 -79.73 -18.63
CA PHE A 1044 -16.34 -78.05 -15.22
CA HIS A 1045 -19.44 -75.87 -14.88
CA TYR A 1046 -20.96 -76.15 -11.39
CA GLY A 1047 -22.34 -78.69 -8.90
CA SER A 1048 -20.04 -81.36 -10.35
CA VAL A 1049 -18.74 -83.59 -7.55
CA VAL A 1050 -15.23 -85.06 -7.33
CA THR A 1051 -13.90 -87.93 -5.21
CA TYR A 1052 -10.43 -87.52 -3.73
CA ARG A 1053 -7.92 -90.24 -2.86
CA CYS A 1054 -4.17 -90.77 -2.42
CA ASN A 1055 -1.19 -92.56 -3.96
CA LEU A 1056 -0.83 -96.33 -3.52
CA GLY A 1057 2.21 -97.23 -5.58
CA SER A 1058 0.07 -98.17 -8.57
CA ARG A 1059 -2.40 -100.77 -7.31
CA GLY A 1060 -3.20 -100.16 -3.65
CA ARG A 1061 -0.54 -100.07 -0.94
CA LYS A 1062 0.05 -98.76 2.59
CA VAL A 1063 1.37 -95.38 1.48
CA PHE A 1064 -0.58 -92.34 2.64
CA GLU A 1065 -4.36 -92.32 3.07
CA LEU A 1066 -7.11 -89.75 2.52
CA VAL A 1067 -8.64 -88.30 5.67
CA GLY A 1068 -11.60 -85.96 5.97
CA GLU A 1069 -13.98 -84.68 3.29
CA PRO A 1070 -13.13 -87.52 0.84
CA SER A 1071 -15.44 -85.68 -1.56
CA ILE A 1072 -16.28 -82.11 -2.62
CA TYR A 1073 -18.37 -80.20 -5.14
CA CYS A 1074 -18.61 -76.92 -7.02
CA THR A 1075 -20.41 -74.07 -5.28
CA SER A 1076 -20.40 -70.28 -4.92
CA ASN A 1077 -19.37 -67.69 -2.33
CA ASP A 1078 -18.09 -64.71 -4.31
CA ASP A 1079 -20.01 -64.29 -7.58
CA GLN A 1080 -18.20 -66.02 -10.45
CA VAL A 1081 -14.80 -67.72 -9.99
CA GLY A 1082 -16.59 -70.93 -9.02
CA ILE A 1083 -15.09 -71.63 -5.60
CA TRP A 1084 -15.48 -75.17 -4.27
CA SER A 1085 -16.12 -76.24 -0.68
CA GLY A 1086 -12.64 -76.83 0.74
CA PRO A 1087 -9.34 -78.75 0.31
CA ALA A 1088 -9.79 -80.50 3.67
CA PRO A 1089 -8.72 -83.98 2.39
CA GLN A 1090 -5.19 -84.96 3.46
CA CYS A 1091 -2.93 -88.01 3.15
CA ILE A 1092 -2.93 -88.81 6.98
CA ILE A 1093 -1.55 -92.41 8.43
CA PRO A 1094 -4.37 -95.17 8.08
CA ASN A 1095 -2.29 -98.28 9.48
CA LYS A 1096 -3.11 -98.74 13.32
CA CYS A 1097 -3.97 -99.00 16.41
CA THR A 1098 -3.54 -102.71 16.73
CA PRO A 1099 -4.69 -104.87 19.52
CA PRO A 1100 -3.35 -104.03 22.90
CA ASN A 1101 -0.55 -106.20 24.11
CA VAL A 1102 -1.14 -107.08 27.72
CA GLU A 1103 -0.75 -110.44 29.34
CA ASN A 1104 -3.05 -111.62 32.12
CA GLY A 1105 -5.12 -108.46 31.92
CA ILE A 1106 -8.09 -108.49 29.56
CA LEU A 1107 -9.40 -105.30 28.03
CA VAL A 1108 -12.92 -104.42 29.22
CA SER A 1109 -14.14 -101.76 26.82
CA ASP A 1110 -15.17 -102.21 23.23
CA ASN A 1111 -12.79 -104.66 21.70
CA ARG A 1112 -12.30 -104.01 18.04
CA SER A 1113 -10.26 -105.74 15.42
CA LEU A 1114 -8.84 -102.53 14.09
CA PHE A 1115 -9.02 -99.58 16.41
CA SER A 1116 -8.84 -96.00 15.34
CA LEU A 1117 -7.61 -92.84 16.91
CA ASN A 1118 -9.15 -91.95 20.23
CA GLU A 1119 -10.08 -95.47 20.95
CA VAL A 1120 -9.62 -95.97 24.65
CA VAL A 1121 -9.39 -99.32 26.30
CA GLU A 1122 -9.39 -100.15 29.98
CA PHE A 1123 -7.73 -103.27 31.25
CA ARG A 1124 -8.83 -105.40 34.13
CA CYS A 1125 -6.53 -107.99 35.55
CA GLN A 1126 -7.35 -111.63 36.00
CA PRO A 1127 -8.10 -112.75 39.46
CA GLY A 1128 -4.98 -112.92 41.55
CA PHE A 1129 -3.16 -110.34 39.48
CA VAL A 1130 -2.51 -106.66 40.05
CA MET A 1131 -2.03 -104.00 37.44
CA LYS A 1132 1.20 -102.15 37.31
CA GLY A 1133 0.70 -99.17 35.08
CA PRO A 1134 -2.19 -97.11 33.83
CA ARG A 1135 -5.50 -98.94 33.67
CA ARG A 1136 -6.59 -97.33 30.42
CA VAL A 1137 -4.79 -96.76 27.16
CA LYS A 1138 -5.75 -94.46 24.33
CA CYS A 1139 -4.64 -94.58 20.75
CA GLN A 1140 -2.52 -91.71 19.61
CA ALA A 1141 -2.17 -90.15 16.19
CA LEU A 1142 1.22 -91.81 16.22
CA ASN A 1143 -0.67 -95.09 16.24
CA LYS A 1144 1.10 -95.98 19.45
CA TRP A 1145 -0.67 -96.49 22.71
CA GLU A 1146 -0.30 -93.80 25.29
CA PRO A 1147 0.51 -94.33 27.88
CA GLU A 1148 2.35 -97.53 27.08
CA LEU A 1149 0.49 -100.72 27.83
CA PRO A 1150 0.45 -101.91 31.39
CA SER A 1151 1.20 -105.37 32.61
CA CYS A 1152 -0.74 -107.43 35.10
CA SER A 1153 -1.36 -110.96 35.00
CA ARG A 1154 0.98 -111.95 32.26
CA VAL A 1155 3.62 -114.74 31.35
CA CYS A 1156 5.82 -113.07 28.66
CA GLN A 1157 8.79 -113.97 26.54
CA PRO A 1158 12.19 -114.17 27.98
CA PRO A 1159 13.88 -110.83 28.04
CA PRO A 1160 15.85 -109.64 25.11
CA GLU A 1161 19.53 -110.11 25.49
CA ILE A 1162 21.76 -107.18 24.86
CA LEU A 1163 25.22 -107.40 23.51
CA HIS A 1164 27.96 -106.56 25.96
CA GLY A 1165 25.51 -106.89 28.80
CA GLU A 1166 23.81 -109.49 30.93
CA HIS A 1167 20.55 -109.88 32.72
CA THR A 1168 20.79 -109.86 36.43
CA PRO A 1169 19.77 -113.27 37.57
CA SER A 1170 16.19 -113.56 36.55
CA HIS A 1171 13.89 -115.30 38.92
CA GLN A 1172 12.72 -117.68 36.29
CA ASP A 1173 13.50 -118.85 32.82
CA ASN A 1174 10.03 -117.63 32.08
CA PHE A 1175 8.47 -114.47 33.39
CA SER A 1176 5.04 -114.10 34.84
CA PRO A 1177 3.19 -110.93 34.35
CA GLY A 1178 4.31 -107.93 36.35
CA GLN A 1179 7.74 -109.46 36.54
CA GLU A 1180 10.64 -107.09 36.35
CA VAL A 1181 14.04 -107.82 34.91
CA PHE A 1182 17.15 -105.75 35.40
CA TYR A 1183 19.99 -105.32 32.94
CA SER A 1184 23.63 -104.84 33.73
CA CYS A 1185 26.71 -104.40 31.65
CA GLU A 1186 30.33 -105.45 31.62
CA PRO A 1187 32.86 -103.29 33.24
CA GLY A 1188 33.90 -100.58 30.86
CA TYR A 1189 30.40 -100.31 29.49
CA ASP A 1190 27.74 -97.77 30.25
CA LEU A 1191 24.09 -98.53 30.17
CA ARG A 1192 21.83 -96.09 28.46
CA GLY A 1193 18.09 -96.31 28.71
CA ALA A 1194 15.93 -97.79 31.42
CA ALA A 1195 17.78 -100.39 33.40
CA SER A 1196 14.70 -102.42 34.10
CA LEU A 1197 11.81 -103.65 32.00
CA HIS A 1198 8.57 -105.07 33.23
CA CYS A 1199 6.18 -107.50 31.66
CA THR A 1200 2.64 -106.36 31.18
CA PRO A 1201 -0.16 -108.57 32.26
CA GLN A 1202 -0.63 -109.33 28.62
CA GLY A 1203 2.00 -108.71 26.09
CA ASP A 1204 5.66 -108.27 25.52
CA TRP A 1205 8.05 -106.32 27.64
CA SER A 1206 7.01 -102.74 27.86
CA PRO A 1207 10.25 -101.02 27.06
CA GLU A 1208 13.10 -101.73 24.71
CA ALA A 1209 16.15 -103.19 26.35
CA PRO A 1210 18.88 -100.86 27.31
CA ARG A 1211 22.03 -100.63 25.28
CA CYS A 1212 25.53 -100.55 26.56
CA ALA A 1213 29.19 -99.89 25.66
CA VAL A 1214 32.71 -100.28 27.03
CA LYS A 1215 34.15 -96.80 25.70
CA SER A 1216 36.90 -96.57 28.56
CA CYS A 1217 37.50 -92.85 27.99
CA ASP A 1218 36.24 -89.34 28.23
CA ASP A 1219 33.71 -88.83 25.51
CA PHE A 1220 34.97 -85.40 24.93
CA LEU A 1221 37.70 -86.38 22.58
CA GLY A 1222 36.81 -82.97 21.29
CA GLN A 1223 37.28 -81.67 17.80
CA LEU A 1224 40.37 -80.61 15.94
CA PRO A 1225 40.29 -77.37 14.07
CA HIS A 1226 40.25 -78.03 10.34
CA GLY A 1227 40.18 -81.72 10.96
CA ARG A 1228 37.87 -84.41 12.15
CA VAL A 1229 38.08 -87.30 14.50
CA LEU A 1230 36.42 -90.50 13.57
CA PHE A 1231 35.41 -92.99 16.16
CA PRO A 1232 35.30 -96.20 14.27
CA LEU A 1233 33.56 -98.04 17.02
CA ASN A 1234 33.08 -96.13 20.23
CA LEU A 1235 35.43 -94.86 22.85
CA GLN A 1236 35.64 -97.74 25.29
CA LEU A 1237 38.84 -99.20 26.56
CA GLY A 1238 40.39 -100.74 23.48
CA ALA A 1239 38.66 -98.56 20.90
CA LYS A 1240 40.89 -96.44 18.73
CA VAL A 1241 39.97 -93.07 17.36
CA SER A 1242 41.58 -91.81 14.20
CA PHE A 1243 42.47 -88.28 13.28
CA VAL A 1244 42.39 -86.94 9.76
CA CYS A 1245 42.37 -83.49 8.37
CA ASP A 1246 41.07 -81.35 5.56
CA GLU A 1247 42.79 -81.39 2.24
CA GLY A 1248 45.90 -79.27 2.45
CA PHE A 1249 46.31 -79.45 6.18
CA ARG A 1250 48.41 -82.15 7.76
CA LEU A 1251 48.10 -83.27 11.29
CA LYS A 1252 50.83 -82.53 13.73
CA GLY A 1253 50.78 -85.18 16.33
CA SER A 1254 49.66 -88.75 16.49
CA SER A 1255 47.58 -90.28 13.72
CA VAL A 1256 45.49 -92.35 16.08
CA SER A 1257 44.79 -92.46 19.76
CA HIS A 1258 43.84 -95.58 21.60
CA CYS A 1259 41.62 -95.66 24.62
CA VAL A 1260 43.72 -97.60 27.05
CA LEU A 1261 43.21 -98.92 30.49
CA VAL A 1262 45.72 -98.22 33.15
CA GLY A 1263 44.93 -99.52 36.57
CA MET A 1264 43.99 -96.11 37.87
CA ARG A 1265 41.57 -95.32 35.12
CA SER A 1266 41.12 -95.40 31.42
CA LEU A 1267 42.62 -92.62 29.38
CA TRP A 1268 43.52 -91.82 25.81
CA ASN A 1269 46.94 -92.95 24.69
CA ASN A 1270 47.84 -89.70 23.07
CA SER A 1271 46.81 -86.10 23.27
CA VAL A 1272 44.84 -84.82 20.34
CA PRO A 1273 46.82 -83.63 17.39
CA VAL A 1274 46.39 -80.28 15.69
CA CYS A 1275 46.32 -79.66 12.00
CA GLU A 1276 48.33 -76.75 10.18
CA HIS A 1277 45.91 -74.40 7.88
CA ILE A 1278 48.83 -72.16 6.70
CA PHE A 1279 52.59 -73.01 6.74
CA CYS A 1280 54.50 -69.54 7.16
CA PRO A 1281 58.17 -69.11 7.38
CA ASN A 1282 59.74 -67.57 10.42
CA PRO A 1283 58.88 -63.97 10.67
CA PRO A 1284 61.18 -61.26 9.51
CA ALA A 1285 63.49 -59.99 12.19
CA ILE A 1286 63.89 -56.29 12.63
CA LEU A 1287 66.87 -54.37 13.86
CA ASN A 1288 66.65 -52.91 17.34
CA GLY A 1289 63.38 -54.74 17.75
CA ARG A 1290 62.28 -58.14 18.92
CA HIS A 1291 59.42 -60.47 18.37
CA THR A 1292 57.19 -61.44 21.17
CA GLY A 1293 57.62 -65.12 21.91
CA THR A 1294 56.51 -66.41 18.60
CA PRO A 1295 57.56 -69.20 19.11
CA SER A 1296 59.13 -69.98 15.79
CA GLY A 1297 59.27 -73.16 13.84
CA ASP A 1298 55.56 -73.27 13.68
CA ILE A 1299 53.58 -70.41 12.34
CA PRO A 1300 50.23 -71.74 11.52
CA TYR A 1301 47.84 -70.04 9.19
CA GLY A 1302 46.08 -67.23 10.96
CA LYS A 1303 48.69 -66.94 13.64
CA GLU A 1304 49.77 -63.44 14.51
CA ILE A 1305 53.07 -62.19 15.76
CA SER A 1306 53.73 -58.87 17.38
CA TYR A 1307 56.88 -56.82 17.19
CA THR A 1308 58.30 -54.56 19.84
CA CYS A 1309 61.18 -52.15 19.88
CA ASP A 1310 64.10 -51.85 22.28
CA PRO A 1311 63.19 -50.03 25.39
CA HIS A 1312 66.82 -49.93 26.32
CA PRO A 1313 67.17 -52.09 29.34
CA ASP A 1314 64.14 -50.55 31.01
CA ARG A 1315 61.40 -49.04 28.94
CA GLY A 1316 61.69 -45.62 27.53
CA MET A 1317 61.58 -43.27 24.64
CA THR A 1318 64.12 -45.04 22.57
CA PHE A 1319 63.77 -46.43 19.11
CA ASN A 1320 60.12 -46.35 18.23
CA LEU A 1321 58.19 -48.71 16.04
CA ILE A 1322 56.79 -47.41 12.81
CA GLY A 1323 54.33 -49.31 10.69
CA GLU A 1324 52.05 -52.21 11.52
CA SER A 1325 53.10 -53.65 14.83
CA THR A 1326 51.53 -56.99 14.10
CA ILE A 1327 51.54 -59.33 11.14
CA ARG A 1328 49.52 -62.43 10.41
CA CYS A 1329 50.13 -65.62 8.49
CA THR A 1330 47.92 -65.81 5.46
CA SER A 1331 47.61 -67.94 2.41
CA ASP A 1332 47.86 -67.05 -1.21
CA PRO A 1333 47.27 -69.81 -3.64
CA HIS A 1334 50.81 -70.88 -2.97
CA GLY A 1335 51.10 -73.57 -0.36
CA ASN A 1336 53.91 -71.63 1.24
CA GLY A 1337 52.17 -69.43 3.73
CA VAL A 1338 52.94 -65.78 3.38
CA TRP A 1339 52.95 -63.01 5.91
CA SER A 1340 50.48 -60.21 5.34
CA SER A 1341 52.89 -57.34 5.25
CA PRO A 1342 56.44 -56.39 5.85
CA ALA A 1343 57.65 -56.00 9.38
CA PRO A 1344 57.74 -52.72 11.16
CA ARG A 1345 60.86 -50.64 11.66
CA CYS A 1346 62.48 -49.25 14.80
CA GLU A 1347 63.44 -45.65 13.79
CA LEU A 1348 67.06 -44.94 15.72
CA SER A 1349 67.86 -41.49 14.04
CA VAL A 1350 66.73 -37.89 13.18
CA ARG A 1351 67.60 -34.88 10.72
CA ALA A 1352 70.19 -32.22 11.21
CA GLY A 1353 71.18 -28.79 12.73
CA HIS A 1354 71.23 -25.84 10.30
CA CYS A 1355 73.08 -23.58 10.46
CA LYS A 1356 74.90 -25.72 7.96
CA THR A 1357 78.48 -24.91 7.14
CA PRO A 1358 78.81 -21.49 5.72
CA GLU A 1359 79.19 -21.26 1.98
CA GLN A 1360 82.62 -20.35 0.84
CA PHE A 1361 83.20 -16.78 -0.18
CA PRO A 1362 86.59 -16.93 -1.82
CA PHE A 1363 87.13 -13.26 -1.15
CA ALA A 1364 87.19 -13.77 2.59
CA SER A 1365 89.07 -16.14 4.84
CA PRO A 1366 87.52 -17.31 8.04
CA THR A 1367 88.69 -15.69 11.21
CA ILE A 1368 86.94 -17.21 14.18
CA PRO A 1369 87.40 -20.16 16.43
CA ILE A 1370 85.77 -23.03 14.66
CA ASN A 1371 83.09 -25.18 16.13
CA ASP A 1372 82.64 -28.32 14.05
CA PHE A 1373 80.83 -28.57 10.72
CA GLU A 1374 77.47 -27.60 12.10
CA PHE A 1375 77.15 -24.14 13.55
CA PRO A 1376 74.65 -23.32 16.19
CA VAL A 1377 72.02 -20.78 15.34
CA GLY A 1378 72.57 -17.35 16.75
CA THR A 1379 76.23 -16.88 16.00
CA SER A 1380 78.12 -14.52 13.74
CA LEU A 1381 81.07 -15.93 11.92
CA ASN A 1382 83.92 -13.53 11.23
CA TYR A 1383 85.38 -13.34 7.74
CA GLU A 1384 88.17 -11.07 6.64
CA CYS A 1385 88.47 -10.01 3.03
CA ARG A 1386 91.66 -10.69 1.11
CA PRO A 1387 94.17 -7.99 0.61
CA GLY A 1388 92.94 -7.11 -2.83
CA TYR A 1389 89.59 -6.43 -1.27
CA PHE A 1390 88.27 -3.61 0.83
CA GLY A 1391 85.53 -3.59 3.36
CA LYS A 1392 85.78 -4.38 6.97
CA MET A 1393 85.67 -7.80 8.48
CA PHE A 1394 82.04 -8.78 8.38
CA SER A 1395 80.12 -11.70 9.78
CA ILE A 1396 77.23 -13.89 8.78
CA SER A 1397 74.71 -14.42 11.54
CA CYS A 1398 72.92 -17.70 11.88
CA LEU A 1399 69.34 -16.54 12.05
CA GLU A 1400 67.28 -19.62 12.90
CA ASN A 1401 66.20 -20.81 9.46
CA LEU A 1402 69.53 -22.58 9.44
CA VAL A 1403 70.43 -19.87 7.04
CA TRP A 1404 73.10 -17.26 7.39
CA SER A 1405 72.31 -13.59 7.23
CA SER A 1406 72.36 -12.32 3.69
CA VAL A 1407 75.39 -10.14 3.22
CA GLU A 1408 75.09 -7.14 0.95
CA ASP A 1409 77.94 -5.72 -1.05
CA ASN A 1410 80.16 -5.66 2.02
CA CYS A 1411 83.32 -6.95 0.44
CA ARG A 1412 84.71 -4.72 -2.11
CA ARG A 1413 88.43 -3.42 -1.98
CA LYS A 1414 88.71 0.47 -2.38
CA SER A 1415 89.75 2.26 0.82
CA CYS A 1416 88.80 5.31 3.04
CA GLY A 1417 90.32 8.08 5.09
CA PRO A 1418 91.01 7.09 8.62
CA PRO A 1419 88.29 8.06 10.97
CA PRO A 1420 89.09 10.47 13.73
CA GLU A 1421 89.52 8.87 17.10
CA PRO A 1422 86.30 9.29 18.99
CA PHE A 1423 86.84 10.97 22.29
CA ASN A 1424 87.15 8.45 25.07
CA GLY A 1425 87.47 5.71 22.52
CA MET A 1426 89.42 4.48 19.53
CA VAL A 1427 88.92 2.55 16.34
CA HIS A 1428 90.89 -0.57 15.68
CA ILE A 1429 91.63 -1.66 12.17
CA ASN A 1430 91.41 -5.40 11.82
CA THR A 1431 93.47 -5.34 8.69
CA ASP A 1432 93.56 -2.11 6.76
CA THR A 1433 91.23 0.66 5.77
CA GLN A 1434 90.92 -0.34 2.15
CA PHE A 1435 87.64 -0.91 0.45
CA GLY A 1436 86.20 -4.01 1.99
CA SER A 1437 87.92 -3.78 5.35
CA THR A 1438 85.75 -3.14 8.38
CA VAL A 1439 87.00 -1.26 11.36
CA ASN A 1440 85.68 -1.79 14.83
CA TYR A 1441 84.95 0.93 17.31
CA SER A 1442 85.59 0.42 20.98
CA CYS A 1443 85.23 2.82 23.83
CA ASN A 1444 87.29 2.94 27.00
CA GLU A 1445 85.85 0.93 29.82
CA GLY A 1446 83.03 2.78 31.50
CA PHE A 1447 81.93 4.77 28.51
CA ARG A 1448 79.64 3.18 25.95
CA LEU A 1449 79.69 3.86 22.26
CA ILE A 1450 76.67 5.61 20.85
CA GLY A 1451 76.26 4.69 17.26
CA SER A 1452 77.14 1.58 15.35
CA PRO A 1453 79.70 -0.86 16.52
CA SER A 1454 81.58 -1.31 13.27
CA THR A 1455 81.89 0.52 10.00
CA THR A 1456 82.88 -1.04 6.71
CA CYS A 1457 84.75 0.81 4.02
CA LEU A 1458 82.64 0.62 0.86
CA VAL A 1459 82.43 2.25 -2.50
CA SER A 1460 79.37 4.04 -3.80
CA GLY A 1461 78.84 6.92 -6.17
CA ASN A 1462 82.30 6.05 -7.47
CA ASN A 1463 83.89 7.19 -4.22
CA VAL A 1464 85.01 5.16 -1.24
CA THR A 1465 83.42 5.99 2.06
CA TRP A 1466 82.56 4.30 5.34
CA ASP A 1467 79.18 2.67 5.53
CA LYS A 1468 78.36 4.40 8.76
CA LYS A 1469 79.44 7.47 10.66
CA ALA A 1470 81.75 7.00 13.61
CA PRO A 1471 79.95 6.68 16.87
CA ILE A 1472 80.52 8.83 19.94
CA CYS A 1473 81.15 7.63 23.41
CA GLU A 1474 78.91 8.98 26.21
CA ILE A 1475 79.16 10.71 28.81
CA ILE A 1476 82.07 10.75 31.63
CA SER A 1477 83.72 14.20 32.14
CA CYS A 1478 86.10 13.95 35.00
CA GLU A 1479 88.67 16.56 35.83
CA PRO A 1480 91.93 15.90 37.43
CA PRO A 1481 91.79 14.33 40.81
CA PRO A 1482 92.28 16.66 43.71
CA THR A 1483 96.01 16.96 44.24
CA ILE A 1484 97.27 16.59 47.75
CA SER A 1485 100.15 18.61 49.03
CA ASN A 1486 103.39 16.70 48.99
CA GLY A 1487 101.45 13.83 47.50
CA ASP A 1488 102.39 12.68 44.02
CA PHE A 1489 100.23 11.34 41.22
CA TYR A 1490 100.55 8.17 39.14
CA SER A 1491 98.45 5.37 37.58
CA ASN A 1492 96.79 5.28 34.19
CA ASN A 1493 95.46 8.79 34.61
CA ARG A 1494 97.68 11.42 33.07
CA THR A 1495 95.91 13.89 30.88
CA SER A 1496 93.08 12.43 28.94
CA PHE A 1497 90.63 12.00 31.73
CA HIS A 1498 87.21 10.76 30.77
CA ASN A 1499 85.68 8.69 33.50
CA GLY A 1500 86.37 5.56 35.47
CA THR A 1501 90.09 6.20 35.52
CA VAL A 1502 91.74 5.30 38.79
CA VAL A 1503 94.62 7.22 40.24
CA THR A 1504 97.05 6.25 42.97
CA TYR A 1505 98.38 8.80 45.42
CA GLN A 1506 101.70 8.94 47.20
CA CYS A 1507 103.85 11.42 49.10
CA HIS A 1508 107.23 13.04 48.69
CA THR A 1509 110.32 11.19 49.81
CA GLY A 1510 113.13 13.63 49.03
CA PRO A 1511 114.87 11.52 46.59
CA ASP A 1512 113.89 7.98 45.71
CA GLY A 1513 112.37 7.30 49.09
CA GLU A 1514 112.77 8.33 52.66
CA GLN A 1515 110.63 8.57 55.67
CA LEU A 1516 109.28 12.04 55.15
CA PHE A 1517 105.52 12.36 55.09
CA GLU A 1518 103.41 9.36 54.28
CA LEU A 1519 100.08 8.84 52.60
CA VAL A 1520 97.32 7.87 54.95
CA GLY A 1521 93.88 6.86 53.84
CA GLU A 1522 92.43 5.39 50.65
CA ARG A 1523 95.57 5.91 48.64
CA SER A 1524 93.47 5.51 45.52
CA ILE A 1525 90.40 7.07 44.01
CA TYR A 1526 88.43 6.83 40.79
CA CYS A 1527 86.30 8.98 38.52
CA THR A 1528 82.56 8.72 39.04
CA SER A 1529 79.40 10.77 38.77
CA LYS A 1530 77.10 12.18 41.42
CA ASP A 1531 75.69 15.34 40.04
CA ASP A 1532 75.63 16.01 36.36
CA GLN A 1533 78.84 16.78 34.61
CA VAL A 1534 81.98 18.02 36.35
CA GLY A 1535 83.05 14.44 36.85
CA VAL A 1536 83.41 14.33 40.62
CA TRP A 1537 85.70 11.68 42.10
CA SER A 1538 84.85 8.93 44.62
CA SER A 1539 86.13 10.15 47.90
CA PRO A 1540 88.46 12.55 49.48
CA PRO A 1541 92.08 12.25 48.91
CA PRO A 1542 94.57 10.95 51.34
CA ARG A 1543 96.85 13.11 53.44
CA CYS A 1544 100.52 12.97 54.16
CA ILE A 1545 99.49 12.15 57.72
CA SER A 1546 102.73 12.47 59.63
CA THR A 1547 102.62 11.77 63.48
CA ASN A 1548 104.76 8.87 65.19
CA LYS A 1549 105.81 9.39 69.04
CA CYS A 1550 104.37 5.80 69.77
CA THR A 1551 106.28 2.69 68.93
CA ALA A 1552 104.82 -0.45 67.49
CA PRO A 1553 102.17 -1.88 69.65
CA GLU A 1554 102.61 -5.47 70.51
CA VAL A 1555 99.75 -7.88 70.67
CA GLU A 1556 100.63 -11.54 70.58
CA ASN A 1557 98.57 -13.62 68.17
CA ALA A 1558 96.74 -10.57 67.08
CA ILE A 1559 97.46 -8.31 64.16
CA ARG A 1560 96.96 -4.60 63.68
CA VAL A 1561 94.66 -3.95 60.73
CA PRO A 1562 94.88 -0.17 60.37
CA GLY A 1563 97.76 1.63 58.77
CA ASN A 1564 100.90 -0.04 59.98
CA ARG A 1565 103.50 2.62 60.45
CA SER A 1566 107.06 2.56 61.63
CA PHE A 1567 106.49 5.51 63.86
CA PHE A 1568 102.98 6.47 64.86
CA SER A 1569 102.37 10.06 65.68
CA LEU A 1570 100.05 11.41 68.30
CA THR A 1571 96.38 10.65 67.67
CA GLU A 1572 97.17 7.64 65.59
CA ILE A 1573 94.58 4.98 66.18
CA ILE A 1574 95.14 1.33 65.52
CA ARG A 1575 92.64 -1.48 65.70
CA PHE A 1576 93.57 -5.06 66.37
CA ARG A 1577 92.23 -8.21 64.88
CA CYS A 1578 92.96 -11.64 66.23
CA GLN A 1579 94.17 -14.58 64.28
CA PRO A 1580 91.54 -17.19 63.70
CA GLY A 1581 90.84 -19.17 66.85
CA PHE A 1582 91.55 -16.18 69.04
CA VAL A 1583 89.27 -13.94 71.09
CA MET A 1584 90.35 -10.49 72.12
CA VAL A 1585 90.45 -9.65 75.76
CA GLY A 1586 90.66 -5.93 76.08
CA SER A 1587 89.86 -2.96 73.89
CA HIS A 1588 89.96 -3.49 70.14
CA THR A 1589 91.52 -0.13 69.31
CA VAL A 1590 94.25 1.91 70.88
CA GLN A 1591 95.31 5.49 70.38
CA CYS A 1592 98.65 7.15 70.76
CA GLN A 1593 98.46 9.64 73.56
CA THR A 1594 100.41 12.82 74.15
CA ASN A 1595 102.28 10.93 76.81
CA GLY A 1596 103.54 8.64 74.11
CA ARG A 1597 101.99 5.53 75.50
CA TRP A 1598 99.13 3.59 74.02
CA GLY A 1599 95.80 4.02 75.68
CA PRO A 1600 94.06 2.05 76.56
CA LYS A 1601 96.69 -0.60 77.28
CA LEU A 1602 97.33 -3.00 74.44
CA PRO A 1603 94.99 -5.92 74.33
CA HIS A 1604 95.91 -9.57 74.42
CA CYS A 1605 94.28 -12.12 72.26
CA SER A 1606 94.47 -14.40 75.18
CA ARG A 1607 95.68 -17.77 73.41
CA VAL A 1608 95.59 -18.20 69.46
CA CYS A 1609 96.09 -22.05 69.00
CA GLN A 1610 94.85 -25.45 68.06
CA PRO A 1611 94.16 -28.01 70.67
CA PRO A 1612 97.14 -29.09 72.62
CA PRO A 1613 98.94 -32.24 71.80
CA GLU A 1614 97.71 -35.35 73.51
CA ILE A 1615 100.10 -37.01 75.86
CA LEU A 1616 100.20 -40.74 76.21
CA HIS A 1617 99.47 -41.84 79.73
CA GLY A 1618 98.91 -38.27 80.70
CA GLU A 1619 95.93 -36.01 81.08
CA HIS A 1620 95.38 -32.39 80.38
CA THR A 1621 94.21 -30.47 83.35
CA LEU A 1622 90.74 -29.05 82.73
CA SER A 1623 91.06 -27.87 79.24
CA HIS A 1624 88.69 -25.06 79.72
CA GLN A 1625 88.08 -24.76 76.06
CA ASP A 1626 88.47 -26.89 73.02
CA ASN A 1627 90.31 -23.91 71.62
CA PHE A 1628 92.77 -21.68 73.36
CA SER A 1629 93.00 -17.96 73.04
CA PRO A 1630 96.46 -16.57 73.04
CA GLY A 1631 98.29 -16.38 76.31
CA GLN A 1632 96.20 -19.26 77.53
CA GLU A 1633 98.02 -21.90 79.47
CA VAL A 1634 97.48 -25.61 79.35
CA PHE A 1635 98.76 -27.91 82.03
CA TYR A 1636 99.85 -31.50 81.60
CA SER A 1637 99.58 -34.13 84.26
CA CYS A 1638 100.35 -37.82 84.48
CA GLU A 1639 98.84 -40.82 86.20
CA PRO A 1640 100.27 -41.89 89.47
CA SER A 1641 102.49 -44.48 87.84
CA TYR A 1642 104.22 -41.75 85.90
CA ASP A 1643 106.27 -38.64 86.41
CA LEU A 1644 106.48 -35.66 84.10
CA ARG A 1645 109.49 -35.09 81.91
CA GLY A 1646 109.84 -31.72 80.23
CA ALA A 1647 108.05 -28.43 80.76
CA ALA A 1648 104.76 -29.12 82.48
CA SER A 1649 102.96 -26.18 81.01
CA LEU A 1650 102.55 -24.91 77.50
CA HIS A 1651 101.33 -21.49 76.52
CA CYS A 1652 99.53 -20.20 73.50
CA THR A 1653 101.21 -17.38 71.70
CA PRO A 1654 100.07 -14.62 69.49
CA GLN A 1655 101.86 -16.70 66.96
CA GLY A 1656 99.20 -19.30 67.53
CA ASP A 1657 101.63 -22.14 67.94
CA TRP A 1658 102.31 -23.82 71.24
CA SER A 1659 105.48 -22.56 72.72
CA PRO A 1660 107.08 -25.85 73.73
CA GLU A 1661 106.52 -29.46 72.81
CA ALA A 1662 104.47 -31.54 75.18
CA PRO A 1663 105.79 -33.37 78.13
CA ARG A 1664 106.25 -37.09 78.33
CA CYS A 1665 105.08 -39.26 81.18
CA THR A 1666 107.16 -40.06 83.30
CA VAL A 1667 110.61 -40.62 84.95
CA LYS A 1668 112.45 -38.74 87.77
CA SER A 1669 110.33 -39.04 91.21
CA CYS A 1670 112.74 -39.96 93.31
CA ASP A 1671 116.22 -40.97 92.47
CA ASP A 1672 116.91 -44.19 94.22
CA PHE A 1673 118.94 -44.75 97.34
CA LEU A 1674 119.58 -41.23 98.34
CA GLY A 1675 123.18 -42.00 99.05
CA GLN A 1676 124.19 -43.75 102.20
CA LEU A 1677 124.85 -41.91 105.39
CA PRO A 1678 128.13 -42.78 106.82
CA HIS A 1679 127.79 -44.44 110.18
CA GLY A 1680 124.08 -44.55 109.58
CA ARG A 1681 121.45 -46.17 107.46
CA VAL A 1682 118.39 -45.15 105.58
CA LEU A 1683 115.27 -47.23 105.92
CA LEU A 1684 112.89 -47.29 103.02
CA PRO A 1685 109.53 -48.30 104.32
CA LEU A 1686 108.02 -48.79 100.92
CA ASN A 1687 110.09 -47.61 98.04
CA LEU A 1688 111.02 -44.22 96.84
CA GLN A 1689 108.04 -43.08 94.80
CA LEU A 1690 106.59 -39.68 95.32
CA GLY A 1691 104.68 -40.07 98.53
CA ALA A 1692 107.02 -42.60 100.12
CA LYS A 1693 109.03 -41.47 103.11
CA VAL A 1694 112.49 -42.65 104.01
CA SER A 1695 113.73 -42.58 107.56
CA PHE A 1696 117.23 -41.92 108.76
CA VAL A 1697 118.78 -43.53 111.77
CA CYS A 1698 122.32 -44.01 112.83
CA ASP A 1699 124.35 -46.37 114.88
CA GLU A 1700 124.13 -45.95 118.57
CA GLY A 1701 126.41 -43.16 119.67
CA PHE A 1702 126.14 -41.19 116.47
CA ARG A 1703 123.66 -38.36 116.36
CA LEU A 1704 121.70 -37.37 113.30
CA LYS A 1705 122.50 -33.95 112.05
CA GLY A 1706 119.72 -33.01 109.75
CA ARG A 1707 116.15 -34.13 109.45
CA SER A 1708 114.94 -37.47 110.72
CA ALA A 1709 112.97 -38.32 107.61
CA SER A 1710 112.64 -37.20 104.05
CA HIS A 1711 109.56 -37.41 101.94
CA CYS A 1712 109.71 -38.04 98.26
CA VAL A 1713 107.38 -35.52 96.75
CA LEU A 1714 106.51 -33.84 93.52
CA ALA A 1715 107.30 -30.14 93.25
CA GLY A 1716 105.60 -29.77 89.94
CA MET A 1717 108.03 -30.31 87.13
CA LYS A 1718 109.76 -33.27 88.73
CA ALA A 1719 109.92 -35.27 91.91
CA LEU A 1720 112.60 -34.73 94.50
CA TRP A 1721 113.29 -35.52 98.13
CA ASN A 1722 111.83 -33.05 100.59
CA SER A 1723 115.04 -32.70 102.52
CA SER A 1724 118.65 -33.40 101.81
CA VAL A 1725 120.16 -36.28 103.69
CA PRO A 1726 121.43 -35.76 107.14
CA VAL A 1727 124.88 -36.77 108.26
CA CYS A 1728 125.80 -38.49 111.45
CA GLU A 1729 128.46 -36.00 112.25
CA GLN A 1730 129.23 -35.80 116.14
CA ILE A 1731 132.39 -33.79 116.02
CA PHE A 1732 130.57 -30.22 115.33
CA CYS A 1733 131.53 -28.05 118.55
CA PRO A 1734 134.38 -27.80 120.93
CA ASN A 1735 133.68 -27.56 124.60
CA PRO A 1736 132.49 -24.20 125.61
CA PRO A 1737 134.80 -21.60 126.97
CA ALA A 1738 135.22 -21.63 130.70
CA ILE A 1739 134.28 -18.60 132.69
CA LEU A 1740 135.95 -17.44 135.84
CA ASN A 1741 133.63 -17.27 138.81
CA GLY A 1742 130.94 -18.66 136.58
CA ARG A 1743 129.44 -22.03 135.80
CA HIS A 1744 127.97 -23.70 132.79
CA THR A 1745 124.51 -25.07 133.03
CA GLY A 1746 124.45 -28.80 132.43
CA THR A 1747 125.97 -28.78 129.02
CA PRO A 1748 125.97 -31.68 129.38
CA PHE A 1749 129.66 -32.27 129.21
CA GLY A 1750 130.93 -33.82 126.10
CA ASP A 1751 130.68 -32.14 122.79
CA ILE A 1752 127.57 -30.41 121.57
CA PRO A 1753 126.16 -30.88 118.19
CA TYR A 1754 125.49 -27.95 115.92
CA GLY A 1755 122.67 -25.80 117.15
CA LYS A 1756 123.22 -26.71 120.74
CA GLU A 1757 122.98 -23.87 123.19
CA ILE A 1758 124.63 -23.48 126.54
CA SER A 1759 123.90 -20.95 129.21
CA TYR A 1760 126.35 -19.42 131.63
CA ALA A 1761 125.76 -18.33 135.18
CA CYS A 1762 127.79 -16.47 137.77
CA ASP A 1763 128.61 -17.48 141.30
CA THR A 1764 125.96 -16.12 143.54
CA HIS A 1765 126.81 -17.88 146.71
CA PRO A 1766 124.65 -20.90 146.89
CA ASP A 1767 121.36 -19.22 146.07
CA ARG A 1768 121.73 -15.58 145.27
CA GLY A 1769 123.79 -12.69 146.46
CA MET A 1770 125.43 -9.65 145.05
CA THR A 1771 128.66 -11.29 144.12
CA PHE A 1772 129.87 -11.35 140.56
CA ASN A 1773 127.61 -10.06 137.85
CA LEU A 1774 127.22 -11.55 134.43
CA ILE A 1775 127.92 -9.20 131.62
CA GLY A 1776 127.53 -9.96 127.97
CA GLU A 1777 125.34 -12.53 126.27
CA SER A 1778 124.42 -15.18 128.78
CA SER A 1779 124.01 -17.87 126.18
CA ILE A 1780 125.94 -19.00 123.16
CA ARG A 1781 125.07 -21.50 120.48
CA CYS A 1782 127.15 -23.71 118.28
CA THR A 1783 127.19 -22.62 114.69
CA SER A 1784 128.61 -23.86 111.49
CA ASP A 1785 130.75 -21.80 109.23
CA PRO A 1786 131.72 -23.62 106.08
CA GLN A 1787 134.64 -25.11 107.85
CA GLY A 1788 133.92 -28.02 110.08
CA ASN A 1789 135.02 -27.97 113.66
CA GLY A 1790 131.88 -25.95 114.43
CA VAL A 1791 132.50 -22.71 116.19
CA TRP A 1792 130.65 -21.02 118.99
CA SER A 1793 128.71 -17.89 118.08
CA SER A 1794 130.47 -15.47 120.36
CA PRO A 1795 132.67 -15.09 123.30
CA ALA A 1796 131.49 -16.21 126.68
CA PRO A 1797 130.23 -13.73 129.17
CA ARG A 1798 132.27 -12.47 132.06
CA CYS A 1799 131.39 -12.41 135.71
CA GLU A 1800 132.60 -10.79 138.93
CA LEU A 1801 135.05 -12.11 141.89
CA SER A 1802 132.76 -14.15 144.33
CA VAL A 1803 134.24 -15.98 147.08
CA PRO A 1804 131.98 -18.70 148.91
CA ALA A 1805 134.38 -18.42 152.21
CA ALA A 1806 132.80 -21.56 154.16
CA CYS A 1807 135.08 -22.31 157.51
CA PRO A 1808 137.45 -20.71 159.88
CA HIS A 1809 141.19 -20.70 159.36
CA PRO A 1810 142.72 -24.07 159.73
CA PRO A 1811 144.44 -24.91 162.92
CA LYS A 1812 148.19 -24.61 162.88
CA ILE A 1813 150.25 -27.45 164.18
CA GLN A 1814 153.65 -27.34 165.80
CA ASN A 1815 156.58 -28.30 163.63
CA GLY A 1816 154.35 -28.67 160.63
CA HIS A 1817 152.95 -26.48 157.93
CA TYR A 1818 149.85 -26.22 155.84
CA ILE A 1819 150.56 -26.94 152.26
CA GLY A 1820 149.25 -24.66 149.64
CA GLY A 1821 146.74 -22.82 151.66
CA HIS A 1822 144.24 -21.24 149.41
CA VAL A 1823 142.00 -18.35 150.13
CA SER A 1824 142.28 -17.17 153.66
CA LEU A 1825 138.72 -18.29 153.68
CA TYR A 1826 138.06 -21.88 152.87
CA LEU A 1827 134.88 -22.60 151.02
CA PRO A 1828 132.97 -25.53 152.25
CA GLY A 1829 134.09 -28.90 151.00
CA MET A 1830 137.55 -27.44 150.77
CA THR A 1831 140.36 -29.68 151.83
CA ILE A 1832 143.56 -28.61 153.45
CA SER A 1833 146.50 -30.88 153.85
CA TYR A 1834 149.27 -30.67 156.39
CA ILE A 1835 152.88 -31.61 156.17
CA CYS A 1836 155.64 -32.01 158.70
CA ASP A 1837 159.05 -30.37 158.88
CA PRO A 1838 162.12 -32.33 158.18
CA GLY A 1839 162.82 -34.86 160.89
CA TYR A 1840 159.19 -35.19 161.85
CA LEU A 1841 156.61 -37.75 160.97
CA LEU A 1842 152.93 -37.23 160.48
CA VAL A 1843 150.47 -38.92 162.79
CA GLY A 1844 146.77 -38.81 162.12
CA LYS A 1845 144.95 -37.98 158.94
CA GLY A 1846 146.86 -35.58 156.73
CA PHE A 1847 143.73 -33.90 155.38
CA ILE A 1848 141.00 -32.03 157.08
CA PHE A 1849 138.10 -30.50 155.28
CA CYS A 1850 134.92 -28.77 156.10
CA THR A 1851 131.60 -30.51 155.60
CA ASP A 1852 128.05 -29.42 156.20
CA GLN A 1853 129.37 -25.88 155.80
CA GLY A 1854 130.66 -25.15 159.23
CA ILE A 1855 133.40 -26.79 161.18
CA TRP A 1856 136.57 -28.56 160.29
CA SER A 1857 136.08 -32.29 160.10
CA GLN A 1858 138.60 -33.42 162.64
CA LEU A 1859 141.50 -32.38 164.79
CA ASP A 1860 144.64 -31.79 162.82
CA HIS A 1861 147.56 -34.19 162.72
CA TYR A 1862 150.52 -34.00 165.04
CA CYS A 1863 154.10 -34.12 163.89
CA LYS A 1864 156.12 -36.34 166.26
CA GLU A 1865 159.84 -36.20 165.47
CA VAL A 1866 160.52 -39.92 163.97
CA ASN A 1867 158.28 -43.31 164.08
CA CYS A 1868 160.57 -46.49 164.84
CA SER A 1869 163.56 -46.49 167.13
CA PHE A 1870 166.75 -48.44 166.50
CA PRO A 1871 166.16 -52.12 166.70
CA LEU A 1872 167.76 -53.71 169.68
CA PHE A 1873 169.63 -56.89 169.09
CA MET A 1874 171.51 -58.84 171.68
CA ASN A 1875 173.71 -61.86 170.96
CA GLY A 1876 172.69 -61.31 167.42
CA ILE A 1877 175.20 -58.69 166.87
CA SER A 1878 174.40 -57.93 163.34
CA LYS A 1879 171.04 -56.15 163.17
CA GLU A 1880 171.05 -54.85 159.65
CA LEU A 1881 168.98 -51.84 158.74
CA GLU A 1882 169.00 -49.22 156.06
CA MET A 1883 171.28 -46.40 157.01
CA LYS A 1884 168.84 -43.97 158.48
CA LYS A 1885 169.02 -41.94 161.62
CA VAL A 1886 165.28 -42.26 161.77
CA TYR A 1887 163.35 -45.25 160.51
CA HIS A 1888 160.00 -44.81 158.89
CA TYR A 1889 156.90 -46.92 158.53
CA GLY A 1890 157.51 -49.95 156.40
CA ASP A 1891 161.21 -50.10 157.11
CA TYR A 1892 162.41 -53.62 157.70
CA VAL A 1893 165.42 -55.00 159.49
CA THR A 1894 167.01 -58.42 159.46
CA LEU A 1895 169.12 -60.12 162.08
CA LYS A 1896 172.13 -62.41 162.00
CA CYS A 1897 173.44 -64.38 164.92
CA GLU A 1898 176.76 -64.85 166.61
CA ASP A 1899 178.51 -68.13 166.11
CA GLY A 1900 176.67 -70.87 167.95
CA TYR A 1901 173.37 -69.06 168.34
CA THR A 1902 169.87 -69.52 166.97
CA LEU A 1903 167.22 -66.86 166.70
CA GLU A 1904 164.39 -67.08 169.17
CA GLY A 1905 161.87 -65.03 167.31
CA SER A 1906 161.55 -63.63 163.83
CA PRO A 1907 164.56 -62.99 161.72
CA TRP A 1908 162.98 -59.91 160.19
CA SER A 1909 161.14 -57.01 161.75
CA GLN A 1910 159.00 -54.31 160.27
CA CYS A 1911 158.19 -50.85 161.47
CA GLN A 1912 154.47 -50.63 162.13
CA ALA A 1913 152.08 -47.70 161.82
CA ASP A 1914 151.80 -47.88 165.57
CA ASP A 1915 155.52 -47.14 165.46
CA ARG A 1916 156.35 -50.38 167.20
CA TRP A 1917 158.42 -53.13 165.70
CA ASP A 1918 156.29 -56.08 164.75
CA PRO A 1919 156.87 -58.62 165.51
CA PRO A 1920 158.82 -57.47 168.51
CA LEU A 1921 162.59 -57.63 168.35
CA ALA A 1922 163.94 -61.13 168.85
CA LYS A 1923 166.86 -62.45 170.81
CA CYS A 1924 169.40 -64.90 169.57
CA THR A 1925 173.16 -65.53 169.95
CA SER A 1926 176.17 -63.07 170.47
CA ARG A 1927 179.47 -65.23 171.34
CA ALA A 1928 181.39 -67.96 169.27
CA HIS A 1929 183.72 -69.22 171.90
CA ASP A 1930 185.18 -72.66 170.94
CA ALA A 1931 189.02 -73.02 171.83
CA GLN A 1 0.18 126.46 92.30
CA CYS A 2 -2.45 128.93 93.35
CA ASN A 3 -5.81 127.28 93.68
CA ALA A 4 -8.86 128.48 91.84
CA PRO A 5 -9.59 132.08 92.45
CA GLU A 6 -12.38 133.05 94.81
CA TRP A 7 -15.73 134.15 93.48
CA LEU A 8 -16.04 137.86 93.00
CA PRO A 9 -19.65 138.32 91.95
CA PHE A 10 -18.88 141.91 90.98
CA ALA A 11 -16.49 140.83 88.25
CA ARG A 12 -16.57 138.18 85.55
CA PRO A 13 -13.45 136.38 84.49
CA THR A 14 -11.75 137.71 81.41
CA ASN A 15 -8.71 135.60 80.70
CA LEU A 16 -8.08 132.51 78.68
CA THR A 17 -7.94 129.68 81.10
CA ASP A 18 -8.32 125.94 80.81
CA GLU A 19 -7.10 124.66 84.13
CA PHE A 20 -8.40 124.55 87.69
CA GLU A 21 -5.03 125.14 89.26
CA PHE A 22 -3.21 128.29 88.29
CA PRO A 23 0.49 128.55 88.37
CA ILE A 24 2.07 131.08 90.68
CA GLY A 25 3.11 134.31 89.08
CA THR A 26 0.06 135.09 86.98
CA TYR A 27 -2.42 137.92 86.99
CA LEU A 28 -5.95 136.88 86.20
CA ASN A 29 -8.12 139.54 84.61
CA TYR A 30 -11.57 140.29 85.97
CA GLU A 31 -13.85 142.96 84.60
CA CYS A 32 -16.45 144.59 86.79
CA ARG A 33 -20.11 144.43 85.85
CA PRO A 34 -21.77 147.46 84.32
CA GLY A 35 -23.18 148.34 87.73
CA TYR A 36 -19.61 148.89 88.87
CA SER A 37 -16.65 150.93 87.73
CA GLY A 38 -12.98 150.58 88.47
CA ARG A 39 -11.32 149.28 85.31
CA PRO A 40 -10.31 145.73 84.83
CA PHE A 41 -8.06 144.51 87.60
CA SER A 42 -6.23 141.29 88.20
CA ILE A 43 -5.23 139.09 91.10
CA ILE A 44 -1.66 137.96 90.96
CA CYS A 45 -0.59 134.63 92.32
CA LEU A 46 2.17 135.55 94.70
CA LYS A 47 3.64 132.26 95.85
CA ASN A 48 1.92 130.96 98.94
CA SER A 49 -0.74 129.71 96.57
CA VAL A 50 -2.55 132.93 97.38
CA TRP A 51 -3.87 135.65 95.15
CA THR A 52 -2.91 139.24 95.78
CA GLY A 53 -5.36 140.98 98.05
CA ALA A 54 -7.27 143.54 96.03
CA LYS A 55 -8.22 146.80 97.69
CA ASP A 56 -11.21 148.97 96.86
CA ARG A 57 -10.64 148.37 93.17
CA CYS A 58 -14.21 147.66 92.10
CA ARG A 59 -16.34 150.59 93.21
CA ARG A 60 -18.99 151.49 90.82
CA LYS A 61 -18.64 154.74 88.77
CA SER A 62 -16.56 158.01 89.72
CA CYS A 63 -15.46 159.96 86.44
CA ARG A 64 -13.16 159.39 83.48
CA ASN A 65 -11.47 162.48 82.08
CA PRO A 66 -13.46 163.78 79.19
CA PRO A 67 -11.72 163.88 75.85
CA ASP A 68 -10.51 167.33 74.98
CA PRO A 69 -12.79 168.98 72.54
CA VAL A 70 -11.32 170.19 69.30
CA ASN A 71 -10.21 173.77 69.56
CA GLY A 72 -10.79 173.70 73.28
CA MET A 73 -9.98 172.01 76.59
CA VAL A 74 -11.61 171.18 79.90
CA HIS A 75 -10.21 172.66 83.07
CA VAL A 76 -10.62 170.70 86.26
CA ILE A 77 -10.56 173.10 89.12
CA LYS A 78 -10.78 170.72 92.04
CA GLY A 79 -10.38 167.32 90.39
CA ILE A 80 -12.83 164.95 88.78
CA GLN A 81 -14.49 163.06 91.60
CA PHE A 82 -18.15 162.69 92.11
CA GLY A 83 -19.15 166.20 93.05
CA SER A 84 -16.47 168.22 91.30
CA GLN A 85 -17.46 170.12 88.20
CA ILE A 86 -15.19 170.71 85.25
CA LYS A 87 -15.23 173.90 83.22
CA TYR A 88 -15.13 173.82 79.44
CA SER A 89 -13.48 176.59 77.48
CA CYS A 90 -12.62 176.86 73.82
CA THR A 91 -9.70 178.75 72.38
CA LYS A 92 -10.43 182.37 71.77
CA GLY A 93 -12.47 182.80 68.62
CA TYR A 94 -14.47 179.62 68.93
CA ARG A 95 -17.55 179.40 71.07
CA LEU A 96 -18.35 176.19 72.78
CA ILE A 97 -21.63 174.75 71.78
CA GLY A 98 -23.18 172.85 74.58
CA SER A 99 -23.06 173.38 78.30
CA SER A 100 -20.55 175.60 80.00
CA SER A 101 -19.63 173.20 82.78
CA ALA A 102 -20.49 169.64 83.54
CA THR A 103 -20.56 168.18 87.01
CA CYS A 104 -19.32 164.72 87.86
CA ILE A 105 -22.15 162.88 89.58
CA ILE A 106 -23.21 159.38 90.51
CA SER A 107 -26.33 157.60 89.29
CA GLY A 108 -25.96 154.70 91.67
CA ASP A 109 -24.17 152.05 89.73
CA THR A 110 -21.53 154.29 88.31
CA VAL A 111 -20.34 157.88 88.22
CA ILE A 112 -21.08 159.82 85.05
CA TRP A 113 -20.79 163.44 83.99
CA ASP A 114 -24.06 165.32 84.16
CA ASN A 115 -23.67 166.81 80.71
CA GLU A 116 -21.93 165.61 77.59
CA THR A 117 -18.91 167.60 76.47
CA PRO A 118 -19.71 170.44 74.20
CA ILE A 119 -17.95 171.30 70.96
CA CYS A 120 -16.16 174.31 69.65
CA ASP A 121 -13.30 173.92 69.42
CA ARG A 122 -11.79 177.60 68.86
CA ILE A 123 -13.07 181.30 69.15
CA PRO A 124 -12.89 183.64 65.90
CA CYS A 125 -10.23 186.30 66.40
CA GLY A 126 -9.01 189.26 68.36
CA LEU A 127 -8.54 192.73 67.09
CA PRO A 128 -6.35 193.33 64.17
CA PRO A 129 -3.00 194.83 64.86
CA THR A 130 -3.37 198.54 64.45
CA ILE A 131 -0.61 200.47 62.78
CA THR A 132 0.57 203.92 63.62
CA ASN A 133 -0.99 206.64 61.53
CA GLY A 134 -3.00 203.89 59.91
CA ASP A 135 -6.73 203.99 60.42
CA PHE A 136 -9.25 201.18 60.81
CA ILE A 137 -12.46 200.55 58.93
CA SER A 138 -14.66 197.87 57.44
CA THR A 139 -17.25 195.66 59.08
CA ASN A 140 -14.94 194.85 61.93
CA ARG A 141 -15.52 196.87 65.05
CA GLU A 142 -16.07 195.18 68.40
CA ASN A 143 -17.71 191.89 67.61
CA PHE A 144 -14.79 189.91 66.30
CA HIS A 145 -15.47 186.27 65.65
CA TYR A 146 -13.93 184.89 62.51
CA GLY A 147 -13.60 185.76 58.84
CA SER A 148 -14.24 189.44 59.32
CA VAL A 149 -12.14 191.65 57.08
CA VAL A 150 -10.57 194.93 58.00
CA THR A 151 -9.32 197.61 55.67
CA TYR A 152 -6.35 199.71 56.65
CA ARG A 153 -5.52 203.28 55.76
CA CYS A 154 -3.19 206.03 56.83
CA ASN A 155 -3.61 209.67 57.87
CA PRO A 156 -4.72 212.00 55.12
CA GLY A 157 -4.63 215.18 57.18
CA SER A 158 -8.39 214.77 57.12
CA GLY A 159 -9.26 215.27 53.49
CA GLY A 160 -6.53 213.34 51.73
CA ARG A 161 -3.00 214.50 51.20
CA LYS A 162 0.41 213.13 50.45
CA VAL A 163 1.19 212.26 54.00
CA PHE A 164 2.12 208.69 54.76
CA GLU A 165 0.82 205.90 52.61
CA LEU A 166 -0.26 202.40 53.37
CA VAL A 167 1.97 199.89 51.67
CA GLY A 168 1.51 196.17 51.60
CA GLU A 169 -1.83 194.43 51.65
CA PRO A 170 -4.34 197.00 52.50
CA SER A 171 -6.70 194.44 53.91
CA ILE A 172 -6.54 191.49 56.25
CA TYR A 173 -9.10 189.06 57.51
CA CYS A 174 -9.14 186.65 60.32
CA THR A 175 -8.39 182.97 59.91
CA SER A 176 -6.80 180.15 61.83
CA ASN A 177 -3.42 178.50 61.76
CA ASP A 178 -2.67 177.92 65.41
CA ASP A 179 -5.39 176.90 67.74
CA GLN A 180 -8.06 179.21 69.02
CA VAL A 181 -6.10 182.51 69.19
CA GLY A 182 -7.60 183.72 65.97
CA ILE A 183 -4.54 184.96 64.20
CA TRP A 184 -5.05 187.12 61.13
CA SER A 185 -3.89 186.42 57.56
CA GLY A 186 -0.80 188.53 57.33
CA PRO A 187 1.00 191.40 58.82
CA ALA A 188 -0.51 194.78 58.63
CA PRO A 189 0.69 197.31 56.21
CA GLN A 190 2.81 200.26 57.17
CA CYS A 191 2.64 203.93 56.36
CA ILE A 192 3.53 205.69 53.82
CA ILE A 193 0.27 204.15 51.98
CA PRO A 194 -0.92 201.09 49.59
CA ASN A 195 -3.95 202.18 47.17
CA LYS A 196 -6.87 199.52 46.74
CA CYS A 197 -7.76 199.74 42.94
CA THR A 198 -9.51 198.40 39.90
CA PRO A 199 -8.06 197.84 36.54
CA PRO A 200 -6.60 200.84 34.86
CA ASN A 201 -8.76 202.42 32.23
CA VAL A 202 -6.63 203.28 29.25
CA GLU A 203 -7.43 202.70 25.63
CA ASN A 204 -4.78 201.79 23.10
CA GLY A 205 -2.09 201.70 25.76
CA ILE A 206 -1.48 198.39 27.48
CA LEU A 207 -0.06 198.25 30.99
CA VAL A 208 3.41 196.66 31.12
CA SER A 209 4.01 195.92 34.79
CA ASP A 210 2.41 193.23 36.87
CA ASN A 211 -1.19 193.06 35.86
CA ARG A 212 -3.38 191.97 38.70
CA SER A 213 -7.07 191.38 38.97
CA LEU A 214 -7.38 193.34 42.15
CA PHE A 215 -4.60 195.76 42.87
CA SER A 216 -3.74 197.11 46.25
CA LEU A 217 -2.25 200.29 47.52
CA ASN A 218 1.12 201.19 46.12
CA GLU A 219 0.61 199.15 43.07
CA VAL A 220 2.25 201.00 40.24
CA VAL A 221 1.57 200.34 36.63
CA GLU A 222 3.36 201.70 33.59
CA PHE A 223 1.59 201.99 30.29
CA ARG A 224 3.08 201.52 26.88
CA CYS A 225 1.20 202.63 23.83
CA GLN A 226 0.40 200.47 20.85
CA PRO A 227 2.44 201.04 17.81
CA GLY A 228 1.48 204.23 16.08
CA PHE A 229 0.18 205.83 19.25
CA VAL A 230 1.71 208.38 21.59
CA MET A 231 1.04 208.76 25.28
CA LYS A 232 -0.41 211.97 26.51
CA GLY A 233 -0.04 211.99 30.26
CA PRO A 234 2.09 210.28 32.83
CA ARG A 235 3.42 206.88 31.80
CA ARG A 236 2.97 205.32 35.22
CA VAL A 237 0.10 205.36 37.66
CA LYS A 238 0.11 204.43 41.30
CA CYS A 239 -2.79 203.47 43.47
CA GLN A 240 -3.62 205.86 46.22
CA ALA A 241 -5.17 205.26 49.62
CA LEU A 242 -8.18 206.94 48.09
CA ASN A 243 -8.35 203.97 45.75
CA LYS A 244 -8.06 206.37 42.86
CA TRP A 245 -5.18 206.39 40.46
CA GLU A 246 -2.73 209.19 40.79
CA PRO A 247 -1.98 210.76 38.62
CA GLU A 248 -5.12 210.17 36.61
CA LEU A 249 -4.84 207.62 33.84
CA PRO A 250 -3.26 208.70 30.63
CA SER A 251 -4.59 208.15 27.16
CA CYS A 252 -2.74 206.93 24.13
CA SER A 253 -5.11 204.58 22.24
CA ARG A 254 -8.61 202.97 22.61
CA VAL A 255 -9.47 199.14 21.72
CA CYS A 256 -5.96 197.56 20.74
CA GLN A 257 -4.00 194.36 20.48
CA PRO A 258 -0.30 194.27 20.18
CA PRO A 259 1.01 195.40 16.88
CA PRO A 260 1.97 192.96 14.25
CA ASP A 261 5.62 192.12 14.22
CA VAL A 262 7.65 192.30 11.08
CA LEU A 263 10.27 189.75 10.28
CA HIS A 264 13.29 191.89 9.82
CA ALA A 265 12.47 194.98 11.75
CA GLU A 266 11.77 196.22 15.22
CA ARG A 267 8.95 198.09 16.79
CA THR A 268 9.54 201.44 18.36
CA GLN A 269 8.45 199.63 21.45
CA ARG A 270 6.85 202.69 22.82
CA ASP A 271 4.50 201.40 25.47
CA LYS A 272 4.53 198.17 23.56
CA ASP A 273 3.02 196.42 26.52
CA ASN A 274 -0.24 198.24 26.18
CA PHE A 275 -1.54 200.40 23.42
CA SER A 276 -4.42 202.67 24.24
CA PRO A 277 -6.66 203.78 21.51
CA GLY A 278 -5.40 206.59 19.33
CA GLN A 279 -1.87 205.64 20.12
CA GLU A 280 0.56 205.26 17.30
CA VAL A 281 3.38 202.81 16.92
CA PHE A 282 6.44 203.23 14.75
CA TYR A 283 8.18 200.50 12.82
CA SER A 284 11.85 200.55 12.02
CA CYS A 285 14.07 198.26 10.02
CA GLU A 286 17.57 196.99 10.65
CA PRO A 287 20.37 198.65 8.84
CA GLY A 288 20.42 197.57 5.24
CA TYR A 289 16.66 197.30 5.18
CA ASP A 290 14.07 199.70 3.85
CA LEU A 291 10.50 200.00 4.98
CA ARG A 292 7.70 199.50 2.54
CA GLY A 293 4.36 200.98 3.43
CA ALA A 294 3.40 203.48 6.07
CA ALA A 295 5.94 203.52 8.85
CA SER A 296 3.43 204.30 11.52
CA MET A 297 0.25 202.56 12.51
CA ARG A 298 -2.47 204.03 14.64
CA CYS A 299 -5.04 202.33 16.76
CA THR A 300 -8.54 203.43 16.01
CA PRO A 301 -10.51 204.74 18.87
CA GLN A 302 -12.42 201.59 18.22
CA GLY A 303 -10.94 198.57 16.59
CA ASP A 304 -7.59 197.16 15.68
CA TRP A 305 -4.69 198.81 13.92
CA SER A 306 -5.78 200.77 10.95
CA PRO A 307 -3.13 199.80 8.43
CA ALA A 308 -1.19 196.64 7.77
CA ALA A 309 2.33 196.54 9.09
CA PRO A 310 5.20 197.68 7.00
CA THR A 311 7.59 195.24 5.44
CA CYS A 312 11.33 195.57 5.46
CA GLU A 313 10.73 193.21 2.22
CA VAL A 314 12.49 194.57 -0.92
CA LYS A 315 11.91 196.12 -4.48
CA SER A 316 9.35 194.20 -6.78
CA CYS A 317 11.11 190.94 -7.90
CA ASP A 318 10.56 187.35 -8.79
CA ASP A 319 9.98 185.62 -5.53
CA PHE A 320 11.69 182.54 -6.65
CA MET A 321 15.22 183.56 -6.36
CA GLY A 322 16.38 180.05 -7.00
CA GLN A 323 18.19 178.19 -4.29
CA LEU A 324 21.90 177.76 -4.78
CA LEU A 325 23.18 174.24 -4.70
CA ASN A 326 25.01 173.67 -1.46
CA GLY A 327 24.05 177.11 -0.28
CA ARG A 328 21.09 179.09 0.90
CA VAL A 329 19.40 182.37 0.17
CA LEU A 330 18.28 184.45 3.07
CA PHE A 331 15.60 187.05 2.67
CA PRO A 332 16.31 189.74 5.17
CA VAL A 333 12.90 191.25 4.70
CA ASN A 334 10.98 190.71 1.54
CA LEU A 335 11.77 190.85 -2.12
CA GLN A 336 10.58 194.35 -2.89
CA LEU A 337 12.01 197.09 -5.05
CA GLY A 338 14.71 197.79 -2.55
CA ALA A 339 15.13 194.62 -0.52
CA LYS A 340 18.48 192.88 -0.43
CA VAL A 341 18.91 189.14 -0.37
CA ASP A 342 22.03 187.54 1.01
CA PHE A 343 23.77 184.41 -0.19
CA VAL A 344 25.76 182.10 2.04
CA CYS A 345 27.02 178.60 1.59
CA ASP A 346 27.57 175.53 3.65
CA GLU A 347 30.90 175.07 5.32
CA GLY A 348 33.46 173.87 2.84
CA PHE A 349 31.98 175.65 -0.13
CA GLN A 350 32.72 179.24 -0.96
CA LEU A 351 30.53 181.57 -2.95
CA LYS A 352 31.61 182.37 -6.41
CA GLY A 353 29.75 185.47 -7.34
CA SER A 354 28.22 188.34 -5.46
CA SER A 355 27.43 188.03 -1.80
CA ALA A 356 24.08 189.72 -2.12
CA SER A 357 21.61 190.80 -4.72
CA TYR A 358 19.44 193.87 -4.52
CA CYS A 359 16.02 193.94 -6.04
CA VAL A 360 16.10 197.01 -8.23
CA LEU A 361 13.89 198.81 -10.67
CA ALA A 362 15.20 199.27 -14.16
CA GLY A 363 12.98 200.07 -17.04
CA MET A 364 9.35 199.24 -16.50
CA GLU A 365 9.96 196.19 -14.37
CA SER A 366 12.15 195.34 -11.44
CA LEU A 367 14.75 192.62 -11.51
CA TRP A 368 17.49 191.38 -9.22
CA ASN A 369 20.74 193.29 -9.53
CA SER A 370 22.96 190.30 -9.67
CA SER A 371 22.69 186.81 -10.97
CA VAL A 372 22.69 184.15 -8.34
CA PRO A 373 26.12 183.06 -7.31
CA VAL A 374 27.10 179.44 -7.28
CA CYS A 375 29.08 177.72 -4.62
CA GLU A 376 31.93 175.61 -6.15
CA GLN A 377 30.97 172.16 -7.80
CA ILE A 378 29.18 169.21 -5.89
CA PHE A 379 25.63 168.31 -7.23
CA CYS A 380 25.77 164.91 -9.25
CA PRO A 381 25.55 162.34 -11.92
CA SER A 382 22.17 161.23 -13.07
CA PRO A 383 20.36 159.16 -10.58
CA PRO A 384 19.86 155.47 -10.95
CA VAL A 385 17.16 154.27 -13.39
CA ILE A 386 15.20 151.68 -11.32
CA PRO A 387 13.17 149.14 -13.16
CA ASN A 388 9.40 149.41 -13.18
CA GLY A 389 9.81 152.74 -11.49
CA ARG A 390 10.34 156.30 -12.55
CA HIS A 391 11.97 159.44 -11.33
CA THR A 392 9.53 162.12 -10.44
CA GLY A 393 10.19 165.78 -11.02
CA LYS A 394 13.49 164.79 -12.55
CA PRO A 395 15.62 167.66 -13.43
CA LEU A 396 17.51 166.99 -16.56
CA GLU A 397 21.23 166.54 -16.39
CA VAL A 398 21.31 168.74 -13.41
CA PHE A 399 21.34 167.79 -9.81
CA PRO A 400 23.01 170.21 -7.59
CA PHE A 401 24.42 169.00 -4.35
CA GLY A 402 21.88 168.55 -1.66
CA LYS A 403 19.19 168.04 -4.24
CA ALA A 404 16.86 165.17 -3.64
CA VAL A 405 15.21 162.86 -6.10
CA ASN A 406 12.09 160.88 -5.41
CA TYR A 407 11.37 157.48 -6.93
CA THR A 408 7.97 155.99 -7.56
CA CYS A 409 6.75 152.73 -9.03
CA ASP A 410 4.45 152.17 -11.96
CA PRO A 411 0.89 152.52 -10.88
CA HIS A 412 -0.14 151.07 -14.21
CA PRO A 413 -2.07 153.80 -15.88
CA ASP A 414 -3.68 155.45 -12.87
CA ARG A 415 -2.72 153.95 -9.56
CA GLY A 416 -3.07 150.40 -8.55
CA THR A 417 -1.84 147.21 -7.05
CA SER A 418 1.29 147.03 -9.06
CA PHE A 419 4.88 147.08 -7.96
CA ASP A 420 5.40 148.86 -4.68
CA LEU A 421 8.56 150.62 -3.69
CA ILE A 422 10.92 148.91 -1.28
CA GLY A 423 13.72 150.78 0.40
CA GLU A 424 14.44 154.48 0.67
CA SER A 425 12.06 156.27 -1.62
CA THR A 426 14.33 159.26 -1.88
CA ILE A 427 18.02 159.86 -2.26
CA ARG A 428 20.04 163.02 -1.94
CA CYS A 429 23.19 164.18 -3.59
CA THR A 430 26.24 164.49 -1.42
CA SER A 431 29.98 164.38 -1.89
CA ASP A 432 32.16 161.76 -0.26
CA PRO A 433 34.88 162.38 -2.80
CA GLN A 434 35.72 165.87 -3.87
CA GLY A 435 33.48 166.09 -6.88
CA ASN A 436 32.14 162.83 -8.18
CA GLY A 437 28.74 163.95 -6.95
CA VAL A 438 27.88 160.62 -5.33
CA TRP A 439 24.37 159.87 -4.20
CA SER A 440 23.57 158.83 -0.63
CA SER A 441 22.50 155.30 -1.27
CA PRO A 442 21.21 152.89 -3.77
CA ALA A 443 17.85 153.37 -5.34
CA PRO A 444 14.79 151.61 -4.18
CA ARG A 445 13.34 148.57 -5.89
CA CYS A 446 9.85 148.08 -7.26
CA GLY A 447 9.67 148.55 -9.94
CA ILE A 448 11.69 149.07 -13.35
CA LEU A 449 14.87 147.18 -14.63
CA GLY A 450 15.13 146.51 -18.48
CA HIS A 451 17.76 143.81 -19.29
CA CYS A 452 17.48 140.25 -20.77
CA GLN A 453 15.11 138.18 -18.73
CA ALA A 454 16.19 134.95 -17.14
CA PRO A 455 17.46 132.53 -19.66
CA ASP A 456 15.20 129.67 -20.55
CA HIS A 457 16.01 126.22 -19.27
CA PHE A 458 18.06 124.15 -21.69
CA LEU A 459 17.87 121.03 -19.54
CA PHE A 460 20.61 119.66 -21.76
CA ALA A 461 23.03 122.09 -20.19
CA LYS A 462 23.79 123.16 -16.63
CA LEU A 463 24.59 126.78 -15.97
CA LYS A 464 28.19 127.51 -15.25
CA THR A 465 28.52 131.21 -14.55
CA GLN A 466 28.44 133.14 -11.36
CA THR A 467 25.05 134.68 -11.13
CA ASN A 468 23.09 136.30 -8.33
CA ALA A 469 20.12 137.91 -9.99
CA SER A 470 17.05 137.19 -12.07
CA ASP A 471 17.51 139.98 -14.59
CA PHE A 472 20.65 139.78 -16.67
CA PRO A 473 22.24 142.83 -18.11
CA ILE A 474 22.39 143.26 -21.87
CA GLY A 475 25.66 142.34 -23.48
CA THR A 476 26.72 139.30 -21.53
CA SER A 477 27.28 135.68 -22.48
CA LEU A 478 26.17 133.08 -20.01
CA LYS A 479 28.15 129.87 -19.92
CA TYR A 480 26.30 126.57 -20.11
CA GLU A 481 27.85 123.13 -20.20
CA CYS A 482 26.00 120.28 -21.84
CA ARG A 483 25.33 117.10 -19.89
CA PRO A 484 27.57 114.08 -20.15
CA GLU A 485 24.89 112.59 -22.38
CA TYR A 486 25.75 115.35 -24.83
CA TYR A 487 28.87 116.73 -26.47
CA GLY A 488 29.48 120.11 -28.09
CA ARG A 489 31.73 122.12 -25.76
CA PRO A 490 30.49 124.79 -23.47
CA PHE A 491 28.51 127.45 -25.28
CA SER A 492 27.05 130.72 -24.18
CA ILE A 493 23.98 132.77 -24.95
CA THR A 494 24.70 136.41 -25.58
CA CYS A 495 22.31 138.92 -24.18
CA LEU A 496 21.50 141.08 -27.16
CA ASP A 497 19.74 144.40 -26.89
CA ASN A 498 16.15 143.39 -27.22
CA LEU A 499 16.01 141.46 -24.00
CA VAL A 500 16.64 138.26 -25.87
CA TRP A 501 19.50 135.84 -25.83
CA SER A 502 21.37 134.90 -28.97
CA SER A 503 19.79 132.04 -30.80
CA PRO A 504 21.90 128.99 -30.42
CA LYS A 505 22.07 126.59 -33.32
CA ASP A 506 22.78 122.90 -33.14
CA VAL A 507 25.44 123.49 -30.51
CA CYS A 508 24.74 120.68 -28.07
CA LYS A 509 21.33 119.38 -27.48
CA ARG A 510 18.22 119.29 -29.97
CA LYS A 511 14.32 119.50 -29.71
CA SER A 512 13.06 117.86 -33.09
CA CYS A 513 12.84 113.87 -32.87
CA LYS A 514 14.28 110.54 -33.88
CA THR A 515 12.77 109.43 -37.14
CA PRO A 516 10.03 106.98 -36.63
CA PRO A 517 10.48 103.51 -37.93
CA ASP A 518 8.54 102.73 -41.07
CA PRO A 519 5.30 101.13 -40.18
CA VAL A 520 4.89 97.78 -41.81
CA ASN A 521 3.29 98.18 -45.19
CA GLY A 522 3.52 101.92 -44.93
CA MET A 523 5.89 104.85 -44.59
CA VAL A 524 6.07 108.32 -43.11
CA HIS A 525 6.83 111.28 -45.29
CA VAL A 526 8.42 114.34 -43.77
CA ILE A 527 7.02 117.54 -45.17
CA THR A 528 10.20 119.40 -44.40
CA ASP A 529 12.24 117.89 -41.58
CA ILE A 530 11.67 116.30 -38.23
CA GLN A 531 12.46 119.08 -35.82
CA VAL A 532 10.47 120.06 -32.78
CA GLY A 533 7.90 121.77 -34.97
CA SER A 534 7.39 119.99 -38.24
CA ARG A 535 4.84 117.23 -38.43
CA ILE A 536 5.27 114.09 -40.44
CA ASN A 537 2.47 112.56 -42.45
CA TYR A 538 1.84 108.83 -42.34
CA SER A 539 0.47 106.97 -45.30
CA CYS A 540 0.17 103.28 -46.01
CA THR A 541 0.75 101.19 -49.07
CA THR A 542 -2.26 101.41 -51.26
CA GLY A 543 -4.90 98.99 -50.09
CA HIS A 544 -3.98 99.22 -46.48
CA ARG A 545 -5.51 101.64 -44.06
CA LEU A 546 -3.51 103.40 -41.40
CA ILE A 547 -4.78 102.68 -37.89
CA GLY A 548 -3.74 105.16 -35.27
CA HIS A 549 -3.46 108.81 -36.19
CA SER A 550 -3.00 110.53 -39.52
CA SER A 551 -0.08 112.80 -38.77
CA ALA A 552 2.06 113.29 -35.73
CA GLU A 553 3.82 116.55 -34.97
CA CYS A 554 7.32 116.64 -33.52
CA ILE A 555 7.22 118.74 -30.40
CA LEU A 556 9.11 119.48 -27.24
CA SER A 557 7.86 118.99 -23.69
CA GLY A 558 10.81 120.67 -22.04
CA ASN A 559 13.08 117.84 -21.06
CA ALA A 560 13.12 116.12 -24.41
CA ALA A 561 11.54 116.26 -27.82
CA HIS A 562 9.03 113.64 -28.81
CA TRP A 563 6.20 113.09 -31.25
CA SER A 564 2.74 114.18 -30.25
CA THR A 565 1.43 110.78 -31.13
CA LYS A 566 2.90 107.34 -31.65
CA PRO A 567 3.06 105.96 -35.13
CA PRO A 568 0.09 104.11 -36.40
CA ILE A 569 -0.05 100.63 -37.89
CA CYS A 570 -1.48 99.58 -41.17
CA GLN A 571 -3.77 99.19 -39.39
CA ARG A 572 -3.00 101.39 -36.30
CA ILE A 573 -6.03 100.87 -33.74
CA PRO A 574 -8.01 97.50 -33.58
CA CYS A 575 -10.71 96.07 -31.10
CA GLY A 576 -10.10 94.41 -27.81
CA LEU A 577 -11.26 91.04 -26.68
CA PRO A 578 -14.83 90.12 -27.08
CA PRO A 579 -16.86 90.08 -23.93
CA THR A 580 -16.50 86.62 -22.47
CA ILE A 581 -19.59 84.69 -21.47
CA ALA A 582 -19.79 82.63 -18.36
CA ASN A 583 -19.47 78.97 -19.24
CA GLY A 584 -19.43 80.08 -22.84
CA ASP A 585 -16.33 79.22 -24.82
CA PHE A 586 -14.42 81.13 -27.45
CA ILE A 587 -13.33 80.10 -30.91
CA SER A 588 -12.95 81.33 -34.46
CA THR A 589 -10.07 83.16 -36.05
CA ASN A 590 -9.87 85.54 -33.14
CA ARG A 591 -7.22 84.61 -30.66
CA GLU A 592 -4.60 87.03 -29.46
CA ASN A 593 -4.08 89.53 -32.17
CA PHE A 594 -7.29 91.46 -32.34
CA HIS A 595 -7.29 94.22 -34.89
CA TYR A 596 -10.61 94.82 -36.55
CA GLY A 597 -13.31 92.88 -38.36
CA SER A 598 -12.38 89.64 -36.72
CA VAL A 599 -15.37 87.44 -36.00
CA VAL A 600 -15.72 85.22 -32.98
CA THR A 601 -18.09 82.35 -32.38
CA TYR A 602 -19.50 81.61 -28.97
CA ARG A 603 -20.48 78.33 -27.37
CA CYS A 604 -21.11 76.92 -23.94
CA ASN A 605 -19.70 74.10 -21.79
CA PRO A 606 -20.54 70.58 -22.79
CA GLY A 607 -18.88 68.94 -19.77
CA SER A 608 -16.45 67.57 -22.29
CA GLY A 609 -17.72 66.11 -25.50
CA GLY A 610 -21.20 67.57 -25.49
CA ARG A 611 -23.84 67.30 -22.85
CA LYS A 612 -27.16 68.86 -22.13
CA VAL A 613 -25.67 71.46 -19.91
CA PHE A 614 -26.18 75.15 -20.57
CA GLU A 615 -26.84 76.28 -24.09
CA LEU A 616 -25.91 79.36 -26.06
CA VAL A 617 -28.88 81.55 -26.93
CA GLY A 618 -28.87 84.69 -29.01
CA GLU A 619 -26.48 85.54 -31.81
CA PRO A 620 -23.86 82.94 -31.63
CA SER A 621 -21.34 85.18 -33.28
CA ILE A 622 -20.12 88.76 -33.07
CA TYR A 623 -17.57 90.80 -34.94
CA CYS A 624 -15.25 93.75 -34.42
CA THR A 625 -16.63 97.06 -35.58
CA SER A 626 -16.47 100.77 -34.87
CA ASN A 627 -19.02 103.19 -33.50
CA ASP A 628 -17.02 105.64 -31.47
CA ASP A 629 -13.47 106.40 -32.18
CA GLN A 630 -10.94 103.73 -31.77
CA VAL A 631 -12.01 101.67 -28.79
CA GLY A 632 -12.88 98.72 -30.93
CA ILE A 633 -16.42 98.11 -29.77
CA TRP A 634 -18.07 94.89 -30.98
CA SER A 635 -21.34 94.52 -32.93
CA GLY A 636 -23.70 93.43 -30.24
CA PRO A 637 -24.19 91.73 -27.03
CA ALA A 638 -22.89 88.30 -26.47
CA PRO A 639 -25.14 85.37 -26.15
CA GLN A 640 -26.11 83.68 -22.91
CA CYS A 641 -26.01 80.12 -21.69
CA ILE A 642 -26.12 79.10 -18.09
CA ILE A 643 -25.05 80.78 -14.85
CA PRO A 644 -21.30 79.87 -13.57
CA ASN A 645 -21.06 76.13 -12.74
CA LYS A 646 -21.33 75.19 -8.78
CA CYS A 647 -22.16 75.06 -5.76
CA THR A 648 -23.00 71.42 -5.43
CA PRO A 649 -24.15 69.64 -2.39
CA PRO A 650 -21.86 69.79 0.55
CA ASN A 651 -19.80 66.70 1.13
CA VAL A 652 -19.82 65.90 4.80
CA GLU A 653 -20.26 62.53 6.39
CA ASN A 654 -22.11 62.06 9.67
CA GLY A 655 -22.93 65.76 9.87
CA ILE A 656 -26.17 66.88 8.28
CA LEU A 657 -26.60 70.41 7.01
CA VAL A 658 -29.22 72.40 8.97
CA SER A 659 -29.94 75.45 6.84
CA ASP A 660 -31.86 75.59 3.62
CA ASN A 661 -30.92 72.55 1.65
CA ARG A 662 -31.10 73.19 -2.06
CA SER A 663 -30.46 71.01 -5.03
CA LEU A 664 -28.36 73.59 -6.75
CA PHE A 665 -26.94 76.28 -4.54
CA SER A 666 -25.78 79.64 -5.73
CA LEU A 667 -23.18 82.07 -4.60
CA ASN A 668 -23.49 83.25 -1.04
CA GLU A 669 -25.41 80.25 -0.01
CA VAL A 670 -24.31 79.41 3.49
CA VAL A 671 -24.89 76.11 5.14
CA GLU A 672 -24.32 75.13 8.74
CA PHE A 673 -23.63 71.55 9.68
CA ARG A 674 -24.71 69.79 12.79
CA CYS A 675 -23.19 66.49 13.72
CA GLN A 676 -25.12 63.33 14.45
CA PRO A 677 -25.39 62.36 18.02
CA GLY A 678 -22.13 61.01 19.33
CA PHE A 679 -20.06 62.89 16.80
CA VAL A 680 -18.04 66.08 17.09
CA MET A 681 -17.29 68.55 14.36
CA LYS A 682 -13.73 69.16 13.42
CA GLY A 683 -13.66 72.25 11.27
CA PRO A 684 -15.84 75.25 10.69
CA ARG A 685 -19.52 74.70 11.36
CA ARG A 686 -20.70 76.76 8.41
CA VAL A 687 -19.62 76.86 4.81
CA LYS A 688 -20.33 79.50 2.22
CA CYS A 689 -20.20 79.19 -1.52
CA GLN A 690 -17.54 81.20 -3.21
CA ALA A 691 -17.46 82.73 -6.67
CA LEU A 692 -14.97 79.99 -7.38
CA ASN A 693 -17.83 77.58 -6.81
CA LYS A 694 -15.79 75.96 -4.10
CA TRP A 695 -16.82 75.91 -0.50
CA GLU A 696 -14.94 78.17 1.84
CA PRO A 697 -13.80 77.25 4.19
CA GLU A 698 -13.44 73.66 3.06
CA LEU A 699 -16.06 71.27 4.33
CA PRO A 700 -15.70 69.97 7.83
CA SER A 701 -15.95 66.39 8.95
CA CYS A 702 -17.85 65.02 11.88
CA SER A 703 -15.64 61.96 10.17
CA ARG A 704 -13.31 63.40 7.47
CA VAL A 705 -11.58 60.58 5.27
CA CYS A 706 -14.70 58.99 3.29
CA GLN A 707 -18.30 59.57 4.22
CA PRO A 708 -19.83 58.22 7.31
CA PRO A 709 -20.37 54.52 7.29
CA PRO A 710 -23.70 53.06 6.49
CA ASP A 711 -25.78 52.28 9.50
CA VAL A 712 -27.35 48.92 9.98
CA LEU A 713 -30.81 48.56 11.39
CA HIS A 714 -30.19 46.31 14.29
CA ALA A 715 -26.58 46.84 15.07
CA GLU A 716 -24.14 49.46 16.20
CA ARG A 717 -20.97 50.83 14.81
CA THR A 718 -17.76 50.52 16.71
CA GLN A 719 -17.96 54.26 16.69
CA ARG A 720 -14.26 54.58 16.53
CA ASP A 721 -13.68 58.11 15.32
CA LYS A 722 -17.12 57.89 13.85
CA ASP A 723 -17.17 61.62 13.40
CA ASN A 724 -14.48 61.54 10.79
CA PHE A 725 -12.99 58.67 8.93
CA SER A 726 -9.69 59.24 7.24
CA PRO A 727 -8.76 57.15 4.34
CA GLY A 728 -7.45 53.69 5.11
CA GLN A 729 -9.35 53.69 8.34
CA GLU A 730 -11.46 50.72 9.19
CA VAL A 731 -14.75 50.61 10.98
CA PHE A 732 -16.19 47.65 12.82
CA TYR A 733 -19.84 46.67 12.94
CA SER A 734 -21.39 44.83 15.83
CA CYS A 735 -24.85 43.46 16.43
CA GLU A 736 -27.04 43.47 19.50
CA PRO A 737 -27.20 40.36 21.53
CA GLY A 738 -29.31 37.76 19.81
CA TYR A 739 -28.17 38.98 16.43
CA ASP A 740 -25.54 37.61 14.10
CA LEU A 741 -23.61 39.53 11.50
CA ARG A 742 -23.80 38.55 7.89
CA GLY A 743 -20.99 39.69 5.67
CA ALA A 744 -17.61 41.12 6.49
CA ALA A 745 -17.63 42.68 9.92
CA SER A 746 -15.17 45.37 9.03
CA MET A 747 -15.21 47.94 6.28
CA ARG A 748 -12.26 49.94 5.13
CA CYS A 749 -12.12 53.26 3.41
CA THR A 750 -10.12 53.22 0.26
CA PRO A 751 -7.34 55.67 0.03
CA GLN A 752 -9.60 57.09 -2.60
CA GLY A 753 -13.30 56.56 -2.63
CA ASP A 754 -16.05 55.38 -0.38
CA TRP A 755 -16.24 52.29 1.76
CA SER A 756 -15.06 49.24 -0.06
CA PRO A 757 -17.68 46.72 0.98
CA ALA A 758 -21.36 46.96 1.73
CA ALA A 759 -22.33 47.04 5.36
CA PRO A 760 -23.05 43.89 7.23
CA THR A 761 -26.55 42.90 8.13
CA CYS A 762 -27.63 41.62 11.50
CA GLU A 763 -30.61 42.50 13.40
CA VAL A 764 -33.91 43.54 11.48
CA LYS A 765 -35.51 45.43 14.76
CA SER A 766 -37.07 48.87 13.60
CA CYS A 767 -40.10 47.99 11.49
CA ASP A 768 -42.14 44.93 10.79
CA ASP A 769 -40.84 43.61 7.53
CA PHE A 770 -44.19 42.44 6.46
CA MET A 771 -45.73 45.63 5.44
CA GLY A 772 -48.68 43.81 3.97
CA GLN A 773 -49.29 44.00 0.27
CA LEU A 774 -52.15 46.17 -0.83
CA LEU A 775 -54.77 44.53 -2.93
CA ASN A 776 -54.41 45.69 -6.49
CA GLY A 777 -51.32 47.63 -5.57
CA ARG A 778 -47.73 47.15 -4.60
CA VAL A 779 -45.34 48.30 -1.92
CA LEU A 780 -41.90 49.33 -2.97
CA PHE A 781 -39.05 49.33 -0.51
CA PRO A 782 -36.69 52.00 -1.60
CA VAL A 783 -33.99 50.72 0.68
CA ASN A 784 -34.82 48.69 3.70
CA LEU A 785 -37.32 48.95 6.48
CA GLN A 786 -35.15 50.58 9.11
CA LEU A 787 -35.84 53.33 11.62
CA GLY A 788 -35.79 55.94 8.93
CA ALA A 789 -36.58 54.15 5.67
CA LYS A 790 -39.58 55.19 3.63
CA VAL A 791 -41.79 52.79 1.76
CA ASP A 792 -43.84 53.91 -1.21
CA PHE A 793 -47.26 52.73 -2.25
CA VAL A 794 -48.50 52.65 -5.82
CA CYS A 795 -51.39 50.94 -7.48
CA ASP A 796 -52.17 49.31 -10.75
CA GLU A 797 -53.61 51.43 -13.50
CA GLY A 798 -57.27 52.05 -12.90
CA PHE A 799 -57.06 52.03 -9.15
CA GLN A 800 -56.11 55.03 -7.11
CA LEU A 801 -54.62 55.01 -3.66
CA LYS A 802 -56.83 55.97 -0.83
CA GLY A 803 -54.55 56.85 1.99
CA SER A 804 -51.01 58.07 2.27
CA SER A 805 -48.60 57.68 -0.59
CA ALA A 806 -45.75 56.57 1.62
CA SER A 807 -45.09 55.39 5.11
CA TYR A 808 -41.98 56.13 7.10
CA CYS A 809 -40.61 53.70 9.59
CA VAL A 810 -40.29 55.75 12.73
CA LEU A 811 -39.31 55.29 16.33
CA ALA A 812 -41.88 56.16 18.94
CA GLY A 813 -41.66 54.92 22.45
CA MET A 814 -39.48 51.89 22.90
CA GLU A 815 -40.27 50.32 19.56
CA SER A 816 -40.47 51.51 16.01
CA LEU A 817 -43.58 51.31 13.92
CA TRP A 818 -44.68 52.53 10.52
CA ASN A 819 -45.93 56.10 10.48
CA SER A 820 -49.00 55.46 8.46
CA SER A 821 -51.40 52.61 8.05
CA VAL A 822 -51.30 50.97 4.69
CA PRO A 823 -53.48 52.62 2.15
CA VAL A 824 -55.99 50.69 0.13
CA CYS A 825 -56.65 51.08 -3.51
CA GLU A 826 -60.31 51.81 -4.25
CA GLN A 827 -62.90 49.70 -2.59
CA ILE A 828 -66.30 50.10 -0.64
CA PHE A 829 -69.05 47.99 1.20
CA CYS A 830 -68.01 44.30 2.43
CA PRO A 831 -68.48 40.79 3.53
CA SER A 832 -65.74 39.12 5.48
CA PRO A 833 -62.75 38.35 3.45
CA PRO A 834 -61.82 34.88 2.38
CA VAL A 835 -60.21 32.59 5.00
CA ILE A 836 -57.16 31.14 3.15
CA PRO A 837 -55.68 27.97 4.42
CA ASN A 838 -52.37 28.05 6.23
CA GLY A 839 -52.60 31.79 6.16
CA ARG A 840 -54.12 34.47 8.27
CA HIS A 841 -55.61 37.90 7.91
CA THR A 842 -53.53 40.58 9.45
CA GLY A 843 -54.98 43.59 11.18
CA LYS A 844 -58.38 42.16 10.48
CA PRO A 845 -61.15 44.39 11.45
CA LEU A 846 -64.03 42.45 12.76
CA GLU A 847 -67.21 42.29 10.77
CA VAL A 848 -66.41 45.60 9.34
CA PHE A 849 -64.78 46.41 6.09
CA PRO A 850 -65.76 49.65 4.62
CA PHE A 851 -65.46 50.11 0.94
CA GLY A 852 -62.00 50.84 -0.23
CA LYS A 853 -60.59 49.09 2.79
CA ALA A 854 -57.76 46.73 2.13
CA VAL A 855 -56.92 43.47 3.82
CA ASN A 856 -53.50 41.88 3.83
CA TYR A 857 -52.91 38.16 3.89
CA THR A 858 -49.88 36.39 5.29
CA CYS A 859 -48.84 32.78 5.58
CA ASP A 860 -47.91 30.84 8.68
CA PRO A 861 -44.35 31.48 9.58
CA HIS A 862 -44.56 28.63 12.03
CA PRO A 863 -43.99 30.20 15.38
CA ASP A 864 -41.59 32.98 14.43
CA ARG A 865 -40.81 33.21 10.75
CA GLY A 866 -39.46 30.50 8.62
CA THR A 867 -39.40 28.41 5.52
CA SER A 868 -43.00 27.46 5.62
CA PHE A 869 -45.75 28.17 3.17
CA ASP A 870 -45.17 31.28 1.13
CA LEU A 871 -47.88 33.42 -0.32
CA ILE A 872 -48.68 33.11 -3.99
CA GLY A 873 -50.81 35.67 -5.78
CA GLU A 874 -51.98 39.10 -4.73
CA SER A 875 -51.11 39.53 -1.11
CA THR A 876 -53.75 42.16 -0.65
CA ILE A 877 -57.30 42.68 -1.75
CA ARG A 878 -59.52 45.72 -1.54
CA CYS A 879 -63.23 46.13 -1.17
CA THR A 880 -65.09 47.54 -4.11
CA SER A 881 -68.61 47.37 -5.46
CA ASP A 882 -69.43 45.89 -8.84
CA PRO A 883 -73.03 45.39 -7.79
CA GLN A 884 -74.81 48.05 -5.84
CA GLY A 885 -74.11 46.77 -2.39
CA ASN A 886 -72.89 43.21 -2.14
CA GLY A 887 -69.54 44.63 -1.11
CA VAL A 888 -67.54 42.38 -3.42
CA TRP A 889 -63.79 42.08 -3.06
CA SER A 890 -61.42 42.75 -5.94
CA SER A 891 -60.12 39.27 -6.48
CA PRO A 892 -59.60 35.95 -4.96
CA ALA A 893 -57.32 35.50 -2.02
CA PRO A 894 -53.81 34.34 -2.31
CA ARG A 895 -52.70 30.80 -1.62
CA CYS A 896 -50.08 29.59 0.82
CA GLY A 897 -50.39 29.20 3.40
CA ILE A 898 -49.95 29.82 7.20
CA LEU A 899 -52.06 27.40 9.36
CA GLY A 900 -52.19 26.75 13.23
CA HIS A 901 -52.78 29.98 15.48
CA CYS A 902 -56.59 30.88 16.57
CA GLN A 903 -58.14 33.89 18.28
CA ALA A 904 -59.45 33.72 21.83
CA PRO A 905 -62.11 30.98 22.18
CA ASP A 906 -65.69 32.22 22.39
CA HIS A 907 -67.48 32.08 25.74
CA PHE A 908 -69.52 28.95 26.31
CA LEU A 909 -70.84 30.00 29.73
CA PHE A 910 -71.94 26.43 30.40
CA ALA A 911 -68.28 25.42 30.56
CA LYS A 912 -65.34 26.75 32.59
CA LEU A 913 -61.84 26.78 31.08
CA LYS A 914 -59.63 23.93 32.31
CA THR A 915 -56.21 24.19 30.70
CA GLN A 916 -52.95 26.09 31.24
CA THR A 917 -53.23 29.43 29.45
CA ASN A 918 -51.34 32.72 29.62
CA ALA A 919 -52.09 34.47 26.34
CA SER A 920 -54.97 35.78 24.22
CA ASP A 921 -53.83 34.37 20.87
CA PHE A 922 -53.81 30.57 20.83
CA PRO A 923 -51.55 28.56 18.47
CA ILE A 924 -53.31 26.50 15.80
CA GLY A 925 -53.25 22.78 16.52
CA THR A 926 -54.26 22.67 20.17
CA SER A 927 -57.38 21.49 21.98
CA LEU A 928 -58.58 23.63 24.88
CA LYS A 929 -60.22 21.74 27.76
CA TYR A 930 -63.60 22.95 29.02
CA GLU A 931 -65.69 21.39 31.79
CA CYS A 932 -69.46 21.94 31.75
CA ARG A 933 -71.24 23.45 34.76
CA PRO A 934 -72.91 21.32 37.50
CA GLU A 935 -76.32 21.91 35.90
CA TYR A 936 -74.88 20.24 32.78
CA TYR A 937 -73.67 16.82 31.66
CA GLY A 938 -71.44 15.67 28.81
CA ARG A 939 -67.91 15.12 30.14
CA PRO A 940 -65.05 17.62 29.54
CA PHE A 941 -64.65 18.33 25.82
CA SER A 942 -62.17 20.50 23.92
CA ILE A 943 -62.08 22.82 20.91
CA THR A 944 -59.26 22.07 18.47
CA CYS A 945 -57.57 24.97 16.64
CA LEU A 946 -57.73 23.78 13.06
CA ASP A 947 -55.96 26.27 10.79
CA ASN A 948 -58.36 28.96 9.60
CA LEU A 949 -57.90 30.58 13.00
CA VAL A 950 -60.99 28.75 14.08
CA TRP A 951 -61.94 26.26 16.73
CA SER A 952 -63.40 22.85 15.86
CA SER A 953 -67.18 23.00 15.71
CA PRO A 954 -68.53 21.27 18.84
CA LYS A 955 -71.78 19.36 18.37
CA ASP A 956 -74.29 18.47 21.07
CA VAL A 957 -71.53 17.75 23.59
CA CYS A 958 -72.66 19.85 26.54
CA LYS A 959 -74.54 18.27 28.44
CA ARG A 960 -71.68 15.79 28.91
CA LYS A 961 -71.18 12.27 30.47
CA SER A 962 -68.47 12.96 33.17
CA CYS A 963 -69.46 10.98 36.46
CA LYS A 964 -67.03 10.31 39.23
CA THR A 965 -66.67 6.66 39.99
CA PRO A 966 -68.48 5.59 43.07
CA PRO A 967 -66.59 4.60 46.10
CA ASP A 968 -66.18 0.90 46.61
CA PRO A 969 -69.14 -0.33 48.48
CA VAL A 970 -68.57 -2.03 51.77
CA ASN A 971 -67.62 -5.61 51.27
CA GLY A 972 -68.23 -5.02 47.60
CA MET A 973 -66.83 -3.72 44.35
CA VAL A 974 -68.19 -1.59 41.51
CA HIS A 975 -67.72 -2.80 37.98
CA VAL A 976 -67.79 -0.81 34.78
CA ILE A 977 -69.13 -2.44 31.72
CA THR A 978 -67.68 -0.37 28.89
CA ASP A 979 -66.64 3.04 30.16
CA ILE A 980 -67.25 6.09 32.38
CA GLN A 981 -68.91 8.03 29.54
CA VAL A 982 -72.34 9.50 30.17
CA GLY A 983 -75.24 7.46 28.87
CA SER A 984 -73.67 4.23 30.06
CA ARG A 985 -74.99 1.89 32.71
CA ILE A 986 -72.60 0.19 35.11
CA ASN A 987 -73.31 -2.43 37.72
CA TYR A 988 -72.50 -3.01 41.38
CA SER A 989 -71.59 -6.19 43.22
CA CYS A 990 -70.97 -7.40 46.75
CA THR A 991 -69.78 -10.36 48.78
CA THR A 992 -71.66 -13.55 48.23
CA GLY A 993 -74.67 -13.65 50.51
CA HIS A 994 -75.16 -9.91 50.50
CA ARG A 995 -78.19 -8.53 48.73
CA LEU A 996 -77.78 -5.20 47.00
CA ILE A 997 -79.89 -2.67 48.80
CA GLY A 998 -80.63 -0.48 45.86
CA HIS A 999 -80.98 -0.65 42.10
CA SER A 1000 -77.90 -2.78 41.48
CA SER A 1001 -77.39 -0.44 38.56
CA ALA A 1002 -76.48 3.15 37.77
CA GLU A 1003 -76.88 5.86 35.13
CA CYS A 1004 -74.43 8.68 34.55
CA ILE A 1005 -76.68 11.68 34.58
CA LEU A 1006 -75.76 15.32 34.68
CA SER A 1007 -77.42 17.39 37.35
CA GLY A 1008 -76.01 20.34 35.44
CA ASN A 1009 -73.40 21.44 37.90
CA THR A 1010 -71.95 18.00 38.31
CA ALA A 1011 -72.47 14.61 36.76
CA HIS A 1012 -73.05 11.73 39.12
CA TRP A 1013 -74.65 8.33 39.24
CA SER A 1014 -78.38 8.17 39.83
CA THR A 1015 -78.00 5.48 42.42
CA LYS A 1016 -77.11 6.03 46.02
CA PRO A 1017 -74.16 4.20 47.45
CA PRO A 1018 -75.14 0.62 47.62
CA ILE A 1019 -75.26 -1.25 50.90
CA CYS A 1020 -74.78 -4.88 51.81
CA GLN A 1021 -72.92 -4.62 55.18
CA ARG A 1022 -74.66 -5.75 58.38
CA ILE A 1023 -72.35 -8.72 59.30
CA PRO A 1024 -73.48 -11.30 62.06
CA CYS A 1025 -69.93 -12.94 61.74
CA GLY A 1026 -68.90 -16.44 62.79
CA LEU A 1027 -65.44 -17.99 62.89
CA PRO A 1028 -62.98 -17.30 60.02
CA PRO A 1029 -62.26 -20.12 57.52
CA THR A 1030 -59.51 -22.01 59.29
CA ILE A 1031 -56.77 -23.31 57.00
CA ALA A 1032 -55.25 -26.73 57.67
CA ASN A 1033 -51.97 -26.53 59.60
CA GLY A 1034 -52.50 -22.79 59.84
CA ASP A 1035 -53.17 -21.45 63.33
CA PHE A 1036 -55.27 -18.47 64.41
CA ILE A 1037 -54.54 -15.33 66.46
CA SER A 1038 -55.32 -11.61 66.70
CA THR A 1039 -58.22 -10.02 68.60
CA ASN A 1040 -60.74 -12.60 67.43
CA ARG A 1041 -61.26 -15.49 69.88
CA GLU A 1042 -64.97 -16.16 70.40
CA ASN A 1043 -66.87 -12.88 70.80
CA PHE A 1044 -67.17 -12.49 67.00
CA HIS A 1045 -69.45 -9.67 65.83
CA TYR A 1046 -68.06 -7.95 62.71
CA GLY A 1047 -64.97 -6.15 61.41
CA SER A 1048 -62.78 -8.17 63.78
CA VAL A 1049 -59.49 -9.03 62.07
CA VAL A 1050 -57.58 -12.31 62.44
CA THR A 1051 -53.97 -13.15 61.60
CA TYR A 1052 -53.30 -16.58 60.09
CA ARG A 1053 -50.14 -18.67 60.35
CA CYS A 1054 -48.99 -22.29 60.17
CA ASN A 1055 -47.52 -25.10 62.30
CA LEU A 1056 -43.87 -24.96 63.35
CA GLY A 1057 -43.41 -27.95 65.61
CA SER A 1058 -44.01 -25.87 68.73
CA ARG A 1059 -41.48 -23.02 68.55
CA GLY A 1060 -40.74 -22.13 64.94
CA ARG A 1061 -39.42 -24.64 62.42
CA LYS A 1062 -39.19 -25.21 58.66
CA VAL A 1063 -42.52 -27.01 58.38
CA PHE A 1064 -45.12 -25.41 56.12
CA GLU A 1065 -45.48 -21.64 55.70
CA LEU A 1066 -48.42 -19.27 55.20
CA VAL A 1067 -48.74 -17.79 51.75
CA GLY A 1068 -51.16 -15.14 50.53
CA GLU A 1069 -53.68 -13.08 52.51
CA PRO A 1070 -51.91 -13.67 55.87
CA SER A 1071 -54.84 -11.74 57.36
CA ILE A 1072 -58.62 -11.41 56.95
CA TYR A 1073 -61.60 -9.70 58.53
CA CYS A 1074 -65.36 -9.98 58.99
CA THR A 1075 -67.53 -8.48 56.28
CA SER A 1076 -70.86 -8.95 54.47
CA ASN A 1077 -72.09 -10.17 51.10
CA ASP A 1078 -75.41 -11.91 51.78
CA ASP A 1079 -77.30 -10.22 54.61
CA GLN A 1080 -76.58 -11.93 57.94
CA VAL A 1081 -74.37 -15.07 58.19
CA GLY A 1082 -71.33 -12.83 58.52
CA ILE A 1083 -69.17 -14.07 55.65
CA TRP A 1084 -65.48 -13.17 55.80
CA SER A 1085 -63.20 -12.22 52.91
CA GLY A 1086 -61.66 -15.52 51.83
CA PRO A 1087 -59.62 -18.57 52.98
CA ALA A 1088 -56.79 -17.74 50.57
CA PRO A 1089 -53.94 -18.42 53.08
CA GLN A 1090 -52.16 -21.74 52.49
CA CYS A 1091 -49.19 -23.59 53.97
CA ILE A 1092 -46.15 -24.52 51.69
CA ILE A 1093 -45.19 -28.03 53.19
CA PRO A 1094 -47.61 -31.12 53.94
CA ASN A 1095 -46.10 -34.16 56.02
CA LYS A 1096 -47.96 -37.47 56.75
CA CYS A 1097 -48.55 -40.72 56.28
CA THR A 1098 -46.56 -43.51 57.80
CA PRO A 1099 -47.00 -47.15 57.25
CA PRO A 1100 -50.35 -48.54 58.12
CA ASN A 1101 -50.52 -50.35 61.40
CA VAL A 1102 -52.51 -53.52 60.94
CA GLU A 1103 -51.67 -56.93 62.27
CA ASN A 1104 -52.47 -60.09 60.34
CA GLY A 1105 -53.83 -58.10 57.42
CA ILE A 1106 -51.38 -57.14 54.69
CA LEU A 1107 -51.96 -54.09 52.54
CA VAL A 1108 -52.58 -54.96 48.86
CA SER A 1109 -52.20 -51.68 47.00
CA ASP A 1110 -49.02 -49.81 46.30
CA ASN A 1111 -46.89 -50.07 49.37
CA ARG A 1112 -44.69 -47.05 49.78
CA SER A 1113 -42.12 -46.12 52.35
CA LEU A 1114 -43.49 -42.65 52.79
CA PHE A 1115 -47.03 -42.14 51.64
CA SER A 1116 -48.54 -38.82 50.77
CA LEU A 1117 -51.98 -37.36 50.92
CA ASN A 1118 -54.63 -39.26 49.07
CA GLU A 1119 -52.74 -42.44 49.21
CA VAL A 1120 -55.27 -45.19 49.65
CA VAL A 1121 -54.45 -48.65 50.82
CA GLU A 1122 -56.65 -51.71 50.92
CA PHE A 1123 -56.01 -54.46 53.39
CA ARG A 1124 -56.54 -58.14 52.86
CA CYS A 1125 -56.50 -60.49 55.78
CA GLN A 1126 -54.35 -63.55 56.08
CA PRO A 1127 -56.03 -66.82 55.56
CA GLY A 1128 -58.20 -67.72 58.50
CA PHE A 1129 -58.71 -64.13 59.53
CA VAL A 1130 -61.60 -61.75 59.03
CA MET A 1131 -61.45 -58.00 58.77
CA LYS A 1132 -63.26 -55.95 61.32
CA GLY A 1133 -63.37 -52.42 60.02
CA PRO A 1134 -63.08 -50.69 56.70
CA ARG A 1135 -61.03 -52.53 54.11
CA ARG A 1136 -59.39 -49.43 52.71
CA VAL A 1137 -57.76 -46.48 54.39
CA LYS A 1138 -56.89 -43.13 52.90
CA CYS A 1139 -54.41 -40.60 54.13
CA GLN A 1140 -55.85 -37.36 55.34
CA ALA A 1141 -54.39 -33.88 55.34
CA LEU A 1142 -54.15 -34.43 59.06
CA ASN A 1143 -51.66 -37.16 58.25
CA LYS A 1144 -53.89 -39.59 60.08
CA TRP A 1145 -55.58 -42.49 58.42
CA GLU A 1146 -59.27 -42.22 57.84
CA PRO A 1147 -61.04 -44.17 58.66
CA GLU A 1148 -58.86 -45.56 61.42
CA LEU A 1149 -56.97 -48.72 60.58
CA PRO A 1150 -58.85 -51.95 60.76
CA SER A 1151 -57.75 -55.11 62.47
CA CYS A 1152 -57.84 -58.63 61.14
CA SER A 1153 -56.56 -61.97 61.91
CA ARG A 1154 -53.22 -62.32 59.89
CA VAL A 1155 -50.96 -59.40 61.07
CA CYS A 1156 -48.16 -59.64 58.20
CA GLN A 1157 -46.10 -57.37 56.01
CA PRO A 1158 -47.45 -55.99 52.85
CA PRO A 1159 -46.98 -58.35 49.99
CA PRO A 1160 -43.86 -58.28 47.97
CA GLU A 1161 -44.20 -56.42 44.75
CA ILE A 1162 -43.10 -58.11 41.62
CA LEU A 1163 -41.68 -56.35 38.63
CA HIS A 1164 -43.91 -56.30 35.60
CA GLY A 1165 -46.83 -57.33 37.74
CA GLU A 1166 -49.37 -55.91 40.13
CA HIS A 1167 -51.28 -57.07 43.12
CA THR A 1168 -54.95 -57.44 42.58
CA PRO A 1169 -56.60 -54.89 44.76
CA SER A 1170 -55.74 -55.94 48.24
CA HIS A 1171 -58.38 -55.58 50.84
CA GLN A 1172 -56.16 -53.58 53.06
CA ASP A 1173 -52.88 -51.79 53.11
CA ASN A 1174 -52.07 -54.21 55.86
CA PHE A 1175 -52.98 -57.86 55.91
CA SER A 1176 -54.45 -59.75 58.79
CA PRO A 1177 -53.57 -63.32 59.27
CA GLY A 1178 -55.08 -65.83 56.90
CA GLN A 1179 -55.38 -63.07 54.35
CA GLU A 1180 -54.78 -64.04 50.78
CA VAL A 1181 -53.36 -61.83 48.07
CA PHE A 1182 -53.45 -62.51 44.37
CA TYR A 1183 -50.87 -61.47 41.81
CA SER A 1184 -51.47 -60.54 38.22
CA CYS A 1185 -49.27 -59.44 35.42
CA GLU A 1186 -49.28 -57.02 32.53
CA PRO A 1187 -50.50 -58.16 29.21
CA GLY A 1188 -47.72 -59.91 27.39
CA TYR A 1189 -46.43 -61.40 30.61
CA ASP A 1190 -46.91 -64.87 31.97
CA LEU A 1191 -47.05 -65.64 35.61
CA ARG A 1192 -45.06 -68.56 36.86
CA GLY A 1193 -45.46 -69.90 40.34
CA ALA A 1194 -48.42 -69.76 42.67
CA ALA A 1195 -50.68 -66.88 41.84
CA SER A 1196 -51.77 -66.36 45.40
CA LEU A 1197 -49.95 -66.17 48.71
CA HIS A 1198 -51.47 -66.33 52.13
CA CYS A 1199 -50.33 -64.90 55.41
CA THR A 1200 -49.80 -67.32 58.24
CA PRO A 1201 -51.25 -66.56 61.59
CA GLN A 1202 -47.79 -65.62 62.62
CA GLY A 1203 -45.11 -64.83 60.19
CA ASP A 1204 -44.37 -63.69 56.71
CA TRP A 1205 -46.12 -64.74 53.58
CA SER A 1206 -45.87 -68.44 53.09
CA PRO A 1207 -44.73 -68.60 49.51
CA GLU A 1208 -42.43 -66.51 47.38
CA ALA A 1209 -44.16 -64.16 45.05
CA PRO A 1210 -44.70 -65.29 41.54
CA ARG A 1211 -42.57 -63.98 38.74
CA CYS A 1212 -43.72 -62.80 35.40
CA ALA A 1213 -41.17 -63.51 32.59
CA VAL A 1214 -41.62 -61.98 28.99
CA LYS A 1215 -43.01 -64.81 26.44
CA SER A 1216 -40.98 -67.94 27.46
CA CYS A 1217 -39.57 -69.59 24.03
CA ASP A 1218 -40.31 -71.89 21.17
CA ASP A 1219 -40.37 -75.40 22.47
CA PHE A 1220 -38.66 -76.60 19.41
CA LEU A 1221 -35.19 -75.94 20.60
CA GLY A 1222 -34.65 -78.91 18.37
CA GLN A 1223 -31.88 -81.43 18.59
CA LEU A 1224 -28.23 -81.21 17.70
CA PRO A 1225 -26.73 -83.96 15.68
CA HIS A 1226 -24.40 -86.02 17.84
CA GLY A 1227 -25.25 -83.93 20.82
CA ARG A 1228 -28.05 -83.33 23.23
CA VAL A 1229 -29.73 -80.34 24.71
CA LEU A 1230 -30.71 -80.45 28.31
CA PHE A 1231 -33.43 -78.26 29.63
CA PRO A 1232 -32.63 -78.01 33.27
CA LEU A 1233 -35.92 -76.47 34.14
CA ASN A 1234 -38.18 -75.65 31.24
CA LEU A 1235 -37.99 -73.16 28.45
CA GLN A 1236 -39.74 -70.13 29.90
CA LEU A 1237 -38.32 -66.68 29.87
CA GLY A 1238 -35.32 -66.92 32.13
CA ALA A 1239 -34.69 -70.64 31.73
CA LYS A 1240 -31.37 -71.63 30.25
CA VAL A 1241 -30.81 -74.66 28.10
CA SER A 1242 -27.40 -76.26 27.95
CA PHE A 1243 -25.75 -77.95 25.03
CA VAL A 1244 -23.37 -80.85 25.35
CA CYS A 1245 -22.10 -83.37 22.93
CA ASP A 1246 -21.01 -86.95 22.55
CA GLU A 1247 -17.55 -87.96 23.57
CA GLY A 1248 -15.14 -86.92 20.87
CA PHE A 1249 -17.28 -84.23 19.37
CA ARG A 1250 -17.02 -80.66 20.56
CA LEU A 1251 -19.70 -78.11 20.13
CA LYS A 1252 -19.16 -75.23 17.80
CA GLY A 1253 -21.19 -72.37 19.03
CA SER A 1254 -22.51 -71.28 22.36
CA SER A 1255 -22.43 -73.59 25.36
CA VAL A 1256 -25.75 -72.41 26.68
CA SER A 1257 -28.70 -70.47 25.40
CA HIS A 1258 -30.95 -68.42 27.58
CA CYS A 1259 -34.58 -67.85 26.91
CA VAL A 1260 -34.81 -64.10 27.08
CA LEU A 1261 -37.58 -61.62 26.91
CA VAL A 1262 -37.36 -58.74 24.57
CA GLY A 1263 -40.33 -56.46 24.46
CA MET A 1264 -41.52 -57.84 21.16
CA ARG A 1265 -41.44 -61.43 22.20
CA SER A 1266 -39.38 -64.00 23.95
CA LEU A 1267 -36.62 -65.67 22.02
CA TRP A 1268 -33.52 -67.74 22.60
CA ASN A 1269 -30.36 -65.81 23.23
CA ASN A 1270 -28.27 -67.81 20.85
CA SER A 1271 -28.78 -70.02 17.88
CA VAL A 1272 -28.20 -73.69 18.45
CA PRO A 1273 -24.67 -74.88 18.18
CA VAL A 1274 -23.52 -77.80 16.08
CA CYS A 1275 -21.11 -80.46 17.10
CA GLU A 1276 -20.36 -84.02 16.51
CA HIS A 1277 -22.93 -87.02 17.02
CA ILE A 1278 -26.45 -86.20 15.51
CA PHE A 1279 -26.80 -88.95 12.85
CA CYS A 1280 -25.60 -92.33 11.84
CA PRO A 1281 -23.74 -94.34 9.32
CA ASN A 1282 -25.05 -97.66 8.18
CA PRO A 1283 -24.87 -100.16 10.90
CA PRO A 1284 -22.07 -102.62 11.21
CA ALA A 1285 -22.76 -105.89 9.46
CA ILE A 1286 -22.05 -109.09 11.27
CA LEU A 1287 -21.04 -112.42 9.87
CA ASN A 1288 -23.67 -115.14 9.86
CA GLY A 1289 -26.16 -112.56 11.03
CA ARG A 1290 -28.47 -110.08 9.44
CA HIS A 1291 -30.06 -106.82 10.30
CA THR A 1292 -33.76 -106.51 10.50
CA GLY A 1293 -35.00 -104.25 7.73
CA THR A 1294 -33.17 -101.19 8.78
CA PRO A 1295 -33.68 -99.74 6.17
CA SER A 1296 -30.32 -98.18 5.54
CA GLY A 1297 -29.38 -94.89 4.10
CA ASP A 1298 -31.24 -93.13 6.82
CA ILE A 1299 -30.52 -93.82 10.40
CA PRO A 1300 -31.92 -90.99 12.32
CA TYR A 1301 -30.88 -90.12 15.82
CA GLY A 1302 -32.60 -92.37 18.27
CA LYS A 1303 -33.36 -95.02 15.72
CA GLU A 1304 -32.69 -98.57 16.77
CA ILE A 1305 -31.67 -101.54 14.73
CA SER A 1306 -31.89 -105.14 15.76
CA TYR A 1307 -29.59 -107.94 14.73
CA THR A 1308 -30.49 -111.57 14.25
CA CYS A 1309 -28.44 -114.65 13.58
CA ASP A 1310 -28.81 -117.28 10.88
CA PRO A 1311 -31.40 -119.80 11.71
CA HIS A 1312 -30.23 -121.89 8.81
CA PRO A 1313 -33.02 -121.86 6.34
CA ASP A 1314 -35.62 -122.57 8.99
CA ARG A 1315 -35.02 -121.55 12.55
CA GLY A 1316 -32.92 -123.59 14.84
CA MET A 1317 -30.08 -123.91 17.21
CA THR A 1318 -27.45 -122.63 14.90
CA PHE A 1319 -25.13 -119.73 15.36
CA ASN A 1320 -26.33 -117.80 18.37
CA LEU A 1321 -26.09 -114.12 19.02
CA ILE A 1322 -23.88 -112.94 21.81
CA GLY A 1323 -23.89 -109.41 23.12
CA GLU A 1324 -26.43 -106.64 22.80
CA SER A 1325 -28.93 -107.60 20.14
CA THR A 1326 -29.92 -104.03 19.50
CA ILE A 1327 -28.04 -100.81 18.98
CA ARG A 1328 -29.24 -97.23 18.81
CA CYS A 1329 -28.07 -94.11 17.01
CA THR A 1330 -26.80 -91.56 19.44
CA SER A 1331 -24.97 -88.31 19.31
CA ASP A 1332 -21.67 -87.32 20.76
CA PRO A 1333 -20.64 -83.78 20.25
CA HIS A 1334 -19.57 -84.79 16.80
CA GLY A 1335 -22.17 -84.15 14.16
CA ASN A 1336 -21.56 -87.58 12.79
CA GLY A 1337 -24.00 -89.76 14.65
CA VAL A 1338 -22.45 -92.69 16.40
CA TRP A 1339 -23.89 -96.04 17.31
CA SER A 1340 -24.06 -96.84 20.98
CA SER A 1341 -22.05 -100.01 20.96
CA PRO A 1342 -20.45 -102.54 18.76
CA ALA A 1343 -22.61 -105.08 17.02
CA PRO A 1344 -23.26 -108.48 18.41
CA ARG A 1345 -21.54 -111.64 17.21
CA CYS A 1346 -22.94 -114.92 15.91
CA GLU A 1347 -21.77 -118.53 16.73
CA LEU A 1348 -19.04 -120.44 14.82
CA SER A 1349 -17.82 -123.36 17.00
CA VAL A 1350 -14.15 -124.41 18.13
CA ARG A 1351 -14.62 -127.95 18.31
CA ALA A 1352 -13.32 -131.28 19.60
CA GLY A 1353 -9.54 -132.57 19.98
CA HIS A 1354 -8.77 -136.30 19.09
CA CYS A 1355 -5.90 -137.36 20.61
CA LYS A 1356 -6.31 -137.02 24.32
CA THR A 1357 -3.27 -137.23 26.52
CA PRO A 1358 -1.57 -140.52 26.16
CA GLU A 1359 -2.20 -143.04 28.88
CA GLN A 1360 0.69 -143.58 31.17
CA PHE A 1361 2.80 -146.65 30.59
CA PRO A 1362 4.93 -146.77 33.71
CA PHE A 1363 7.54 -148.81 31.88
CA ALA A 1364 8.37 -145.98 29.52
CA SER A 1365 9.21 -142.34 30.06
CA PRO A 1366 8.25 -139.80 27.48
CA THR A 1367 10.96 -138.57 25.18
CA ILE A 1368 9.58 -135.98 22.82
CA PRO A 1369 8.99 -132.30 22.83
CA ILE A 1370 5.65 -131.82 24.46
CA ASN A 1371 2.79 -129.99 22.90
CA ASP A 1372 0.14 -129.24 25.53
CA PHE A 1373 -2.36 -131.69 26.96
CA GLU A 1374 -4.13 -132.32 23.70
CA PHE A 1375 -2.11 -133.92 20.94
CA PRO A 1376 -2.90 -133.39 17.34
CA VAL A 1377 -3.85 -136.42 15.35
CA GLY A 1378 -1.17 -137.80 13.12
CA THR A 1379 1.77 -137.70 15.46
CA SER A 1380 3.91 -140.39 17.02
CA LEU A 1381 4.98 -139.85 20.57
CA ASN A 1382 8.34 -141.30 21.55
CA TYR A 1383 8.61 -143.35 24.72
CA GLU A 1384 11.73 -145.00 26.01
CA CYS A 1385 11.53 -148.03 28.23
CA ARG A 1386 13.15 -148.02 31.66
CA PRO A 1387 16.45 -149.64 32.19
CA GLY A 1388 15.00 -152.84 33.52
CA TYR A 1389 13.14 -153.12 30.25
CA PHE A 1390 14.21 -154.10 26.79
CA GLY A 1391 12.75 -153.13 23.48
CA LYS A 1392 13.55 -150.13 21.45
CA MET A 1393 12.03 -146.74 21.87
CA PHE A 1394 8.60 -147.01 20.37
CA SER A 1395 5.90 -144.49 19.64
CA ILE A 1396 2.14 -144.32 19.71
CA SER A 1397 0.65 -142.77 16.62
CA CYS A 1398 -2.45 -140.65 16.88
CA LEU A 1399 -4.63 -142.27 14.25
CA GLU A 1400 -7.67 -140.04 13.90
CA ASN A 1401 -10.14 -141.70 16.23
CA LEU A 1402 -8.46 -139.62 18.89
CA VAL A 1403 -6.96 -142.91 19.85
CA TRP A 1404 -3.35 -143.86 19.91
CA SER A 1405 -2.04 -146.78 17.93
CA SER A 1406 -2.31 -150.00 19.87
CA VAL A 1407 1.13 -151.10 20.91
CA GLU A 1408 1.88 -154.80 20.97
CA ASP A 1409 4.33 -156.41 23.32
CA ASN A 1410 7.00 -153.88 22.37
CA CYS A 1411 8.37 -153.21 25.81
CA ARG A 1412 9.06 -156.97 26.53
CA ARG A 1413 11.41 -157.21 29.28
CA LYS A 1414 11.94 -160.67 31.23
CA SER A 1415 13.95 -163.23 29.06
CA CYS A 1416 17.85 -162.65 28.74
CA GLY A 1417 21.15 -164.42 29.16
CA PRO A 1418 23.23 -163.02 31.94
CA PRO A 1419 25.73 -160.52 30.76
CA PRO A 1420 29.37 -161.27 31.27
CA GLU A 1421 30.95 -159.42 34.13
CA PRO A 1422 32.75 -156.46 32.73
CA PHE A 1423 36.36 -156.41 33.75
CA ASN A 1424 36.89 -154.24 36.79
CA GLY A 1425 33.18 -154.07 37.29
CA MET A 1426 30.04 -156.11 37.79
CA VAL A 1427 26.37 -156.01 36.98
CA HIS A 1428 23.82 -156.16 39.74
CA ILE A 1429 20.40 -157.55 39.11
CA ASN A 1430 17.75 -155.59 40.94
CA THR A 1431 15.32 -158.43 40.70
CA ASP A 1432 15.88 -160.94 37.95
CA THR A 1433 16.94 -161.00 34.35
CA GLN A 1434 13.51 -161.70 32.93
CA PHE A 1435 11.95 -159.60 30.28
CA GLY A 1436 11.20 -156.29 31.88
CA SER A 1437 13.89 -156.36 34.53
CA THR A 1438 16.69 -153.84 34.25
CA VAL A 1439 20.15 -154.58 35.47
CA ASN A 1440 22.53 -151.92 36.63
CA TYR A 1441 26.19 -151.79 35.81
CA SER A 1442 28.67 -150.53 38.34
CA CYS A 1443 32.41 -150.36 38.15
CA ASN A 1444 34.89 -150.73 40.98
CA GLU A 1445 35.83 -147.47 42.60
CA GLY A 1446 38.37 -145.62 40.52
CA PHE A 1447 37.35 -147.01 37.18
CA ARG A 1448 34.43 -145.48 35.34
CA LEU A 1449 32.02 -147.34 33.16
CA ILE A 1450 32.12 -146.50 29.48
CA GLY A 1451 28.78 -147.16 27.97
CA SER A 1452 25.30 -146.98 29.38
CA PRO A 1453 24.58 -147.19 33.02
CA SER A 1454 21.73 -149.68 32.90
CA THR A 1455 20.37 -152.17 30.43
CA THR A 1456 16.81 -153.42 30.35
CA CYS A 1457 15.85 -156.87 29.17
CA LEU A 1458 13.35 -156.43 26.35
CA VAL A 1459 11.80 -158.45 23.60
CA SER A 1460 12.02 -157.59 19.93
CA GLY A 1461 12.03 -159.61 16.76
CA ASN A 1462 10.39 -162.30 18.87
CA ASN A 1463 13.58 -162.79 20.87
CA VAL A 1464 14.55 -161.42 24.24
CA THR A 1465 17.67 -159.32 24.36
CA TRP A 1466 19.16 -156.50 26.39
CA ASP A 1467 18.36 -153.00 25.22
CA LYS A 1468 21.97 -151.99 25.30
CA LYS A 1469 25.36 -153.64 25.17
CA ALA A 1470 27.27 -153.97 28.41
CA PRO A 1471 29.63 -151.13 29.03
CA ILE A 1472 33.35 -151.45 29.69
CA CYS A 1473 35.26 -149.93 32.51
CA GLU A 1474 37.91 -151.04 34.68
CA ILE A 1475 39.91 -153.82 36.59
CA ILE A 1476 37.85 -153.78 40.08
CA SER A 1477 37.25 -157.74 39.39
CA CYS A 1478 40.16 -159.31 41.24
CA GLU A 1479 43.31 -161.18 40.38
CA PRO A 1480 45.41 -163.04 42.77
CA PRO A 1481 46.86 -161.02 45.55
CA PRO A 1482 50.45 -160.02 45.14
CA THR A 1483 52.53 -162.90 46.42
CA ILE A 1484 55.35 -162.08 48.75
CA SER A 1485 58.59 -163.93 48.68
CA ASN A 1486 58.80 -166.57 51.35
CA GLY A 1487 55.32 -165.56 52.36
CA ASP A 1488 52.57 -168.15 52.03
CA PHE A 1489 48.91 -167.75 51.12
CA TYR A 1490 45.77 -168.94 52.87
CA SER A 1491 42.20 -167.85 53.72
CA ASN A 1492 39.05 -168.25 51.68
CA ASN A 1493 40.81 -167.11 48.53
CA ARG A 1494 42.12 -169.97 46.44
CA THR A 1495 41.25 -169.78 42.81
CA SER A 1496 37.86 -168.34 42.14
CA PHE A 1497 38.59 -164.77 42.92
CA HIS A 1498 35.79 -162.32 42.32
CA ASN A 1499 35.92 -159.46 44.73
CA GLY A 1500 35.83 -158.80 48.44
CA THR A 1501 37.76 -161.95 49.21
CA VAL A 1502 40.25 -161.54 52.02
CA VAL A 1503 43.56 -163.31 52.10
CA THR A 1504 45.95 -163.84 54.98
CA TYR A 1505 49.70 -163.79 54.47
CA GLN A 1506 52.42 -165.66 56.31
CA CYS A 1507 56.06 -166.59 55.90
CA HIS A 1508 58.08 -169.75 55.54
CA THR A 1509 59.10 -171.65 58.63
CA GLY A 1510 61.09 -174.58 57.26
CA PRO A 1511 58.87 -177.23 58.47
CA ASP A 1512 55.82 -176.67 60.63
CA GLY A 1513 57.22 -173.54 62.21
CA GLU A 1514 60.51 -172.02 63.13
CA GLN A 1515 61.91 -168.63 63.57
CA LEU A 1516 62.96 -167.97 60.03
CA PHE A 1517 61.54 -164.85 58.42
CA GLU A 1518 58.40 -163.33 59.80
CA LEU A 1519 55.53 -161.38 58.30
CA VAL A 1520 55.51 -157.74 59.21
CA GLY A 1521 52.73 -155.39 58.34
CA GLU A 1522 49.03 -155.79 57.59
CA ARG A 1523 49.19 -159.54 57.34
CA SER A 1524 45.89 -159.42 55.52
CA ILE A 1525 44.42 -157.73 52.48
CA TYR A 1526 41.19 -157.77 50.54
CA CYS A 1527 39.91 -157.31 47.00
CA THR A 1528 38.60 -153.87 46.15
CA SER A 1529 38.27 -151.45 43.26
CA LYS A 1530 40.02 -148.18 42.52
CA ASP A 1531 40.25 -147.92 38.81
CA ASP A 1532 38.00 -149.87 36.57
CA GLN A 1533 38.51 -153.57 36.24
CA VAL A 1534 41.75 -155.35 37.10
CA GLY A 1535 40.50 -155.78 40.63
CA VAL A 1536 43.27 -154.06 42.56
CA TRP A 1537 43.76 -155.04 46.21
CA SER A 1538 43.62 -152.83 49.32
CA SER A 1539 47.19 -152.22 50.27
CA PRO A 1540 50.63 -153.48 49.81
CA PRO A 1541 51.55 -156.82 51.06
CA PRO A 1542 53.57 -157.53 54.10
CA ARG A 1543 57.23 -158.46 54.07
CA CYS A 1544 59.17 -161.17 55.78
CA ILE A 1545 62.48 -161.53 57.68
CA SER A 1546 66.22 -161.91 56.81
CA THR A 1547 66.05 -165.45 55.10
CA ASN A 1548 69.79 -165.54 53.54
CA LYS A 1549 72.88 -167.95 54.22
CA CYS A 1550 75.77 -165.96 55.59
CA THR A 1551 76.49 -162.71 57.32
CA ALA A 1552 76.76 -159.37 55.64
CA PRO A 1553 79.39 -159.32 53.04
CA GLU A 1554 81.87 -156.57 53.35
CA VAL A 1555 83.23 -154.71 50.39
CA GLU A 1556 84.89 -151.41 51.09
CA ASN A 1557 83.81 -148.58 48.80
CA ALA A 1558 81.42 -150.84 47.07
CA ILE A 1559 77.76 -151.38 47.76
CA ARG A 1560 75.57 -154.43 47.41
CA VAL A 1561 72.71 -153.73 45.00
CA PRO A 1562 70.59 -156.86 45.40
CA GLY A 1563 68.25 -157.49 48.27
CA ASN A 1564 70.05 -156.40 51.38
CA ARG A 1565 69.15 -158.78 54.12
CA SER A 1566 70.13 -159.05 57.73
CA PHE A 1567 70.68 -162.75 57.42
CA PHE A 1568 71.17 -164.30 54.00
CA SER A 1569 70.17 -167.88 53.61
CA LEU A 1570 71.87 -170.46 51.49
CA THR A 1571 71.75 -169.73 47.76
CA GLU A 1572 71.37 -166.05 48.31
CA ILE A 1573 73.22 -164.17 45.63
CA ILE A 1574 74.37 -160.63 45.97
CA ARG A 1575 75.93 -158.41 43.36
CA PHE A 1576 78.22 -155.53 44.14
CA ARG A 1577 78.46 -152.15 42.58
CA CYS A 1578 81.27 -149.75 43.21
CA GLN A 1579 80.95 -146.16 44.18
CA PRO A 1580 81.75 -143.77 41.41
CA GLY A 1581 85.47 -143.58 40.77
CA PHE A 1582 85.95 -147.20 41.72
CA VAL A 1583 86.70 -150.29 39.67
CA MET A 1584 85.93 -153.74 40.96
CA VAL A 1585 88.72 -156.20 41.27
CA GLY A 1586 87.21 -159.61 41.67
CA SER A 1587 83.88 -161.22 40.91
CA HIS A 1588 80.84 -158.95 40.80
CA THR A 1589 78.47 -161.40 42.47
CA VAL A 1590 78.81 -163.75 45.37
CA GLN A 1591 76.64 -166.59 46.59
CA CYS A 1592 76.11 -168.00 50.01
CA GLN A 1593 77.37 -171.53 50.07
CA THR A 1594 76.31 -174.47 52.20
CA ASN A 1595 79.52 -173.97 54.11
CA GLY A 1596 78.23 -170.59 55.11
CA ARG A 1597 80.97 -168.62 53.49
CA TRP A 1598 80.66 -166.41 50.49
CA GLY A 1599 81.99 -167.79 47.26
CA PRO A 1600 83.74 -166.60 45.48
CA LYS A 1601 85.58 -164.46 48.01
CA LEU A 1602 84.23 -160.95 48.38
CA PRO A 1603 85.59 -158.49 45.90
CA HIS A 1604 87.40 -155.28 46.65
CA CYS A 1605 86.76 -152.12 44.79
CA SER A 1606 89.27 -149.45 43.78
CA ARG A 1607 86.58 -146.49 43.69
CA VAL A 1608 82.97 -146.19 45.40
CA CYS A 1609 81.13 -142.91 45.77
CA GLN A 1610 77.75 -143.71 47.16
CA PRO A 1611 74.70 -143.41 45.06
CA PRO A 1612 73.95 -139.95 43.87
CA PRO A 1613 71.42 -137.85 45.60
CA GLU A 1614 67.89 -138.15 44.37
CA ILE A 1615 66.40 -135.09 42.83
CA LEU A 1616 62.76 -134.28 43.26
CA HIS A 1617 60.96 -134.08 39.96
CA GLY A 1618 64.14 -135.04 38.22
CA GLU A 1619 65.64 -138.22 36.90
CA HIS A 1620 69.13 -139.52 36.75
CA THR A 1621 70.25 -140.37 33.31
CA LEU A 1622 71.01 -144.08 33.04
CA SER A 1623 72.79 -144.68 36.23
CA HIS A 1624 74.93 -147.36 34.80
CA GLN A 1625 75.70 -148.73 38.17
CA ASP A 1626 74.22 -148.61 41.60
CA ASN A 1627 77.70 -147.64 42.67
CA PHE A 1628 80.08 -145.29 40.94
CA SER A 1629 83.78 -145.77 40.54
CA PRO A 1630 85.83 -142.67 40.84
CA GLY A 1631 85.84 -140.28 37.95
CA GLN A 1632 82.43 -141.55 37.01
CA GLU A 1633 79.94 -138.95 35.97
CA VAL A 1634 76.28 -138.85 36.74
CA PHE A 1635 73.87 -136.69 34.83
CA TYR A 1636 70.71 -135.11 36.14
CA SER A 1637 67.67 -134.38 34.05
CA CYS A 1638 64.25 -132.96 34.72
CA GLU A 1639 60.76 -133.56 33.40
CA PRO A 1640 59.47 -131.33 30.69
CA SER A 1641 57.70 -129.07 33.16
CA TYR A 1642 61.01 -128.27 34.77
CA ASP A 1643 64.35 -126.73 34.01
CA LEU A 1644 67.65 -127.49 35.68
CA ARG A 1645 69.19 -125.14 38.18
CA GLY A 1646 72.78 -125.71 39.17
CA ALA A 1647 75.50 -127.90 37.70
CA ALA A 1648 73.87 -130.60 35.63
CA SER A 1649 76.58 -133.14 36.16
CA LEU A 1650 78.30 -134.46 39.23
CA HIS A 1651 81.50 -136.42 39.29
CA CYS A 1652 82.88 -138.99 41.64
CA THR A 1653 86.24 -138.22 43.09
CA PRO A 1654 89.04 -140.25 44.47
CA GLN A 1655 87.81 -138.67 47.64
CA GLY A 1656 84.67 -140.67 47.17
CA ASP A 1657 82.35 -137.76 47.75
CA TRP A 1658 80.33 -136.16 45.02
CA SER A 1659 81.95 -133.01 43.86
CA PRO A 1660 78.94 -130.70 43.80
CA GLU A 1661 75.50 -130.81 45.32
CA ALA A 1662 72.69 -131.95 43.11
CA PRO A 1663 70.71 -129.76 40.86
CA ARG A 1664 67.17 -128.64 41.49
CA CYS A 1665 64.37 -128.82 38.99
CA THR A 1666 64.73 -125.71 38.91
CA VAL A 1667 65.15 -122.32 41.06
CA LYS A 1668 64.70 -122.79 44.89
CA SER A 1669 66.98 -122.88 48.05
CA CYS A 1670 65.04 -122.27 51.24
CA ASP A 1671 63.46 -124.20 53.99
CA ASP A 1672 59.85 -123.32 54.06
CA PHE A 1673 58.06 -121.03 56.45
CA LEU A 1674 60.94 -119.62 58.31
CA GLY A 1675 59.17 -120.09 61.58
CA GLN A 1676 56.52 -117.70 62.68
CA LEU A 1677 57.28 -114.56 64.53
CA PRO A 1678 55.31 -114.27 67.63
CA HIS A 1679 53.01 -111.30 67.54
CA GLY A 1680 53.94 -110.87 63.94
CA ARG A 1681 53.59 -112.42 60.54
CA VAL A 1682 55.76 -113.17 57.59
CA LEU A 1683 54.48 -112.36 54.16
CA LEU A 1684 55.72 -114.45 51.29
CA PRO A 1685 55.27 -112.47 48.15
CA LEU A 1686 56.01 -115.36 45.87
CA ASN A 1687 57.33 -118.44 47.52
CA LEU A 1688 60.59 -119.22 49.13
CA GLN A 1689 62.88 -120.13 46.26
CA LEU A 1690 66.29 -118.61 46.04
CA GLY A 1691 65.59 -115.13 44.83
CA ALA A 1692 62.26 -114.72 46.60
CA LYS A 1693 62.07 -112.27 49.46
CA VAL A 1694 59.92 -112.58 52.52
CA SER A 1695 58.80 -109.56 54.46
CA PHE A 1696 58.27 -109.28 58.17
CA VAL A 1697 55.64 -107.14 59.78
CA CYS A 1698 54.06 -107.21 63.16
CA ASP A 1699 50.85 -106.26 64.78
CA GLU A 1700 50.38 -102.63 65.50
CA GLY A 1701 52.17 -101.73 68.69
CA PHE A 1702 54.88 -104.32 68.34
CA ARG A 1703 58.16 -103.22 66.84
CA LEU A 1704 60.32 -105.41 64.65
CA LYS A 1705 63.65 -106.20 66.15
CA GLY A 1706 65.77 -107.43 63.34
CA ARG A 1707 65.68 -106.93 59.62
CA SER A 1708 62.51 -105.98 57.78
CA ALA A 1709 62.96 -108.53 55.03
CA SER A 1710 64.99 -111.60 54.28
CA HIS A 1711 66.06 -112.77 50.90
CA CYS A 1712 66.34 -116.41 50.05
CA VAL A 1713 69.64 -116.73 48.32
CA LEU A 1714 72.25 -119.25 47.31
CA ALA A 1715 75.59 -119.05 49.09
CA GLY A 1716 77.17 -121.64 46.90
CA MET A 1717 76.77 -125.05 48.39
CA LYS A 1718 73.19 -124.57 49.46
CA ALA A 1719 70.47 -121.96 49.70
CA LEU A 1720 69.68 -120.15 52.92
CA TRP A 1721 67.87 -117.07 54.12
CA ASN A 1722 69.94 -113.90 54.03
CA SER A 1723 69.00 -112.90 57.53
CA SER A 1724 67.65 -114.70 60.51
CA VAL A 1725 64.12 -113.86 61.47
CA PRO A 1726 63.44 -110.85 63.56
CA VAL A 1727 61.38 -110.93 66.70
CA CYS A 1728 58.75 -108.49 67.73
CA GLU A 1729 57.94 -106.67 71.00
CA GLN A 1730 54.90 -104.13 72.08
CA ILE A 1731 55.80 -100.37 73.10
CA PHE A 1732 58.67 -100.06 75.81
CA CYS A 1733 58.67 -101.03 79.59
CA PRO A 1734 57.64 -98.63 82.22
CA ASN A 1735 59.52 -98.51 85.46
CA PRO A 1736 58.69 -101.37 87.67
CA PRO A 1737 56.14 -101.09 90.39
CA ALA A 1738 57.47 -99.98 93.73
CA ILE A 1739 57.08 -102.23 96.69
CA LEU A 1740 56.60 -101.11 100.25
CA ASN A 1741 59.31 -102.30 102.59
CA GLY A 1742 61.01 -103.84 99.59
CA ARG A 1743 63.73 -102.90 97.16
CA HIS A 1744 64.45 -103.50 93.54
CA THR A 1745 67.69 -105.10 92.62
CA GLY A 1746 69.76 -102.85 90.41
CA THR A 1747 67.28 -102.45 87.65
CA PRO A 1748 69.21 -100.50 86.65
CA PHE A 1749 67.05 -97.45 86.79
CA GLY A 1750 65.83 -96.15 83.55
CA ASP A 1751 63.54 -98.12 81.35
CA ILE A 1752 64.05 -101.75 80.59
CA PRO A 1753 63.82 -103.18 77.18
CA TYR A 1754 61.51 -106.05 76.40
CA GLY A 1755 62.60 -109.26 78.03
CA LYS A 1756 64.33 -107.52 80.87
CA GLU A 1757 63.78 -109.03 84.27
CA ILE A 1758 63.87 -107.38 87.64
CA SER A 1759 63.94 -109.02 91.02
CA TYR A 1760 62.40 -107.72 94.20
CA ALA A 1761 63.65 -108.11 97.74
CA CYS A 1762 62.26 -107.31 101.16
CA ASP A 1763 63.84 -105.33 103.93
CA THR A 1764 65.72 -107.68 106.12
CA HIS A 1765 67.58 -105.26 108.24
CA PRO A 1766 70.95 -104.83 106.73
CA ASP A 1767 71.76 -108.49 106.25
CA ARG A 1768 68.94 -110.77 107.24
CA GLY A 1769 66.31 -110.90 109.92
CA MET A 1770 62.76 -111.97 110.27
CA THR A 1771 61.21 -108.73 109.21
CA PHE A 1772 58.93 -108.54 106.22
CA ASN A 1773 58.47 -111.59 104.08
CA LEU A 1774 58.21 -111.62 100.34
CA ILE A 1775 55.10 -113.21 99.03
CA GLY A 1776 54.27 -113.76 95.40
CA GLU A 1777 56.58 -114.05 92.43
CA SER A 1778 59.88 -112.47 93.31
CA SER A 1779 60.69 -111.57 89.75
CA ILE A 1780 58.81 -110.04 86.87
CA ARG A 1781 59.78 -109.61 83.25
CA CYS A 1782 58.82 -107.11 80.64
CA THR A 1783 56.60 -108.52 77.97
CA SER A 1784 55.05 -107.35 74.81
CA ASP A 1785 51.39 -107.59 74.07
CA PRO A 1786 50.52 -106.35 70.63
CA GLN A 1787 50.24 -102.88 71.95
CA GLY A 1788 53.45 -101.05 72.50
CA ASN A 1789 54.21 -99.53 75.84
CA GLY A 1790 55.39 -102.99 76.95
CA VAL A 1791 53.76 -104.28 80.05
CA TRP A 1792 55.14 -106.15 83.00
CA SER A 1793 54.13 -109.79 83.31
CA SER A 1794 52.45 -109.60 86.67
CA PRO A 1795 52.00 -107.63 89.76
CA ALA A 1796 54.91 -107.07 92.06
CA PRO A 1797 55.29 -109.09 95.18
CA ARG A 1798 54.39 -107.82 98.59
CA CYS A 1799 56.50 -107.75 101.70
CA GLU A 1800 55.56 -108.01 105.41
CA LEU A 1801 57.04 -107.18 109.04
CA SER A 1802 54.79 -106.94 112.36
CA VAL A 1803 54.65 -110.39 114.30
CA PRO A 1804 54.82 -109.05 118.03
CA ALA A 1805 57.72 -110.67 119.95
CA ALA A 1806 59.96 -107.97 121.78
CA CYS A 1807 60.50 -108.45 125.87
CA PRO A 1808 60.91 -110.79 128.70
CA HIS A 1809 58.02 -112.00 130.82
CA PRO A 1810 56.58 -109.31 132.94
CA PRO A 1811 57.50 -109.16 136.55
CA LYS A 1812 55.02 -110.64 138.94
CA ILE A 1813 53.96 -108.65 141.94
CA GLN A 1814 52.85 -109.89 145.31
CA ASN A 1815 49.13 -109.86 145.97
CA GLY A 1816 48.42 -108.70 142.47
CA HIS A 1817 47.91 -110.24 139.09
CA TYR A 1818 48.57 -109.43 135.50
CA ILE A 1819 45.39 -108.86 133.63
CA GLY A 1820 44.88 -110.52 130.35
CA GLY A 1821 48.38 -111.52 129.64
CA HIS A 1822 48.80 -112.15 126.00
CA VAL A 1823 51.41 -114.18 124.29
CA SER A 1824 53.97 -115.50 126.67
CA LEU A 1825 56.15 -113.30 124.58
CA TYR A 1826 55.29 -109.68 124.47
CA LEU A 1827 55.97 -107.91 121.24
CA PRO A 1828 57.52 -104.56 121.55
CA GLY A 1829 55.19 -101.69 122.26
CA MET A 1830 53.00 -104.17 124.04
CA THR A 1831 51.40 -102.99 127.22
CA ILE A 1832 50.61 -105.07 130.21
CA SER A 1833 48.46 -103.88 133.03
CA TYR A 1834 48.44 -105.04 136.60
CA ILE A 1835 45.65 -105.31 139.08
CA CYS A 1836 45.50 -105.90 142.80
CA ASP A 1837 43.68 -108.54 144.78
CA PRO A 1838 40.71 -107.65 146.84
CA GLY A 1839 41.64 -105.56 149.83
CA TYR A 1840 44.70 -104.12 148.17
CA LEU A 1841 45.29 -100.83 146.48
CA LEU A 1842 47.53 -100.14 143.54
CA VAL A 1843 50.48 -97.82 143.95
CA GLY A 1844 52.51 -96.71 140.99
CA LYS A 1845 51.65 -96.81 137.33
CA GLY A 1846 49.29 -99.63 136.46
CA PHE A 1847 50.79 -100.19 133.00
CA ILE A 1848 54.22 -101.12 131.91
CA PHE A 1849 55.20 -101.60 128.34
CA CYS A 1850 58.28 -102.23 126.36
CA THR A 1851 59.80 -99.51 124.23
CA ASP A 1852 62.85 -99.43 122.01
CA GLN A 1853 62.41 -103.18 121.74
CA GLY A 1854 64.11 -104.39 124.82
CA ILE A 1855 63.33 -103.78 128.44
CA TRP A 1856 60.19 -103.08 130.36
CA SER A 1857 59.62 -99.40 130.84
CA GLN A 1858 59.49 -99.21 134.57
CA LEU A 1859 59.28 -101.19 137.76
CA ASP A 1860 55.89 -102.70 138.32
CA HIS A 1861 53.35 -101.36 140.79
CA TYR A 1862 53.05 -102.55 144.34
CA CYS A 1863 49.80 -103.56 145.95
CA LYS A 1864 48.98 -101.10 147.60
CA GLU A 1865 45.90 -99.31 147.11
CA VAL A 1866 42.05 -99.25 145.89
CA ASN A 1867 41.39 -95.37 144.83
CA CYS A 1868 41.33 -93.47 141.46
CA SER A 1869 39.85 -90.06 140.85
CA PHE A 1870 36.47 -89.43 139.27
CA PRO A 1871 36.41 -90.49 135.70
CA LEU A 1872 36.17 -87.61 133.32
CA PHE A 1873 33.71 -87.94 130.52
CA MET A 1874 32.99 -85.33 127.92
CA ASN A 1875 30.20 -85.55 125.34
CA GLY A 1876 29.48 -88.84 126.91
CA ILE A 1877 27.54 -87.36 129.65
CA SER A 1878 26.68 -90.49 131.42
CA LYS A 1879 29.80 -91.90 133.07
CA GLU A 1880 28.34 -94.46 135.39
CA LEU A 1881 30.23 -95.53 138.47
CA GLU A 1882 29.39 -97.07 141.78
CA MET A 1883 28.39 -94.43 144.25
CA LYS A 1884 31.64 -93.85 146.03
CA LYS A 1885 33.35 -90.66 147.02
CA VAL A 1886 36.58 -92.55 146.56
CA TYR A 1887 37.09 -95.30 144.04
CA HIS A 1888 39.27 -98.25 144.86
CA TYR A 1889 41.39 -100.66 142.87
CA GLY A 1890 39.30 -102.84 140.66
CA ASP A 1891 36.43 -100.40 140.41
CA TYR A 1892 35.05 -100.18 136.91
CA VAL A 1893 33.08 -97.51 135.14
CA THR A 1894 31.08 -97.57 131.92
CA LEU A 1895 30.22 -94.76 129.57
CA LYS A 1896 27.18 -93.86 127.51
CA CYS A 1897 27.11 -91.27 124.77
CA GLU A 1898 24.97 -88.31 123.91
CA ASP A 1899 22.63 -88.64 120.99
CA GLY A 1900 24.60 -88.75 117.77
CA TYR A 1901 27.96 -89.66 119.28
CA THR A 1902 30.23 -92.70 119.16
CA LEU A 1903 32.85 -93.60 121.70
CA GLU A 1904 36.42 -93.08 120.64
CA GLY A 1905 38.07 -95.38 123.10
CA SER A 1906 36.92 -98.06 125.48
CA PRO A 1907 33.44 -98.11 126.83
CA TRP A 1908 34.62 -99.41 130.18
CA SER A 1909 37.48 -98.33 132.40
CA GLN A 1910 39.09 -99.98 135.36
CA CYS A 1911 40.98 -98.55 138.27
CA GLN A 1912 44.53 -99.84 138.17
CA ALA A 1913 46.96 -100.60 140.98
CA ASP A 1914 48.96 -97.69 139.67
CA ASP A 1915 45.86 -95.70 140.50
CA ARG A 1916 45.38 -94.66 136.91
CA TRP A 1917 42.40 -95.51 134.81
CA ASP A 1918 43.25 -98.11 132.24
CA PRO A 1919 42.66 -97.83 129.60
CA PRO A 1920 42.62 -94.08 129.83
CA LEU A 1921 39.28 -92.33 129.84
CA ALA A 1922 37.73 -92.09 126.41
CA LYS A 1923 35.91 -89.31 124.62
CA CYS A 1924 32.69 -89.65 122.74
CA THR A 1925 32.49 -87.60 119.27
CA SER A 1926 28.59 -87.11 118.77
CA ARG A 1927 26.46 -85.26 115.81
CA ALA A 1928 22.87 -85.90 114.81
CA HIS A 1929 22.24 -85.23 111.07
CA ASP A 1930 19.55 -87.41 108.80
CA ALA A 1931 21.83 -86.83 105.72
CA GLN A 1 162.20 118.34 -51.98
CA CYS A 2 159.57 120.80 -50.92
CA ASN A 3 156.21 119.15 -50.60
CA ALA A 4 153.16 120.35 -52.44
CA PRO A 5 152.43 123.95 -51.83
CA GLU A 6 149.65 124.92 -49.46
CA TRP A 7 146.30 126.01 -50.80
CA LEU A 8 145.99 129.73 -51.29
CA PRO A 9 142.37 130.19 -52.33
CA PHE A 10 143.15 133.77 -53.30
CA ALA A 11 145.54 132.70 -56.03
CA ARG A 12 145.46 130.05 -58.73
CA PRO A 13 148.57 128.26 -59.79
CA THR A 14 150.29 129.57 -62.87
CA ASN A 15 153.32 127.46 -63.59
CA LEU A 16 153.95 124.38 -65.60
CA THR A 17 154.09 121.54 -63.18
CA ASP A 18 153.71 117.81 -63.47
CA GLU A 19 154.93 116.53 -60.15
CA PHE A 20 153.62 116.43 -56.59
CA GLU A 21 157.01 117.01 -55.02
CA PHE A 22 158.82 120.16 -55.99
CA PRO A 23 162.52 120.42 -55.91
CA ILE A 24 164.10 122.94 -53.60
CA GLY A 25 165.14 126.17 -55.20
CA THR A 26 162.09 126.95 -57.30
CA TYR A 27 159.61 129.79 -57.29
CA LEU A 28 156.08 128.75 -58.08
CA ASN A 29 153.91 131.41 -59.67
CA TYR A 30 150.46 132.17 -58.32
CA GLU A 31 148.18 134.83 -59.68
CA CYS A 32 145.58 136.46 -57.48
CA ARG A 33 141.92 136.30 -58.43
CA PRO A 34 140.25 139.33 -59.96
CA GLY A 35 138.86 140.21 -56.55
CA TYR A 36 142.42 140.75 -55.40
CA SER A 37 145.37 142.80 -56.55
CA GLY A 38 149.05 142.45 -55.82
CA ARG A 39 150.71 141.14 -58.97
CA PRO A 40 151.73 137.59 -59.45
CA PHE A 41 153.98 136.39 -56.68
CA SER A 42 155.79 133.16 -56.08
CA ILE A 43 156.80 130.96 -53.18
CA ILE A 44 160.37 129.84 -53.32
CA CYS A 45 161.44 126.49 -51.96
CA LEU A 46 164.20 127.41 -49.58
CA LYS A 47 165.67 124.13 -48.43
CA ASN A 48 163.94 122.83 -45.35
CA SER A 49 161.29 121.59 -47.71
CA VAL A 50 159.47 124.80 -46.90
CA TRP A 51 158.16 127.51 -49.13
CA THR A 52 159.13 131.10 -48.50
CA GLY A 53 156.66 132.86 -46.23
CA ALA A 54 154.76 135.41 -48.25
CA LYS A 55 153.80 138.67 -46.59
CA ASP A 56 150.81 140.83 -47.42
CA ARG A 57 151.38 140.24 -51.11
CA CYS A 58 147.83 139.53 -52.19
CA ARG A 59 146.41 137.60 -49.24
CA ARG A 60 146.94 138.57 -46.14
CA LYS A 61 148.57 137.17 -42.69
CA SER A 62 151.64 136.37 -43.16
CA CYS A 63 153.53 136.11 -39.88
CA ARG A 64 154.65 137.79 -36.66
CA ASN A 65 157.78 136.38 -35.07
CA PRO A 66 156.81 133.91 -32.42
CA PRO A 67 157.88 134.69 -28.90
CA ASP A 68 160.91 132.73 -27.87
CA PRO A 69 159.99 129.84 -25.72
CA VAL A 70 161.58 129.60 -22.32
CA ASN A 71 164.74 127.56 -22.42
CA GLY A 72 164.61 127.53 -26.18
CA MET A 73 164.47 129.58 -29.39
CA VAL A 74 163.01 129.42 -32.87
CA HIS A 75 165.31 129.39 -35.85
CA VAL A 76 164.05 130.88 -39.06
CA ILE A 77 165.90 129.27 -41.89
CA LYS A 78 164.49 131.18 -44.83
CA GLY A 79 162.48 133.93 -43.16
CA ILE A 80 158.95 134.10 -41.87
CA GLN A 81 156.74 134.71 -44.88
CA PHE A 82 153.75 132.72 -45.82
CA GLY A 83 155.31 129.44 -46.85
CA SER A 84 158.49 129.45 -44.78
CA GLN A 85 158.64 127.13 -41.82
CA ILE A 86 160.47 127.91 -38.62
CA LYS A 87 162.28 125.28 -36.59
CA TYR A 88 161.95 125.14 -32.83
CA SER A 89 164.79 123.90 -30.68
CA CYS A 90 165.27 123.96 -26.93
CA THR A 91 168.57 124.26 -25.14
CA LYS A 92 170.26 120.94 -24.60
CA GLY A 93 168.67 119.11 -21.72
CA TYR A 94 165.15 120.31 -22.29
CA ARG A 95 162.85 118.69 -24.78
CA LEU A 96 160.37 120.78 -26.58
CA ILE A 97 156.83 119.75 -25.99
CA GLY A 98 154.71 120.44 -28.96
CA SER A 99 155.47 120.36 -32.64
CA SER A 100 158.99 120.38 -34.02
CA SER A 101 158.42 123.00 -36.68
CA ALA A 102 155.56 125.26 -37.56
CA THR A 103 154.91 126.59 -41.01
CA CYS A 104 153.75 130.10 -41.73
CA ILE A 105 150.57 129.86 -43.78
CA ILE A 106 147.62 131.96 -44.85
CA SER A 107 143.99 131.26 -44.02
CA GLY A 108 142.65 133.89 -46.35
CA ASP A 109 142.14 136.95 -44.23
CA THR A 110 145.46 136.77 -42.49
CA VAL A 111 148.65 134.76 -42.24
CA ILE A 112 149.01 132.55 -39.17
CA TRP A 113 151.43 129.89 -38.07
CA ASP A 114 150.14 126.37 -38.62
CA ASN A 115 151.07 125.23 -35.14
CA GLU A 116 151.34 127.03 -31.83
CA THR A 117 154.80 127.33 -30.36
CA PRO A 118 155.79 124.46 -28.18
CA ILE A 119 157.38 124.67 -24.76
CA CYS A 120 160.54 123.39 -23.23
CA ASP A 121 158.57 121.26 -22.44
CA ARG A 122 155.43 120.57 -20.53
CA ILE A 123 151.64 120.64 -21.23
CA PRO A 124 149.80 119.53 -24.43
CA CYS A 125 146.61 121.59 -22.92
CA GLY A 126 144.80 124.35 -24.69
CA LEU A 127 142.26 126.65 -23.23
CA PRO A 128 139.23 125.24 -21.62
CA PRO A 129 136.04 125.48 -23.53
CA THR A 130 134.33 128.62 -22.38
CA ILE A 131 130.60 128.58 -21.89
CA THR A 132 128.19 131.36 -22.61
CA ASN A 133 127.37 133.48 -19.60
CA GLY A 134 129.82 131.33 -17.72
CA ASP A 135 132.92 133.03 -16.40
CA PHE A 136 136.47 131.75 -16.02
CA ILE A 137 138.74 131.75 -13.00
CA SER A 138 141.34 129.78 -11.13
CA THR A 139 145.07 129.51 -11.71
CA ASN A 140 144.58 128.98 -15.40
CA ARG A 141 145.05 132.07 -17.51
CA GLU A 142 147.45 132.08 -20.43
CA ASN A 143 150.16 129.62 -19.52
CA PHE A 144 148.40 126.35 -20.10
CA HIS A 145 150.56 123.29 -19.81
CA TYR A 146 148.99 120.38 -18.04
CA GLY A 147 147.06 119.63 -14.86
CA SER A 148 145.89 123.17 -14.36
CA VAL A 149 142.35 123.41 -13.03
CA VAL A 150 139.75 125.93 -14.02
CA THR A 151 136.63 126.87 -12.13
CA TYR A 152 133.52 127.86 -14.02
CA ARG A 153 130.76 130.24 -13.04
CA CYS A 154 127.87 132.07 -14.60
CA ASN A 155 126.72 135.71 -14.69
CA PRO A 156 125.52 137.09 -11.40
CA GLY A 157 124.52 140.52 -12.70
CA SER A 158 127.71 141.58 -10.97
CA GLY A 159 126.94 141.00 -7.31
CA GLY A 160 125.16 137.67 -7.39
CA ARG A 161 121.58 137.11 -8.38
CA LYS A 162 119.31 134.37 -9.55
CA VAL A 163 120.30 134.63 -13.14
CA PHE A 164 121.61 131.54 -14.83
CA GLU A 165 123.33 128.89 -12.83
CA LEU A 166 126.22 126.60 -13.56
CA VAL A 167 125.15 123.00 -13.55
CA GLY A 168 127.37 119.99 -13.90
CA GLU A 169 130.92 119.82 -12.67
CA PRO A 170 131.92 123.27 -11.81
CA SER A 171 135.55 122.53 -12.36
CA ILE A 172 137.69 120.83 -14.95
CA TYR A 173 141.37 120.21 -15.26
CA CYS A 174 143.56 119.22 -18.09
CA THR A 175 144.68 115.67 -18.68
CA SER A 176 145.47 113.38 -21.58
CA ASN A 177 143.58 110.66 -23.36
CA ASP A 178 144.48 111.23 -26.98
CA ASP A 179 147.93 112.26 -27.90
CA GLN A 180 149.33 115.72 -27.37
CA VAL A 181 146.16 117.82 -27.90
CA GLY A 182 145.69 118.23 -24.20
CA ILE A 183 142.03 117.45 -23.88
CA TRP A 184 140.32 118.37 -20.62
CA SER A 185 138.57 116.00 -18.18
CA GLY A 186 134.97 116.53 -19.07
CA PRO A 187 132.57 118.81 -20.73
CA ALA A 188 132.02 122.19 -19.30
CA PRO A 189 128.98 122.98 -17.31
CA GLN A 190 126.12 125.03 -18.66
CA CYS A 191 124.12 127.90 -17.26
CA ILE A 192 122.37 126.06 -20.49
CA ILE A 193 122.17 122.63 -22.06
CA PRO A 194 121.98 122.82 -26.01
CA ASN A 195 120.18 119.77 -27.23
CA LYS A 196 117.60 118.44 -29.76
CA CYS A 197 117.01 115.29 -27.44
CA THR A 198 115.83 111.75 -27.70
CA PRO A 199 112.31 110.55 -27.79
CA PRO A 200 110.19 111.47 -24.87
CA ASN A 201 109.65 108.75 -22.35
CA VAL A 202 106.04 108.71 -21.32
CA GLU A 203 103.83 105.71 -20.91
CA ASN A 204 100.14 105.79 -21.79
CA GLY A 205 100.38 109.37 -23.01
CA ILE A 206 101.18 109.89 -26.68
CA LEU A 207 102.89 113.05 -27.87
CA VAL A 208 100.67 115.18 -30.14
CA SER A 209 103.03 117.67 -31.76
CA ASP A 210 105.57 116.98 -34.44
CA ASN A 211 107.16 113.68 -33.64
CA ARG A 212 110.71 113.53 -34.84
CA SER A 213 113.31 110.84 -34.69
CA LEU A 214 115.99 113.17 -33.45
CA PHE A 215 114.75 116.36 -31.89
CA SER A 216 116.80 119.48 -31.50
CA LEU A 217 116.87 122.30 -29.05
CA ASN A 218 113.63 124.15 -28.60
CA GLU A 219 111.60 121.28 -29.77
CA VAL A 220 108.45 121.28 -27.74
CA VAL A 221 106.14 118.35 -27.43
CA GLU A 222 102.72 118.18 -25.86
CA PHE A 223 101.39 114.94 -24.48
CA ARG A 224 97.83 113.78 -24.50
CA CYS A 225 96.79 110.86 -22.38
CA GLN A 226 95.01 107.78 -23.63
CA PRO A 227 91.39 107.55 -22.86
CA GLY A 228 90.80 106.75 -19.23
CA PHE A 229 94.10 108.24 -18.13
CA VAL A 230 94.94 111.56 -16.53
CA MET A 231 98.17 113.47 -16.82
CA LYS A 232 100.15 114.14 -13.74
CA GLY A 233 102.74 116.73 -14.61
CA PRO A 234 103.22 119.35 -17.24
CA ARG A 235 101.48 118.67 -20.53
CA ARG A 236 104.31 119.99 -22.67
CA VAL A 237 108.03 119.42 -22.56
CA LYS A 238 110.75 121.41 -24.25
CA CYS A 239 114.26 120.35 -25.04
CA GLN A 240 116.96 122.17 -23.18
CA ALA A 241 120.52 122.96 -24.18
CA LEU A 242 121.38 120.34 -21.61
CA ASN A 243 119.63 117.87 -23.90
CA LYS A 244 117.34 117.01 -21.04
CA TRP A 245 113.64 117.64 -21.10
CA GLU A 246 112.36 120.46 -19.01
CA PRO A 247 110.29 120.13 -17.20
CA GLU A 248 110.81 116.42 -16.66
CA LEU A 249 108.46 114.15 -18.56
CA PRO A 250 105.03 113.64 -17.15
CA SER A 251 103.27 110.36 -16.64
CA CYS A 252 99.73 109.46 -17.54
CA SER A 253 99.31 105.92 -18.75
CA ARG A 254 102.63 104.54 -20.22
CA VAL A 255 103.73 100.77 -19.80
CA CYS A 256 100.88 99.20 -17.32
CA GLN A 257 100.13 97.85 -13.90
CA PRO A 258 98.97 94.39 -13.29
CA PRO A 259 95.48 93.70 -14.39
CA PRO A 260 92.66 93.73 -11.96
CA ASP A 261 91.77 90.35 -10.61
CA VAL A 262 88.25 89.08 -10.65
CA LEU A 263 86.83 87.13 -7.79
CA HIS A 264 85.73 84.01 -9.49
CA ALA A 265 87.85 83.88 -12.56
CA GLU A 266 91.40 83.58 -13.70
CA ARG A 267 93.61 85.65 -15.89
CA THR A 268 95.05 84.22 -19.04
CA GLN A 269 98.28 84.85 -17.24
CA ARG A 270 100.05 85.62 -20.42
CA ASP A 271 103.14 87.49 -19.36
CA LYS A 272 101.22 88.37 -16.27
CA ASP A 273 104.42 89.44 -14.60
CA ASN A 274 104.86 92.37 -16.89
CA PHE A 275 102.52 93.92 -19.36
CA SER A 276 104.01 96.14 -21.98
CA PRO A 277 101.89 98.74 -23.54
CA GLY A 278 99.52 97.60 -26.25
CA GLN A 279 99.46 94.17 -24.75
CA GLU A 280 96.15 92.52 -24.16
CA VAL A 281 95.11 90.26 -21.35
CA PHE A 282 92.30 87.74 -21.43
CA TYR A 283 89.97 86.92 -18.57
CA SER A 284 88.34 83.56 -18.14
CA CYS A 285 85.85 82.22 -15.66
CA GLU A 286 85.64 78.91 -13.86
CA PRO A 287 83.26 76.37 -15.18
CA GLY A 288 79.72 77.30 -14.29
CA TYR A 289 80.53 80.97 -14.58
CA ASP A 290 79.87 83.39 -17.40
CA LEU A 291 81.79 86.53 -18.15
CA ARG A 292 80.05 89.85 -18.18
CA GLY A 293 81.72 92.64 -20.09
CA ALA A 294 84.54 92.58 -22.57
CA ALA A 295 86.67 89.50 -22.09
CA SER A 296 89.87 91.20 -23.10
CA MET A 297 91.52 94.30 -21.78
CA ARG A 298 94.24 96.22 -23.52
CA CYS A 299 96.87 98.47 -22.11
CA THR A 300 96.96 101.84 -23.75
CA PRO A 301 100.21 102.90 -25.19
CA GLN A 302 99.97 105.37 -22.38
CA GLY A 303 98.00 104.76 -19.28
CA ASP A 304 96.32 101.96 -17.44
CA TRP A 305 93.97 99.32 -18.72
CA SER A 306 91.35 100.73 -20.98
CA PRO A 307 88.28 98.90 -19.76
CA ALA A 308 87.15 97.67 -16.38
CA ALA A 309 87.62 93.99 -15.70
CA PRO A 310 84.95 91.53 -16.52
CA THR A 311 82.84 89.95 -13.84
CA CYS A 312 82.01 86.30 -13.63
CA GLU A 313 78.75 85.13 -14.40
CA VAL A 314 78.28 82.86 -17.71
CA LYS A 315 74.63 81.09 -17.48
CA SER A 316 72.48 82.07 -14.23
CA CYS A 317 69.35 80.76 -16.17
CA ASP A 318 65.65 81.40 -16.20
CA ASP A 319 64.33 79.56 -13.23
CA PHE A 320 61.17 78.70 -14.95
CA MET A 321 62.29 75.95 -17.13
CA GLY A 322 58.75 75.14 -18.08
CA GLN A 323 57.29 71.84 -17.09
CA LEU A 324 56.88 69.32 -19.85
CA LEU A 325 53.43 67.95 -20.36
CA ASN A 326 53.30 64.41 -19.07
CA GLY A 327 56.83 64.72 -17.82
CA ARG A 328 58.88 66.37 -15.15
CA VAL A 329 62.01 68.44 -14.85
CA LEU A 330 64.41 67.61 -12.11
CA PHE A 331 66.88 70.15 -10.86
CA PRO A 332 69.87 68.26 -9.65
CA VAL A 333 71.23 71.28 -7.90
CA ASN A 334 70.27 74.73 -8.98
CA LEU A 335 69.97 76.52 -12.25
CA GLN A 336 73.33 78.25 -12.33
CA LEU A 337 75.82 78.84 -15.11
CA GLY A 338 76.88 75.24 -15.05
CA ALA A 339 73.99 73.30 -13.55
CA LYS A 340 72.33 70.54 -15.54
CA VAL A 341 68.64 69.82 -15.48
CA ASP A 342 67.30 66.42 -16.36
CA PHE A 343 64.08 65.58 -18.15
CA VAL A 344 62.10 62.41 -17.59
CA CYS A 345 58.61 61.40 -18.48
CA ASP A 346 55.83 59.34 -17.03
CA GLU A 347 55.64 55.72 -17.93
CA GLY A 348 54.21 55.27 -21.37
CA PHE A 349 55.59 58.48 -22.78
CA GLN A 350 59.05 58.81 -24.18
CA LEU A 351 61.06 61.98 -24.42
CA LYS A 352 61.45 63.49 -27.79
CA GLY A 353 64.38 65.79 -27.52
CA SER A 354 67.43 65.99 -25.34
CA SER A 355 67.57 64.19 -22.04
CA ALA A 356 69.12 67.10 -20.20
CA SER A 357 69.83 70.76 -20.65
CA TYR A 358 72.83 72.56 -19.32
CA CYS A 359 72.65 76.14 -18.22
CA VAL A 360 75.43 77.79 -20.17
CA LEU A 361 76.86 81.21 -20.71
CA ALA A 362 76.93 82.54 -24.23
CA GLY A 363 77.32 86.15 -25.00
CA MET A 364 76.48 88.46 -22.15
CA GLU A 365 73.73 86.33 -20.70
CA SER A 366 73.29 82.70 -19.87
CA LEU A 367 70.64 80.51 -21.40
CA TRP A 368 69.76 76.84 -21.37
CA ASN A 369 71.68 74.77 -23.88
CA SER A 370 68.75 72.90 -25.21
CA SER A 371 65.12 73.61 -25.74
CA VAL A 372 62.80 71.64 -23.54
CA PRO A 373 61.91 68.29 -24.93
CA VAL A 374 58.34 67.15 -25.26
CA CYS A 375 57.02 63.78 -24.42
CA GLU A 376 54.96 63.28 -27.61
CA GLN A 377 54.50 59.62 -29.44
CA ILE A 378 51.21 60.49 -31.19
CA PHE A 379 49.63 59.78 -34.07
CA CYS A 380 49.85 55.82 -33.16
CA PRO A 381 50.35 53.62 -30.21
CA SER A 382 53.39 51.44 -30.09
CA PRO A 383 53.28 48.62 -32.49
CA PRO A 384 52.74 45.05 -31.45
CA VAL A 385 55.70 43.18 -29.91
CA ILE A 386 55.75 39.86 -31.85
CA PRO A 387 57.47 36.94 -30.30
CA ASN A 388 60.80 35.78 -31.67
CA GLY A 389 60.77 38.85 -33.84
CA ARG A 390 61.84 42.42 -33.53
CA HIS A 391 60.88 45.81 -34.82
CA THR A 392 63.43 47.30 -37.11
CA GLY A 393 64.23 50.97 -37.22
CA LYS A 394 61.72 51.43 -34.45
CA PRO A 395 61.13 54.97 -33.58
CA LEU A 396 60.59 55.36 -29.92
CA GLU A 397 57.17 56.32 -28.66
CA VAL A 398 56.56 58.09 -31.86
CA PHE A 399 54.76 56.87 -34.89
CA PRO A 400 53.15 59.50 -36.89
CA PHE A 401 50.25 58.61 -39.04
CA GLY A 402 51.19 56.99 -42.27
CA LYS A 403 54.40 55.77 -40.74
CA ALA A 404 55.28 52.19 -41.43
CA VAL A 405 57.00 49.68 -39.22
CA ASN A 406 58.80 46.61 -40.47
CA TYR A 407 59.00 43.36 -38.56
CA THR A 408 61.73 40.78 -38.80
CA CYS A 409 62.39 37.46 -37.14
CA ASP A 410 65.40 36.36 -35.15
CA PRO A 411 68.12 35.25 -37.46
CA HIS A 412 69.93 33.85 -34.47
CA PRO A 413 73.11 35.80 -34.27
CA ASP A 414 73.75 36.43 -37.95
CA ARG A 415 71.10 35.10 -40.26
CA GLY A 416 69.92 31.59 -40.46
CA THR A 417 67.27 28.97 -40.63
CA SER A 418 65.35 30.16 -37.67
CA PHE A 419 61.83 31.44 -37.43
CA ASP A 420 60.58 32.97 -40.64
CA LEU A 421 57.99 35.68 -40.84
CA ILE A 422 54.46 34.74 -41.79
CA GLY A 423 51.92 37.35 -42.79
CA GLU A 424 52.32 41.01 -43.64
CA SER A 425 55.85 41.99 -42.83
CA THR A 426 54.92 45.61 -42.51
CA ILE A 427 52.08 47.58 -41.02
CA ARG A 428 51.20 51.22 -41.35
CA CYS A 429 49.52 53.63 -39.02
CA THR A 430 46.09 54.85 -40.01
CA SER A 431 43.04 56.18 -38.24
CA ASP A 432 39.70 54.43 -38.33
CA PRO A 433 38.59 56.27 -35.22
CA GLN A 434 39.38 59.90 -34.79
CA GLY A 435 42.60 59.55 -32.90
CA ASN A 436 43.30 56.17 -31.41
CA GLY A 437 46.06 55.82 -33.98
CA VAL A 438 45.11 52.27 -34.96
CA TRP A 439 47.44 50.15 -37.04
CA SER A 440 46.33 48.56 -40.30
CA SER A 441 46.45 44.95 -39.26
CA PRO A 442 47.85 42.50 -36.88
CA ALA A 443 51.52 41.83 -36.75
CA PRO A 444 53.14 38.95 -38.45
CA ARG A 445 54.16 35.78 -36.70
CA CYS A 446 57.57 34.16 -36.55
CA GLY A 447 57.15 30.35 -37.03
CA ILE A 448 60.23 28.01 -36.73
CA LEU A 449 59.47 25.37 -33.81
CA GLY A 450 62.56 24.86 -31.37
CA HIS A 451 66.34 25.35 -30.36
CA CYS A 452 69.55 23.09 -30.29
CA GLN A 453 72.16 22.84 -27.61
CA ALA A 454 75.80 23.49 -28.33
CA PRO A 455 77.09 21.23 -30.98
CA ASP A 456 79.31 18.39 -29.87
CA HIS A 457 83.00 18.59 -30.53
CA PHE A 458 84.04 16.90 -33.76
CA LEU A 459 87.75 17.42 -33.11
CA PHE A 460 88.24 16.49 -36.75
CA ALA A 461 86.70 19.78 -37.76
CA LYS A 462 87.13 23.36 -36.61
CA LEU A 463 84.07 25.57 -36.44
CA LYS A 464 83.81 28.15 -39.14
CA THR A 465 80.71 30.18 -38.53
CA GLN A 466 80.16 33.39 -36.69
CA THR A 467 78.71 32.47 -33.37
CA ASN A 468 78.23 34.35 -30.12
CA ALA A 469 75.99 32.16 -28.02
CA SER A 470 75.72 28.75 -26.41
CA ASP A 471 72.21 27.95 -27.53
CA PHE A 472 71.70 27.74 -31.25
CA PRO A 473 68.39 28.44 -32.83
CA ILE A 474 66.53 25.67 -34.60
CA GLY A 475 66.88 25.64 -38.35
CA THR A 476 70.48 26.62 -38.87
CA SER A 477 73.45 24.84 -40.36
CA LEU A 478 76.77 25.35 -38.66
CA LYS A 479 79.84 25.23 -40.89
CA TYR A 480 82.74 23.02 -39.87
CA GLU A 481 85.92 22.47 -41.82
CA CYS A 482 87.84 19.25 -41.40
CA ARG A 483 91.51 19.35 -40.42
CA PRO A 484 94.26 19.15 -42.98
CA GLU A 485 94.66 15.55 -41.89
CA TYR A 486 91.21 14.97 -43.33
CA TYR A 487 89.41 15.66 -46.59
CA GLY A 488 85.70 15.86 -47.33
CA ARG A 489 84.84 19.54 -47.91
CA PRO A 490 83.21 21.73 -45.35
CA PHE A 491 80.00 20.26 -44.03
CA SER A 492 77.35 21.61 -41.73
CA ILE A 493 75.06 20.24 -39.08
CA THR A 494 71.49 21.38 -39.42
CA CYS A 495 69.63 22.24 -36.28
CA LEU A 496 66.45 20.24 -36.60
CA ASP A 497 63.44 20.78 -34.41
CA ASN A 498 64.11 18.42 -31.59
CA LEU A 499 67.13 20.23 -30.30
CA VAL A 500 69.38 17.91 -32.21
CA TRP A 501 71.71 18.46 -35.08
CA SER A 502 71.43 16.52 -38.29
CA SER A 503 73.31 13.27 -38.21
CA PRO A 504 76.33 13.51 -40.35
CA LYS A 505 77.42 10.42 -42.22
CA ASP A 506 80.91 9.59 -43.35
CA VAL A 507 81.49 13.20 -44.37
CA CYS A 508 85.01 13.80 -43.09
CA LYS A 509 87.29 11.46 -44.70
CA ARG A 510 90.99 12.52 -44.61
CA LYS A 511 90.99 14.05 -48.23
CA SER A 512 93.72 15.55 -50.43
CA CYS A 513 92.57 16.29 -53.87
CA LYS A 514 89.70 15.32 -56.11
CA THR A 515 90.80 15.47 -59.70
CA PRO A 516 89.73 18.64 -61.33
CA PRO A 517 87.28 18.44 -64.14
CA ASP A 518 88.76 18.94 -67.57
CA PRO A 519 88.42 22.51 -68.60
CA VAL A 520 86.58 22.91 -71.82
CA ASN A 521 88.96 22.73 -74.71
CA GLY A 522 91.79 21.83 -72.40
CA MET A 523 93.04 19.26 -69.93
CA VAL A 524 95.15 18.98 -66.81
CA HIS A 525 98.15 16.70 -66.74
CA VAL A 526 99.33 15.30 -63.45
CA ILE A 527 103.08 15.21 -63.19
CA THR A 528 102.95 12.35 -60.74
CA ASP A 529 99.71 12.14 -58.79
CA ILE A 530 97.27 14.44 -57.12
CA GLN A 531 98.18 14.18 -53.49
CA VAL A 532 98.52 17.02 -51.05
CA GLY A 533 101.88 17.94 -52.52
CA SER A 534 102.03 17.35 -56.24
CA ARG A 535 100.92 20.11 -58.53
CA ILE A 536 99.05 19.55 -61.75
CA ASN A 537 99.80 21.48 -64.91
CA TYR A 538 97.00 22.89 -67.01
CA SER A 539 97.30 23.22 -70.74
CA CYS A 540 94.73 23.98 -73.39
CA THR A 541 94.07 22.61 -76.82
CA THR A 542 96.42 24.24 -79.22
CA GLY A 543 95.05 27.59 -80.30
CA HIS A 544 93.35 28.29 -77.04
CA ARG A 545 94.94 30.15 -74.20
CA LEU A 546 94.42 29.17 -70.59
CA ILE A 547 92.90 31.97 -68.53
CA GLY A 548 93.38 31.65 -64.82
CA HIS A 549 96.60 30.19 -63.49
CA SER A 550 99.19 27.96 -65.09
CA SER A 551 99.51 25.24 -62.51
CA ALA A 552 97.76 24.58 -59.25
CA GLU A 553 99.34 22.65 -56.42
CA CYS A 554 97.38 20.21 -54.31
CA ILE A 555 97.81 21.19 -50.70
CA LEU A 556 96.30 20.74 -47.29
CA SER A 557 94.95 23.48 -45.04
CA GLY A 558 94.40 21.27 -42.04
CA ASN A 559 90.76 20.32 -42.22
CA ALA A 560 90.75 19.22 -45.82
CA ALA A 561 92.94 19.08 -48.86
CA HIS A 562 92.27 21.43 -51.74
CA TRP A 563 94.02 22.95 -54.72
CA SER A 564 95.91 26.17 -54.22
CA THR A 565 94.07 27.70 -57.11
CA LYS A 566 90.89 26.94 -59.03
CA PRO A 567 91.17 25.60 -62.50
CA PRO A 568 91.43 28.05 -65.29
CA ILE A 569 89.28 28.30 -68.41
CA CYS A 570 90.40 28.35 -71.98
CA GLN A 571 88.62 26.91 -74.71
CA ARG A 572 84.81 26.68 -74.63
CA ILE A 573 82.55 27.87 -71.73
CA PRO A 574 79.09 26.38 -70.30
CA CYS A 575 76.21 28.07 -72.51
CA GLY A 576 73.06 30.08 -72.58
CA LEU A 577 69.76 29.15 -74.07
CA PRO A 578 69.64 27.86 -77.55
CA PRO A 579 68.28 30.25 -80.11
CA THR A 580 64.54 29.73 -80.17
CA ILE A 581 62.80 29.18 -83.47
CA ALA A 582 59.50 30.72 -84.31
CA ASN A 583 56.78 28.13 -84.00
CA GLY A 584 59.52 25.66 -83.27
CA ASP A 585 59.37 23.96 -79.90
CA PHE A 586 62.08 22.98 -77.46
CA ILE A 587 62.79 19.65 -75.81
CA SER A 588 65.56 17.34 -74.74
CA THR A 589 67.55 17.31 -71.54
CA ASN A 590 68.11 21.03 -71.77
CA ARG A 591 65.73 23.01 -69.65
CA GLU A 592 66.86 25.62 -67.20
CA ASN A 593 70.29 24.68 -66.09
CA PHE A 594 72.44 25.11 -69.13
CA HIS A 595 76.07 24.37 -68.55
CA TYR A 596 77.86 22.83 -71.48
CA GLY A 597 77.45 19.94 -73.89
CA SER A 598 73.73 19.78 -73.42
CA VAL A 599 71.88 18.86 -76.58
CA VAL A 600 68.52 20.22 -77.56
CA THR A 601 66.06 18.93 -80.13
CA TYR A 602 63.89 21.25 -82.16
CA ARG A 603 60.42 20.79 -83.54
CA CYS A 604 57.57 22.88 -84.84
CA ASN A 605 53.91 23.43 -83.96
CA PRO A 606 51.50 20.66 -84.77
CA GLY A 607 48.37 22.60 -83.75
CA SER A 608 48.15 20.09 -80.97
CA GLY A 609 48.68 16.43 -81.69
CA GLY A 610 50.35 16.73 -85.05
CA ARG A 611 49.14 18.49 -88.14
CA LYS A 612 50.55 19.46 -91.47
CA VAL A 613 51.48 22.87 -90.29
CA PHE A 614 55.03 24.13 -90.52
CA GLU A 615 57.85 21.66 -90.48
CA LEU A 616 61.35 21.71 -89.09
CA VAL A 617 64.04 21.69 -91.75
CA GLY A 618 67.77 21.56 -91.22
CA GLU A 619 69.59 19.94 -88.33
CA PRO A 620 66.94 19.10 -85.90
CA SER A 621 69.35 19.21 -83.03
CA ILE A 622 72.15 21.38 -81.71
CA TYR A 623 74.51 21.20 -78.78
CA CYS A 624 76.47 23.45 -76.47
CA THR A 625 80.06 24.01 -77.49
CA SER A 626 82.86 26.54 -77.29
CA ASN A 627 84.58 28.59 -79.94
CA ASP A 628 85.41 31.86 -78.24
CA ASP A 629 85.95 32.12 -74.59
CA GLN A 630 83.13 31.43 -72.29
CA VAL A 631 80.01 32.74 -73.98
CA GLY A 632 78.67 29.28 -74.57
CA ILE A 633 78.02 29.49 -78.28
CA TRP A 634 76.09 26.59 -79.81
CA SER A 635 77.17 24.32 -82.70
CA GLY A 636 75.20 25.71 -85.55
CA PRO A 637 72.19 27.49 -86.68
CA ALA A 638 68.81 26.36 -85.66
CA PRO A 639 66.44 24.82 -88.05
CA GLN A 640 63.49 26.57 -89.66
CA CYS A 641 59.83 25.78 -89.94
CA ILE A 642 59.95 25.50 -93.70
CA ILE A 643 58.45 22.42 -95.91
CA PRO A 644 57.43 22.81 -99.75
CA ASN A 645 53.77 21.65 -100.46
CA LYS A 646 52.23 21.84 -104.09
CA CYS A 647 49.33 22.48 -103.34
CA THR A 648 47.77 23.33 -100.04
CA PRO A 649 44.28 24.43 -99.41
CA PRO A 650 43.20 27.54 -101.18
CA ASN A 651 43.16 30.65 -99.07
CA VAL A 652 40.02 32.58 -99.80
CA GLU A 653 37.73 34.20 -97.31
CA ASN A 654 33.97 34.34 -97.81
CA GLY A 655 34.21 32.35 -101.02
CA ILE A 656 33.96 28.57 -100.73
CA LEU A 657 35.55 26.32 -103.30
CA VAL A 658 32.99 24.31 -105.31
CA SER A 659 35.01 21.61 -107.06
CA ASP A 660 36.58 18.57 -105.51
CA ASN A 661 38.00 19.63 -102.20
CA ARG A 662 41.01 17.59 -101.27
CA SER A 663 43.26 17.62 -98.28
CA LEU A 664 46.39 17.58 -100.34
CA PHE A 665 46.00 18.67 -103.92
CA SER A 666 48.36 17.81 -106.69
CA LEU A 667 49.43 19.48 -109.87
CA ASN A 668 46.66 20.35 -112.26
CA GLU A 669 44.10 20.41 -109.57
CA VAL A 670 41.70 23.16 -110.44
CA VAL A 671 39.30 24.70 -108.01
CA GLU A 672 36.48 27.12 -108.67
CA PHE A 673 35.30 29.47 -105.99
CA ARG A 674 31.79 30.65 -105.42
CA CYS A 675 31.13 33.56 -103.14
CA GLN A 676 28.76 33.53 -100.22
CA PRO A 677 25.51 35.27 -100.69
CA GLY A 678 25.94 39.00 -100.67
CA PHE A 679 29.54 38.84 -101.79
CA VAL A 680 31.14 39.39 -105.18
CA MET A 681 34.32 37.84 -106.47
CA LYS A 682 37.17 40.07 -107.37
CA GLY A 683 39.63 37.99 -109.31
CA PRO A 684 39.59 34.82 -111.31
CA ARG A 685 36.91 32.34 -110.32
CA ARG A 686 39.11 29.29 -110.76
CA VAL A 687 42.62 28.53 -109.65
CA LYS A 688 44.91 25.79 -110.83
CA CYS A 689 47.92 24.36 -109.12
CA GLN A 690 51.20 24.99 -110.79
CA ALA A 691 54.38 22.94 -110.82
CA LEU A 692 55.70 25.69 -108.60
CA ASN A 693 53.11 24.55 -106.07
CA LYS A 694 51.68 28.03 -106.12
CA TRP A 695 48.21 28.81 -107.29
CA GLU A 696 47.87 30.50 -110.61
CA PRO A 697 46.41 32.82 -110.96
CA GLU A 698 46.69 34.00 -107.38
CA LEU A 699 43.68 33.33 -105.18
CA PRO A 700 40.77 35.68 -105.49
CA SER A 701 38.91 37.34 -102.68
CA CYS A 702 35.20 37.63 -102.20
CA SER A 703 32.86 40.11 -100.15
CA ARG A 704 31.08 39.02 -96.66
CA VAL A 705 32.61 35.71 -95.42
CA CYS A 706 34.26 36.77 -91.85
CA GLN A 707 34.56 36.16 -88.15
CA PRO A 708 31.65 35.71 -85.93
CA PRO A 709 29.68 38.82 -85.30
CA PRO A 710 30.16 40.81 -82.20
CA ASP A 711 27.73 39.99 -79.47
CA VAL A 712 25.77 42.66 -77.73
CA LEU A 713 25.13 42.54 -74.04
CA HIS A 714 21.41 42.70 -73.92
CA ALA A 715 20.37 41.45 -77.28
CA GLU A 716 20.45 38.40 -79.46
CA ARG A 717 21.70 37.71 -82.91
CA THR A 718 19.36 36.57 -85.60
CA GLN A 719 21.54 33.53 -85.50
CA ARG A 720 21.10 32.96 -89.16
CA ASP A 721 23.95 30.67 -90.09
CA LYS A 722 25.70 32.04 -87.07
CA ASP A 723 28.17 29.22 -87.23
CA ASN A 724 29.67 30.47 -90.43
CA PHE A 725 29.23 33.71 -92.23
CA SER A 726 30.23 33.83 -95.85
CA PRO A 727 31.17 37.08 -97.35
CA GLY A 728 28.34 39.35 -98.34
CA GLN A 729 26.13 37.75 -95.78
CA GLU A 730 24.20 39.95 -93.44
CA VAL A 731 23.38 39.38 -89.82
CA PHE A 732 20.51 40.95 -87.92
CA TYR A 733 20.60 42.07 -84.32
CA SER A 734 17.57 42.13 -82.10
CA CYS A 735 17.01 43.28 -78.56
CA GLU A 736 15.01 41.79 -75.73
CA PRO A 737 11.65 43.24 -75.02
CA GLY A 738 11.99 46.57 -73.29
CA TYR A 739 15.15 47.32 -75.20
CA ASP A 740 15.69 49.48 -78.25
CA LEU A 741 18.47 49.13 -80.76
CA ARG A 742 20.82 51.99 -81.37
CA GLY A 743 22.69 51.99 -84.64
CA ALA A 744 22.15 50.00 -87.79
CA ALA A 745 20.31 46.81 -87.04
CA SER A 746 22.04 44.82 -89.70
CA MET A 747 25.70 44.25 -90.36
CA ARG A 748 27.16 42.94 -93.56
CA CYS A 749 30.38 41.15 -94.17
CA THR A 750 32.48 42.73 -96.84
CA PRO A 751 33.49 40.54 -99.67
CA GLN A 752 36.85 41.09 -98.10
CA GLY A 753 37.33 41.93 -94.49
CA ASP A 754 35.42 41.95 -91.27
CA TRP A 755 31.99 43.30 -90.51
CA SER A 756 31.47 46.70 -91.99
CA PRO A 757 29.74 48.47 -89.13
CA ALA A 758 30.03 48.25 -85.38
CA ALA A 759 27.36 46.26 -83.61
CA PRO A 760 24.24 47.88 -82.40
CA THR A 761 23.66 48.56 -78.76
CA CYS A 762 20.47 47.84 -76.91
CA GLU A 763 20.46 46.22 -73.57
CA VAL A 764 19.31 42.55 -73.10
CA LYS A 765 18.57 41.19 -76.55
CA SER A 766 15.03 39.49 -76.22
CA CYS A 767 14.34 35.70 -76.84
CA ASP A 768 10.99 34.04 -76.68
CA ASP A 769 9.85 34.46 -73.14
CA PHE A 770 8.16 31.18 -73.11
CA MET A 771 11.03 28.91 -72.74
CA GLY A 772 8.76 25.97 -72.17
CA GLN A 773 8.79 24.24 -68.85
CA LEU A 774 10.47 20.87 -68.76
CA LEU A 775 8.41 18.02 -67.51
CA ASN A 776 9.57 17.07 -64.06
CA GLY A 777 11.99 19.95 -64.05
CA ARG A 778 12.10 23.69 -63.86
CA VAL A 779 13.64 26.59 -65.70
CA LEU A 780 15.20 29.32 -63.70
CA PHE A 781 15.69 32.76 -65.16
CA PRO A 782 18.69 34.22 -63.50
CA VAL A 783 17.87 37.66 -64.77
CA ASN A 784 15.78 38.13 -67.83
CA LEU A 785 15.68 36.61 -71.24
CA GLN A 786 17.67 39.20 -73.14
CA LEU A 787 20.30 38.90 -75.84
CA GLY A 788 22.84 37.72 -73.37
CA ALA A 789 20.92 36.24 -70.46
CA LYS A 790 21.44 32.63 -69.47
CA VAL A 791 18.69 30.36 -68.28
CA ASP A 792 19.43 27.34 -66.14
CA PHE A 793 17.71 23.99 -66.16
CA VAL A 794 17.37 21.75 -63.14
CA CYS A 795 15.22 18.79 -62.38
CA ASP A 796 13.44 17.28 -59.45
CA GLU A 797 15.26 14.76 -57.37
CA GLY A 798 15.31 11.42 -59.07
CA PHE A 799 15.36 12.77 -62.58
CA GLN A 800 18.51 13.82 -64.35
CA LEU A 801 18.76 16.30 -67.16
CA LYS A 802 19.40 14.95 -70.57
CA GLY A 803 20.66 17.83 -72.58
CA SER A 804 22.44 21.05 -71.80
CA SER A 805 22.40 22.48 -68.32
CA ALA A 806 21.79 26.01 -69.51
CA SER A 807 20.78 27.91 -72.58
CA TYR A 808 22.04 31.31 -73.54
CA CYS A 809 19.87 33.75 -75.40
CA VAL A 810 22.00 34.70 -78.37
CA LEU A 811 21.74 36.80 -81.47
CA ALA A 812 22.22 35.07 -84.77
CA GLY A 813 21.08 36.55 -87.99
CA MET A 814 18.45 39.21 -87.64
CA GLU A 815 16.72 37.68 -84.65
CA SER A 816 17.82 36.22 -81.38
CA LEU A 817 17.11 32.67 -80.34
CA TRP A 818 18.08 30.39 -77.48
CA ASN A 819 21.41 28.66 -77.98
CA SER A 820 20.25 25.26 -76.98
CA SER A 821 17.06 23.33 -77.22
CA VAL A 822 15.41 22.62 -73.93
CA PRO A 823 16.67 19.53 -72.25
CA VAL A 824 14.34 16.85 -71.03
CA CYS A 825 14.56 15.05 -67.79
CA GLU A 826 13.85 11.53 -69.07
CA GLN A 827 13.88 9.17 -65.94
CA ILE A 828 10.69 7.94 -64.20
CA PHE A 829 6.92 7.67 -65.03
CA CYS A 830 6.36 3.81 -64.57
CA PRO A 831 8.86 1.88 -62.63
CA SER A 832 10.83 -0.80 -64.36
CA PRO A 833 8.82 -3.78 -65.24
CA PRO A 834 9.12 -7.07 -63.44
CA VAL A 835 12.15 -9.27 -64.29
CA ILE A 836 10.56 -12.73 -64.87
CA PRO A 837 12.75 -15.72 -64.57
CA ASN A 838 13.80 -17.61 -67.67
CA GLY A 839 12.24 -14.83 -69.67
CA ARG A 840 13.30 -11.50 -70.99
CA HIS A 841 11.82 -8.14 -71.78
CA THR A 842 11.77 -7.39 -75.44
CA GLY A 843 12.33 -3.95 -76.86
CA LYS A 844 12.86 -2.76 -73.33
CA PRO A 845 13.28 0.90 -73.07
CA LEU A 846 15.73 1.76 -70.41
CA GLU A 847 14.54 3.44 -67.27
CA VAL A 848 11.77 4.96 -69.21
CA PHE A 849 8.25 3.77 -69.55
CA PRO A 850 5.78 6.44 -70.15
CA PHE A 851 2.23 5.85 -69.19
CA GLY A 852 0.30 3.77 -71.60
CA LYS A 853 3.49 2.15 -72.76
CA ALA A 854 3.39 -1.58 -73.14
CA VAL A 855 6.10 -4.12 -72.49
CA ASN A 856 6.19 -7.57 -73.99
CA TYR A 857 7.66 -10.58 -72.27
CA THR A 858 9.13 -13.64 -73.93
CA CYS A 859 10.71 -16.83 -72.68
CA ASP A 860 14.12 -18.23 -73.43
CA PRO A 861 14.06 -20.05 -76.69
CA HIS A 862 17.46 -21.44 -75.85
CA PRO A 863 19.73 -20.08 -78.50
CA ASP A 864 17.35 -19.96 -81.43
CA ARG A 865 13.83 -21.03 -80.67
CA GLY A 866 12.79 -24.27 -79.19
CA THR A 867 10.85 -26.38 -76.80
CA SER A 868 11.92 -24.55 -73.73
CA PHE A 869 9.89 -22.64 -71.22
CA ASP A 870 6.70 -21.26 -72.63
CA LEU A 871 4.97 -18.16 -71.40
CA ILE A 872 1.94 -18.54 -69.19
CA GLY A 873 -0.35 -15.63 -68.47
CA GLU A 874 -0.61 -12.21 -70.05
CA SER A 875 2.32 -11.80 -72.36
CA THR A 876 2.10 -8.05 -72.21
CA ILE A 877 1.49 -5.47 -69.56
CA ARG A 878 0.80 -1.77 -69.85
CA CYS A 879 1.59 1.12 -67.61
CA THR A 880 -1.32 2.83 -65.93
CA SER A 881 -1.89 4.87 -62.82
CA ASP A 882 -4.17 3.75 -60.03
CA PRO A 883 -2.44 6.06 -57.60
CA GLN A 884 -1.45 9.51 -58.67
CA GLY A 885 2.04 8.80 -59.78
CA ASN A 886 3.51 5.52 -58.67
CA GLY A 887 3.30 4.41 -62.27
CA VAL A 888 1.81 1.01 -61.47
CA TRP A 889 1.63 -1.70 -64.09
CA SER A 890 -1.62 -3.41 -65.02
CA SER A 891 -0.89 -6.84 -63.71
CA PRO A 892 1.73 -9.25 -62.73
CA ALA A 893 4.17 -10.55 -65.24
CA PRO A 894 3.81 -13.83 -66.94
CA ARG A 895 5.69 -16.94 -65.94
CA CYS A 896 7.93 -19.13 -68.05
CA GLY A 897 7.78 -21.88 -69.47
CA ILE A 898 8.19 -24.91 -71.85
CA LEU A 899 11.20 -26.04 -74.29
CA GLY A 900 8.22 -26.96 -76.37
CA HIS A 901 6.65 -30.24 -77.81
CA CYS A 902 6.34 -30.24 -81.71
CA GLN A 903 8.42 -31.80 -84.47
CA ALA A 904 8.44 -30.43 -88.00
CA PRO A 905 4.88 -30.34 -89.44
CA ASP A 906 4.12 -33.06 -91.99
CA HIS A 907 3.87 -32.10 -95.66
CA PHE A 908 0.36 -31.29 -96.84
CA LEU A 909 1.35 -30.66 -100.46
CA PHE A 910 -2.01 -28.99 -101.10
CA ALA A 911 -0.92 -26.15 -98.82
CA LYS A 912 2.16 -23.91 -98.82
CA LEU A 913 3.64 -22.70 -95.52
CA LYS A 914 2.71 -19.10 -94.68
CA THR A 915 4.32 -18.12 -91.37
CA GLN A 916 7.68 -16.88 -90.12
CA THR A 917 9.88 -19.90 -89.44
CA ASN A 918 13.61 -20.44 -88.94
CA ALA A 919 13.90 -23.76 -87.13
CA SER A 920 13.00 -27.45 -87.45
CA ASP A 921 11.65 -27.96 -83.93
CA PHE A 922 8.51 -25.90 -83.28
CA PRO A 923 7.46 -24.83 -79.75
CA ILE A 924 4.23 -26.33 -78.41
CA GLY A 925 1.35 -23.87 -78.34
CA THR A 926 1.60 -22.28 -81.76
CA SER A 927 -0.55 -22.46 -84.89
CA LEU A 928 1.26 -22.65 -88.21
CA LYS A 929 -0.46 -20.93 -91.14
CA TYR A 930 -0.90 -22.89 -94.38
CA GLU A 931 -2.63 -21.68 -97.54
CA CYS A 932 -4.11 -24.28 -99.90
CA ARG A 933 -3.09 -24.42 -103.57
CA PRO A 934 -5.07 -22.66 -106.37
CA GLU A 935 -6.71 -25.97 -107.30
CA TYR A 936 -8.07 -26.04 -103.73
CA TYR A 937 -10.53 -24.09 -101.57
CA GLY A 938 -11.01 -23.79 -97.82
CA ARG A 939 -9.33 -20.59 -96.61
CA PRO A 940 -5.93 -20.58 -94.81
CA PHE A 941 -6.01 -22.88 -91.78
CA SER A 942 -3.38 -23.68 -89.15
CA ILE A 943 -2.12 -26.65 -87.13
CA THR A 944 -1.86 -25.97 -83.39
CA CYS A 945 0.97 -27.58 -81.42
CA LEU A 946 -0.92 -29.13 -78.53
CA ASP A 947 1.51 -30.75 -76.10
CA ASN A 948 2.22 -34.35 -77.06
CA LEU A 949 4.58 -32.96 -79.69
CA VAL A 950 1.75 -33.20 -82.12
CA TRP A 951 -0.20 -30.87 -84.35
CA SER A 952 -3.95 -30.41 -84.01
CA SER A 953 -5.81 -32.86 -86.23
CA PRO A 954 -7.21 -30.92 -89.21
CA LYS A 955 -10.57 -32.12 -90.51
CA ASP A 956 -11.96 -31.55 -93.99
CA VAL A 957 -10.55 -28.03 -94.16
CA CYS A 958 -8.71 -28.12 -97.47
CA LYS A 959 -9.81 -29.61 -100.96
CA ARG A 960 -9.67 -32.74 -100.10
CA LYS A 961 -9.13 -34.95 -96.82
CA SER A 962 -9.28 -39.02 -96.73
CA CYS A 963 -8.77 -40.96 -93.34
CA LYS A 964 -5.61 -40.20 -91.47
CA THR A 965 -4.61 -42.95 -89.13
CA PRO A 966 -5.38 -42.20 -85.55
CA PRO A 967 -2.62 -41.56 -83.16
CA ASP A 968 -1.63 -44.49 -81.00
CA PRO A 969 -3.81 -44.45 -77.99
CA VAL A 970 -2.15 -44.23 -74.64
CA ASN A 971 -0.95 -47.59 -73.52
CA GLY A 972 -2.62 -48.95 -76.60
CA MET A 973 -2.33 -49.57 -80.32
CA VAL A 974 -4.66 -49.16 -83.28
CA HIS A 975 -5.03 -52.04 -85.68
CA VAL A 976 -6.22 -51.99 -89.26
CA ILE A 977 -8.13 -54.91 -90.53
CA THR A 978 -7.77 -54.65 -94.29
CA ASP A 979 -6.85 -51.12 -95.30
CA ILE A 980 -7.19 -47.35 -94.84
CA GLN A 981 -9.78 -47.08 -97.63
CA VAL A 982 -13.06 -45.37 -96.85
CA GLY A 983 -15.94 -47.65 -96.01
CA SER A 984 -13.74 -49.87 -93.88
CA ARG A 985 -13.98 -50.45 -90.16
CA ILE A 986 -10.84 -50.76 -88.07
CA ASN A 987 -10.48 -51.63 -84.42
CA TYR A 988 -8.64 -50.27 -81.40
CA SER A 989 -6.87 -52.07 -78.58
CA CYS A 990 -5.18 -51.32 -75.29
CA THR A 991 -3.12 -52.86 -72.51
CA THR A 992 -4.70 -55.78 -70.77
CA GLY A 993 -6.92 -54.58 -67.99
CA HIS A 994 -7.84 -51.35 -69.73
CA ARG A 995 -11.39 -50.97 -70.96
CA LEU A 996 -11.88 -49.02 -74.17
CA ILE A 997 -13.70 -45.85 -73.36
CA GLY A 998 -15.48 -45.47 -76.63
CA HIS A 999 -16.81 -47.54 -79.50
CA SER A 1000 -13.79 -49.80 -79.83
CA SER A 1001 -14.39 -49.32 -83.54
CA ALA A 1002 -14.16 -46.69 -86.25
CA GLU A 1003 -15.60 -45.73 -89.63
CA CYS A 1004 -13.75 -43.72 -92.26
CA ILE A 1005 -16.26 -41.04 -93.07
CA LEU A 1006 -15.79 -37.91 -95.10
CA SER A 1007 -16.89 -34.69 -93.48
CA GLY A 1008 -16.43 -33.22 -96.94
CA ASN A 1009 -13.39 -31.12 -96.26
CA THR A 1010 -11.49 -33.91 -94.64
CA ALA A 1011 -12.00 -37.58 -94.03
CA HIS A 1012 -11.56 -38.81 -90.50
CA TRP A 1013 -12.64 -41.59 -88.21
CA SER A 1014 -16.01 -41.26 -86.54
CA THR A 1015 -14.61 -42.24 -83.20
CA LYS A 1016 -12.85 -39.96 -80.81
CA PRO A 1017 -9.42 -40.90 -79.61
CA PRO A 1018 -9.88 -43.84 -77.37
CA ILE A 1019 -8.87 -43.74 -73.75
CA CYS A 1020 -7.72 -46.40 -71.33
CA GLN A 1021 -9.34 -46.33 -67.83
CA ARG A 1022 -6.31 -47.60 -65.74
CA ILE A 1023 -3.45 -44.90 -65.62
CA PRO A 1024 -0.23 -44.11 -63.45
CA CYS A 1025 -0.64 -43.57 -59.56
CA GLY A 1026 -3.33 -41.49 -57.89
CA LEU A 1027 -2.99 -38.87 -55.17
CA PRO A 1028 -0.60 -39.49 -52.24
CA PRO A 1029 -2.09 -40.33 -48.81
CA THR A 1030 -2.75 -36.89 -47.40
CA ILE A 1031 -2.02 -36.53 -43.69
CA ALA A 1032 -4.33 -34.42 -41.54
CA ASN A 1033 -3.00 -30.89 -40.97
CA GLY A 1034 -0.13 -31.76 -43.29
CA ASP A 1035 -0.07 -29.87 -46.60
CA PHE A 1036 1.20 -31.01 -50.00
CA ILE A 1037 3.77 -29.61 -52.45
CA SER A 1038 6.49 -30.64 -54.91
CA THR A 1039 6.02 -31.44 -58.60
CA ASN A 1040 2.86 -33.46 -58.04
CA ARG A 1041 -0.36 -31.47 -58.49
CA GLU A 1042 -2.85 -33.39 -60.64
CA ASN A 1043 -1.07 -34.95 -63.63
CA PHE A 1044 -0.06 -38.00 -61.56
CA HIS A 1045 1.47 -40.87 -63.53
CA TYR A 1046 4.28 -42.56 -61.56
CA GLY A 1047 7.59 -41.85 -59.83
CA SER A 1048 6.43 -38.30 -59.08
CA VAL A 1049 7.67 -37.25 -55.64
CA VAL A 1050 5.73 -35.12 -53.14
CA THR A 1051 6.94 -33.22 -50.08
CA TYR A 1052 4.69 -33.25 -47.01
CA ARG A 1053 4.39 -30.60 -44.30
CA CYS A 1054 1.92 -29.30 -41.70
CA ASN A 1055 -0.21 -26.27 -40.83
CA LEU A 1056 1.45 -23.13 -39.46
CA GLY A 1057 -1.36 -20.62 -39.16
CA SER A 1058 -0.55 -19.12 -42.55
CA ARG A 1059 3.13 -18.12 -42.38
CA GLY A 1060 5.02 -20.45 -40.07
CA ARG A 1061 4.07 -20.97 -36.42
CA LYS A 1062 4.52 -23.47 -33.59
CA VAL A 1063 1.44 -25.52 -34.45
CA PHE A 1064 2.03 -29.17 -35.31
CA GLU A 1065 5.14 -30.42 -37.12
CA LEU A 1066 5.83 -33.15 -39.69
CA VAL A 1067 7.69 -36.17 -38.38
CA GLY A 1068 9.01 -39.13 -40.33
CA GLU A 1069 9.12 -39.72 -44.09
CA PRO A 1070 8.74 -35.98 -44.94
CA SER A 1071 8.64 -37.16 -48.56
CA ILE A 1072 7.18 -39.99 -50.66
CA TYR A 1073 6.84 -41.09 -54.26
CA CYS A 1074 4.68 -43.16 -56.60
CA THR A 1075 5.49 -46.85 -56.86
CA SER A 1076 3.87 -50.26 -57.41
CA ASN A 1077 2.97 -53.32 -55.34
CA ASP A 1078 -0.27 -54.66 -56.83
CA ASP A 1079 -0.36 -54.13 -60.60
CA GLN A 1080 -2.18 -50.89 -61.48
CA VAL A 1081 -3.83 -48.70 -58.80
CA GLY A 1082 -0.53 -46.88 -58.35
CA ILE A 1083 0.09 -47.34 -54.63
CA TRP A 1084 2.61 -44.99 -53.03
CA SER A 1085 5.14 -45.80 -50.31
CA GLY A 1086 3.33 -44.96 -47.08
CA PRO A 1087 1.49 -42.22 -45.12
CA ALA A 1088 4.08 -42.31 -42.33
CA PRO A 1089 4.33 -38.47 -41.96
CA GLN A 1090 2.51 -37.13 -38.90
CA CYS A 1091 2.06 -33.75 -37.19
CA ILE A 1092 3.00 -33.33 -33.36
CA ILE A 1093 0.98 -31.40 -30.43
CA PRO A 1094 3.72 -30.11 -27.72
CA ASN A 1095 1.70 -31.71 -24.74
CA LYS A 1096 1.98 -34.87 -22.44
CA CYS A 1097 -0.88 -34.64 -19.89
CA THR A 1098 -4.43 -35.69 -19.27
CA PRO A 1099 -7.36 -33.49 -18.71
CA PRO A 1100 -7.12 -31.17 -15.79
CA ASN A 1101 -8.99 -32.25 -12.73
CA VAL A 1102 -10.79 -29.28 -11.28
CA GLU A 1103 -14.32 -29.16 -10.01
CA ASN A 1104 -16.52 -26.11 -10.43
CA GLY A 1105 -13.82 -24.28 -12.37
CA ILE A 1106 -13.82 -24.70 -16.14
CA LEU A 1107 -10.64 -24.33 -18.13
CA VAL A 1108 -10.70 -21.33 -20.50
CA SER A 1109 -7.80 -21.88 -22.86
CA ASP A 1110 -7.55 -24.39 -25.64
CA ASN A 1111 -9.10 -27.56 -24.39
CA ARG A 1112 -7.53 -30.59 -25.96
CA SER A 1113 -8.19 -34.26 -25.59
CA LEU A 1114 -4.55 -35.11 -25.17
CA PHE A 1115 -2.33 -32.25 -24.15
CA SER A 1116 1.38 -32.15 -24.65
CA LEU A 1117 4.24 -30.56 -22.85
CA ASN A 1118 4.02 -26.84 -22.40
CA GLU A 1119 0.33 -26.82 -22.71
CA VAL A 1120 -0.95 -24.20 -20.35
CA VAL A 1121 -4.50 -23.97 -19.18
CA GLU A 1122 -6.18 -21.24 -17.20
CA PHE A 1123 -9.17 -21.96 -15.04
CA ARG A 1124 -12.08 -19.70 -14.40
CA CYS A 1125 -14.49 -20.48 -11.63
CA GLN A 1126 -18.22 -20.78 -12.00
CA PRO A 1127 -20.25 -17.94 -10.76
CA GLY A 1128 -20.36 -17.86 -7.00
CA PHE A 1129 -17.07 -19.69 -6.63
CA VAL A 1130 -13.58 -18.47 -5.85
CA MET A 1131 -10.33 -20.04 -6.91
CA LYS A 1132 -7.96 -21.23 -4.29
CA GLY A 1133 -4.67 -21.89 -5.99
CA PRO A 1134 -2.92 -20.83 -9.13
CA ARG A 1135 -5.21 -19.85 -11.97
CA ARG A 1136 -3.10 -21.45 -14.67
CA VAL A 1137 -1.44 -24.83 -14.90
CA LYS A 1138 1.25 -25.97 -17.27
CA CYS A 1139 2.18 -29.46 -18.24
CA GLN A 1140 5.56 -30.61 -17.14
CA ALA A 1141 7.95 -33.10 -18.70
CA LEU A 1142 6.95 -35.27 -15.77
CA ASN A 1143 3.47 -35.27 -17.28
CA LYS A 1144 2.17 -33.83 -14.06
CA TRP A 1145 0.60 -30.45 -13.80
CA GLU A 1146 2.63 -27.74 -12.17
CA PRO A 1147 1.63 -26.19 -10.10
CA GLU A 1148 -0.90 -28.73 -8.89
CA LEU A 1149 -4.46 -28.13 -9.99
CA PRO A 1150 -6.45 -25.58 -8.09
CA SER A 1151 -9.92 -25.99 -6.73
CA CYS A 1152 -12.82 -23.61 -6.99
CA SER A 1153 -16.34 -24.53 -7.83
CA ARG A 1154 -17.85 -22.88 -5.70
CA VAL A 1155 -18.50 -24.23 -1.98
CA CYS A 1156 -20.02 -21.34 0.00
CA GLN A 1157 -20.76 -19.70 3.30
CA PRO A 1158 -23.65 -17.44 3.73
CA PRO A 1159 -22.83 -13.93 2.74
CA PRO A 1160 -21.40 -11.55 5.21
CA GLU A 1161 -23.92 -9.22 6.69
CA ILE A 1162 -23.17 -5.57 6.65
CA LEU A 1163 -24.31 -3.13 9.24
CA HIS A 1164 -26.94 -0.70 8.11
CA GLY A 1165 -27.61 -2.83 5.07
CA GLU A 1166 -29.44 -5.95 4.02
CA HIS A 1167 -29.01 -8.66 1.49
CA THR A 1168 -31.52 -8.66 -1.25
CA PRO A 1169 -33.52 -11.79 -0.87
CA SER A 1170 -31.05 -14.55 -1.45
CA HIS A 1171 -32.23 -17.51 -3.36
CA GLN A 1172 -31.17 -19.86 -0.67
CA ASP A 1173 -29.99 -19.95 2.88
CA ASN A 1174 -26.95 -21.58 1.39
CA PHE A 1175 -25.27 -20.60 -1.82
CA SER A 1176 -24.12 -22.90 -4.54
CA PRO A 1177 -21.10 -22.03 -6.50
CA GLY A 1178 -21.41 -19.25 -9.04
CA GLN A 1179 -24.22 -17.84 -6.99
CA GLU A 1180 -24.43 -14.10 -6.80
CA VAL A 1181 -25.75 -12.06 -3.92
CA PHE A 1182 -26.67 -8.42 -4.01
CA TYR A 1183 -26.41 -5.94 -1.16
CA SER A 1184 -28.66 -3.01 -0.48
CA CYS A 1185 -28.78 -0.39 2.17
CA GLU A 1186 -31.30 1.51 4.23
CA PRO A 1187 -32.58 4.76 2.99
CA GLY A 1188 -30.17 7.49 3.91
CA TYR A 1189 -27.23 5.20 3.36
CA ASP A 1190 -24.90 4.98 0.41
CA LEU A 1191 -23.26 1.82 -0.68
CA ARG A 1192 -19.61 1.95 -1.52
CA GLY A 1193 -17.85 -0.92 -3.17
CA ALA A 1194 -19.20 -3.62 -5.42
CA ALA A 1195 -22.87 -4.16 -4.86
CA SER A 1196 -22.72 -7.83 -5.68
CA LEU A 1197 -20.44 -10.67 -4.69
CA HIS A 1198 -20.21 -14.05 -6.29
CA CYS A 1199 -19.18 -17.39 -4.89
CA THR A 1200 -16.32 -19.14 -6.58
CA PRO A 1201 -16.65 -22.74 -7.47
CA GLN A 1202 -14.47 -23.44 -4.52
CA GLY A 1203 -13.94 -20.98 -1.79
CA ASP A 1204 -15.35 -18.00 -0.04
CA TRP A 1205 -16.98 -15.03 -1.62
CA SER A 1206 -14.65 -13.33 -3.99
CA PRO A 1207 -14.99 -9.75 -2.86
CA GLU A 1208 -15.42 -8.08 0.48
CA ALA A 1209 -18.92 -6.95 1.21
CA PRO A 1210 -19.80 -3.41 0.48
CA ARG A 1211 -20.10 -0.89 3.23
CA CYS A 1212 -22.79 1.65 3.67
CA ALA A 1213 -25.04 1.72 6.39
CA VAL A 1214 -23.08 -0.79 8.45
CA LYS A 1215 -25.26 -3.26 10.36
CA SER A 1216 -28.51 -4.41 8.77
CA CYS A 1217 -29.81 -6.86 11.71
CA ASP A 1218 -32.97 -6.92 13.71
CA ASP A 1219 -33.84 -3.38 14.61
CA PHE A 1220 -34.94 -4.46 17.97
CA LEU A 1221 -31.58 -4.32 19.57
CA GLY A 1222 -33.80 -3.49 22.47
CA GLN A 1223 -32.89 -1.50 25.52
CA LEU A 1224 -30.78 -2.36 28.52
CA PRO A 1225 -32.12 -1.59 31.92
CA HIS A 1226 -30.20 1.30 33.43
CA GLY A 1227 -28.16 1.62 30.33
CA ARG A 1228 -28.44 2.80 26.78
CA VAL A 1229 -27.44 1.51 23.43
CA LEU A 1230 -26.10 3.92 20.91
CA PHE A 1231 -26.24 3.17 17.26
CA PRO A 1232 -23.50 5.28 15.85
CA LEU A 1233 -24.59 4.76 12.32
CA ASN A 1234 -27.44 2.35 11.80
CA LEU A 1235 -27.79 -1.35 12.22
CA GLN A 1236 -26.81 -2.69 8.82
CA LEU A 1237 -24.30 -5.41 8.28
CA GLY A 1238 -21.06 -3.87 9.39
CA ALA A 1239 -22.51 -1.30 11.76
CA LYS A 1240 -21.52 -1.59 15.39
CA VAL A 1241 -23.70 -0.66 18.30
CA SER A 1242 -22.16 0.36 21.57
CA PHE A 1243 -23.44 -0.26 25.05
CA VAL A 1244 -22.91 2.10 27.93
CA CYS A 1245 -24.54 2.44 31.26
CA ASP A 1246 -25.60 4.91 33.88
CA GLU A 1247 -23.09 6.23 36.34
CA GLY A 1248 -22.50 3.63 38.99
CA PHE A 1249 -23.64 0.66 36.97
CA ARG A 1250 -21.19 -1.32 34.91
CA LEU A 1251 -22.13 -3.46 32.02
CA LYS A 1252 -21.81 -7.19 32.29
CA GLY A 1253 -21.23 -8.53 28.88
CA SER A 1254 -19.75 -7.20 25.70
CA SER A 1255 -19.01 -3.50 25.28
CA VAL A 1256 -20.02 -3.45 21.64
CA SER A 1257 -21.92 -5.67 19.28
CA HIS A 1258 -21.31 -5.77 15.59
CA CYS A 1259 -23.94 -6.52 13.04
CA VAL A 1260 -22.33 -9.28 11.07
CA LEU A 1261 -23.24 -11.21 8.01
CA VAL A 1262 -23.13 -14.94 8.05
CA GLY A 1263 -24.22 -16.65 4.92
CA MET A 1264 -27.54 -17.67 6.38
CA ARG A 1265 -28.49 -14.25 7.54
CA SER A 1266 -27.23 -11.22 9.32
CA LEU A 1267 -27.17 -11.27 13.09
CA TRP A 1268 -25.64 -9.41 15.99
CA ASN A 1269 -22.22 -10.58 17.06
CA ASN A 1270 -23.03 -10.63 20.72
CA SER A 1271 -26.07 -10.82 22.89
CA VAL A 1272 -26.98 -7.66 24.70
CA PRO A 1273 -25.23 -7.04 27.94
CA VAL A 1274 -26.94 -6.17 31.20
CA CYS A 1275 -25.88 -3.55 33.65
CA GLU A 1276 -25.96 -4.19 37.55
CA HIS A 1277 -26.13 -2.40 40.94
CA ILE A 1278 -25.67 -5.70 43.26
CA PHE A 1279 -21.64 -5.92 43.49
CA CYS A 1280 -20.70 -6.55 46.73
CA PRO A 1281 -21.44 -10.16 47.18
CA ASN A 1282 -24.92 -11.30 47.98
CA PRO A 1283 -25.92 -10.26 51.39
CA PRO A 1284 -25.70 -12.53 54.35
CA ALA A 1285 -28.86 -14.47 54.98
CA ILE A 1286 -30.20 -14.63 58.49
CA LEU A 1287 -32.19 -17.36 60.12
CA ASN A 1288 -35.86 -16.69 60.70
CA GLY A 1289 -35.45 -13.49 58.75
CA ARG A 1290 -35.64 -12.44 55.15
CA HIS A 1291 -34.22 -9.78 52.96
CA THR A 1292 -36.45 -7.31 51.29
CA GLY A 1293 -36.34 -7.83 47.55
CA THR A 1294 -32.72 -7.16 47.07
CA PRO A 1295 -32.67 -8.28 44.26
CA SER A 1296 -29.47 -10.24 44.33
CA GLY A 1297 -26.86 -10.76 41.72
CA ASP A 1298 -26.25 -7.09 41.56
CA ILE A 1299 -25.40 -5.13 44.62
CA PRO A 1300 -23.90 -1.95 43.45
CA TYR A 1301 -21.76 0.25 45.60
CA GLY A 1302 -23.92 2.33 47.87
CA LYS A 1303 -26.89 0.04 47.57
CA GLU A 1304 -28.67 -0.76 50.77
CA ILE A 1305 -30.56 -3.84 51.78
CA SER A 1306 -32.98 -4.15 54.62
CA TYR A 1307 -33.65 -7.21 56.72
CA THR A 1308 -36.91 -8.23 58.32
CA CYS A 1309 -37.84 -10.95 60.72
CA ASP A 1310 -40.57 -13.58 60.49
CA PRO A 1311 -43.90 -12.24 61.49
CA HIS A 1312 -45.24 -15.75 61.45
CA PRO A 1313 -47.69 -15.86 58.64
CA ASP A 1314 -49.32 -12.60 59.67
CA ARG A 1315 -47.36 -10.03 61.57
CA GLY A 1316 -46.83 -10.31 65.23
CA MET A 1317 -44.57 -10.39 68.19
CA THR A 1318 -42.47 -13.23 67.04
CA PHE A 1319 -38.76 -13.33 66.51
CA ASN A 1320 -37.51 -9.79 66.71
CA LEU A 1321 -34.60 -8.23 64.90
CA ILE A 1322 -31.63 -7.13 66.90
CA GLY A 1323 -28.86 -5.01 65.51
CA GLU A 1324 -28.70 -2.79 62.45
CA SER A 1325 -31.68 -3.54 60.27
CA THR A 1326 -30.00 -2.24 57.18
CA ILE A 1327 -26.60 -2.69 55.62
CA ARG A 1328 -24.93 -0.91 52.73
CA CYS A 1329 -22.40 -1.88 50.12
CA THR A 1330 -19.17 -0.03 50.61
CA SER A 1331 -15.69 -0.16 49.26
CA ASP A 1332 -12.43 -0.75 51.00
CA PRO A 1333 -9.38 -0.57 48.88
CA HIS A 1334 -10.18 -4.06 47.77
CA GLY A 1335 -12.11 -4.20 44.54
CA ASN A 1336 -14.43 -6.71 46.09
CA GLY A 1337 -17.15 -4.61 47.60
CA VAL A 1338 -17.76 -5.23 51.25
CA TRP A 1339 -20.85 -4.82 53.33
CA SER A 1340 -20.68 -2.30 56.12
CA SER A 1341 -21.55 -4.57 58.98
CA PRO A 1342 -22.76 -7.97 59.85
CA ALA A 1343 -26.40 -8.78 59.41
CA PRO A 1344 -28.90 -8.51 62.17
CA ARG A 1345 -30.24 -11.45 64.13
CA CYS A 1346 -33.78 -12.65 64.77
CA GLU A 1347 -34.85 -13.65 68.38
CA LEU A 1348 -37.84 -16.04 68.65
CA SER A 1349 -39.87 -16.76 72.02
CA VAL A 1350 -42.50 -13.99 72.64
CA ARG A 1351 -44.43 -16.09 74.55
CA ALA A 1352 -47.32 -18.06 76.19
CA GLY A 1353 -47.73 -17.88 80.13
CA HIS A 1354 -49.41 -18.86 83.50
CA CYS A 1355 -51.33 -20.47 84.80
CA LYS A 1356 -50.43 -23.40 82.64
CA THR A 1357 -51.77 -26.81 83.53
CA PRO A 1358 -50.64 -27.87 86.91
CA GLU A 1359 -47.80 -30.32 87.03
CA GLN A 1360 -48.79 -33.77 88.02
CA PHE A 1361 -48.13 -34.81 91.57
CA PRO A 1362 -48.74 -38.53 91.46
CA PHE A 1363 -49.44 -38.57 95.18
CA ALA A 1364 -52.55 -36.47 94.79
CA SER A 1365 -55.58 -36.73 92.56
CA PRO A 1366 -57.35 -33.64 91.44
CA THR A 1367 -60.55 -32.76 93.19
CA ILE A 1368 -62.04 -29.64 91.71
CA PRO A 1369 -64.27 -28.74 88.85
CA ILE A 1370 -62.01 -28.45 85.87
CA ASN A 1371 -61.78 -25.43 83.70
CA ASP A 1372 -59.96 -26.27 80.48
CA PHE A 1373 -56.21 -26.70 80.07
CA GLU A 1374 -55.36 -23.15 80.97
CA PHE A 1375 -56.21 -22.03 84.46
CA PRO A 1376 -56.91 -18.46 85.29
CA VAL A 1377 -54.59 -16.78 87.72
CA GLY A 1378 -55.90 -16.40 91.21
CA THR A 1379 -57.37 -19.82 91.76
CA SER A 1380 -56.50 -22.64 94.11
CA LEU A 1381 -56.77 -26.12 92.74
CA ASN A 1382 -57.74 -28.83 95.21
CA TYR A 1383 -55.71 -32.02 95.32
CA GLU A 1384 -56.30 -34.93 97.66
CA CYS A 1385 -53.48 -37.24 98.60
CA ARG A 1386 -53.76 -40.96 97.96
CA PRO A 1387 -54.68 -43.29 100.72
CA GLY A 1388 -51.12 -44.25 101.46
CA TYR A 1389 -50.45 -40.60 102.07
CA PHE A 1390 -51.29 -38.30 104.92
CA GLY A 1391 -51.79 -34.58 104.93
CA LYS A 1392 -54.92 -32.73 104.26
CA MET A 1393 -56.24 -31.79 100.90
CA PHE A 1394 -54.12 -28.89 99.79
CA SER A 1395 -54.30 -26.54 96.86
CA ILE A 1396 -51.91 -24.76 94.56
CA SER A 1397 -52.75 -21.13 94.05
CA CYS A 1398 -52.13 -19.48 90.72
CA LEU A 1399 -50.17 -16.45 91.77
CA GLU A 1400 -49.82 -14.30 88.65
CA ASN A 1401 -46.45 -15.39 87.33
CA LEU A 1402 -48.42 -18.14 85.66
CA VAL A 1403 -46.84 -20.23 88.32
CA TRP A 1404 -48.55 -22.20 91.01
CA SER A 1405 -47.81 -21.61 94.66
CA SER A 1406 -44.88 -23.69 95.82
CA VAL A 1407 -46.13 -26.42 98.06
CA GLU A 1408 -43.98 -27.46 101.00
CA ASP A 1409 -43.90 -30.93 102.43
CA ASN A 1410 -47.70 -30.98 102.66
CA CYS A 1411 -48.28 -34.49 101.41
CA ARG A 1412 -46.71 -37.88 102.40
CA ARG A 1413 -45.43 -39.30 98.97
CA LYS A 1414 -46.37 -43.26 98.60
CA SER A 1415 -43.09 -45.03 97.37
CA CYS A 1416 -41.47 -46.62 100.73
CA GLY A 1417 -38.50 -48.95 100.76
CA PRO A 1418 -39.35 -52.42 99.66
CA PRO A 1419 -40.08 -54.72 102.50
CA PRO A 1420 -37.86 -57.70 102.99
CA GLU A 1421 -39.35 -60.95 101.82
CA PRO A 1422 -40.74 -62.71 104.82
CA PHE A 1423 -39.34 -66.17 105.17
CA ASN A 1424 -41.62 -68.74 103.65
CA GLY A 1425 -43.60 -65.99 102.03
CA MET A 1426 -43.42 -62.99 99.73
CA VAL A 1427 -45.03 -59.64 99.23
CA HIS A 1428 -46.71 -58.81 95.97
CA ILE A 1429 -46.96 -55.26 94.80
CA ASN A 1430 -50.28 -54.58 93.14
CA THR A 1431 -48.91 -51.57 91.39
CA ASP A 1432 -45.89 -49.92 92.91
CA THR A 1433 -44.55 -49.06 96.31
CA GLN A 1434 -45.23 -45.35 96.09
CA PHE A 1435 -47.17 -43.48 98.66
CA GLY A 1436 -50.71 -44.69 98.38
CA SER A 1437 -49.98 -48.13 97.00
CA THR A 1438 -50.78 -51.10 99.20
CA VAL A 1439 -48.81 -54.27 99.02
CA ASN A 1440 -50.25 -57.64 99.90
CA TYR A 1441 -48.48 -60.30 101.88
CA SER A 1442 -48.96 -63.93 101.06
CA CYS A 1443 -47.32 -66.96 102.54
CA ASN A 1444 -46.50 -70.21 100.81
CA GLU A 1445 -49.22 -72.80 101.06
CA GLY A 1446 -49.16 -74.49 104.42
CA PHE A 1447 -47.69 -71.63 106.36
CA ARG A 1448 -49.95 -68.84 107.57
CA LEU A 1449 -49.00 -65.23 107.88
CA ILE A 1450 -48.85 -63.84 111.37
CA GLY A 1451 -49.50 -60.18 111.28
CA SER A 1452 -51.58 -58.05 108.99
CA PRO A 1453 -52.55 -59.13 105.56
CA SER A 1454 -51.70 -55.93 103.70
CA THR A 1455 -49.66 -52.85 104.35
CA THR A 1456 -50.21 -49.48 102.73
CA CYS A 1457 -47.44 -47.03 102.02
CA LEU A 1458 -48.35 -43.79 103.76
CA VAL A 1459 -46.72 -40.56 104.77
CA SER A 1460 -46.55 -39.29 108.31
CA GLY A 1461 -44.10 -37.14 110.21
CA ASN A 1462 -43.04 -35.93 106.78
CA ASN A 1463 -41.57 -39.33 105.94
CA VAL A 1464 -43.05 -42.17 103.95
CA THR A 1465 -43.43 -45.46 105.74
CA TRP A 1466 -45.61 -48.55 105.64
CA ASP A 1467 -48.71 -48.45 107.78
CA LYS A 1468 -47.91 -51.78 109.33
CA LYS A 1469 -44.90 -53.97 109.91
CA ALA A 1470 -44.46 -56.97 107.65
CA PRO A 1471 -45.93 -60.11 109.07
CA ILE A 1472 -44.07 -63.37 109.63
CA CYS A 1473 -45.12 -66.76 108.47
CA GLU A 1474 -46.86 -67.99 110.40
CA ILE A 1475 -50.07 -69.47 108.37
CA ILE A 1476 -52.95 -67.65 110.27
CA SER A 1477 -53.90 -68.41 113.95
CA CYS A 1478 -57.91 -69.11 113.97
CA GLU A 1479 -60.43 -71.91 113.83
CA PRO A 1480 -63.69 -71.75 112.09
CA PRO A 1481 -66.02 -69.09 113.27
CA PRO A 1482 -68.76 -70.23 115.56
CA THR A 1483 -71.58 -71.45 113.37
CA ILE A 1484 -75.03 -70.24 114.20
CA SER A 1485 -78.04 -72.43 113.82
CA ASN A 1486 -79.90 -71.77 110.62
CA GLY A 1487 -77.27 -69.19 109.83
CA ASP A 1488 -75.12 -69.74 106.78
CA PHE A 1489 -71.47 -68.91 106.15
CA TYR A 1490 -69.82 -66.98 103.34
CA SER A 1491 -67.03 -64.45 102.66
CA ASN A 1492 -63.38 -65.08 101.97
CA ASN A 1493 -63.15 -67.61 104.78
CA ARG A 1494 -63.64 -71.17 103.61
CA THR A 1495 -61.07 -73.59 104.85
CA SER A 1496 -57.64 -72.14 105.11
CA PHE A 1497 -58.15 -69.99 108.13
CA HIS A 1498 -55.12 -68.19 109.43
CA ASN A 1499 -56.02 -64.90 110.99
CA GLY A 1500 -57.69 -61.65 110.09
CA THR A 1501 -60.17 -63.35 107.82
CA VAL A 1502 -63.63 -61.87 107.99
CA VAL A 1503 -66.76 -63.92 107.64
CA THR A 1504 -70.31 -62.82 106.94
CA TYR A 1505 -73.26 -64.57 108.52
CA GLN A 1506 -76.76 -65.09 107.21
CA CYS A 1507 -79.82 -67.23 107.88
CA HIS A 1508 -81.82 -69.84 106.04
CA THR A 1509 -84.48 -68.77 103.61
CA GLY A 1510 -85.92 -72.06 102.36
CA PRO A 1511 -84.97 -71.63 98.84
CA ASP A 1512 -83.35 -68.54 97.40
CA GLY A 1513 -84.90 -66.24 99.96
CA GLU A 1514 -87.96 -65.97 102.07
CA GLN A 1515 -88.90 -64.42 105.30
CA LEU A 1516 -87.96 -67.24 107.60
CA PHE A 1517 -85.52 -66.40 110.35
CA GLU A 1518 -83.29 -63.40 110.00
CA LEU A 1519 -79.82 -62.52 111.20
CA VAL A 1520 -79.75 -59.97 113.94
CA GLY A 1521 -76.60 -58.42 115.29
CA GLU A 1522 -73.12 -57.85 113.91
CA ARG A 1523 -73.65 -60.01 110.86
CA SER A 1524 -69.90 -60.14 110.48
CA ILE A 1525 -66.91 -61.12 112.56
CA TYR A 1526 -63.18 -61.47 112.10
CA CYS A 1527 -60.27 -63.52 113.39
CA THR A 1528 -58.24 -61.96 116.17
CA SER A 1529 -56.19 -62.87 119.21
CA LYS A 1530 -56.87 -62.44 122.90
CA ASP A 1531 -55.20 -65.29 124.63
CA ASP A 1532 -52.42 -67.19 123.02
CA GLN A 1533 -53.21 -69.51 120.18
CA VAL A 1534 -56.66 -70.92 119.50
CA GLY A 1535 -57.40 -67.94 117.33
CA VAL A 1536 -60.50 -66.58 119.05
CA TRP A 1537 -62.86 -64.42 116.99
CA SER A 1538 -63.98 -60.81 117.65
CA SER A 1539 -67.41 -61.08 119.09
CA PRO A 1540 -70.32 -63.34 119.42
CA PRO A 1541 -72.18 -64.40 116.43
CA PRO A 1542 -75.52 -63.14 115.39
CA ARG A 1543 -78.78 -64.97 115.91
CA CYS A 1544 -81.68 -65.72 113.65
CA ILE A 1545 -84.28 -63.34 115.57
CA SER A 1546 -88.09 -63.39 114.43
CA THR A 1547 -89.82 -63.40 118.02
CA ASN A 1548 -90.02 -59.90 119.69
CA LYS A 1549 -92.68 -57.15 120.72
CA CYS A 1550 -95.69 -56.17 118.58
CA THR A 1551 -99.22 -57.28 119.07
CA ALA A 1552 -101.80 -57.61 116.35
CA PRO A 1553 -102.36 -54.41 114.57
CA GLU A 1554 -105.91 -53.33 114.35
CA VAL A 1555 -107.36 -51.74 111.29
CA GLU A 1556 -111.11 -51.69 111.04
CA ASN A 1557 -112.51 -52.79 107.68
CA ALA A 1558 -109.06 -53.47 106.46
CA ILE A 1559 -107.14 -56.70 106.47
CA ARG A 1560 -103.45 -57.43 106.83
CA VAL A 1561 -102.18 -59.29 103.77
CA PRO A 1562 -98.64 -60.20 104.84
CA GLY A 1563 -97.78 -63.03 107.15
CA ASN A 1564 -100.30 -62.95 109.94
CA ARG A 1565 -98.53 -63.88 113.11
CA SER A 1566 -99.64 -64.22 116.67
CA PHE A 1567 -96.63 -62.34 117.89
CA PHE A 1568 -94.67 -60.17 115.51
CA SER A 1569 -91.04 -59.66 116.28
CA LEU A 1570 -89.05 -56.54 115.72
CA THR A 1571 -88.69 -55.57 112.07
CA GLU A 1572 -91.82 -57.38 111.08
CA ILE A 1573 -93.59 -55.47 108.37
CA ILE A 1574 -97.23 -55.81 107.59
CA ARG A 1575 -99.17 -54.30 104.75
CA PHE A 1576 -102.86 -53.59 104.88
CA ARG A 1577 -105.49 -53.99 102.25
CA CYS A 1578 -108.96 -52.60 102.52
CA GLN A 1579 -112.15 -54.48 101.98
CA PRO A 1580 -113.86 -53.62 98.76
CA GLY A 1581 -115.52 -50.23 98.94
CA PHE A 1582 -112.86 -48.89 101.26
CA VAL A 1583 -110.02 -46.45 100.73
CA MET A 1584 -107.04 -46.37 103.02
CA VAL A 1585 -106.24 -43.21 104.84
CA GLY A 1586 -102.74 -43.50 106.15
CA SER A 1587 -99.69 -45.56 105.34
CA HIS A 1588 -100.25 -48.94 103.73
CA THR A 1589 -97.52 -50.74 105.63
CA VAL A 1590 -96.38 -50.65 109.19
CA GLN A 1591 -93.27 -52.00 110.89
CA CYS A 1592 -92.68 -53.19 114.38
CA GLN A 1593 -90.22 -50.89 116.04
CA THR A 1594 -87.76 -51.55 118.84
CA ASN A 1595 -90.10 -49.61 121.07
CA GLY A 1596 -92.69 -52.27 120.41
CA ARG A 1597 -95.18 -49.98 118.82
CA TRP A 1598 -96.19 -49.95 115.21
CA GLY A 1599 -94.78 -47.18 113.11
CA PRO A 1600 -96.15 -45.43 111.45
CA LYS A 1601 -99.44 -45.47 113.32
CA LEU A 1602 -101.94 -48.00 112.04
CA PRO A 1603 -104.04 -46.79 109.19
CA HIS A 1604 -107.81 -46.60 109.04
CA CYS A 1605 -109.76 -47.59 106.05
CA SER A 1606 -112.81 -48.65 108.68
CA ARG A 1607 -113.01 -44.92 109.84
CA VAL A 1608 -116.33 -42.79 108.37
CA CYS A 1609 -119.65 -44.61 109.38
CA GLN A 1610 -123.09 -43.17 109.71
CA PRO A 1611 -125.24 -44.02 112.64
CA PRO A 1612 -126.17 -47.63 112.88
CA PRO A 1613 -129.48 -48.82 111.71
CA GLU A 1614 -132.27 -48.77 114.22
CA ILE A 1615 -133.70 -52.09 115.19
CA LEU A 1616 -137.34 -52.47 115.97
CA HIS A 1617 -137.92 -53.73 119.48
CA GLY A 1618 -134.21 -53.63 120.06
CA GLU A 1619 -131.79 -51.23 121.62
CA HIS A 1620 -128.28 -50.27 120.80
CA THR A 1621 -125.91 -50.77 123.64
CA LEU A 1622 -124.43 -47.44 124.72
CA SER A 1623 -123.76 -45.85 121.44
CA HIS A 1624 -120.80 -43.99 122.68
CA GLN A 1625 -120.99 -41.56 119.87
CA ASP A 1626 -123.53 -40.36 117.41
CA ASN A 1627 -120.86 -41.11 114.86
CA PHE A 1628 -118.53 -44.04 114.73
CA SER A 1629 -114.90 -43.96 113.81
CA PRO A 1630 -113.69 -46.86 111.81
CA GLY A 1631 -113.14 -50.12 113.59
CA GLN A 1632 -115.72 -49.07 116.11
CA GLU A 1633 -118.15 -51.72 117.16
CA VAL A 1634 -121.81 -51.31 117.87
CA PHE A 1635 -123.79 -53.87 119.79
CA TYR A 1636 -127.44 -54.69 119.38
CA SER A 1637 -129.66 -55.93 122.14
CA CYS A 1638 -133.32 -56.83 122.43
CA GLU A 1639 -135.97 -56.52 125.11
CA PRO A 1640 -136.66 -59.49 127.27
CA SER A 1641 -139.55 -60.62 125.10
CA TYR A 1642 -137.20 -60.99 122.19
CA ASP A 1643 -134.15 -62.90 121.10
CA LEU A 1644 -131.53 -61.79 118.61
CA ARG A 1645 -131.40 -63.19 115.13
CA GLY A 1646 -128.32 -62.51 113.06
CA ALA A 1647 -124.91 -61.15 113.96
CA ALA A 1648 -125.20 -59.27 117.21
CA SER A 1649 -122.41 -56.86 116.50
CA LEU A 1650 -121.62 -54.65 113.57
CA HIS A 1651 -118.32 -52.99 112.89
CA CYS A 1652 -117.37 -49.83 111.10
CA THR A 1653 -114.90 -50.24 108.33
CA PRO A 1654 -112.42 -48.02 106.67
CA GLN A 1655 -114.93 -48.29 103.90
CA GLY A 1656 -117.29 -46.41 106.12
CA ASP A 1657 -120.16 -48.79 105.61
CA TRP A 1658 -121.40 -51.14 108.28
CA SER A 1659 -120.10 -54.58 107.70
CA PRO A 1660 -123.28 -56.57 108.18
CA GLU A 1661 -126.95 -55.73 108.21
CA ALA A 1662 -128.58 -55.29 111.58
CA PRO A 1663 -130.05 -58.01 113.62
CA ARG A 1664 -133.74 -58.62 114.08
CA CYS A 1665 -135.43 -59.18 117.40
CA THR A 1666 -135.95 -62.40 117.44
CA VAL A 1667 -132.70 -63.49 115.26
CA LYS A 1668 -131.39 -66.93 116.03
CA SER A 1669 -127.66 -67.30 115.43
CA CYS A 1670 -128.13 -71.10 116.94
CA ASP A 1671 -127.37 -73.80 119.37
CA ASP A 1672 -123.73 -74.58 119.07
CA PHE A 1673 -122.14 -77.53 117.35
CA LEU A 1674 -125.10 -79.04 115.73
CA GLY A 1675 -124.05 -82.48 116.80
CA GLN A 1676 -121.34 -84.31 115.00
CA LEU A 1677 -122.01 -86.40 111.97
CA PRO A 1678 -120.63 -89.80 112.32
CA HIS A 1679 -117.97 -90.50 109.75
CA GLY A 1680 -118.15 -86.87 108.80
CA ARG A 1681 -117.39 -83.41 110.03
CA VAL A 1682 -119.05 -80.06 110.12
CA LEU A 1683 -117.06 -77.02 109.17
CA LEU A 1684 -118.02 -73.74 110.73
CA PRO A 1685 -116.72 -71.00 108.52
CA LEU A 1686 -117.41 -68.28 111.00
CA ASN A 1687 -119.41 -69.27 114.00
CA LEU A 1688 -122.99 -70.19 114.42
CA GLN A 1689 -124.82 -66.88 114.65
CA LEU A 1690 -127.89 -66.27 112.61
CA GLY A 1691 -126.51 -65.69 109.17
CA ALA A 1692 -123.54 -68.02 109.49
CA LYS A 1693 -123.56 -71.17 107.39
CA VAL A 1694 -122.08 -74.47 108.36
CA SER A 1695 -120.93 -76.96 105.77
CA PHE A 1696 -121.08 -80.70 105.96
CA VAL A 1697 -118.54 -83.01 104.45
CA CYS A 1698 -117.63 -86.57 105.11
CA ASP A 1699 -114.68 -88.81 104.85
CA GLU A 1700 -113.87 -90.07 101.43
CA GLY A 1701 -116.08 -93.00 100.60
CA PHE A 1702 -119.00 -91.86 102.69
CA ARG A 1703 -121.77 -90.00 100.94
CA LEU A 1704 -123.76 -87.21 102.52
CA LYS A 1705 -127.38 -88.00 102.92
CA GLY A 1706 -129.09 -84.74 103.52
CA ARG A 1707 -128.23 -81.19 102.65
CA SER A 1708 -124.69 -80.04 102.03
CA ALA A 1709 -124.95 -76.95 104.16
CA SER A 1710 -127.21 -75.48 106.79
CA HIS A 1711 -127.78 -71.84 107.42
CA CYS A 1712 -128.38 -70.50 110.86
CA VAL A 1713 -131.32 -68.19 110.48
CA LEU A 1714 -134.00 -66.45 112.44
CA ALA A 1715 -137.56 -67.63 111.90
CA GLY A 1716 -139.04 -64.89 113.98
CA MET A 1717 -139.39 -65.98 117.55
CA LYS A 1718 -136.03 -67.69 117.73
CA ALA A 1719 -133.09 -68.72 115.63
CA LEU A 1720 -132.68 -72.23 114.32
CA TRP A 1721 -130.73 -74.11 111.69
CA ASN A 1722 -132.28 -74.09 108.25
CA SER A 1723 -131.89 -77.79 107.78
CA SER A 1724 -131.37 -80.71 110.06
CA VAL A 1725 -128.01 -82.35 109.89
CA PRO A 1726 -127.32 -84.89 107.27
CA VAL A 1727 -125.91 -88.31 108.00
CA CYS A 1728 -123.22 -90.07 106.12
CA GLU A 1729 -124.01 -93.65 105.08
CA GLN A 1730 -121.41 -96.75 105.46
CA ILE A 1731 -122.15 -100.40 106.61
CA PHE A 1732 -125.25 -102.31 104.86
CA CYS A 1733 -127.58 -103.05 107.87
CA PRO A 1734 -131.28 -102.74 107.70
CA ASN A 1735 -133.01 -100.26 109.92
CA PRO A 1736 -133.23 -101.43 113.44
CA PRO A 1737 -136.27 -103.14 114.77
CA ALA A 1738 -138.87 -100.86 116.26
CA ILE A 1739 -139.83 -101.28 119.85
CA LEU A 1740 -143.24 -100.63 121.30
CA ASN A 1741 -143.26 -97.97 123.97
CA GLY A 1742 -139.59 -97.48 123.32
CA ARG A 1743 -137.42 -95.20 121.27
CA HIS A 1744 -134.17 -95.48 119.41
CA THR A 1745 -131.41 -93.14 120.31
CA GLY A 1746 -130.39 -91.00 117.36
CA THR A 1747 -129.51 -93.77 115.04
CA PRO A 1748 -129.26 -91.59 113.09
CA PHE A 1749 -131.93 -92.66 110.70
CA GLY A 1750 -130.78 -94.09 107.49
CA ASP A 1751 -128.84 -97.27 107.30
CA ILE A 1752 -125.96 -98.07 109.57
CA PRO A 1753 -122.73 -99.42 108.40
CA TYR A 1754 -121.30 -102.61 109.82
CA GLY A 1755 -120.20 -102.21 113.39
CA LYS A 1756 -122.66 -99.48 114.11
CA GLU A 1757 -124.42 -99.72 117.42
CA ILE A 1758 -127.81 -98.42 118.40
CA SER A 1759 -129.26 -98.13 121.85
CA TYR A 1760 -132.89 -98.50 122.81
CA ALA A 1761 -134.77 -96.71 125.56
CA CYS A 1762 -138.22 -97.04 127.06
CA ASP A 1763 -140.83 -94.38 127.53
CA THR A 1764 -140.37 -92.88 130.92
CA HIS A 1765 -142.67 -89.97 130.66
CA PRO A 1766 -140.62 -87.03 129.66
CA ASP A 1767 -137.83 -87.48 132.17
CA ARG A 1768 -138.20 -90.57 134.26
CA GLY A 1769 -141.00 -92.50 135.86
CA MET A 1770 -141.90 -96.05 136.57
CA THR A 1771 -143.59 -96.73 133.31
CA PHE A 1772 -142.36 -99.42 130.99
CA ASN A 1773 -139.17 -101.22 131.83
CA LEU A 1774 -136.53 -102.27 129.37
CA ILE A 1775 -135.74 -105.92 129.41
CA GLY A 1776 -133.09 -107.62 127.38
CA GLU A 1777 -129.94 -106.20 125.85
CA SER A 1778 -130.34 -102.47 125.56
CA SER A 1779 -128.01 -102.19 122.63
CA ILE A 1780 -127.49 -104.09 119.41
CA ARG A 1781 -124.78 -103.83 116.81
CA CYS A 1782 -124.70 -104.53 113.13
CA THR A 1783 -122.73 -107.58 112.24
CA SER A 1784 -121.69 -109.34 109.14
CA ASP A 1785 -122.31 -112.97 108.49
CA PRO A 1786 -120.85 -114.13 105.23
CA GLN A 1787 -123.96 -113.07 103.47
CA GLY A 1788 -124.29 -109.43 102.76
CA ASN A 1789 -127.33 -107.54 103.89
CA GLY A 1790 -125.69 -107.25 107.31
CA VAL A 1791 -127.75 -108.50 110.16
CA TRP A 1792 -128.29 -107.16 113.62
CA SER A 1793 -126.73 -109.14 116.46
CA SER A 1794 -129.86 -109.92 118.37
CA PRO A 1795 -133.44 -109.09 118.88
CA ALA A 1796 -134.39 -105.73 120.23
CA PRO A 1797 -135.32 -105.32 123.83
CA ARG A 1798 -138.87 -105.04 125.03
CA CYS A 1799 -140.41 -102.41 127.21
CA GLU A 1800 -143.52 -100.97 128.84
CA LEU A 1801 -147.05 -100.51 127.09
CA SER A 1802 -149.24 -97.42 127.88
CA VAL A 1803 -152.69 -99.08 126.84
CA PRO A 1804 -156.64 -98.84 127.62
CA ALA A 1805 -159.35 -100.16 129.84
CA ALA A 1806 -162.07 -98.31 132.06
CA CYS A 1807 -163.07 -98.83 135.94
CA PRO A 1808 -165.79 -99.66 138.32
CA HIS A 1809 -167.84 -97.03 140.10
CA PRO A 1810 -165.87 -95.14 142.63
CA PRO A 1811 -166.24 -96.04 146.22
CA LYS A 1812 -168.54 -93.85 148.24
CA ILE A 1813 -167.34 -92.48 151.51
CA GLN A 1814 -169.35 -91.61 154.57
CA ASN A 1815 -170.08 -87.94 155.13
CA GLY A 1816 -168.44 -87.04 151.86
CA HIS A 1817 -169.40 -86.79 148.25
CA TYR A 1818 -167.85 -87.28 144.88
CA ILE A 1819 -167.51 -84.06 143.05
CA GLY A 1820 -168.60 -83.84 139.51
CA GLY A 1821 -168.84 -87.45 138.73
CA HIS A 1822 -168.70 -87.96 135.06
CA VAL A 1823 -169.91 -90.88 133.09
CA SER A 1824 -171.18 -93.64 135.27
CA LEU A 1825 -168.29 -95.40 133.67
CA TYR A 1826 -164.91 -93.92 134.20
CA LEU A 1827 -162.49 -94.27 131.36
CA PRO A 1828 -159.04 -95.21 132.32
CA GLY A 1829 -156.79 -92.41 133.46
CA MET A 1830 -159.90 -90.70 134.70
CA THR A 1831 -159.61 -88.92 137.98
CA ILE A 1832 -162.31 -88.51 140.53
CA SER A 1833 -162.04 -86.20 143.45
CA TYR A 1834 -163.83 -86.39 146.75
CA ILE A 1835 -165.01 -83.70 149.06
CA CYS A 1836 -166.29 -83.67 152.62
CA ASP A 1837 -169.52 -82.34 154.03
CA PRO A 1838 -169.55 -79.27 156.13
CA GLY A 1839 -167.92 -79.83 159.47
CA TYR A 1840 -165.69 -82.59 158.19
CA LEU A 1841 -162.10 -82.58 157.13
CA LEU A 1842 -160.50 -84.66 154.44
CA VAL A 1843 -157.82 -87.16 155.34
CA GLY A 1844 -155.85 -88.96 152.69
CA LYS A 1845 -155.44 -88.11 149.05
CA GLY A 1846 -158.41 -86.28 147.61
CA PHE A 1847 -158.06 -87.85 144.16
CA ILE A 1848 -158.18 -91.38 143.02
CA PHE A 1849 -157.80 -92.43 139.45
CA CYS A 1850 -157.53 -95.57 137.49
CA THR A 1851 -154.24 -96.58 135.93
CA ASP A 1852 -153.24 -99.56 133.85
CA GLN A 1853 -156.89 -99.78 132.90
CA GLY A 1854 -158.34 -101.68 135.76
CA ILE A 1855 -158.53 -100.80 139.40
CA TRP A 1856 -158.76 -97.61 141.32
CA SER A 1857 -155.37 -96.39 142.43
CA GLN A 1858 -155.90 -96.25 146.14
CA LEU A 1859 -158.44 -96.41 148.91
CA ASP A 1860 -160.58 -93.33 149.08
CA HIS A 1861 -160.18 -90.60 151.69
CA TYR A 1862 -162.04 -90.52 154.95
CA CYS A 1863 -163.86 -87.50 156.26
CA LYS A 1864 -164.44 -90.63 159.18
CA GLU A 1865 -168.04 -89.75 159.31
CA VAL A 1866 -171.36 -91.34 157.88
CA ASN A 1867 -173.88 -90.10 160.62
CA CYS A 1868 -176.96 -92.06 159.09
CA SER A 1869 -180.39 -91.05 157.91
CA PHE A 1870 -183.29 -93.44 157.44
CA PRO A 1871 -182.65 -95.83 154.67
CA LEU A 1872 -184.84 -95.25 151.69
CA PHE A 1873 -186.44 -98.26 150.15
CA MET A 1874 -188.80 -98.26 147.24
CA ASN A 1875 -190.69 -101.30 145.97
CA GLY A 1876 -188.92 -103.10 148.69
CA ILE A 1877 -191.30 -102.04 151.26
CA SER A 1878 -189.75 -103.73 154.15
CA LYS A 1879 -186.49 -101.98 155.04
CA GLU A 1880 -185.75 -103.41 158.41
CA LEU A 1881 -183.60 -101.49 160.85
CA GLU A 1882 -183.10 -101.43 164.57
CA MET A 1883 -185.61 -99.18 166.20
CA LYS A 1884 -183.64 -96.00 166.50
CA LYS A 1885 -184.59 -92.46 165.73
CA VAL A 1886 -180.97 -91.94 164.88
CA TYR A 1887 -178.72 -94.59 163.40
CA HIS A 1888 -175.10 -94.77 164.36
CA TYR A 1889 -171.94 -95.96 162.71
CA GLY A 1890 -171.97 -99.68 162.18
CA ASP A 1891 -175.72 -99.97 162.12
CA TYR A 1892 -176.92 -102.31 159.41
CA VAL A 1893 -180.22 -102.62 157.63
CA THR A 1894 -181.66 -105.39 155.48
CA LEU A 1895 -184.26 -105.21 152.76
CA LYS A 1896 -187.10 -107.45 151.65
CA CYS A 1897 -188.99 -107.12 148.41
CA GLU A 1898 -192.59 -106.91 147.38
CA ASP A 1899 -194.09 -109.92 145.69
CA GLY A 1900 -192.63 -110.31 142.22
CA TYR A 1901 -189.55 -108.16 142.75
CA THR A 1902 -185.81 -108.80 142.89
CA LEU A 1903 -183.25 -106.59 144.55
CA GLU A 1904 -181.05 -104.59 142.25
CA GLY A 1905 -178.24 -103.91 144.63
CA SER A 1906 -177.19 -105.21 148.01
CA PRO A 1907 -179.65 -106.70 150.38
CA TRP A 1908 -177.86 -105.24 153.36
CA SER A 1909 -176.51 -101.78 154.01
CA GLN A 1910 -174.17 -100.47 156.64
CA CYS A 1911 -173.75 -97.03 158.09
CA GLN A 1912 -170.29 -95.77 157.25
CA ALA A 1913 -167.97 -93.45 159.16
CA ASP A 1914 -168.55 -91.00 156.37
CA ASP A 1915 -172.16 -91.21 157.48
CA ARG A 1916 -173.27 -92.51 154.12
CA TRP A 1917 -174.86 -95.86 153.56
CA ASP A 1918 -172.48 -98.23 151.87
CA PRO A 1919 -173.15 -99.65 149.65
CA PRO A 1920 -175.76 -97.15 148.61
CA LEU A 1921 -179.39 -98.04 149.16
CA ALA A 1922 -180.72 -100.45 146.56
CA LYS A 1923 -183.97 -100.59 144.68
CA CYS A 1924 -186.09 -103.64 144.21
CA THR A 1925 -186.78 -103.31 140.45
CA SER A 1926 -189.35 -105.13 138.23
CA ARG A 1927 -190.14 -102.61 135.17
CA ALA A 1928 -188.80 -103.80 131.71
CA HIS A 1929 -189.48 -103.71 127.96
CA ASP A 1930 -188.70 -106.57 125.24
CA ALA A 1931 -185.32 -107.99 123.90
CA GLN A 1 -11.61 -104.28 -125.75
CA CYS A 2 -14.25 -101.81 -124.69
CA ASN A 3 -17.60 -103.47 -124.36
CA ALA A 4 -20.65 -102.27 -126.20
CA PRO A 5 -21.39 -98.66 -125.60
CA GLU A 6 -24.17 -97.69 -123.23
CA TRP A 7 -27.53 -96.61 -124.56
CA LEU A 8 -27.83 -92.88 -125.05
CA PRO A 9 -31.45 -92.43 -126.09
CA PHE A 10 -30.67 -88.84 -127.07
CA ALA A 11 -28.28 -89.91 -129.80
CA ARG A 12 -28.37 -92.56 -132.49
CA PRO A 13 -25.24 -94.36 -133.56
CA THR A 14 -23.53 -93.04 -136.63
CA ASN A 15 -20.51 -95.14 -137.36
CA LEU A 16 -19.88 -98.24 -139.36
CA THR A 17 -19.74 -101.07 -136.94
CA ASP A 18 -20.12 -104.80 -137.23
CA GLU A 19 -18.90 -106.08 -133.91
CA PHE A 20 -20.19 -106.19 -130.36
CA GLU A 21 -16.82 -105.60 -128.79
CA PHE A 22 -15.00 -102.45 -129.75
CA PRO A 23 -11.30 -102.20 -129.68
CA ILE A 24 -9.73 -99.68 -127.37
CA GLY A 25 -8.69 -96.43 -128.97
CA THR A 26 -11.73 -95.66 -131.06
CA TYR A 27 -14.21 -92.82 -131.06
CA LEU A 28 -17.74 -93.87 -131.84
CA ASN A 29 -19.91 -91.20 -133.44
CA TYR A 30 -23.36 -90.45 -132.08
CA GLU A 31 -25.63 -87.79 -133.44
CA CYS A 32 -28.25 -86.15 -131.25
CA ARG A 33 -31.91 -86.31 -132.20
CA PRO A 34 -33.57 -83.28 -133.73
CA GLY A 35 -34.97 -82.40 -130.31
CA TYR A 36 -31.41 -81.86 -129.17
CA SER A 37 -28.45 -79.81 -130.31
CA GLY A 38 -24.78 -80.17 -129.58
CA ARG A 39 -23.10 -81.48 -132.73
CA PRO A 40 -22.10 -85.02 -133.22
CA PHE A 41 -19.85 -86.23 -130.44
CA SER A 42 -18.02 -89.46 -129.84
CA ILE A 43 -17.03 -91.65 -126.95
CA ILE A 44 -13.46 -92.78 -127.08
CA CYS A 45 -12.39 -96.12 -125.73
CA LEU A 46 -9.62 -95.19 -123.34
CA LYS A 47 -8.15 -98.48 -122.19
CA ASN A 48 -9.87 -99.78 -119.11
CA SER A 49 -12.54 -101.03 -121.48
CA VAL A 50 -14.34 -97.82 -120.67
CA TRP A 51 -15.66 -95.10 -122.89
CA THR A 52 -14.69 -91.52 -122.26
CA GLY A 53 -17.15 -89.76 -120.00
CA ALA A 54 -19.06 -87.21 -122.01
CA LYS A 55 -20.02 -83.94 -120.36
CA ASP A 56 -23.00 -81.78 -121.19
CA ARG A 57 -22.44 -82.37 -124.88
CA CYS A 58 -26.00 -83.08 -125.95
CA ARG A 59 -27.61 -79.97 -125.08
CA ARG A 60 -27.96 -79.71 -128.95
CA LYS A 61 -31.59 -80.08 -129.28
CA SER A 62 -33.05 -76.75 -128.30
CA CYS A 63 -35.02 -73.96 -130.66
CA ARG A 64 -38.32 -73.00 -132.28
CA ASN A 65 -38.90 -74.34 -135.77
CA PRO A 66 -37.91 -71.74 -138.26
CA PRO A 67 -40.63 -70.48 -140.56
CA ASP A 68 -40.45 -72.05 -143.96
CA PRO A 69 -38.90 -69.75 -146.44
CA VAL A 70 -40.86 -68.89 -149.51
CA ASN A 71 -40.10 -71.24 -152.35
CA GLY A 72 -38.15 -73.46 -150.00
CA MET A 73 -38.19 -75.49 -146.78
CA VAL A 74 -35.91 -76.48 -143.95
CA HIS A 75 -35.10 -80.12 -143.40
CA VAL A 76 -34.33 -81.24 -139.89
CA ILE A 77 -32.17 -84.29 -140.10
CA LYS A 78 -31.84 -85.16 -136.44
CA GLY A 79 -34.31 -82.79 -134.78
CA ILE A 80 -34.02 -79.25 -133.55
CA GLN A 81 -32.36 -79.43 -130.16
CA PHE A 82 -29.37 -77.49 -129.10
CA GLY A 83 -26.66 -79.07 -131.19
CA SER A 84 -28.66 -80.29 -134.18
CA GLN A 85 -28.29 -78.37 -137.41
CA ILE A 86 -31.05 -77.90 -139.91
CA LYS A 87 -30.47 -77.84 -143.65
CA TYR A 88 -32.11 -75.25 -145.87
CA SER A 89 -33.03 -76.05 -149.43
CA CYS A 90 -35.08 -74.12 -151.94
CA THR A 91 -37.20 -75.63 -154.67
CA LYS A 92 -35.29 -76.33 -157.82
CA GLY A 93 -34.74 -73.15 -159.77
CA TYR A 94 -34.38 -70.86 -156.82
CA ARG A 95 -31.13 -70.45 -154.98
CA LEU A 96 -31.19 -69.78 -151.31
CA ILE A 97 -29.58 -66.57 -150.34
CA GLY A 98 -28.04 -66.79 -146.99
CA SER A 99 -26.38 -69.66 -145.19
CA SER A 100 -26.76 -73.26 -146.25
CA SER A 101 -27.40 -74.68 -142.80
CA ALA A 102 -27.95 -73.18 -139.42
CA THR A 103 -27.11 -74.92 -136.19
CA CYS A 104 -29.27 -74.75 -133.10
CA ILE A 105 -27.10 -73.50 -130.25
CA ILE A 106 -27.39 -72.03 -126.78
CA SER A 107 -26.14 -68.61 -125.72
CA GLY A 108 -26.73 -69.23 -122.05
CA ASP A 109 -30.11 -67.79 -121.33
CA THR A 110 -31.83 -69.30 -124.29
CA VAL A 111 -31.29 -71.47 -127.34
CA ILE A 112 -31.12 -69.67 -130.67
CA TRP A 113 -30.21 -70.65 -134.20
CA ASP A 114 -26.69 -69.68 -135.19
CA ASN A 115 -27.77 -68.17 -138.46
CA GLU A 116 -30.95 -66.51 -139.60
CA THR A 117 -32.98 -68.33 -142.22
CA PRO A 118 -32.02 -67.52 -145.74
CA ILE A 119 -34.37 -66.66 -148.57
CA CYS A 120 -35.04 -68.10 -151.97
CA ASP A 121 -34.54 -65.23 -154.70
CA ARG A 122 -34.33 -68.07 -157.30
CA ILE A 123 -31.61 -67.02 -158.85
CA PRO A 124 -33.24 -65.40 -162.20
CA CYS A 125 -30.41 -63.80 -164.37
CA GLY A 126 -26.94 -62.96 -163.24
CA LEU A 127 -25.02 -59.86 -164.03
CA PRO A 128 -24.46 -58.92 -167.58
CA PRO A 129 -21.03 -59.48 -168.95
CA THR A 130 -19.15 -56.26 -168.52
CA ILE A 131 -16.86 -55.13 -171.27
CA THR A 132 -13.57 -53.37 -170.92
CA ASN A 133 -13.81 -49.62 -171.17
CA GLY A 134 -17.53 -50.12 -171.51
CA ASP A 135 -19.70 -48.73 -168.76
CA PHE A 136 -22.93 -50.03 -167.26
CA ILE A 137 -26.23 -48.28 -166.76
CA SER A 138 -29.98 -48.71 -166.88
CA THR A 139 -32.35 -50.11 -164.28
CA ASN A 140 -30.10 -53.08 -163.67
CA ARG A 141 -27.88 -52.77 -160.65
CA GLU A 142 -27.87 -55.45 -157.97
CA ASN A 143 -31.33 -56.92 -157.99
CA PHE A 144 -31.20 -59.05 -161.08
CA HIS A 145 -34.19 -61.25 -161.65
CA TYR A 146 -35.39 -61.45 -165.21
CA GLY A 147 -36.20 -59.17 -168.11
CA SER A 148 -34.13 -56.30 -166.84
CA VAL A 149 -32.35 -54.38 -169.58
CA VAL A 150 -28.88 -52.96 -169.41
CA THR A 151 -27.39 -50.28 -171.62
CA TYR A 152 -23.72 -50.38 -172.46
CA ARG A 153 -21.34 -47.55 -173.18
CA CYS A 154 -17.64 -46.91 -173.46
CA ASN A 155 -15.21 -44.42 -171.91
CA PRO A 156 -15.67 -40.84 -173.00
CA GLY A 157 -12.75 -39.42 -171.05
CA SER A 158 -15.49 -38.14 -168.78
CA GLY A 159 -17.31 -35.64 -170.95
CA GLY A 160 -17.48 -37.43 -174.26
CA ARG A 161 -14.67 -37.75 -176.75
CA LYS A 162 -13.62 -39.86 -179.65
CA VAL A 163 -12.13 -42.58 -177.55
CA PHE A 164 -13.40 -46.08 -178.03
CA GLU A 165 -16.90 -46.65 -179.23
CA LEU A 166 -19.47 -49.27 -178.44
CA VAL A 167 -20.30 -51.32 -181.48
CA GLY A 168 -22.94 -53.98 -181.76
CA GLU A 169 -26.19 -53.95 -179.85
CA PRO A 170 -25.87 -51.32 -177.27
CA SER A 171 -28.39 -52.98 -175.05
CA ILE A 172 -29.13 -56.46 -173.76
CA TYR A 173 -31.77 -57.86 -171.51
CA CYS A 174 -32.10 -61.06 -169.66
CA THR A 175 -34.07 -64.01 -170.95
CA SER A 176 -33.94 -67.77 -170.85
CA ASN A 177 -32.80 -70.43 -173.26
CA ASP A 178 -31.09 -72.93 -171.03
CA ASP A 179 -32.51 -73.70 -167.67
CA GLN A 180 -32.28 -71.41 -164.70
CA VAL A 181 -28.86 -69.78 -165.35
CA GLY A 182 -30.48 -66.68 -166.70
CA ILE A 183 -28.47 -66.14 -169.82
CA TRP A 184 -28.77 -62.78 -171.55
CA SER A 185 -29.98 -62.10 -175.11
CA GLY A 186 -26.74 -61.65 -176.94
CA PRO A 187 -23.13 -60.91 -176.55
CA ALA A 188 -22.11 -57.58 -175.29
CA PRO A 189 -20.79 -54.96 -177.56
CA GLN A 190 -17.15 -54.03 -177.75
CA CYS A 191 -15.33 -50.73 -177.78
CA ILE A 192 -12.04 -52.71 -177.77
CA ILE A 193 -10.57 -54.08 -181.11
CA PRO A 194 -7.36 -55.58 -179.65
CA ASN A 195 -6.27 -58.09 -182.35
CA LYS A 196 -3.66 -59.21 -183.82
CA CYS A 197 -0.06 -57.83 -182.96
CA THR A 198 3.41 -58.99 -182.18
CA PRO A 199 5.55 -57.97 -179.32
CA PRO A 200 6.28 -54.33 -179.05
CA ASN A 201 9.67 -53.28 -180.26
CA VAL A 202 11.14 -50.83 -177.80
CA GLU A 203 14.65 -50.77 -176.48
CA ASN A 204 15.44 -49.73 -172.92
CA GLY A 205 11.78 -49.27 -172.11
CA ILE A 206 9.92 -52.27 -170.73
CA LEU A 207 6.19 -52.64 -171.19
CA VAL A 208 4.26 -52.49 -167.90
CA SER A 209 0.80 -53.78 -168.73
CA ASP A 210 -0.21 -57.33 -169.46
CA ASN A 211 2.51 -58.83 -171.55
CA ARG A 212 1.18 -61.47 -173.87
CA SER A 213 2.84 -63.69 -176.38
CA LEU A 214 0.31 -62.95 -179.05
CA PHE A 215 -1.70 -59.81 -178.56
CA SER A 216 -5.02 -59.12 -180.16
CA LEU A 217 -6.82 -56.04 -181.27
CA ASN A 218 -7.34 -53.42 -178.64
CA GLU A 219 -4.50 -54.63 -176.59
CA VAL A 220 -2.89 -51.59 -175.07
CA VAL A 221 0.55 -51.54 -173.61
CA GLU A 222 2.25 -48.82 -171.64
CA PHE A 223 6.00 -48.52 -171.59
CA ARG A 224 8.14 -47.39 -168.73
CA CYS A 225 11.75 -46.51 -169.31
CA GLN A 226 14.67 -47.97 -167.45
CA PRO A 227 16.24 -45.81 -164.88
CA GLY A 228 18.26 -43.05 -166.45
CA PHE A 229 16.25 -43.06 -169.65
CA VAL A 230 13.49 -40.80 -170.89
CA MET A 231 10.68 -41.69 -173.23
CA LYS A 232 10.42 -39.90 -176.48
CA GLY A 233 7.02 -40.67 -177.90
CA PRO A 234 3.69 -41.83 -176.62
CA ARG A 235 3.84 -43.89 -173.45
CA ARG A 236 1.12 -46.30 -174.51
CA VAL A 237 0.50 -48.16 -177.72
CA LYS A 238 -2.64 -49.88 -178.86
CA CYS A 239 -3.02 -52.54 -181.48
CA GLN A 240 -4.91 -51.56 -184.55
CA ALA A 241 -7.04 -53.63 -186.89
CA LEU A 242 -4.15 -53.15 -189.28
CA ASN A 243 -2.10 -55.18 -186.82
CA LYS A 244 0.27 -52.26 -186.55
CA TRP A 245 0.83 -50.35 -183.37
CA GLU A 246 -0.66 -46.92 -183.16
CA PRO A 247 0.83 -44.70 -182.45
CA GLU A 248 4.17 -46.10 -183.54
CA LEU A 249 6.35 -47.47 -180.79
CA PRO A 250 8.31 -45.02 -178.75
CA SER A 251 11.96 -45.21 -177.88
CA CYS A 252 13.58 -44.67 -174.53
CA SER A 253 16.25 -42.79 -176.71
CA ARG A 254 16.54 -38.90 -175.79
CA VAL A 255 18.72 -37.53 -172.86
CA CYS A 256 16.46 -36.16 -170.00
CA GLN A 257 15.14 -33.02 -168.39
CA PRO A 258 16.65 -31.49 -165.39
CA PRO A 259 16.10 -33.40 -162.23
CA PRO A 260 13.43 -32.44 -159.84
CA ASP A 261 14.60 -30.22 -157.05
CA VAL A 262 13.85 -31.03 -153.47
CA LEU A 263 12.94 -28.35 -151.01
CA HIS A 264 15.52 -28.87 -148.37
CA ALA A 265 18.31 -30.59 -150.18
CA GLU A 266 20.79 -30.10 -152.94
CA ARG A 267 21.62 -31.96 -156.06
CA THR A 268 25.02 -33.45 -156.55
CA GLN A 269 25.09 -31.04 -159.42
CA ARG A 270 27.16 -33.36 -161.48
CA ASP A 271 26.73 -32.11 -165.02
CA LYS A 272 23.50 -30.62 -163.81
CA ASP A 273 23.33 -28.50 -166.91
CA ASN A 274 22.79 -31.47 -169.13
CA PHE A 275 22.00 -35.03 -168.32
CA SER A 276 22.61 -37.59 -170.98
CA PRO A 277 20.69 -40.75 -170.91
CA GLY A 278 21.87 -43.39 -168.49
CA GLN A 279 23.38 -40.73 -166.32
CA GLU A 280 22.66 -40.78 -162.64
CA VAL A 281 22.16 -37.88 -160.31
CA PHE A 282 22.63 -37.94 -156.56
CA TYR A 283 20.54 -36.08 -154.03
CA SER A 284 21.85 -34.91 -150.72
CA CYS A 285 20.23 -33.20 -147.78
CA GLU A 286 21.42 -30.41 -145.55
CA PRO A 287 22.79 -31.32 -142.20
CA GLY A 288 20.02 -32.26 -139.86
CA TYR A 289 18.01 -33.74 -142.70
CA ASP A 290 17.61 -37.34 -143.76
CA LEU A 291 16.75 -38.56 -147.20
CA ARG A 292 13.67 -40.63 -147.77
CA GLY A 293 13.58 -42.75 -150.87
CA ALA A 294 16.32 -43.76 -153.25
CA ALA A 295 19.16 -41.29 -153.12
CA SER A 296 20.04 -41.66 -156.75
CA MET A 297 17.94 -41.26 -159.85
CA ARG A 298 18.85 -42.50 -163.26
CA CYS A 299 17.74 -41.30 -166.63
CA THR A 300 16.37 -44.03 -168.79
CA PRO A 301 17.96 -44.48 -172.12
CA GLN A 302 14.59 -43.27 -173.22
CA GLY A 303 12.37 -41.16 -171.08
CA ASP A 304 12.50 -39.08 -167.97
CA TRP A 305 13.93 -39.91 -164.60
CA SER A 306 12.99 -43.34 -163.46
CA PRO A 307 12.14 -42.70 -159.83
CA ALA A 308 10.60 -39.79 -158.00
CA ALA A 309 12.97 -37.52 -156.17
CA PRO A 310 13.88 -38.15 -152.60
CA THR A 311 12.50 -36.04 -149.82
CA CYS A 312 14.50 -34.64 -146.98
CA GLU A 313 11.08 -35.19 -145.29
CA VAL A 314 9.48 -37.71 -142.67
CA LYS A 315 7.52 -34.83 -140.57
CA SER A 316 3.87 -33.73 -140.08
CA CYS A 317 3.18 -30.05 -139.77
CA ASP A 318 2.36 -26.42 -140.17
CA ASP A 319 4.13 -24.69 -137.37
CA PHE A 320 1.43 -22.19 -136.98
CA MET A 321 -1.10 -24.17 -135.19
CA GLY A 322 -3.18 -21.10 -134.57
CA GLN A 323 -3.71 -19.91 -131.06
CA LEU A 324 -7.12 -20.53 -129.60
CA LEU A 325 -8.94 -17.52 -128.31
CA ASN A 326 -8.91 -17.60 -124.55
CA GLY A 327 -6.72 -20.65 -124.59
CA ARG A 328 -3.22 -21.74 -125.35
CA VAL A 329 -1.46 -24.40 -127.35
CA LEU A 330 1.43 -26.18 -125.77
CA PHE A 331 4.02 -27.90 -127.86
CA PRO A 332 5.34 -30.75 -125.84
CA VAL A 333 8.25 -31.22 -128.15
CA ASN A 334 8.09 -30.06 -131.70
CA LEU A 335 5.60 -30.31 -134.47
CA GLN A 336 6.97 -33.31 -136.31
CA LEU A 337 5.29 -36.28 -137.93
CA GLY A 338 4.51 -37.79 -134.60
CA ALA A 339 4.48 -34.93 -132.10
CA LYS A 340 1.36 -34.20 -130.11
CA VAL A 341 0.19 -30.73 -129.22
CA ASP A 342 -2.04 -30.12 -126.24
CA PHE A 343 -4.79 -27.58 -125.89
CA VAL A 344 -5.83 -25.98 -122.62
CA CYS A 345 -7.89 -22.97 -121.79
CA ASP A 346 -7.97 -20.25 -119.23
CA GLU A 347 -9.98 -20.79 -116.11
CA GLY A 348 -13.64 -20.29 -116.79
CA PHE A 349 -13.54 -21.50 -120.35
CA GLN A 350 -13.77 -25.11 -121.32
CA LEU A 351 -12.45 -26.67 -124.48
CA LYS A 352 -14.94 -27.63 -127.06
CA GLY A 353 -13.19 -30.06 -129.29
CA SER A 354 -10.31 -32.44 -128.90
CA SER A 355 -7.83 -32.03 -126.09
CA ALA A 356 -4.84 -32.69 -128.28
CA SER A 357 -3.90 -32.97 -131.91
CA TYR A 358 -1.30 -35.30 -133.31
CA CYS A 359 0.76 -34.36 -136.29
CA VAL A 360 0.25 -37.26 -138.64
CA LEU A 361 1.24 -38.29 -142.13
CA ALA A 362 -1.54 -38.99 -144.56
CA GLY A 363 -1.00 -39.05 -148.24
CA MET A 364 2.09 -37.25 -149.40
CA GLU A 365 2.00 -34.56 -146.75
CA SER A 366 1.49 -34.45 -143.04
CA LEU A 367 -1.30 -32.56 -141.37
CA TRP A 368 -2.67 -32.22 -137.86
CA ASN A 369 -5.08 -34.95 -136.87
CA SER A 370 -7.68 -32.71 -135.41
CA SER A 371 -8.91 -29.25 -136.06
CA VAL A 372 -8.16 -26.78 -133.35
CA PRO A 373 -10.71 -26.72 -130.62
CA VAL A 374 -12.33 -23.52 -129.48
CA CYS A 375 -12.99 -22.53 -125.95
CA GLU A 376 -12.55 -18.95 -124.80
CA GLN A 377 -13.65 -16.35 -127.45
CA ILE A 378 -13.65 -12.42 -126.76
CA PHE A 379 -9.91 -11.21 -127.17
CA CYS A 380 -7.93 -9.70 -124.24
CA PRO A 381 -4.61 -8.24 -123.46
CA SER A 382 -2.65 -9.66 -120.61
CA PRO A 383 -4.06 -8.84 -117.28
CA PRO A 384 -2.51 -6.36 -114.94
CA VAL A 385 0.57 -7.48 -112.96
CA ILE A 386 -0.25 -6.40 -109.36
CA PRO A 387 2.57 -5.99 -106.97
CA ASN A 388 3.10 -8.55 -104.24
CA GLY A 389 0.45 -10.62 -105.89
CA ARG A 390 0.28 -13.17 -108.62
CA HIS A 391 -2.10 -14.38 -111.26
CA THR A 392 -3.35 -17.84 -110.63
CA GLY A 393 -4.03 -20.34 -113.36
CA LYS A 394 -2.83 -17.73 -115.80
CA PRO A 395 -3.21 -18.74 -119.33
CA LEU A 396 -0.38 -17.48 -121.38
CA GLU A 397 -1.00 -14.80 -123.93
CA VAL A 398 -4.47 -16.02 -124.29
CA PHE A 399 -7.58 -14.76 -122.64
CA PRO A 400 -10.67 -15.25 -124.58
CA PHE A 401 -13.56 -12.99 -123.96
CA GLY A 402 -15.54 -13.84 -120.93
CA LYS A 403 -12.53 -15.50 -119.40
CA ALA A 404 -11.85 -14.66 -115.81
CA VAL A 405 -8.56 -14.25 -114.02
CA ASN A 406 -8.09 -14.58 -110.31
CA TYR A 407 -5.53 -12.64 -108.32
CA THR A 408 -3.93 -13.70 -105.08
CA CYS A 409 -1.36 -12.16 -102.77
CA ASP A 410 1.93 -13.59 -101.62
CA PRO A 411 1.39 -15.91 -98.75
CA HIS A 412 5.10 -15.91 -98.19
CA PRO A 413 6.17 -19.46 -98.77
CA ASP A 414 3.09 -21.30 -97.52
CA ARG A 415 0.28 -19.07 -96.38
CA GLY A 416 0.47 -16.43 -93.79
CA THR A 417 -0.16 -12.99 -92.48
CA SER A 418 1.28 -11.18 -95.40
CA PHE A 419 -0.35 -8.84 -97.83
CA ASP A 420 -4.05 -9.41 -98.20
CA LEU A 421 -6.03 -8.65 -101.30
CA ILE A 422 -8.14 -5.53 -101.38
CA GLY A 423 -10.75 -4.97 -104.05
CA GLU A 424 -12.24 -7.32 -106.61
CA SER A 425 -10.26 -10.51 -106.50
CA THR A 426 -11.29 -11.43 -110.00
CA ILE A 427 -11.71 -9.65 -113.27
CA ARG A 428 -13.29 -10.78 -116.50
CA CYS A 429 -12.61 -9.94 -120.07
CA THR A 430 -15.25 -7.97 -121.90
CA SER A 431 -15.36 -5.61 -124.85
CA ASP A 432 -16.45 -2.01 -124.53
CA PRO A 433 -14.69 -1.15 -127.77
CA GLN A 434 -14.88 -3.47 -130.70
CA GLY A 435 -11.77 -5.46 -130.06
CA ASN A 436 -9.32 -3.98 -127.61
CA GLY A 437 -10.28 -6.77 -125.25
CA VAL A 438 -10.65 -4.52 -122.22
CA TRP A 439 -10.92 -5.98 -118.75
CA SER A 440 -13.81 -5.16 -116.43
CA SER A 441 -11.97 -3.21 -113.83
CA PRO A 442 -8.69 -2.52 -112.27
CA ALA A 443 -6.82 -5.20 -110.46
CA PRO A 444 -6.87 -5.59 -106.77
CA ARG A 445 -4.11 -4.41 -104.48
CA CYS A 446 -2.11 -6.40 -101.98
CA GLY A 447 -2.20 -6.49 -98.51
CA ILE A 448 -2.48 -6.82 -94.53
CA LEU A 449 -3.52 -10.43 -93.96
CA GLY A 450 -0.89 -10.43 -91.16
CA HIS A 451 -1.86 -8.19 -88.06
CA CYS A 452 -1.50 -10.98 -85.09
CA GLN A 453 -1.49 -9.91 -81.50
CA ALA A 454 0.94 -11.34 -79.02
CA PRO A 455 0.66 -15.05 -78.79
CA ASP A 456 -1.04 -16.43 -75.74
CA HIS A 457 1.03 -18.09 -73.08
CA PHE A 458 1.30 -21.84 -73.49
CA LEU A 459 3.17 -22.30 -70.21
CA PHE A 460 3.97 -25.77 -71.45
CA ALA A 461 6.31 -24.28 -74.00
CA LYS A 462 9.00 -21.63 -73.88
CA LEU A 463 9.35 -19.29 -76.82
CA LYS A 464 12.31 -19.92 -79.02
CA THR A 465 12.34 -17.32 -81.75
CA GLN A 466 14.02 -13.99 -81.98
CA THR A 467 11.41 -11.43 -81.27
CA ASN A 468 11.53 -7.74 -80.43
CA ALA A 469 7.97 -6.53 -80.69
CA SER A 470 4.49 -7.01 -79.30
CA ASP A 471 2.65 -7.13 -82.59
CA PHE A 472 3.62 -9.97 -84.89
CA PRO A 473 3.24 -9.71 -88.59
CA ILE A 474 0.81 -11.95 -90.41
CA GLY A 475 2.30 -15.00 -92.03
CA THR A 476 4.92 -16.07 -89.55
CA SER A 477 5.36 -19.18 -87.46
CA LEU A 478 6.67 -18.70 -83.96
CA LYS A 479 8.78 -21.50 -82.54
CA TYR A 480 7.92 -22.86 -79.12
CA GLU A 481 9.63 -25.74 -77.35
CA CYS A 482 7.72 -27.79 -74.81
CA ARG A 483 9.12 -28.19 -71.30
CA PRO A 484 11.13 -31.20 -70.30
CA GLU A 485 7.99 -32.42 -68.57
CA TYR A 486 6.48 -32.68 -72.05
CA TYR A 487 7.42 -34.25 -75.36
CA GLY A 488 6.17 -33.46 -78.85
CA ARG A 489 8.98 -31.68 -80.71
CA PRO A 490 9.08 -27.98 -81.24
CA PHE A 491 5.96 -26.66 -82.88
CA SER A 492 5.01 -23.27 -84.20
CA ILE A 493 1.89 -21.18 -84.41
CA THR A 494 1.32 -19.64 -87.79
CA CYS A 495 0.03 -16.13 -87.92
CA LEU A 496 -2.92 -16.38 -90.24
CA ASP A 497 -4.65 -13.38 -91.73
CA ASN A 498 -7.29 -12.68 -89.19
CA LEU A 499 -4.92 -11.72 -86.43
CA VAL A 500 -5.08 -15.19 -85.03
CA TRP A 501 -2.54 -17.91 -84.70
CA SER A 502 -3.07 -21.35 -86.15
CA SER A 503 -4.89 -23.64 -83.81
CA PRO A 504 -2.54 -26.20 -82.46
CA LYS A 505 -3.88 -29.65 -81.81
CA ASP A 506 -2.56 -32.14 -79.31
CA VAL A 507 1.01 -31.20 -80.20
CA CYS A 508 2.63 -31.05 -76.76
CA LYS A 509 0.01 -34.12 -76.57
CA ARG A 510 1.50 -35.84 -73.37
CA LYS A 511 -0.26 -39.22 -72.84
CA SER A 512 0.72 -39.64 -68.94
CA CYS A 513 -2.90 -39.92 -67.62
CA LYS A 514 -4.03 -43.45 -68.28
CA THR A 515 -5.46 -43.71 -71.75
CA PRO A 516 -9.18 -43.57 -71.73
CA PRO A 517 -11.07 -46.59 -72.85
CA ASP A 518 -12.59 -46.30 -76.29
CA PRO A 519 -16.13 -45.16 -76.01
CA VAL A 520 -18.52 -47.54 -77.63
CA ASN A 521 -18.95 -46.67 -81.26
CA GLY A 522 -16.25 -44.07 -81.03
CA MET A 523 -12.60 -43.50 -80.30
CA VAL A 524 -10.26 -40.88 -78.87
CA HIS A 525 -7.40 -39.56 -80.92
CA VAL A 526 -4.36 -38.20 -79.18
CA ILE A 527 -2.98 -35.13 -80.89
CA THR A 528 0.48 -35.80 -79.55
CA ASP A 529 0.53 -37.86 -76.37
CA ILE A 530 -1.38 -38.15 -73.16
CA GLN A 531 0.79 -36.31 -70.70
CA VAL A 532 -0.35 -33.83 -68.12
CA GLY A 533 -0.72 -31.17 -70.78
CA SER A 534 -1.91 -32.60 -74.06
CA ARG A 535 -5.59 -32.91 -74.67
CA ILE A 536 -7.20 -35.77 -76.52
CA ASN A 537 -10.01 -35.28 -78.99
CA TYR A 538 -13.02 -37.55 -78.94
CA SER A 539 -14.91 -38.40 -82.07
CA CYS A 540 -17.57 -40.99 -82.75
CA THR A 541 -18.22 -43.33 -85.61
CA THR A 542 -19.94 -41.46 -88.34
CA GLY A 543 -23.65 -41.28 -87.65
CA HIS A 544 -23.27 -41.21 -83.92
CA ARG A 545 -23.00 -38.08 -81.90
CA LEU A 546 -20.70 -37.75 -78.94
CA ILE A 547 -22.55 -36.91 -75.72
CA GLY A 548 -20.45 -35.43 -73.00
CA HIS A 549 -17.61 -33.11 -73.92
CA SER A 550 -15.68 -32.66 -77.13
CA SER A 551 -12.13 -32.86 -75.88
CA ALA A 552 -10.64 -33.50 -72.49
CA GLU A 553 -7.24 -32.22 -71.46
CA CYS A 554 -4.86 -34.29 -69.38
CA ILE A 555 -3.88 -32.25 -66.37
CA LEU A 556 -2.42 -32.53 -62.92
CA SER A 557 -4.08 -31.53 -59.67
CA GLY A 558 -1.05 -32.04 -57.51
CA ASN A 559 -1.48 -35.49 -56.07
CA ALA A 560 -2.23 -37.25 -59.32
CA ALA A 561 -2.82 -36.57 -62.96
CA HIS A 562 -6.30 -36.93 -64.38
CA TRP A 563 -8.38 -35.79 -67.30
CA SER A 564 -10.23 -32.52 -67.00
CA THR A 565 -13.40 -34.22 -68.05
CA LYS A 566 -14.65 -37.79 -68.22
CA PRO A 567 -15.04 -39.41 -71.57
CA PRO A 568 -18.28 -38.93 -73.36
CA ILE A 569 -20.59 -41.58 -74.77
CA CYS A 570 -21.92 -41.85 -78.26
CA GLN A 571 -24.10 -39.97 -78.39
CA ARG A 572 -25.24 -37.09 -76.06
CA ILE A 573 -28.05 -38.75 -73.68
CA PRO A 574 -28.49 -36.20 -70.68
CA CYS A 575 -30.31 -38.00 -68.11
CA GLY A 576 -32.82 -36.70 -65.67
CA LEU A 577 -35.53 -38.61 -63.92
CA PRO A 578 -37.77 -40.80 -65.91
CA PRO A 579 -41.27 -39.50 -66.41
CA THR A 580 -43.29 -40.70 -63.46
CA ILE A 581 -46.58 -42.44 -64.05
CA ALA A 582 -49.61 -41.83 -61.95
CA ASN A 583 -50.08 -44.71 -59.54
CA GLY A 584 -47.15 -46.32 -61.25
CA ASP A 585 -44.15 -47.05 -59.07
CA PHE A 586 -40.44 -46.80 -59.75
CA ILE A 587 -37.69 -49.36 -59.27
CA SER A 588 -34.54 -50.73 -60.80
CA THR A 589 -31.00 -49.51 -60.47
CA ASN A 590 -32.07 -45.96 -61.09
CA ARG A 591 -32.50 -43.97 -57.95
CA GLU A 592 -30.87 -40.62 -57.41
CA ASN A 593 -27.76 -40.56 -59.47
CA PHE A 594 -28.96 -40.59 -63.01
CA HIS A 595 -26.18 -40.44 -65.55
CA TYR A 596 -26.86 -42.36 -68.72
CA GLY A 597 -27.94 -45.82 -69.80
CA SER A 598 -29.67 -46.54 -66.55
CA VAL A 599 -32.79 -48.61 -66.97
CA VAL A 600 -35.91 -48.22 -64.90
CA THR A 601 -38.82 -50.60 -64.47
CA TYR A 602 -42.35 -49.37 -64.01
CA ARG A 603 -45.23 -50.83 -62.07
CA CYS A 604 -48.53 -49.74 -60.61
CA ASN A 605 -50.15 -49.68 -57.17
CA PRO A 606 -51.22 -52.96 -55.69
CA GLY A 607 -52.89 -51.44 -52.62
CA SER A 608 -50.10 -53.10 -50.71
CA GLY A 609 -49.15 -56.64 -51.51
CA GLY A 610 -50.80 -56.95 -54.88
CA ARG A 611 -54.38 -56.37 -55.82
CA LYS A 612 -56.39 -56.10 -58.96
CA VAL A 613 -56.11 -52.38 -59.03
CA PHE A 614 -54.66 -50.57 -62.03
CA GLU A 615 -52.19 -52.38 -64.22
CA LEU A 616 -49.15 -51.30 -66.17
CA VAL A 617 -49.60 -51.53 -69.92
CA GLY A 618 -47.03 -50.82 -72.57
CA GLU A 619 -43.28 -51.22 -72.25
CA PRO A 620 -42.70 -51.84 -68.66
CA SER A 621 -39.20 -50.51 -68.85
CA ILE A 622 -37.33 -47.57 -70.32
CA TYR A 623 -33.72 -46.52 -70.43
CA CYS A 624 -31.60 -43.39 -70.64
CA THR A 625 -30.48 -42.46 -74.13
CA SER A 626 -29.57 -39.50 -76.27
CA ASN A 627 -31.24 -37.96 -79.27
CA ASP A 628 -30.57 -34.26 -78.95
CA ASP A 629 -27.61 -32.91 -77.19
CA GLN A 630 -27.28 -33.47 -73.55
CA VAL A 631 -30.76 -33.28 -72.09
CA GLY A 632 -30.83 -36.94 -71.33
CA ILE A 633 -34.05 -37.89 -73.06
CA TRP A 634 -35.36 -41.41 -72.40
CA SER A 635 -36.14 -44.13 -74.97
CA GLY A 636 -39.88 -43.96 -75.14
CA PRO A 637 -43.04 -43.15 -73.45
CA ALA A 638 -43.84 -44.57 -70.11
CA PRO A 639 -46.48 -47.12 -69.64
CA GLN A 640 -49.96 -46.46 -68.29
CA CYS A 641 -52.01 -47.97 -65.53
CA ILE A 642 -55.08 -46.22 -64.24
CA ILE A 643 -54.23 -42.52 -65.38
CA PRO A 644 -54.13 -39.39 -62.73
CA ASN A 645 -53.75 -35.55 -63.58
CA LYS A 646 -56.36 -32.76 -62.35
CA CYS A 647 -57.67 -31.51 -65.20
CA THR A 648 -56.27 -33.11 -68.29
CA PRO A 649 -55.96 -31.60 -71.66
CA PRO A 650 -59.13 -30.42 -73.23
CA ASN A 651 -60.58 -32.70 -75.83
CA VAL A 652 -61.73 -30.65 -78.77
CA GLU A 653 -61.19 -31.39 -82.40
CA ASN A 654 -60.60 -28.64 -84.95
CA GLY A 655 -60.69 -25.97 -82.28
CA ILE A 656 -57.40 -25.06 -80.64
CA LEU A 657 -57.29 -23.65 -77.14
CA VAL A 658 -56.02 -20.05 -77.02
CA SER A 659 -55.23 -19.40 -73.38
CA ASP A 660 -52.34 -20.75 -71.39
CA ASN A 661 -51.87 -24.31 -72.44
CA ARG A 662 -50.48 -26.40 -69.64
CA SER A 663 -49.55 -30.03 -69.42
CA LEU A 664 -51.37 -30.54 -66.17
CA PHE A 665 -54.01 -27.99 -65.37
CA SER A 666 -55.34 -27.28 -61.93
CA LEU A 667 -58.61 -26.10 -60.57
CA ASN A 668 -59.85 -22.81 -61.90
CA GLU A 669 -57.87 -23.12 -65.03
CA VAL A 670 -59.95 -21.65 -67.78
CA VAL A 671 -59.34 -22.25 -71.43
CA GLU A 672 -60.95 -20.58 -74.40
CA PHE A 673 -61.19 -22.35 -77.71
CA ARG A 674 -60.96 -20.81 -81.12
CA CYS A 675 -61.99 -22.77 -84.14
CA GLN A 676 -59.86 -23.36 -87.19
CA PRO A 677 -60.70 -21.36 -90.20
CA GLY A 678 -63.86 -22.60 -91.84
CA PHE A 679 -65.22 -24.07 -88.63
CA VAL A 680 -67.82 -22.79 -86.20
CA MET A 681 -68.03 -23.51 -82.51
CA LYS A 682 -71.05 -25.26 -81.19
CA GLY A 683 -70.97 -24.91 -77.45
CA PRO A 684 -69.40 -22.63 -74.91
CA ARG A 685 -66.18 -20.99 -76.03
CA ARG A 686 -64.46 -21.31 -72.66
CA VAL A 687 -64.17 -24.18 -70.26
CA LYS A 688 -63.12 -24.10 -66.64
CA CYS A 689 -61.83 -26.91 -64.52
CA GLN A 690 -64.05 -27.98 -61.70
CA ALA A 691 -63.20 -29.48 -58.33
CA LEU A 692 -64.65 -32.62 -59.83
CA ASN A 693 -61.75 -32.50 -62.27
CA LYS A 694 -64.25 -32.44 -65.08
CA TRP A 695 -64.61 -29.55 -67.45
CA GLU A 696 -67.62 -27.36 -67.04
CA PRO A 697 -69.32 -26.77 -69.13
CA GLU A 698 -68.51 -29.83 -71.19
CA LEU A 699 -66.07 -29.30 -74.02
CA PRO A 700 -67.41 -27.81 -77.19
CA SER A 701 -66.83 -29.07 -80.69
CA CYS A 702 -65.88 -27.10 -83.75
CA SER A 703 -68.39 -29.21 -85.83
CA ARG A 704 -69.44 -25.66 -87.40
CA VAL A 705 -72.00 -25.78 -90.32
CA CYS A 706 -74.43 -28.50 -89.02
CA GLN A 707 -77.61 -27.13 -87.56
CA PRO A 708 -78.07 -26.48 -83.95
CA PRO A 709 -78.34 -29.55 -81.83
CA PRO A 710 -81.66 -30.84 -80.74
CA ASP A 711 -82.70 -29.68 -77.34
CA VAL A 712 -83.84 -32.09 -74.72
CA LEU A 713 -86.69 -31.29 -72.42
CA HIS A 714 -85.09 -31.72 -69.08
CA ALA A 715 -81.45 -31.24 -69.78
CA GLU A 716 -78.96 -28.71 -70.96
CA ARG A 717 -76.44 -28.62 -73.71
CA THR A 718 -72.80 -28.24 -72.94
CA GLN A 719 -73.24 -25.06 -74.90
CA ARG A 720 -69.78 -25.27 -76.25
CA ASP A 721 -69.82 -23.01 -79.26
CA LYS A 722 -73.52 -23.61 -79.34
CA ASP A 723 -73.94 -20.69 -81.67
CA ASN A 724 -72.15 -22.43 -84.47
CA PHE A 725 -71.09 -25.99 -84.84
CA SER A 726 -68.49 -26.74 -87.44
CA PRO A 727 -68.33 -30.14 -88.89
CA GLY A 728 -66.64 -32.79 -86.80
CA GLN A 729 -67.47 -30.88 -83.69
CA GLU A 730 -69.04 -32.72 -80.83
CA VAL A 731 -71.65 -31.51 -78.41
CA PHE A 732 -72.29 -32.88 -74.94
CA TYR A 733 -75.66 -33.24 -73.29
CA SER A 734 -76.16 -33.10 -69.58
CA CYS A 735 -79.18 -33.56 -67.38
CA GLU A 736 -80.36 -31.70 -64.32
CA PRO A 737 -79.71 -33.23 -60.99
CA GLY A 738 -82.05 -36.11 -60.38
CA TYR A 739 -82.07 -36.98 -64.04
CA ASP A 740 -80.16 -39.65 -65.91
CA LEU A 741 -79.22 -39.60 -69.54
CA ARG A 742 -80.40 -42.32 -71.84
CA GLY A 743 -78.47 -42.84 -75.02
CA ALA A 744 -75.09 -41.57 -76.10
CA ALA A 745 -74.19 -38.44 -74.20
CA SER A 746 -72.29 -36.90 -77.04
CA MET A 747 -73.32 -36.19 -80.58
CA ARG A 748 -70.97 -35.43 -83.41
CA CYS A 749 -71.56 -33.54 -86.59
CA THR A 750 -70.59 -35.46 -89.65
CA PRO A 751 -68.16 -33.81 -91.93
CA GLN A 752 -71.19 -33.77 -94.14
CA GLY A 753 -74.69 -33.83 -92.83
CA ASP A 754 -76.56 -33.34 -89.63
CA TRP A 755 -75.91 -34.79 -86.22
CA SER A 756 -75.14 -38.45 -86.37
CA PRO A 757 -77.16 -39.74 -83.46
CA ALA A 758 -80.46 -38.75 -81.94
CA ALA A 759 -80.30 -36.67 -78.82
CA PRO A 760 -80.23 -38.25 -75.44
CA THR A 761 -83.24 -38.23 -73.19
CA CYS A 762 -83.18 -37.41 -69.53
CA GLU A 763 -85.32 -40.06 -68.00
CA VAL A 764 -86.77 -38.51 -64.68
CA LYS A 765 -88.20 -34.72 -65.04
CA SER A 766 -91.91 -34.20 -63.73
CA CYS A 767 -93.30 -31.62 -61.41
CA ASP A 768 -96.56 -29.82 -61.70
CA ASP A 769 -95.82 -26.76 -63.74
CA PHE A 770 -98.25 -24.70 -61.87
CA MET A 771 -96.38 -24.04 -58.77
CA GLY A 772 -98.95 -21.55 -57.65
CA GLN A 773 -97.99 -17.94 -57.29
CA LEU A 774 -97.59 -16.67 -53.78
CA LEU A 775 -99.67 -13.70 -52.84
CA ASN A 776 -97.44 -10.67 -52.64
CA GLY A 777 -94.52 -12.69 -53.84
CA ARG A 778 -93.17 -14.38 -56.91
CA VAL A 779 -91.78 -17.72 -57.93
CA LEU A 780 -88.73 -17.79 -60.09
CA PHE A 781 -87.90 -20.80 -62.18
CA PRO A 782 -84.19 -20.91 -62.49
CA VAL A 783 -84.36 -23.43 -65.26
CA ASN A 784 -87.34 -25.67 -65.64
CA LEU A 785 -89.42 -27.75 -63.33
CA GLN A 786 -87.77 -31.11 -63.88
CA LEU A 787 -86.86 -33.90 -61.51
CA GLY A 788 -83.99 -31.93 -60.13
CA ALA A 789 -84.78 -28.28 -60.80
CA LYS A 790 -85.04 -25.83 -57.93
CA VAL A 791 -87.52 -23.02 -57.77
CA ASP A 792 -86.88 -19.96 -55.65
CA PHE A 793 -89.39 -17.90 -53.74
CA VAL A 794 -89.03 -14.20 -53.04
CA CYS A 795 -91.43 -11.57 -51.91
CA ASP A 796 -92.09 -7.93 -52.48
CA GLU A 797 -90.42 -5.45 -50.23
CA GLY A 798 -92.18 -5.26 -46.93
CA PHE A 799 -93.27 -8.86 -46.86
CA GLN A 800 -91.08 -11.66 -45.65
CA LEU A 801 -91.34 -15.28 -46.62
CA LYS A 802 -92.75 -17.62 -44.10
CA GLY A 803 -91.68 -21.03 -45.19
CA SER A 804 -88.84 -22.40 -47.23
CA SER A 805 -86.88 -20.20 -49.56
CA ALA A 806 -86.82 -22.73 -52.34
CA SER A 807 -88.44 -25.97 -53.36
CA TYR A 808 -86.75 -28.74 -55.23
CA CYS A 809 -88.62 -30.91 -57.65
CA VAL A 810 -87.87 -34.40 -56.45
CA LEU A 811 -88.81 -37.95 -57.27
CA ALA A 812 -90.41 -39.99 -54.54
CA GLY A 813 -92.33 -43.09 -55.25
CA MET A 814 -93.56 -43.41 -58.78
CA GLU A 815 -94.15 -39.73 -59.33
CA SER A 816 -92.24 -36.57 -58.68
CA LEU A 817 -93.49 -33.79 -56.47
CA TRP A 818 -92.10 -30.56 -55.07
CA ASN A 819 -90.07 -30.99 -51.92
CA SER A 820 -91.66 -28.21 -50.02
CA SER A 821 -95.05 -26.63 -49.88
CA VAL A 822 -95.19 -23.12 -51.17
CA PRO A 823 -94.36 -20.55 -48.60
CA VAL A 824 -96.61 -17.61 -47.93
CA CYS A 825 -95.54 -14.09 -47.40
CA GLU A 826 -97.60 -13.49 -44.25
CA GLN A 827 -95.81 -11.49 -41.28
CA ILE A 828 -92.03 -11.63 -41.44
CA PHE A 829 -89.74 -11.73 -38.20
CA CYS A 830 -85.86 -12.12 -38.03
CA PRO A 831 -83.56 -12.21 -35.13
CA SER A 832 -80.74 -9.75 -34.98
CA PRO A 833 -78.06 -10.43 -37.46
CA PRO A 834 -74.70 -11.81 -36.52
CA VAL A 835 -72.16 -9.40 -34.95
CA ILE A 836 -68.96 -10.07 -36.97
CA PRO A 837 -65.71 -9.10 -35.44
CA ASN A 838 -63.83 -6.09 -36.76
CA GLY A 839 -66.86 -5.34 -38.86
CA ARG A 840 -70.08 -3.50 -38.45
CA HIS A 841 -73.62 -3.62 -39.67
CA THR A 842 -74.52 -0.74 -41.87
CA GLY A 843 -77.92 0.88 -41.87
CA LYS A 844 -78.90 -1.53 -39.15
CA PRO A 845 -82.46 -1.32 -38.20
CA LEU A 846 -82.90 -1.87 -34.55
CA GLU A 847 -84.59 -5.00 -33.36
CA VAL A 848 -86.51 -5.10 -36.52
CA PHE A 849 -85.80 -7.04 -39.62
CA PRO A 850 -88.77 -7.96 -41.60
CA PHE A 851 -88.59 -10.92 -43.83
CA GLY A 852 -86.86 -10.29 -47.07
CA LYS A 853 -84.91 -7.50 -45.50
CA ALA A 854 -81.24 -7.43 -46.27
CA VAL A 855 -78.36 -6.39 -44.07
CA ASN A 856 -74.98 -5.31 -45.35
CA TYR A 857 -71.75 -5.90 -43.51
CA THR A 858 -68.61 -3.83 -43.76
CA CYS A 859 -65.20 -4.00 -42.16
CA ASP A 860 -63.41 -1.37 -40.13
CA PRO A 861 -61.73 1.07 -42.40
CA HIS A 862 -59.91 2.43 -39.40
CA PRO A 863 -61.07 5.98 -39.08
CA ASP A 864 -61.61 6.84 -42.73
CA ARG A 865 -60.96 4.03 -45.13
CA GLY A 866 -57.81 2.08 -45.45
CA THR A 867 -55.87 -1.10 -45.74
CA SER A 868 -57.42 -2.77 -42.80
CA PHE A 869 -59.47 -5.92 -42.60
CA ASP A 870 -61.30 -6.70 -45.80
CA LEU A 871 -64.53 -8.58 -46.00
CA ILE A 872 -64.45 -12.20 -47.06
CA GLY A 873 -67.59 -14.06 -48.05
CA GLU A 874 -71.08 -12.80 -48.81
CA SER A 875 -71.20 -9.17 -47.88
CA THR A 876 -74.94 -9.25 -47.50
CA ILE A 877 -77.48 -11.60 -46.03
CA ARG A 878 -81.24 -11.63 -46.29
CA CYS A 879 -83.92 -12.78 -43.95
CA THR A 880 -85.91 -15.80 -44.98
CA SER A 881 -87.87 -18.51 -43.25
CA ASP A 882 -86.93 -22.16 -43.46
CA PRO A 883 -88.92 -22.91 -40.33
CA GLN A 884 -92.27 -21.32 -39.80
CA GLY A 885 -91.16 -18.32 -37.84
CA ASN A 886 -87.68 -18.45 -36.42
CA GLY A 887 -86.75 -15.78 -38.94
CA VAL A 888 -83.54 -17.49 -40.03
CA TRP A 889 -80.97 -15.65 -42.11
CA SER A 890 -79.73 -17.00 -45.42
CA SER A 891 -76.19 -17.74 -44.47
CA PRO A 892 -73.42 -17.01 -42.12
CA ALA A 893 -71.94 -13.59 -41.91
CA PRO A 894 -68.79 -12.63 -43.65
CA ARG A 895 -65.43 -12.41 -41.95
CA CYS A 896 -63.08 -9.45 -41.76
CA GLY A 897 -62.61 -7.33 -40.08
CA ILE A 898 -63.31 -5.67 -36.53
CA LEU A 899 -66.52 -7.51 -35.04
CA GLY A 900 -70.01 -5.62 -34.52
CA HIS A 901 -70.38 -6.36 -30.83
CA CYS A 902 -72.59 -5.91 -27.86
CA GLN A 903 -73.74 -2.69 -26.20
CA ALA A 904 -72.66 -1.74 -22.69
CA PRO A 905 -73.62 -4.49 -20.18
CA ASP A 906 -76.62 -3.68 -17.99
CA HIS A 907 -76.03 -2.83 -14.34
CA PHE A 908 -76.26 -5.78 -11.97
CA LEU A 909 -75.65 -3.76 -8.81
CA PHE A 910 -74.99 -6.96 -6.88
CA ALA A 911 -71.79 -7.41 -8.91
CA LYS A 912 -68.83 -5.11 -9.55
CA LEU A 913 -67.05 -5.21 -12.91
CA LYS A 914 -63.78 -7.16 -12.83
CA THR A 915 -62.16 -7.08 -16.28
CA GLN A 916 -59.98 -4.74 -18.33
CA THR A 917 -62.27 -2.31 -20.16
CA ASN A 918 -61.75 1.03 -21.91
CA ALA A 919 -64.74 1.41 -24.21
CA SER A 920 -68.54 1.54 -24.20
CA ASP A 921 -69.15 -0.82 -27.13
CA PHE A 922 -67.96 -4.36 -26.41
CA PRO A 923 -66.96 -6.79 -29.20
CA ILE A 924 -69.16 -9.87 -29.64
CA GLY A 925 -67.56 -13.05 -28.41
CA THR A 926 -66.20 -11.99 -25.03
CA SER A 927 -67.18 -12.81 -21.45
CA LEU A 928 -67.10 -9.94 -18.96
CA LYS A 929 -66.12 -10.87 -15.40
CA TYR A 930 -68.35 -9.69 -12.54
CA GLU A 931 -67.87 -10.42 -8.84
CA CYS A 932 -70.93 -10.35 -6.57
CA ARG A 933 -71.04 -8.11 -3.50
CA PRO A 934 -70.08 -9.32 0.03
CA GLU A 935 -73.76 -9.73 0.91
CA TYR A 936 -73.94 -12.21 -2.00
CA TYR A 937 -72.57 -15.64 -2.91
CA GLY A 938 -72.14 -17.45 -6.22
CA ARG A 939 -68.53 -17.08 -7.38
CA PRO A 940 -67.49 -14.63 -10.16
CA PHE A 941 -69.52 -15.24 -13.32
CA SER A 942 -69.41 -13.61 -16.75
CA ILE A 943 -71.77 -12.50 -19.51
CA THR A 944 -70.79 -13.73 -22.97
CA CYS A 945 -71.45 -11.48 -25.99
CA LEU A 946 -73.23 -13.87 -28.31
CA ASP A 947 -73.97 -12.15 -31.63
CA ASN A 948 -77.31 -10.36 -31.52
CA LEU A 949 -75.53 -7.60 -29.61
CA VAL A 950 -76.69 -9.28 -26.47
CA TRP A 951 -75.13 -10.77 -23.39
CA SER A 952 -75.66 -14.41 -22.42
CA SER A 953 -78.67 -14.77 -20.14
CA PRO A 954 -77.37 -15.43 -16.60
CA LYS A 955 -79.51 -17.76 -14.50
CA ASP A 956 -79.59 -17.93 -10.70
CA VAL A 957 -75.84 -17.37 -10.45
CA CYS A 958 -75.67 -14.51 -7.96
CA LYS A 959 -77.86 -12.14 -5.84
CA ARG A 960 -81.31 -10.44 -6.59
CA LYS A 961 -81.12 -6.75 -7.88
CA SER A 962 -84.49 -5.68 -6.32
CA CYS A 963 -84.67 -5.19 -2.42
CA LYS A 964 -83.85 -2.38 -0.08
CA THR A 965 -83.67 -3.48 3.50
CA PRO A 966 -86.69 -2.54 5.49
CA PRO A 967 -86.44 0.05 8.13
CA ASP A 968 -86.11 -1.23 11.65
CA PRO A 969 -89.53 -1.79 12.97
CA VAL A 970 -90.52 0.06 16.08
CA ASN A 971 -89.24 -1.68 19.14
CA GLY A 972 -88.04 -4.38 16.80
CA MET A 973 -85.31 -5.51 14.45
CA VAL A 974 -85.26 -7.16 11.03
CA HIS A 975 -83.06 -10.19 10.53
CA VAL A 976 -81.69 -11.59 7.32
CA ILE A 977 -81.27 -15.27 7.05
CA THR A 978 -78.76 -15.68 4.24
CA ASP A 979 -78.67 -12.58 2.08
CA ILE A 980 -80.46 -9.68 0.36
CA GLN A 981 -80.65 -11.55 -2.97
CA VAL A 982 -84.03 -11.88 -4.64
CA GLY A 983 -85.82 -15.15 -4.04
CA SER A 984 -84.84 -15.19 -0.40
CA ARG A 985 -87.13 -14.99 2.60
CA ILE A 986 -86.10 -12.99 5.64
CA ASN A 987 -87.83 -12.68 8.98
CA TYR A 988 -88.86 -9.89 11.34
CA SER A 989 -88.77 -9.70 15.13
CA CYS A 990 -89.88 -7.43 17.92
CA THR A 991 -89.64 -6.87 21.66
CA THR A 992 -90.83 -9.71 23.78
CA GLY A 993 -94.55 -9.42 24.34
CA HIS A 994 -95.20 -7.77 21.00
CA ARG A 995 -97.06 -9.75 18.39
CA LEU A 996 -96.07 -9.17 14.79
CA ILE A 997 -98.94 -7.52 13.01
CA GLY A 998 -98.29 -8.94 9.62
CA HIS A 999 -96.75 -11.96 7.96
CA SER A 1000 -93.64 -12.10 10.11
CA SER A 1001 -91.92 -12.88 6.84
CA ALA A 1002 -90.96 -11.26 3.56
CA GLU A 1003 -90.20 -12.04 -0.08
CA CYS A 1004 -87.93 -9.98 -2.30
CA ILE A 1005 -90.10 -9.46 -5.32
CA LEU A 1006 -89.55 -7.14 -8.25
CA SER A 1007 -92.42 -4.87 -9.12
CA GLY A 1008 -90.44 -4.19 -12.28
CA ASN A 1009 -89.43 -0.64 -11.56
CA THR A 1010 -88.15 -1.41 -8.12
CA ALA A 1011 -87.66 -4.49 -6.02
CA HIS A 1012 -89.13 -4.44 -2.56
CA TRP A 1013 -90.38 -6.77 0.13
CA SER A 1014 -93.92 -8.06 -0.19
CA THR A 1015 -94.67 -7.32 3.40
CA LYS A 1016 -95.68 -3.98 4.77
CA PRO A 1017 -93.69 -2.53 7.60
CA PRO A 1018 -94.41 -4.63 10.58
CA ILE A 1019 -96.00 -3.18 13.69
CA CYS A 1020 -95.79 -4.11 17.33
CA GLN A 1021 -99.19 -4.37 19.11
CA ARG A 1022 -98.62 -5.42 22.85
CA ILE A 1023 -101.50 -6.57 24.89
CA PRO A 1024 -101.04 -8.94 28.10
CA CYS A 1025 -98.79 -6.81 30.62
CA GLY A 1026 -96.98 -8.11 33.69
CA LEU A 1027 -95.81 -6.22 36.76
CA PRO A 1028 -94.23 -2.75 36.35
CA PRO A 1029 -90.45 -2.41 36.87
CA THR A 1030 -90.22 -1.94 40.60
CA ILE A 1031 -87.62 0.57 41.74
CA ALA A 1032 -85.57 -0.16 44.86
CA ASN A 1033 -86.94 1.59 47.95
CA GLY A 1034 -89.82 2.82 45.81
CA ASP A 1035 -93.23 1.40 46.67
CA PHE A 1036 -96.19 0.70 44.37
CA ILE A 1037 -99.84 1.81 44.38
CA SER A 1038 -102.69 2.85 42.07
CA THR A 1039 -105.25 0.51 40.47
CA ASN A 1040 -102.68 -2.11 39.54
CA ARG A 1041 -102.34 -4.93 42.08
CA GLU A 1042 -102.33 -8.32 40.35
CA ASN A 1043 -105.03 -8.43 37.66
CA PHE A 1044 -102.69 -6.80 35.12
CA HIS A 1045 -103.96 -6.73 31.53
CA TYR A 1046 -102.97 -3.49 29.77
CA GLY A 1047 -103.25 0.29 30.06
CA SER A 1048 -103.38 0.00 33.85
CA VAL A 1049 -101.46 2.88 35.43
CA VAL A 1050 -99.31 2.65 38.57
CA THR A 1051 -97.99 5.40 40.84
CA TYR A 1052 -94.47 4.98 42.20
CA ARG A 1053 -93.04 6.33 45.47
CA CYS A 1054 -90.28 5.62 47.98
CA ASN A 1055 -89.70 4.49 51.58
CA LEU A 1056 -90.41 6.89 54.44
CA GLY A 1057 -89.83 4.86 57.56
CA SER A 1058 -93.52 4.00 57.87
CA ARG A 1059 -95.34 7.34 57.91
CA GLY A 1060 -93.44 9.91 55.86
CA ARG A 1061 -89.83 10.87 56.59
CA LYS A 1062 -86.81 12.44 54.92
CA VAL A 1063 -85.43 9.17 53.56
CA PHE A 1064 -85.10 8.91 49.79
CA GLU A 1065 -87.51 10.57 47.36
CA LEU A 1066 -88.96 9.64 43.96
CA VAL A 1067 -87.63 11.61 41.03
CA GLY A 1068 -88.77 11.50 37.42
CA GLU A 1069 -91.70 9.66 35.85
CA PRO A 1070 -93.57 9.26 39.20
CA SER A 1071 -96.09 7.26 37.16
CA ILE A 1072 -96.16 4.70 34.35
CA TYR A 1073 -98.59 2.49 32.44
CA CYS A 1074 -98.85 -0.72 30.44
CA THR A 1075 -98.10 -0.49 26.73
CA SER A 1076 -96.62 -2.47 23.83
CA ASN A 1077 -93.43 -2.50 21.76
CA ASP A 1078 -92.76 -6.16 20.94
CA ASP A 1079 -96.02 -8.07 20.44
CA GLN A 1080 -97.09 -9.78 23.69
CA VAL A 1081 -94.94 -9.65 26.86
CA GLY A 1082 -96.67 -6.42 27.84
CA ILE A 1083 -93.71 -4.07 28.25
CA TRP A 1084 -94.33 -0.88 30.21
CA SER A 1085 -92.91 2.58 29.54
CA GLY A 1086 -89.74 2.69 31.64
CA PRO A 1087 -88.30 2.35 35.18
CA ALA A 1088 -87.11 5.97 35.19
CA PRO A 1089 -88.28 6.72 38.79
CA GLN A 1090 -85.44 6.80 41.32
CA CYS A 1091 -85.04 7.57 45.02
CA ILE A 1092 -81.63 6.06 45.69
CA ILE A 1093 -78.37 6.90 43.98
CA PRO A 1094 -76.24 4.40 46.29
CA ASN A 1095 -72.97 5.73 48.19
CA LYS A 1096 -69.55 4.91 49.24
CA CYS A 1097 -69.43 6.07 52.89
CA THR A 1098 -67.43 8.31 55.13
CA PRO A 1099 -66.16 7.54 58.53
CA PRO A 1100 -68.74 6.63 61.07
CA ASN A 1101 -69.66 9.37 63.47
CA VAL A 1102 -69.87 7.94 66.94
CA GLU A 1103 -68.50 9.43 70.10
CA ASN A 1104 -67.08 7.29 72.88
CA GLY A 1105 -67.63 4.11 70.89
CA ILE A 1106 -64.78 2.96 68.66
CA LEU A 1107 -65.44 0.87 65.59
CA VAL A 1108 -63.97 -2.65 65.84
CA SER A 1109 -64.08 -4.02 62.31
CA ASP A 1110 -61.90 -3.04 59.42
CA ASN A 1111 -61.45 0.68 59.59
CA ARG A 1112 -60.99 2.18 56.19
CA SER A 1113 -60.41 5.70 55.03
CA LEU A 1114 -63.03 5.48 52.34
CA PHE A 1115 -65.58 2.75 52.77
CA SER A 1116 -67.66 1.33 50.00
CA LEU A 1117 -71.07 -0.20 49.79
CA ASN A 1118 -71.68 -3.16 52.02
CA GLU A 1119 -69.01 -2.17 54.39
CA VAL A 1120 -70.21 -3.09 57.82
CA VAL A 1121 -68.75 -1.74 60.99
CA GLU A 1122 -69.42 -2.79 64.55
CA PHE A 1123 -68.97 -0.38 67.41
CA ARG A 1124 -67.78 -1.19 70.86
CA CYS A 1125 -68.16 1.34 73.62
CA GLN A 1126 -65.38 2.59 75.83
CA PRO A 1127 -65.29 1.25 79.28
CA GLY A 1128 -68.02 2.72 81.41
CA PHE A 1129 -70.24 3.45 78.45
CA VAL A 1130 -73.27 1.64 77.08
CA MET A 1131 -74.45 1.57 73.51
CA LYS A 1132 -77.83 2.92 72.71
CA GLY A 1133 -78.68 1.82 69.22
CA PRO A 1134 -77.61 -0.89 66.85
CA ARG A 1135 -74.10 -2.18 67.38
CA ARG A 1136 -73.32 -2.53 63.69
CA VAL A 1137 -73.86 -0.21 60.78
CA LYS A 1138 -73.75 -1.01 57.10
CA CYS A 1139 -73.25 1.33 54.21
CA GLN A 1140 -76.19 1.73 51.92
CA ALA A 1141 -76.33 2.53 48.23
CA LEU A 1142 -77.59 5.88 49.42
CA ASN A 1143 -74.17 6.34 50.98
CA LYS A 1144 -75.87 6.79 54.31
CA TRP A 1145 -75.40 4.45 57.21
CA GLU A 1146 -78.25 2.15 58.01
CA PRO A 1147 -79.31 1.96 60.57
CA GLU A 1148 -78.25 5.40 61.71
CA LEU A 1149 -75.14 5.54 63.85
CA PRO A 1150 -75.52 4.70 67.48
CA SER A 1151 -74.19 6.67 70.40
CA CYS A 1152 -72.35 5.39 73.42
CA SER A 1153 -74.48 6.85 76.20
CA ARG A 1154 -73.36 7.64 79.91
CA VAL A 1155 -72.06 10.72 81.83
CA CYS A 1156 -68.42 9.56 82.34
CA GLN A 1157 -64.86 10.70 82.78
CA PRO A 1158 -62.06 8.99 81.06
CA PRO A 1159 -60.83 6.04 82.99
CA PRO A 1160 -58.19 6.43 85.58
CA GLU A 1161 -54.78 5.49 84.39
CA ILE A 1162 -52.78 3.12 86.45
CA LEU A 1163 -49.06 3.13 86.72
CA HIS A 1164 -47.32 0.23 85.08
CA GLY A 1165 -50.47 -0.61 83.21
CA GLU A 1166 -52.48 0.45 80.20
CA HIS A 1167 -56.08 0.55 79.18
CA THR A 1168 -57.00 -1.84 76.48
CA PRO A 1169 -57.97 0.23 73.52
CA SER A 1170 -61.01 2.09 74.63
CA HIS A 1171 -63.73 2.55 72.15
CA GLN A 1172 -63.78 6.24 72.62
CA ASP A 1173 -61.85 9.03 74.20
CA ASN A 1174 -65.03 9.58 76.13
CA PHE A 1175 -67.23 6.89 77.56
CA SER A 1176 -70.96 6.70 77.33
CA PRO A 1177 -72.89 5.20 80.12
CA GLY A 1178 -72.75 1.46 80.52
CA GLN A 1179 -69.41 1.49 78.79
CA GLU A 1180 -66.85 -0.94 80.05
CA VAL A 1181 -63.12 -0.48 80.05
CA PHE A 1182 -60.55 -3.17 80.58
CA TYR A 1183 -57.15 -2.76 82.19
CA SER A 1184 -53.99 -4.64 81.35
CA CYS A 1185 -50.48 -4.54 82.64
CA GLU A 1186 -46.94 -4.76 81.36
CA PRO A 1187 -45.27 -8.07 81.24
CA GLY A 1188 -43.82 -8.87 84.62
CA TYR A 1189 -46.74 -7.22 86.35
CA ASP A 1190 -49.76 -8.80 87.95
CA LEU A 1191 -53.10 -7.17 88.09
CA ARG A 1192 -54.96 -7.24 91.34
CA GLY A 1193 -58.55 -6.18 91.61
CA ALA A 1194 -61.28 -6.18 89.01
CA ALA A 1195 -59.86 -6.03 85.54
CA SER A 1196 -62.78 -4.12 84.16
CA LEU A 1197 -64.74 -1.09 85.31
CA HIS A 1198 -68.05 0.10 84.00
CA CYS A 1199 -69.57 3.52 83.88
CA THR A 1200 -72.90 3.98 85.57
CA PRO A 1201 -75.64 5.73 83.76
CA GLN A 1202 -74.88 8.68 85.94
CA GLY A 1203 -71.68 9.05 87.76
CA ASP A 1204 -68.09 8.05 87.87
CA TRP A 1205 -66.68 4.63 87.28
CA SER A 1206 -68.10 2.17 89.70
CA PRO A 1207 -64.95 0.49 90.91
CA GLU A 1208 -61.46 1.68 91.64
CA ALA A 1209 -58.95 0.87 88.99
CA PRO A 1210 -56.90 -2.21 89.42
CA ARG A 1211 -53.32 -2.01 90.53
CA CYS A 1212 -50.42 -3.86 89.09
CA ALA A 1213 -48.17 -4.88 91.83
CA VAL A 1214 -47.51 -8.55 92.91
CA LYS A 1215 -49.73 -8.21 96.04
CA SER A 1216 -49.79 -11.87 97.48
CA CYS A 1217 -46.68 -11.25 99.82
CA ASP A 1218 -44.46 -11.91 102.75
CA ASP A 1219 -46.31 -10.95 105.86
CA PHE A 1220 -43.20 -9.57 107.33
CA LEU A 1221 -43.49 -6.19 105.79
CA GLY A 1222 -41.73 -5.38 109.00
CA GLN A 1223 -41.77 -2.12 110.84
CA LEU A 1224 -40.10 1.18 110.12
CA PRO A 1225 -38.29 2.90 112.89
CA HIS A 1226 -40.22 5.98 113.97
CA GLY A 1227 -42.91 5.19 111.50
CA ARG A 1228 -45.74 2.80 110.96
CA VAL A 1229 -47.03 0.76 108.11
CA LEU A 1230 -50.71 0.47 107.64
CA PHE A 1231 -52.20 -2.40 105.78
CA PRO A 1232 -55.48 -1.07 104.63
CA LEU A 1233 -56.76 -4.43 103.60
CA ASN A 1234 -54.33 -7.28 103.86
CA LEU A 1235 -51.18 -8.15 102.01
CA GLN A 1236 -52.44 -10.27 99.13
CA LEU A 1237 -51.53 -9.70 95.55
CA GLY A 1238 -53.11 -6.37 94.75
CA ALA A 1239 -53.21 -5.00 98.27
CA LYS A 1240 -51.24 -1.84 98.91
CA VAL A 1241 -49.56 -0.98 102.15
CA SER A 1242 -48.94 2.61 103.07
CA PHE A 1243 -46.08 4.09 104.99
CA VAL A 1244 -46.36 7.08 107.24
CA CYS A 1245 -44.18 8.45 109.92
CA ASP A 1246 -44.18 10.24 113.22
CA GLU A 1247 -44.59 13.97 113.34
CA GLY A 1248 -41.31 15.57 112.43
CA PHE A 1249 -39.87 12.64 110.57
CA ARG A 1250 -40.36 12.29 106.86
CA LEU A 1251 -40.09 9.07 105.00
CA LYS A 1252 -37.25 8.52 102.64
CA GLY A 1253 -38.39 6.14 100.02
CA SER A 1254 -41.69 5.20 98.52
CA SER A 1255 -44.95 6.33 100.09
CA VAL A 1256 -46.74 3.10 99.33
CA SER A 1257 -45.80 -0.39 98.29
CA HIS A 1258 -48.05 -2.63 96.31
CA CYS A 1259 -48.09 -6.37 96.58
CA VAL A 1260 -47.68 -7.41 93.01
CA LEU A 1261 -47.68 -10.66 91.19
CA VAL A 1262 -44.89 -11.51 88.87
CA GLY A 1263 -45.04 -14.89 87.27
CA MET A 1264 -42.35 -16.29 89.50
CA ARG A 1265 -43.95 -15.22 92.72
CA SER A 1266 -45.62 -12.35 94.43
CA LEU A 1267 -43.43 -9.67 95.90
CA TRP A 1268 -43.69 -6.13 97.19
CA ASN A 1269 -43.30 -3.41 94.59
CA ASN A 1270 -40.89 -1.37 96.61
CA SER A 1271 -38.51 -1.88 99.45
CA VAL A 1272 -39.56 -0.39 102.75
CA PRO A 1273 -38.74 3.23 103.27
CA VAL A 1274 -36.96 4.63 106.29
CA CYS A 1275 -37.87 7.73 108.17
CA GLU A 1276 -36.43 10.32 110.67
CA HIS A 1277 -37.47 8.75 114.20
CA ILE A 1278 -36.61 11.73 116.79
CA PHE A 1279 -39.54 14.46 116.75
CA CYS A 1280 -39.16 15.67 119.35
CA PRO A 1281 -36.60 14.99 121.95
CA ASN A 1282 -35.58 17.66 124.37
CA PRO A 1283 -33.70 20.37 122.66
CA PRO A 1284 -29.97 20.54 122.64
CA ALA A 1285 -28.55 22.56 125.46
CA ILE A 1286 -25.87 25.08 124.71
CA LEU A 1287 -23.07 26.27 126.91
CA ASN A 1288 -23.38 29.74 128.36
CA GLY A 1289 -26.87 29.88 126.92
CA ARG A 1290 -30.31 28.91 128.04
CA HIS A 1291 -33.55 27.92 126.49
CA THR A 1292 -36.60 29.99 126.95
CA GLY A 1293 -39.14 28.09 129.00
CA THR A 1294 -39.60 25.24 126.65
CA PRO A 1295 -41.06 23.53 128.68
CA SER A 1296 -39.48 20.18 128.05
CA GLY A 1297 -40.92 16.75 128.09
CA ASP A 1298 -43.30 17.69 125.39
CA ILE A 1299 -42.10 19.12 122.16
CA PRO A 1300 -44.88 18.72 119.74
CA TYR A 1301 -44.41 18.83 116.02
CA GLY A 1302 -44.19 22.40 114.86
CA LYS A 1303 -43.24 23.72 118.26
CA GLU A 1304 -40.43 26.21 118.32
CA ILE A 1305 -37.89 26.89 120.98
CA SER A 1306 -35.72 29.94 121.27
CA TYR A 1307 -32.24 30.13 122.70
CA THR A 1308 -30.66 33.03 124.52
CA CYS A 1309 -27.18 33.70 125.74
CA ASP A 1310 -25.95 34.73 129.17
CA PRO A 1311 -26.32 38.37 129.78
CA HIS A 1312 -24.27 38.00 132.90
CA PRO A 1313 -26.58 38.71 135.73
CA ASP A 1314 -28.00 41.79 134.06
CA ARG A 1315 -27.98 42.08 130.33
CA GLY A 1316 -24.93 43.13 128.47
CA MET A 1317 -22.39 42.57 125.81
CA THR A 1318 -21.29 39.21 126.98
CA PHE A 1319 -21.31 35.96 125.12
CA ASN A 1320 -23.27 36.49 121.95
CA LEU A 1321 -25.39 34.02 120.08
CA ILE A 1322 -24.27 32.94 116.66
CA GLY A 1323 -26.43 30.97 114.28
CA GLU A 1324 -30.16 30.44 114.19
CA SER A 1325 -31.64 31.58 117.44
CA THR A 1326 -34.69 29.43 117.06
CA ILE A 1327 -35.30 25.85 116.09
CA ARG A 1328 -38.48 23.98 115.29
CA CYS A 1329 -39.66 20.41 115.68
CA THR A 1330 -40.15 18.80 112.32
CA SER A 1331 -40.79 15.36 111.00
CA ASP A 1332 -38.78 13.25 108.66
CA PRO A 1333 -40.24 9.95 107.74
CA HIS A 1334 -38.97 8.70 111.04
CA GLY A 1335 -41.53 8.78 113.78
CA ASN A 1336 -38.97 10.30 116.06
CA GLY A 1337 -39.39 14.00 115.57
CA VAL A 1338 -36.25 15.80 114.62
CA TRP A 1339 -35.18 19.35 115.19
CA SER A 1340 -34.61 21.46 112.11
CA SER A 1341 -31.05 22.46 112.77
CA PRO A 1342 -28.34 22.42 115.32
CA ALA A 1343 -28.51 24.83 118.20
CA PRO A 1344 -26.78 28.14 118.18
CA ARG A 1345 -23.54 28.86 119.98
CA CYS A 1346 -22.62 31.49 122.56
CA GLU A 1347 -19.30 33.28 121.68
CA LEU A 1348 -16.81 33.11 124.68
CA SER A 1349 -13.03 34.42 124.88
CA VAL A 1350 -11.75 36.41 121.70
CA ARG A 1351 -8.99 38.28 123.93
CA ALA A 1352 -5.38 39.55 123.30
CA GLY A 1353 -2.79 39.48 126.35
CA HIS A 1354 0.13 41.55 124.97
CA CYS A 1355 3.11 42.16 125.56
CA LYS A 1356 3.96 38.52 125.24
CA THR A 1357 7.44 37.38 126.10
CA PRO A 1358 9.97 39.02 123.92
CA GLU A 1359 11.32 36.96 121.08
CA GLN A 1360 14.83 35.79 121.56
CA PHE A 1361 17.53 37.67 119.77
CA PRO A 1362 20.53 35.43 120.21
CA PHE A 1363 22.86 38.35 119.71
CA ALA A 1364 21.71 40.05 122.87
CA SER A 1365 21.30 38.87 126.44
CA PRO A 1366 18.63 40.34 128.61
CA THR A 1367 19.69 42.91 131.13
CA ILE A 1368 16.72 44.06 133.14
CA PRO A 1369 14.88 42.97 136.19
CA ILE A 1370 12.41 40.40 135.00
CA ASN A 1371 8.73 40.58 135.59
CA ASP A 1372 7.12 37.22 134.83
CA PHE A 1373 6.37 35.82 131.41
CA GLU A 1374 3.91 38.51 130.46
CA PHE A 1375 5.24 42.03 130.22
CA PRO A 1376 3.09 45.01 130.78
CA VAL A 1377 2.64 47.37 127.89
CA GLY A 1378 4.66 50.53 128.05
CA THR A 1379 8.00 49.16 129.13
CA SER A 1380 11.37 48.98 127.45
CA LEU A 1381 13.37 45.85 127.97
CA ASN A 1382 17.14 46.24 128.00
CA TYR A 1383 19.24 43.91 125.89
CA GLU A 1384 22.99 44.00 125.61
CA CYS A 1385 24.72 42.64 122.53
CA ARG A 1386 27.33 39.93 122.84
CA PRO A 1387 30.94 40.76 122.74
CA GLY A 1388 31.33 39.93 119.09
CA TYR A 1389 28.67 42.51 118.42
CA PHE A 1390 28.69 46.27 118.41
CA GLY A 1391 25.91 48.69 119.05
CA LYS A 1392 24.78 50.02 122.31
CA MET A 1393 22.41 48.36 124.66
CA PHE A 1394 19.01 48.87 123.12
CA SER A 1395 15.51 48.14 124.32
CA ILE A 1396 12.24 46.99 122.85
CA SER A 1397 9.29 49.04 123.97
CA CYS A 1398 5.94 47.42 124.51
CA LEU A 1399 3.72 49.65 122.44
CA GLU A 1400 0.16 48.57 123.19
CA ASN A 1401 -0.53 46.14 120.36
CA LEU A 1402 1.12 43.61 122.63
CA VAL A 1403 3.95 43.98 120.21
CA TRP A 1404 7.42 45.16 120.90
CA SER A 1405 8.90 48.11 119.07
CA SER A 1406 10.53 47.04 115.83
CA VAL A 1407 14.26 47.32 116.21
CA GLU A 1408 16.27 48.42 113.19
CA ASP A 1409 19.81 47.33 112.52
CA ASN A 1410 20.85 48.31 116.04
CA CYS A 1411 23.00 45.33 116.83
CA ARG A 1412 22.17 41.96 115.61
CA ARG A 1413 19.05 40.13 114.40
CA LYS A 1414 17.80 37.39 116.71
CA SER A 1415 20.06 34.64 116.63
CA CYS A 1416 22.23 31.41 117.11
CA GLY A 1417 25.95 30.97 116.61
CA PRO A 1418 26.99 31.19 113.03
CA PRO A 1419 27.27 27.86 111.39
CA PRO A 1420 30.62 26.78 110.09
CA GLU A 1421 31.00 27.08 106.36
CA PRO A 1422 30.43 23.70 104.87
CA PHE A 1423 33.32 22.60 102.75
CA ASN A 1424 32.70 23.37 99.11
CA GLY A 1425 29.75 25.51 100.08
CA MET A 1426 28.63 28.45 102.16
CA VAL A 1427 25.62 29.65 104.06
CA HIS A 1428 24.02 32.93 103.20
CA ILE A 1429 22.15 34.89 105.79
CA ASN A 1430 19.06 36.50 104.34
CA THR A 1431 18.91 38.97 107.15
CA ASP A 1432 20.61 38.03 110.37
CA THR A 1433 21.09 35.00 112.53
CA GLN A 1434 18.70 36.05 115.25
CA PHE A 1435 15.91 33.89 116.46
CA GLY A 1436 13.45 33.72 113.62
CA SER A 1437 15.87 34.30 110.78
CA THR A 1438 16.45 31.43 108.40
CA VAL A 1439 19.73 30.94 106.66
CA ASN A 1440 20.06 29.23 103.33
CA TYR A 1441 22.75 26.77 102.42
CA SER A 1442 24.17 26.68 98.94
CA CYS A 1443 26.95 24.61 97.54
CA ASN A 1444 29.40 25.55 94.82
CA GLU A 1445 28.28 24.58 91.37
CA GLY A 1446 28.91 20.92 90.74
CA PHE A 1447 28.62 19.78 94.30
CA ARG A 1448 25.20 19.15 95.80
CA LEU A 1449 24.26 19.75 99.37
CA ILE A 1450 23.43 16.69 101.42
CA GLY A 1451 21.07 17.61 104.15
CA SER A 1452 18.41 20.24 104.38
CA PRO A 1453 18.35 23.28 102.23
CA SER A 1454 17.68 25.87 104.91
CA THR A 1455 17.89 26.07 108.66
CA THR A 1456 15.89 28.40 110.83
CA CYS A 1457 17.14 29.79 114.10
CA LEU A 1458 14.64 28.82 116.77
CA VAL A 1459 14.40 28.68 120.51
CA SER A 1460 13.64 25.54 122.46
CA GLY A 1461 14.57 24.33 125.91
CA ASN A 1462 15.18 27.99 126.67
CA ASN A 1463 18.18 28.06 124.36
CA VAL A 1464 18.44 29.26 120.78
CA THR A 1465 19.58 26.74 118.24
CA TRP A 1466 19.20 26.00 114.55
CA ASP A 1467 16.29 23.81 113.59
CA LYS A 1468 18.50 21.55 111.54
CA LYS A 1469 22.14 20.61 111.32
CA ALA A 1470 24.17 22.12 108.51
CA PRO A 1471 24.32 19.95 105.46
CA ILE A 1472 27.48 18.72 103.76
CA CYS A 1473 28.32 18.99 100.14
CA GLU A 1474 29.01 15.43 99.25
CA ILE A 1475 30.77 13.34 97.16
CA ILE A 1476 34.05 14.00 99.11
CA SER A 1477 35.34 10.28 99.69
CA CYS A 1478 38.23 10.09 96.90
CA GLU A 1479 37.98 7.84 93.90
CA PRO A 1480 40.84 6.58 91.93
CA PRO A 1481 42.98 9.19 90.33
CA PRO A 1482 42.37 9.79 86.69
CA THR A 1483 44.44 7.24 84.82
CA ILE A 1484 46.51 8.50 81.95
CA SER A 1485 47.01 6.49 78.84
CA ASN A 1486 50.31 4.68 78.82
CA GLY A 1487 50.93 6.16 82.22
CA ASP A 1488 51.29 3.78 85.14
CA PHE A 1489 50.21 4.15 88.76
CA TYR A 1490 52.18 3.70 91.98
CA SER A 1491 52.62 5.22 95.46
CA ASN A 1492 50.71 4.48 98.63
CA ASN A 1493 47.40 4.58 96.79
CA ARG A 1494 46.20 1.19 95.69
CA THR A 1495 42.65 0.41 96.55
CA SER A 1496 41.55 1.82 99.83
CA PHE A 1497 41.32 5.43 98.85
CA HIS A 1498 40.02 7.79 101.46
CA ASN A 1499 41.54 11.19 101.14
CA GLY A 1500 44.93 12.86 101.18
CA THR A 1501 46.57 9.92 99.48
CA VAL A 1502 49.20 10.93 96.97
CA VAL A 1503 49.83 9.03 93.78
CA THR A 1504 52.79 9.16 91.44
CA TYR A 1505 52.37 8.81 87.70
CA GLN A 1506 54.70 7.35 85.12
CA CYS A 1507 54.63 6.11 81.55
CA HIS A 1508 55.22 2.84 79.75
CA THR A 1509 58.72 1.80 78.86
CA GLY A 1510 58.25 -1.52 77.08
CA PRO A 1511 60.10 -3.57 79.49
CA ASP A 1512 61.97 -2.23 82.48
CA GLY A 1513 62.64 1.10 80.88
CA GLU A 1514 63.17 2.60 77.49
CA GLN A 1515 62.69 5.88 75.86
CA LEU A 1516 59.11 5.46 74.76
CA PHE A 1517 56.69 8.10 75.95
CA GLU A 1518 57.52 10.15 79.00
CA LEU A 1519 55.50 11.79 81.71
CA VAL A 1520 55.36 15.53 81.48
CA GLY A 1521 53.82 17.74 84.09
CA GLU A 1522 53.14 17.40 87.81
CA ARG A 1523 53.94 13.72 87.91
CA SER A 1524 52.08 13.55 91.20
CA ILE A 1525 48.68 14.43 92.53
CA TYR A 1526 46.76 14.07 95.76
CA CYS A 1527 43.21 13.61 97.00
CA THR A 1528 41.42 16.77 98.07
CA SER A 1529 37.97 18.30 98.24
CA LYS A 1530 36.38 21.11 96.27
CA ASP A 1531 32.75 20.32 96.01
CA ASP A 1532 31.09 17.97 98.40
CA GLN A 1533 31.80 14.31 98.15
CA VAL A 1534 33.19 12.63 95.05
CA GLY A 1535 36.68 13.28 96.32
CA VAL A 1536 38.11 15.27 93.43
CA TRP A 1537 41.90 15.31 93.01
CA SER A 1538 44.26 18.31 92.99
CA SER A 1539 45.08 18.91 89.39
CA PRO A 1540 45.06 17.34 86.05
CA PRO A 1541 47.20 14.42 85.36
CA PRO A 1542 50.35 14.45 83.40
CA ARG A 1543 50.66 13.31 79.81
CA CYS A 1544 53.08 11.05 78.06
CA ILE A 1545 54.95 13.62 75.69
CA SER A 1546 52.14 16.12 74.41
CA THR A 1547 53.39 19.80 75.09
CA ASN A 1548 57.31 19.39 75.47
CA LYS A 1549 58.63 22.78 73.87
CA CYS A 1550 61.33 25.46 73.23
CA THR A 1551 63.06 27.33 70.49
CA ALA A 1552 66.20 29.36 70.89
CA PRO A 1553 65.81 32.07 73.40
CA GLU A 1554 66.76 35.45 72.20
CA VAL A 1555 68.57 37.93 74.34
CA GLU A 1556 70.23 40.80 72.58
CA ASN A 1557 73.80 41.50 73.67
CA ALA A 1558 73.67 38.62 76.01
CA ILE A 1559 74.78 35.07 75.45
CA ARG A 1560 73.47 31.79 76.79
CA VAL A 1561 76.19 29.97 78.70
CA PRO A 1562 74.55 26.60 79.37
CA GLY A 1563 74.23 23.85 76.83
CA ASN A 1564 73.23 25.47 73.60
CA ARG A 1565 70.83 23.19 71.86
CA SER A 1566 68.98 23.40 68.61
CA PHE A 1567 65.80 22.23 70.24
CA PHE A 1568 65.42 22.43 73.98
CA SER A 1569 63.11 19.96 75.60
CA LEU A 1570 60.88 20.56 78.54
CA THR A 1571 62.74 21.34 81.76
CA GLU A 1572 65.75 22.63 79.94
CA ILE A 1573 67.26 25.50 81.83
CA ILE A 1574 69.47 28.09 80.29
CA ARG A 1575 71.37 30.86 82.00
CA PHE A 1576 72.35 34.07 80.31
CA ARG A 1577 75.50 36.07 80.59
CA CYS A 1578 75.90 39.55 79.24
CA GLN A 1579 78.65 40.79 77.04
CA PRO A 1580 81.11 42.99 78.81
CA GLY A 1581 79.67 46.42 79.46
CA PHE A 1582 76.19 45.04 79.87
CA VAL A 1583 73.98 44.57 82.91
CA MET A 1584 71.12 42.12 82.90
CA VAL A 1585 67.68 43.38 83.57
CA GLY A 1586 65.51 40.42 84.36
CA SER A 1587 66.05 36.88 85.52
CA HIS A 1588 69.39 35.28 84.73
CA THR A 1589 68.01 31.84 83.96
CA VAL A 1590 64.98 30.63 82.10
CA GLN A 1591 63.33 27.24 81.91
CA CYS A 1592 61.33 25.63 79.18
CA GLN A 1593 57.82 25.09 80.42
CA THR A 1594 55.25 22.51 79.44
CA ASN A 1595 53.49 25.27 77.59
CA GLY A 1596 56.54 25.55 75.41
CA ARG A 1597 57.34 29.09 76.31
CA TRP A 1598 60.27 30.28 78.33
CA GLY A 1599 59.55 31.27 81.88
CA PRO A 1600 60.25 33.61 83.17
CA LYS A 1601 60.29 35.85 80.11
CA LEU A 1602 63.67 36.22 78.47
CA PRO A 1603 65.82 38.90 79.96
CA HIS A 1604 67.32 41.87 78.18
CA CYS A 1605 70.80 43.03 78.77
CA SER A 1606 71.82 46.76 78.54
CA ARG A 1607 75.54 46.73 77.35
CA VAL A 1608 75.98 43.69 74.91
CA CYS A 1609 78.88 44.32 72.38
CA GLN A 1610 79.04 43.13 68.83
CA PRO A 1611 82.32 42.51 67.18
CA PRO A 1612 84.47 45.53 66.80
CA PRO A 1613 84.63 47.37 63.57
CA GLU A 1614 87.23 46.22 61.13
CA ILE A 1615 89.94 48.66 60.30
CA LEU A 1616 91.42 48.82 56.87
CA HIS A 1617 95.13 48.14 56.88
CA GLY A 1618 94.94 47.53 60.58
CA GLU A 1619 94.66 44.53 62.81
CA HIS A 1620 92.89 43.91 66.03
CA THR A 1621 95.14 42.75 68.76
CA LEU A 1622 94.17 39.24 69.88
CA SER A 1623 90.48 39.51 69.93
CA HIS A 1624 90.11 37.09 72.72
CA GLN A 1625 86.55 36.45 71.87
CA ASP A 1626 84.30 36.83 68.91
CA ASN A 1627 82.02 38.60 71.33
CA PHE A 1628 82.96 41.04 74.03
CA SER A 1629 81.51 41.22 77.47
CA PRO A 1630 81.02 44.65 78.84
CA GLY A 1631 84.06 46.50 80.05
CA GLN A 1632 86.12 44.48 77.65
CA GLU A 1633 88.76 46.37 75.76
CA VAL A 1634 89.78 45.90 72.19
CA PHE A 1635 93.03 47.23 70.84
CA TYR A 1636 93.71 48.37 67.32
CA SER A 1637 97.06 48.17 65.63
CA CYS A 1638 98.39 49.02 62.19
CA GLU A 1639 100.97 47.57 59.86
CA PRO A 1640 104.40 49.05 59.86
CA SER A 1641 103.61 51.30 56.93
CA TYR A 1642 100.89 52.96 58.94
CA ASP A 1643 100.38 54.97 62.08
CA LEU A 1644 97.26 55.11 64.21
CA ARG A 1645 94.95 58.08 64.12
CA GLY A 1646 92.32 58.36 66.81
CA ALA A 1647 91.84 56.51 70.08
CA ALA A 1648 93.74 53.26 69.90
CA SER A 1649 91.47 51.39 72.23
CA LEU A 1650 87.73 50.93 72.35
CA HIS A 1651 85.77 49.64 75.28
CA CYS A 1652 82.52 47.77 75.56
CA THR A 1653 79.92 49.39 77.72
CA PRO A 1654 77.00 48.17 79.65
CA GLN A 1655 75.20 49.97 76.90
CA GLY A 1656 76.58 47.37 74.58
CA ASP A 1657 77.81 49.85 72.02
CA TRP A 1658 81.44 50.59 71.45
CA SER A 1659 82.43 53.75 73.15
CA PRO A 1660 84.38 55.42 70.35
CA GLU A 1661 84.62 54.91 66.63
CA ALA A 1662 87.55 52.92 65.36
CA PRO A 1663 90.89 54.31 64.54
CA ARG A 1664 92.22 54.83 61.07
CA CYS A 1665 95.62 53.73 59.86
CA THR A 1666 98.21 55.57 59.63
CA VAL A 1667 98.62 58.39 62.31
CA LYS A 1668 96.00 61.25 62.77
CA SER A 1669 96.27 63.55 65.90
CA CYS A 1670 99.13 66.28 65.21
CA ASP A 1671 100.44 68.70 62.72
CA ASP A 1672 102.27 66.76 60.11
CA PHE A 1673 105.99 66.36 59.69
CA LEU A 1674 107.18 68.01 62.79
CA GLY A 1675 109.84 69.85 60.90
CA GLN A 1676 112.99 68.13 59.85
CA LEU A 1677 115.97 67.88 62.08
CA PRO A 1678 119.04 69.08 60.42
CA HIS A 1679 121.59 66.34 60.04
CA GLY A 1680 118.96 63.94 61.22
CA ARG A 1681 115.70 62.34 60.26
CA VAL A 1682 112.40 61.60 61.84
CA LEU A 1683 110.87 58.20 61.33
CA LEU A 1684 107.13 57.94 61.42
CA PRO A 1685 106.24 54.38 62.23
CA LEU A 1686 102.61 54.79 61.43
CA ASN A 1687 101.45 58.30 60.85
CA LEU A 1688 101.01 61.22 63.13
CA GLN A 1689 97.62 60.67 64.73
CA LEU A 1690 97.21 60.99 68.44
CA GLY A 1691 98.73 57.81 69.72
CA ALA A 1692 101.38 57.47 67.04
CA LYS A 1693 104.98 57.94 68.05
CA VAL A 1694 107.71 59.39 65.92
CA SER A 1695 111.33 58.50 66.47
CA PHE A 1696 114.33 60.72 66.01
CA VAL A 1697 117.68 59.53 64.83
CA CYS A 1698 120.60 61.29 63.30
CA ASP A 1699 123.43 60.56 61.00
CA GLU A 1700 126.32 58.74 62.48
CA GLY A 1701 128.53 61.16 64.33
CA PHE A 1702 125.77 63.53 65.28
CA ARG A 1703 124.25 63.17 68.70
CA LEU A 1704 120.62 63.80 69.48
CA LYS A 1705 120.07 66.66 71.83
CA GLY A 1706 116.59 66.29 73.09
CA ARG A 1707 114.27 63.35 73.45
CA SER A 1708 114.61 60.22 71.35
CA ALA A 1709 110.94 59.99 70.51
CA SER A 1710 107.84 62.10 70.65
CA HIS A 1711 104.34 60.86 71.10
CA CYS A 1712 101.42 62.53 69.45
CA VAL A 1713 98.85 62.84 72.16
CA LEU A 1714 95.70 64.67 73.09
CA ALA A 1715 95.95 67.14 75.94
CA GLY A 1716 92.26 67.78 76.02
CA MET A 1717 91.38 70.69 73.81
CA LYS A 1718 93.68 69.69 70.98
CA ALA A 1719 96.36 67.23 70.04
CA LEU A 1720 100.03 68.09 70.18
CA TRP A 1721 103.39 66.37 70.22
CA ASN A 1722 104.56 65.27 73.64
CA SER A 1723 107.99 66.75 73.21
CA SER A 1724 109.49 69.36 70.98
CA VAL A 1725 111.88 68.10 68.40
CA PRO A 1726 115.44 67.51 69.30
CA VAL A 1727 118.35 68.92 67.36
CA CYS A 1728 121.47 67.13 66.38
CA GLU A 1729 124.87 68.44 67.45
CA GLN A 1730 127.71 69.54 67.04
CA ILE A 1731 127.16 71.57 63.71
CA PHE A 1732 131.06 71.96 63.46
CA CYS A 1733 134.54 72.58 65.74
CA PRO A 1734 134.85 74.95 68.58
CA ASN A 1735 137.19 77.87 68.29
CA PRO A 1736 140.75 76.88 68.66
CA PRO A 1737 142.53 77.14 71.93
CA ALA A 1738 144.27 80.42 72.54
CA ILE A 1739 147.98 80.46 73.08
CA LEU A 1740 149.84 82.87 75.28
CA ASN A 1741 152.39 84.95 73.43
CA GLY A 1742 151.23 83.29 70.26
CA ARG A 1743 148.83 84.02 67.47
CA HIS A 1744 146.56 82.03 65.24
CA THR A 1745 146.98 82.33 61.55
CA GLY A 1746 143.85 83.64 59.90
CA THR A 1747 141.52 80.97 61.07
CA PRO A 1748 139.49 82.71 59.88
CA PHE A 1749 137.52 83.46 62.98
CA GLY A 1750 134.24 81.77 63.28
CA ASP A 1751 133.92 78.07 63.55
CA ILE A 1752 135.82 75.67 61.36
CA PRO A 1753 134.26 72.77 59.68
CA TYR A 1754 135.60 69.28 60.14
CA GLY A 1755 138.97 68.82 58.54
CA LYS A 1756 139.91 72.43 58.90
CA GLU A 1757 143.44 73.08 60.03
CA ILE A 1758 144.81 76.03 61.90
CA SER A 1759 148.41 76.94 62.45
CA TYR A 1760 149.87 78.66 65.48
CA ALA A 1761 152.76 81.07 65.62
CA CYS A 1762 154.73 82.70 68.41
CA ASP A 1763 155.45 86.34 68.95
CA THR A 1764 158.69 87.16 67.26
CA HIS A 1765 158.64 90.88 67.52
CA PRO A 1766 157.25 92.16 64.31
CA ASP A 1767 159.38 90.09 61.97
CA ARG A 1768 161.62 87.68 63.76
CA GLY A 1769 163.65 87.61 66.92
CA MET A 1770 164.61 85.18 69.57
CA THR A 1771 161.63 85.73 71.76
CA PHE A 1772 159.28 82.91 72.59
CA ASN A 1773 159.75 79.59 70.92
CA LEU A 1774 157.01 77.34 69.71
CA ILE A 1775 157.08 73.89 71.14
CA GLY A 1776 154.76 71.07 70.23
CA GLU A 1777 152.78 70.53 67.07
CA SER A 1778 152.40 73.82 65.30
CA SER A 1779 149.16 72.85 63.64
CA ILE A 1780 145.99 71.15 64.73
CA ARG A 1781 143.04 69.94 62.73
CA CYS A 1782 139.41 69.49 63.54
CA THR A 1783 138.38 65.90 63.81
CA SER A 1784 135.24 64.00 64.37
CA ASP A 1785 134.83 61.41 67.02
CA PRO A 1786 131.43 59.77 66.94
CA GLN A 1787 130.07 62.50 69.09
CA GLY A 1788 129.28 65.71 67.38
CA ASN A 1789 130.73 68.93 68.63
CA GLY A 1790 133.88 68.08 66.67
CA VAL A 1791 137.03 68.09 68.68
CA TRP A 1792 140.49 69.35 67.90
CA SER A 1793 143.15 66.71 67.38
CA SER A 1794 145.50 67.76 70.12
CA PRO A 1795 146.45 70.45 72.48
CA ALA A 1796 147.79 73.69 71.15
CA PRO A 1797 151.46 74.40 71.20
CA ARG A 1798 153.12 76.59 73.76
CA CYS A 1799 155.39 79.54 73.22
CA GLU A 1800 158.06 78.33 75.68
CA LEU A 1801 161.25 80.58 75.72
CA SER A 1802 164.95 80.61 76.82
CA VAL A 1803 168.29 82.78 76.13
CA PRO A 1804 169.52 84.73 79.41
CA ALA A 1805 171.43 82.24 81.88
CA ALA A 1806 174.69 84.03 83.29
CA CYS A 1807 177.19 81.26 83.73
CA PRO A 1808 177.94 77.65 83.33
CA HIS A 1809 178.95 75.41 86.19
CA PRO A 1810 182.33 76.20 87.52
CA PRO A 1811 185.19 74.05 86.49
CA LYS A 1812 186.24 71.41 88.98
CA ILE A 1813 189.85 71.11 89.89
CA GLN A 1814 191.75 68.05 90.96
CA ASN A 1815 192.42 67.68 94.66
CA GLY A 1816 190.44 70.79 95.41
CA HIS A 1817 186.87 71.70 96.06
CA TYR A 1818 184.54 74.57 95.46
CA ILE A 1819 183.56 76.21 98.66
CA GLY A 1820 179.98 76.97 99.29
CA GLY A 1821 178.68 76.61 95.85
CA HIS A 1822 175.43 78.38 95.54
CA VAL A 1823 172.73 77.85 93.03
CA SER A 1824 173.67 75.30 90.46
CA LEU A 1825 173.33 78.30 88.26
CA TYR A 1826 175.54 81.21 89.02
CA LEU A 1827 174.10 84.62 88.36
CA PRO A 1828 176.37 87.01 86.69
CA GLY A 1829 178.81 88.83 88.92
CA MET A 1830 178.72 85.80 91.14
CA THR A 1831 182.01 84.76 92.63
CA ILE A 1832 183.07 81.26 93.41
CA SER A 1833 186.08 80.45 95.46
CA TYR A 1834 188.15 77.30 95.43
CA ILE A 1835 190.03 75.57 98.16
CA CYS A 1836 192.57 72.79 98.24
CA ASP A 1837 192.53 69.50 100.10
CA PRO A 1838 194.79 68.93 102.98
CA GLY A 1839 198.40 68.68 101.92
CA TYR A 1840 197.90 70.82 98.85
CA LEU A 1841 198.60 74.44 98.21
CA LEU A 1842 196.66 76.80 96.02
CA VAL A 1843 198.32 78.33 92.99
CA GLY A 1844 196.63 81.03 91.00
CA LYS A 1845 193.75 83.24 91.96
CA GLY A 1846 191.39 81.62 94.42
CA PHE A 1847 188.29 83.32 93.02
CA ILE A 1848 186.72 83.25 89.66
CA PHE A 1849 183.61 85.10 88.76
CA CYS A 1850 181.55 85.81 85.75
CA THR A 1851 181.53 89.26 84.20
CA ASP A 1852 179.74 90.69 81.21
CA GLN A 1853 177.20 87.93 81.77
CA GLY A 1854 178.79 85.04 80.02
CA ILE A 1855 182.01 83.27 80.71
CA TRP A 1856 184.07 82.63 83.77
CA SER A 1857 186.76 85.23 84.23
CA GLN A 1858 189.80 83.03 84.25
CA LEU A 1859 191.05 79.50 84.45
CA ASP A 1860 190.68 77.99 87.86
CA HIS A 1861 193.54 77.52 90.30
CA TYR A 1862 195.57 74.37 90.56
CA CYS A 1863 196.32 72.61 93.79
CA LYS A 1864 200.07 71.39 94.07
CA GLU A 1865 198.61 68.70 96.15
CA VAL A 1866 199.64 67.38 99.70
CA ASN A 1867 197.22 67.60 102.65
CA CYS A 1868 198.67 64.66 104.93
CA SER A 1869 201.31 62.04 104.35
CA PHE A 1870 201.62 58.83 106.32
CA PRO A 1871 202.56 59.49 109.86
CA LEU A 1872 206.03 58.37 110.70
CA PHE A 1873 206.47 56.48 113.90
CA MET A 1874 209.69 55.03 115.16
CA ASN A 1875 210.00 52.80 118.22
CA GLY A 1876 206.33 53.28 118.52
CA ILE A 1877 205.57 50.68 116.05
CA SER A 1878 201.89 50.95 116.13
CA LYS A 1879 200.81 54.21 114.51
CA GLU A 1880 197.13 53.66 114.05
CA LEU A 1881 195.26 55.54 111.37
CA GLU A 1882 192.08 55.08 109.45
CA MET A 1883 192.67 52.93 106.43
CA LYS A 1884 193.17 55.52 103.78
CA LYS A 1885 195.76 55.77 101.07
CA VAL A 1886 195.42 59.50 101.43
CA TYR A 1887 194.63 61.26 104.66
CA HIS A 1888 192.47 64.33 104.69
CA TYR A 1889 192.15 67.38 106.87
CA GLY A 1890 190.90 66.51 110.29
CA ASP A 1891 192.15 62.95 110.20
CA TYR A 1892 193.71 61.91 113.47
CA VAL A 1893 196.19 59.21 114.34
CA THR A 1894 197.18 57.69 117.65
CA LEU A 1895 200.41 56.01 118.65
CA LYS A 1896 201.29 53.07 120.86
CA CYS A 1897 204.76 52.23 122.06
CA GLU A 1898 206.97 49.19 122.07
CA ASP A 1899 207.50 47.43 125.35
CA GLY A 1900 209.63 49.57 127.62
CA TYR A 1901 209.10 52.87 125.83
CA THR A 1902 207.38 56.13 126.67
CA LEU A 1903 206.12 58.67 124.19
CA GLU A 1904 208.13 61.84 123.90
CA GLY A 1905 205.50 64.02 122.37
CA SER A 1906 201.79 63.81 121.82
CA PRO A 1907 200.04 60.52 121.62
CA TRP A 1908 197.64 61.80 119.01
CA SER A 1909 198.21 63.81 115.86
CA GLN A 1910 195.84 65.67 113.62
CA CYS A 1911 196.08 66.59 109.99
CA GLN A 1912 196.12 70.37 109.70
CA ALA A 1913 194.79 72.64 106.97
CA ASP A 1914 198.41 73.46 106.28
CA ASP A 1915 198.68 69.76 105.52
CA ARG A 1916 201.21 69.24 108.25
CA TRP A 1917 200.71 67.02 111.23
CA ASP A 1918 200.16 69.04 114.36
CA PRO A 1919 201.57 68.61 116.65
CA PRO A 1920 204.47 67.10 114.81
CA LEU A 1921 204.90 63.35 114.92
CA ALA A 1922 206.39 62.14 118.18
CA LYS A 1923 209.01 59.56 118.96
CA CYS A 1924 208.75 56.90 121.58
CA THR A 1925 209.39 53.44 121.36
CA SER A 1926 206.69 51.00 119.81
CA ARG A 1927 207.47 47.42 118.02
CA ALA A 1928 210.93 45.86 119.03
CA HIS A 1929 212.03 43.13 121.64
CA ASP A 1930 213.76 39.68 121.11
CA ALA A 1931 212.76 36.45 120.31
CA GLN A 1 173.65 -120.68 -69.11
CA CYS A 2 171.01 -118.21 -68.06
CA ASN A 3 167.66 -119.86 -67.73
CA ALA A 4 164.62 -118.67 -69.57
CA PRO A 5 163.89 -115.06 -68.96
CA GLU A 6 161.10 -114.08 -66.59
CA TRP A 7 157.74 -113.01 -67.93
CA LEU A 8 157.44 -109.28 -68.41
CA PRO A 9 153.82 -108.82 -69.45
CA PHE A 10 154.60 -105.24 -70.43
CA ALA A 11 156.99 -106.31 -73.16
CA ARG A 12 156.90 -108.96 -75.86
CA PRO A 13 160.03 -110.76 -76.92
CA THR A 14 161.73 -109.43 -80.00
CA ASN A 15 164.76 -111.54 -80.71
CA LEU A 16 165.39 -114.64 -82.73
CA THR A 17 165.54 -117.47 -80.31
CA ASP A 18 165.15 -121.20 -80.60
CA GLU A 19 166.37 -122.48 -77.28
CA PHE A 20 165.08 -122.59 -73.72
CA GLU A 21 168.45 -122.00 -72.15
CA PHE A 22 170.26 -118.85 -73.12
CA PRO A 23 173.97 -118.59 -73.04
CA ILE A 24 175.55 -116.07 -70.73
CA GLY A 25 176.58 -112.84 -72.33
CA THR A 26 173.54 -112.06 -74.43
CA TYR A 27 171.05 -109.22 -74.42
CA LEU A 28 167.53 -110.26 -75.21
CA ASN A 29 165.36 -107.60 -76.80
CA TYR A 30 161.91 -106.85 -75.44
CA GLU A 31 159.63 -104.18 -76.81
CA CYS A 32 157.02 -102.55 -74.61
CA ARG A 33 153.37 -102.71 -75.56
CA PRO A 34 151.70 -99.68 -77.09
CA GLY A 35 150.30 -98.80 -73.68
CA TYR A 36 153.87 -98.26 -72.54
CA SER A 37 156.82 -96.21 -73.68
CA GLY A 38 160.50 -96.57 -72.94
CA ARG A 39 162.16 -97.88 -76.10
CA PRO A 40 163.17 -101.42 -76.58
CA PHE A 41 165.42 -102.63 -73.81
CA SER A 42 167.25 -105.86 -73.21
CA ILE A 43 168.25 -108.05 -70.30
CA ILE A 44 171.82 -109.18 -70.45
CA CYS A 45 172.89 -112.52 -69.09
CA LEU A 46 175.65 -111.60 -66.71
CA LYS A 47 177.11 -114.88 -65.56
CA ASN A 48 175.40 -116.18 -62.47
CA SER A 49 172.74 -117.43 -64.84
CA VAL A 50 170.93 -114.22 -64.03
CA TRP A 51 169.61 -111.50 -66.26
CA THR A 52 170.57 -107.91 -65.63
CA GLY A 53 168.11 -106.16 -63.36
CA ALA A 54 166.21 -103.61 -65.38
CA LYS A 55 165.26 -100.34 -63.72
CA ASP A 56 162.26 -98.17 -64.55
CA ARG A 57 162.84 -98.77 -68.24
CA CYS A 58 159.27 -99.48 -69.31
CA ARG A 59 155.96 -97.67 -68.13
CA ARG A 60 154.53 -101.28 -67.00
CA LYS A 61 151.03 -101.36 -65.20
CA SER A 62 148.70 -99.07 -67.34
CA CYS A 63 145.78 -97.96 -65.90
CA ARG A 64 145.65 -94.17 -65.96
CA ASN A 65 148.86 -92.39 -65.02
CA PRO A 66 148.75 -91.47 -61.39
CA PRO A 67 148.93 -87.81 -60.57
CA ASP A 68 152.36 -86.77 -59.45
CA PRO A 69 152.54 -86.44 -55.76
CA VAL A 70 153.64 -83.13 -54.35
CA ASN A 71 157.36 -83.05 -53.77
CA GLY A 72 157.72 -86.32 -55.62
CA MET A 73 157.09 -88.23 -58.84
CA VAL A 74 156.28 -91.72 -60.02
CA HIS A 75 158.72 -93.55 -62.26
CA VAL A 76 157.34 -96.07 -64.68
CA ILE A 77 160.05 -98.56 -65.43
CA LYS A 78 158.32 -100.71 -68.00
CA GLY A 79 155.11 -98.80 -68.69
CA ILE A 80 151.73 -98.76 -67.04
CA GLN A 81 149.87 -101.76 -68.36
CA PHE A 82 148.19 -104.36 -66.29
CA GLY A 83 151.13 -106.10 -64.71
CA SER A 84 153.71 -103.32 -64.67
CA GLN A 85 154.49 -101.70 -61.36
CA ILE A 86 155.38 -98.07 -60.92
CA LYS A 87 157.90 -96.85 -58.37
CA TYR A 88 157.21 -93.82 -56.23
CA SER A 89 160.01 -91.59 -55.07
CA CYS A 90 159.96 -88.22 -53.36
CA THR A 91 162.55 -85.52 -53.74
CA LYS A 92 165.43 -85.89 -51.37
CA GLY A 93 164.47 -84.70 -47.91
CA TYR A 94 160.87 -85.81 -48.04
CA ARG A 95 159.83 -89.34 -47.28
CA LEU A 96 156.93 -90.81 -49.07
CA ILE A 97 154.15 -91.86 -46.82
CA GLY A 98 152.32 -94.78 -48.20
CA SER A 99 153.49 -97.70 -50.26
CA SER A 100 156.79 -97.75 -52.09
CA SER A 101 155.46 -99.12 -55.37
CA ALA A 102 152.04 -99.84 -56.70
CA THR A 103 151.31 -102.43 -59.31
CA CYS A 104 148.82 -101.96 -62.11
CA ILE A 105 146.34 -104.82 -61.95
CA ILE A 106 142.92 -105.81 -63.22
CA SER A 107 139.90 -106.55 -61.07
CA GLY A 108 137.84 -107.87 -63.95
CA ASP A 109 135.79 -104.96 -65.13
CA THR A 110 138.61 -102.49 -65.18
CA VAL A 111 142.31 -102.09 -64.46
CA ILE A 112 143.21 -100.29 -61.26
CA TRP A 113 146.40 -99.67 -59.34
CA ASP A 114 146.86 -102.01 -56.39
CA ASN A 115 147.75 -99.23 -54.00
CA GLU A 116 146.80 -95.58 -53.85
CA THR A 117 149.58 -93.09 -54.44
CA PRO A 118 151.44 -92.11 -51.36
CA ILE A 119 152.34 -88.60 -50.29
CA CYS A 120 155.54 -86.81 -49.50
CA ASP A 121 155.76 -83.16 -50.20
CA ARG A 122 152.16 -81.99 -49.48
CA ILE A 123 149.26 -81.16 -47.49
CA PRO A 124 145.64 -82.84 -47.71
CA CYS A 125 143.41 -79.54 -47.82
CA GLY A 126 139.87 -79.23 -46.63
CA LEU A 127 136.87 -78.55 -48.74
CA PRO A 128 136.79 -75.52 -50.88
CA PRO A 129 134.64 -72.69 -49.72
CA THR A 130 131.30 -73.11 -51.38
CA ILE A 131 129.52 -70.06 -52.65
CA THR A 132 125.83 -69.41 -52.64
CA ASN A 133 124.10 -70.31 -55.86
CA GLY A 134 127.47 -71.50 -57.04
CA ASP A 135 127.83 -75.19 -57.76
CA PHE A 136 130.76 -77.53 -57.30
CA ILE A 137 132.40 -79.87 -59.76
CA SER A 138 135.70 -81.29 -60.91
CA THR A 139 137.74 -84.17 -59.53
CA ASN A 140 137.34 -82.92 -56.01
CA ARG A 141 134.62 -84.63 -54.03
CA GLU A 142 135.36 -86.19 -50.66
CA ASN A 143 138.96 -87.28 -50.83
CA PHE A 144 140.74 -84.00 -50.46
CA HIS A 145 144.47 -84.21 -50.10
CA TYR A 146 146.42 -81.63 -51.99
CA GLY A 147 146.60 -80.12 -55.46
CA SER A 148 143.09 -81.08 -56.40
CA VAL A 149 141.30 -78.47 -58.48
CA VAL A 150 137.68 -77.48 -58.21
CA THR A 151 135.61 -75.66 -60.78
CA TYR A 152 132.88 -73.31 -59.66
CA ARG A 153 129.63 -72.42 -61.34
CA CYS A 154 126.36 -70.74 -60.55
CA ASN A 155 122.68 -71.70 -60.92
CA PRO A 156 121.43 -71.93 -64.47
CA GLY A 157 117.82 -72.71 -63.60
CA SER A 158 118.82 -76.20 -64.67
CA GLY A 159 119.51 -75.81 -68.36
CA GLY A 160 121.40 -72.55 -68.49
CA ARG A 161 119.91 -69.12 -68.25
CA LYS A 162 120.88 -65.59 -67.46
CA VAL A 163 120.58 -66.01 -63.74
CA PHE A 164 123.59 -65.20 -61.64
CA GLU A 165 127.04 -65.54 -63.07
CA LEU A 166 130.31 -66.62 -61.60
CA VAL A 167 132.82 -63.83 -61.64
CA GLY A 168 136.43 -64.02 -60.65
CA GLU A 169 138.58 -67.08 -61.08
CA PRO A 170 136.31 -69.87 -61.90
CA SER A 171 138.69 -72.43 -60.54
CA ILE A 172 140.80 -72.91 -57.45
CA TYR A 173 143.15 -75.61 -56.32
CA CYS A 174 144.64 -76.48 -53.05
CA THR A 175 148.11 -75.44 -52.02
CA SER A 176 149.98 -74.44 -48.90
CA ASN A 177 151.05 -71.16 -47.41
CA ASP A 178 150.43 -71.65 -43.72
CA ASP A 179 151.16 -74.94 -42.14
CA GLN A 180 149.03 -78.02 -42.56
CA VAL A 181 145.56 -76.41 -42.84
CA GLY A 182 145.56 -76.80 -46.57
CA ILE A 183 144.42 -73.38 -47.63
CA TRP A 184 143.31 -72.94 -51.22
CA SER A 185 144.81 -70.60 -53.85
CA GLY A 186 142.38 -67.73 -53.78
CA PRO A 187 138.97 -66.70 -52.81
CA ALA A 188 136.07 -68.24 -54.52
CA PRO A 189 134.17 -66.43 -57.14
CA GLN A 190 130.78 -64.93 -56.56
CA CYS A 191 127.56 -65.01 -58.53
CA ILE A 192 127.53 -63.13 -61.22
CA ILE A 193 126.55 -59.38 -62.64
CA PRO A 194 128.41 -55.99 -61.41
CA ASN A 195 126.99 -52.57 -60.78
CA LYS A 196 128.16 -50.56 -63.96
CA CYS A 197 131.74 -49.09 -64.94
CA THR A 198 133.36 -45.75 -64.43
CA PRO A 199 134.79 -43.52 -67.03
CA PRO A 200 137.53 -44.97 -69.10
CA ASN A 201 141.00 -43.92 -68.16
CA VAL A 202 142.94 -43.13 -71.29
CA GLU A 203 145.20 -40.19 -71.88
CA ASN A 204 145.48 -38.52 -75.26
CA GLY A 205 142.85 -40.80 -76.75
CA ILE A 206 139.25 -39.65 -76.55
CA LEU A 207 136.40 -42.12 -76.54
CA VAL A 208 134.19 -41.88 -79.65
CA SER A 209 131.06 -43.85 -78.79
CA ASP A 210 128.31 -42.85 -76.43
CA ASN A 211 129.94 -41.21 -73.47
CA ARG A 212 127.95 -41.74 -70.34
CA SER A 213 128.45 -40.61 -66.81
CA LEU A 214 127.77 -44.02 -65.37
CA PHE A 215 128.12 -46.89 -67.78
CA SER A 216 126.55 -50.26 -67.33
CA LEU A 217 127.44 -53.75 -68.34
CA ASN A 218 127.98 -54.29 -72.02
CA GLU A 219 128.77 -50.72 -72.63
CA VAL A 220 131.43 -50.63 -75.27
CA VAL A 221 133.59 -47.67 -75.99
CA GLU A 222 136.01 -47.12 -78.83
CA PHE A 223 138.94 -44.80 -78.46
CA ARG A 224 140.44 -42.61 -81.11
CA CYS A 225 143.79 -41.02 -80.56
CA GLN A 226 144.53 -37.35 -80.87
CA PRO A 227 146.34 -36.27 -83.91
CA GLY A 228 149.96 -37.27 -83.80
CA PHE A 229 149.33 -40.16 -81.45
CA VAL A 230 149.06 -43.88 -82.06
CA MET A 231 147.07 -46.38 -80.06
CA LYS A 232 148.86 -49.17 -78.37
CA GLY A 233 146.27 -51.67 -77.29
CA PRO A 234 142.77 -52.58 -78.24
CA ARG A 235 140.73 -49.77 -79.74
CA ARG A 236 137.52 -50.71 -77.99
CA VAL A 237 136.77 -51.64 -74.41
CA LYS A 238 133.70 -53.31 -73.02
CA CYS A 239 132.46 -53.31 -69.48
CA GLN A 240 132.52 -56.64 -67.75
CA ALA A 241 130.29 -58.02 -65.01
CA LEU A 242 133.36 -57.55 -62.85
CA ASN A 243 132.94 -53.84 -63.49
CA LYS A 244 136.42 -53.80 -64.93
CA TRP A 245 137.17 -52.94 -68.50
CA GLU A 246 138.15 -55.78 -70.75
CA PRO A 247 140.44 -55.70 -72.30
CA GLU A 248 142.31 -53.25 -70.13
CA LEU A 249 142.32 -49.66 -71.35
CA PRO A 250 144.74 -48.76 -74.07
CA SER A 251 147.07 -45.82 -74.12
CA CYS A 252 147.70 -43.40 -76.94
CA SER A 253 150.91 -41.26 -77.51
CA ARG A 254 148.63 -39.47 -79.13
CA VAL A 255 145.68 -37.42 -80.56
CA CYS A 256 146.02 -35.77 -84.10
CA GLN A 257 143.51 -33.13 -85.03
CA PRO A 258 141.16 -33.49 -87.86
CA PRO A 259 142.74 -33.25 -91.23
CA PRO A 260 142.66 -30.09 -93.18
CA ASP A 261 139.85 -29.89 -95.66
CA VAL A 262 140.46 -29.00 -99.24
CA LEU A 263 138.11 -26.78 -101.13
CA HIS A 264 137.24 -28.94 -104.04
CA ALA A 265 137.89 -32.41 -102.80
CA GLU A 266 136.78 -34.91 -100.23
CA ARG A 267 138.51 -36.82 -97.56
CA THR A 268 138.56 -40.57 -97.61
CA GLN A 269 136.67 -40.14 -94.40
CA ARG A 270 138.20 -43.21 -92.95
CA ASP A 271 137.65 -42.85 -89.24
CA LYS A 272 137.44 -39.16 -89.88
CA ASP A 273 135.95 -38.66 -86.47
CA ASN A 274 139.12 -39.63 -84.73
CA PHE A 275 142.58 -40.15 -86.05
CA SER A 276 144.98 -42.07 -83.92
CA PRO A 277 148.62 -41.53 -84.34
CA GLY A 278 150.25 -43.26 -87.26
CA GLN A 279 146.98 -43.30 -89.09
CA GLU A 280 146.88 -42.11 -92.63
CA VAL A 281 144.17 -40.21 -94.41
CA PHE A 282 143.60 -40.11 -98.14
CA TYR A 283 142.44 -37.11 -100.12
CA SER A 284 140.47 -37.37 -103.30
CA CYS A 285 139.21 -34.81 -105.76
CA GLU A 286 135.93 -34.49 -107.60
CA PRO A 287 135.82 -35.60 -111.15
CA GLY A 288 137.52 -33.08 -113.37
CA TYR A 289 140.00 -32.24 -110.65
CA ASP A 290 143.55 -33.40 -110.17
CA LEU A 291 145.42 -33.60 -106.90
CA ARG A 292 148.59 -31.66 -106.42
CA GLY A 293 150.92 -32.85 -103.72
CA ALA A 294 151.02 -36.09 -101.79
CA ALA A 295 147.63 -37.72 -101.77
CA SER A 296 148.03 -39.20 -98.34
CA MET A 297 148.87 -37.59 -95.04
CA ARG A 298 150.03 -39.40 -91.97
CA CYS A 299 149.79 -38.42 -88.37
CA THR A 300 153.08 -38.53 -86.58
CA PRO A 301 153.22 -40.63 -83.53
CA GLN A 302 153.60 -37.26 -81.95
CA GLY A 303 152.33 -34.11 -83.50
CA ASP A 304 150.02 -32.97 -86.22
CA TRP A 305 149.81 -34.11 -89.80
CA SER A 306 153.16 -34.39 -91.39
CA PRO A 307 152.50 -32.84 -94.78
CA ALA A 308 150.26 -30.05 -95.95
CA ALA A 309 147.03 -31.07 -97.60
CA PRO A 310 146.82 -31.61 -101.28
CA THR A 311 145.14 -29.13 -103.54
CA CYS A 312 142.72 -30.02 -106.28
CA GLU A 313 142.35 -28.85 -109.94
CA VAL A 314 140.99 -32.36 -111.37
CA LYS A 315 138.00 -31.07 -113.56
CA SER A 316 138.44 -31.60 -117.44
CA CYS A 317 135.84 -28.79 -118.34
CA ASP A 318 134.37 -25.40 -118.95
CA ASP A 319 134.53 -23.64 -115.66
CA PHE A 320 131.36 -21.83 -116.26
CA MET A 321 128.92 -24.49 -115.59
CA GLY A 322 126.08 -22.05 -115.73
CA GLN A 323 124.05 -21.38 -112.65
CA LEU A 324 120.59 -22.87 -112.58
CA LEU A 325 117.77 -20.50 -112.01
CA ASN A 326 116.46 -20.96 -108.51
CA GLY A 327 119.18 -23.46 -107.79
CA ARG A 328 122.88 -23.67 -107.21
CA VAL A 329 125.83 -25.65 -108.45
CA LEU A 330 128.29 -26.92 -105.95
CA PHE A 331 131.80 -27.80 -106.95
CA PRO A 332 132.94 -30.50 -104.63
CA VAL A 333 136.52 -30.08 -105.70
CA ASN A 334 137.37 -28.61 -109.02
CA LEU A 335 136.18 -29.09 -112.54
CA GLN A 336 138.80 -31.50 -113.78
CA LEU A 337 138.59 -34.57 -115.97
CA GLY A 338 137.04 -36.56 -113.19
CA ALA A 339 135.43 -34.06 -110.84
CA LYS A 340 131.72 -34.25 -110.14
CA VAL A 341 129.52 -31.24 -109.69
CA ASP A 342 126.29 -31.45 -107.75
CA PHE A 343 123.06 -29.62 -108.41
CA VAL A 344 120.57 -28.64 -105.74
CA CYS A 345 117.69 -26.27 -105.68
CA ASP A 346 116.04 -23.90 -103.28
CA GLU A 347 113.24 -25.21 -101.16
CA GLY A 348 110.06 -25.44 -103.14
CA PHE A 349 111.72 -26.20 -106.43
CA GLN A 350 112.74 -29.66 -107.48
CA LEU A 351 115.43 -30.54 -109.94
CA LYS A 352 114.34 -31.74 -113.30
CA GLY A 353 117.32 -33.48 -114.76
CA SER A 354 120.35 -35.20 -113.36
CA SER A 355 121.48 -34.57 -109.83
CA ALA A 356 125.12 -34.33 -110.75
CA SER A 357 127.33 -33.99 -113.76
CA TYR A 358 130.73 -35.54 -114.14
CA CYS A 359 133.45 -33.86 -116.11
CA VAL A 360 134.54 -36.54 -118.54
CA LEU A 361 136.91 -36.94 -121.41
CA ALA A 362 135.46 -37.97 -124.72
CA GLY A 363 137.27 -37.50 -127.93
CA MET A 364 140.04 -34.97 -127.82
CA GLU A 365 138.36 -32.65 -125.35
CA SER A 366 136.55 -33.07 -122.10
CA LEU A 367 132.97 -32.02 -121.55
CA TRP A 368 130.39 -32.37 -118.80
CA ASN A 369 128.53 -35.65 -118.84
CA SER A 370 125.12 -34.19 -118.41
CA SER A 371 123.40 -31.03 -119.42
CA VAL A 372 122.51 -28.76 -116.57
CA PRO A 373 119.22 -29.55 -115.00
CA VAL A 374 116.59 -26.93 -114.49
CA CYS A 375 114.49 -26.48 -111.45
CA GLU A 376 110.70 -26.01 -111.94
CA GLN A 377 108.76 -24.48 -108.95
CA ILE A 378 107.88 -20.63 -108.46
CA PHE A 379 105.19 -21.47 -106.59
CA CYS A 380 101.43 -21.17 -108.23
CA PRO A 381 99.83 -19.37 -111.05
CA SER A 382 96.87 -17.18 -110.36
CA PRO A 383 93.81 -19.08 -109.49
CA PRO A 384 90.88 -19.44 -111.81
CA VAL A 385 88.52 -16.45 -112.17
CA ILE A 386 85.03 -18.03 -111.76
CA PRO A 387 82.11 -16.17 -113.11
CA ASN A 388 79.70 -14.47 -110.74
CA GLY A 389 82.11 -15.30 -107.98
CA ARG A 390 85.15 -13.75 -106.45
CA HIS A 391 88.34 -14.76 -104.76
CA THR A 392 88.44 -13.83 -101.14
CA GLY A 393 91.58 -12.71 -99.38
CA LYS A 394 93.36 -13.05 -102.68
CA PRO A 395 97.00 -12.49 -102.46
CA LEU A 396 98.27 -10.75 -105.48
CA GLU A 397 100.49 -12.61 -107.88
CA VAL A 398 101.68 -14.69 -105.07
CA PHE A 399 100.51 -18.07 -104.00
CA PRO A 400 103.07 -20.14 -102.34
CA PHE A 401 102.72 -23.84 -102.43
CA GLY A 402 100.27 -25.20 -99.97
CA LYS A 403 98.43 -21.93 -99.95
CA ALA A 404 94.70 -22.15 -100.19
CA VAL A 405 92.26 -19.86 -101.93
CA ASN A 406 88.60 -19.59 -101.08
CA TYR A 407 85.92 -18.79 -103.61
CA THR A 408 82.60 -17.13 -102.91
CA CYS A 409 79.64 -16.13 -105.04
CA ASP A 410 78.08 -12.72 -105.45
CA PRO A 411 75.73 -12.05 -102.64
CA HIS A 412 74.46 -9.07 -104.55
CA PRO A 413 75.30 -6.11 -102.42
CA ASP A 414 74.95 -7.65 -98.97
CA ARG A 415 74.08 -11.31 -98.95
CA GLY A 416 71.15 -12.88 -100.61
CA THR A 417 69.53 -15.49 -102.73
CA SER A 418 71.85 -15.14 -105.63
CA PHE A 419 74.18 -17.63 -107.16
CA ASP A 420 75.35 -20.27 -104.75
CA LEU A 421 78.64 -22.06 -104.97
CA ILE A 422 78.69 -25.58 -106.33
CA GLY A 423 81.72 -27.81 -105.94
CA GLU A 424 84.82 -27.45 -103.80
CA SER A 425 84.77 -24.00 -102.32
CA THR A 426 88.49 -24.02 -101.78
CA ILE A 427 91.52 -25.14 -103.73
CA ARG A 428 95.10 -25.51 -102.67
CA CYS A 429 98.33 -25.15 -104.53
CA THR A 430 100.35 -28.29 -105.08
CA SER A 431 102.91 -29.51 -107.56
CA ASP A 432 102.32 -32.49 -109.79
CA PRO A 433 104.99 -31.30 -112.18
CA GLN A 434 108.20 -29.89 -110.86
CA GLY A 435 107.24 -26.27 -110.83
CA ASN A 436 104.18 -25.33 -112.82
CA GLY A 437 102.47 -24.68 -109.52
CA VAL A 438 99.28 -26.52 -110.44
CA TRP A 439 96.17 -26.18 -108.34
CA SER A 440 94.37 -29.18 -106.88
CA SER A 441 91.21 -29.04 -108.89
CA PRO A 442 88.97 -26.89 -110.90
CA ALA A 443 87.21 -23.96 -109.36
CA PRO A 444 83.69 -24.08 -108.19
CA ARG A 445 80.78 -22.71 -110.15
CA CYS A 446 78.22 -20.13 -109.09
CA GLY A 447 74.46 -19.99 -109.90
CA ILE A 448 72.19 -22.69 -111.51
CA LEU A 449 74.03 -24.79 -114.22
CA GLY A 450 72.65 -27.19 -116.98
CA HIS A 451 70.97 -30.13 -114.97
CA CYS A 452 68.21 -32.36 -116.42
CA GLN A 453 68.91 -35.71 -117.97
CA ALA A 454 66.36 -37.44 -120.13
CA PRO A 455 63.16 -38.00 -118.30
CA ASP A 456 62.46 -41.50 -117.16
CA HIS A 457 59.86 -43.55 -118.96
CA PHE A 458 56.41 -43.33 -117.40
CA LEU A 459 54.95 -45.93 -119.74
CA PHE A 460 51.57 -44.75 -118.50
CA ALA A 461 52.05 -41.52 -120.39
CA LYS A 462 53.22 -40.65 -123.89
CA LEU A 463 55.36 -37.59 -124.34
CA LYS A 464 53.65 -34.65 -125.92
CA THR A 465 56.17 -31.87 -126.28
CA GLN A 466 58.40 -30.91 -129.12
CA THR A 467 61.81 -32.19 -128.27
CA ASN A 468 64.98 -32.70 -130.26
CA ALA A 469 67.65 -33.42 -127.71
CA SER A 470 68.68 -35.83 -124.97
CA ASP A 471 69.62 -33.24 -122.38
CA PHE A 472 66.83 -30.97 -121.26
CA PRO A 473 67.50 -27.53 -119.97
CA ILE A 474 66.71 -26.69 -116.37
CA GLY A 475 63.45 -24.90 -115.79
CA THR A 476 61.14 -26.55 -118.27
CA SER A 477 58.02 -28.64 -117.88
CA LEU A 478 57.61 -31.55 -120.23
CA LYS A 479 54.07 -32.47 -121.18
CA TYR A 480 52.98 -36.08 -120.87
CA GLU A 481 49.53 -37.45 -121.56
CA CYS A 482 48.36 -40.57 -119.79
CA ARG A 483 47.12 -43.53 -121.83
CA PRO A 484 43.46 -44.10 -122.49
CA GLU A 485 43.64 -46.76 -119.81
CA TYR A 486 44.33 -43.93 -117.39
CA TYR A 487 42.77 -40.59 -116.49
CA GLY A 488 44.27 -37.58 -114.74
CA ARG A 489 44.76 -34.86 -117.37
CA PRO A 490 48.05 -34.06 -118.95
CA PHE A 491 50.74 -33.33 -116.41
CA SER A 492 54.29 -32.14 -116.73
CA ILE A 493 57.55 -32.71 -114.95
CA THR A 494 59.43 -29.55 -114.16
CA CYS A 495 63.14 -29.57 -114.59
CA LEU A 496 64.40 -28.26 -111.30
CA ASP A 497 67.95 -27.13 -110.72
CA ASN A 498 69.57 -30.30 -109.56
CA LEU A 499 69.17 -32.15 -112.81
CA VAL A 500 66.03 -33.78 -111.54
CA TRP A 501 62.45 -33.52 -112.58
CA SER A 502 59.73 -32.54 -110.18
CA SER A 503 58.32 -35.47 -108.31
CA PRO A 504 54.89 -36.23 -109.56
CA LYS A 505 52.35 -37.49 -107.07
CA ASP A 506 49.36 -39.65 -107.83
CA VAL A 507 48.68 -37.68 -111.01
CA CYS A 508 47.84 -40.46 -113.45
CA LYS A 509 45.53 -41.48 -110.46
CA ARG A 510 43.28 -42.30 -113.53
CA LYS A 511 39.58 -42.10 -112.31
CA SER A 512 38.16 -44.92 -114.36
CA CYS A 513 36.54 -48.29 -113.22
CA LYS A 514 37.54 -51.83 -114.01
CA THR A 515 34.87 -53.47 -116.10
CA PRO A 516 32.63 -55.60 -114.03
CA PRO A 517 32.63 -59.29 -114.67
CA ASP A 518 29.61 -60.56 -116.54
CA PRO A 519 27.04 -61.77 -114.12
CA VAL A 520 26.09 -65.34 -114.73
CA ASN A 521 23.26 -65.52 -117.20
CA GLY A 522 23.48 -61.82 -117.82
CA MET A 523 25.71 -59.04 -119.06
CA VAL A 524 26.37 -55.36 -118.53
CA HIS A 525 26.11 -52.94 -121.39
CA VAL A 526 28.09 -49.75 -121.30
CA ILE A 527 26.17 -46.81 -122.65
CA THR A 528 29.33 -45.01 -123.62
CA ASP A 529 32.37 -46.06 -121.59
CA ILE A 530 33.24 -46.90 -118.05
CA GLN A 531 34.86 -43.75 -116.79
CA VAL A 532 34.23 -42.08 -113.48
CA GLY A 533 30.96 -40.68 -114.75
CA SER A 534 29.22 -43.05 -117.11
CA ARG A 535 26.90 -45.63 -115.69
CA ILE A 536 26.56 -49.13 -117.02
CA ASN A 537 23.22 -50.87 -117.37
CA TYR A 538 22.80 -54.45 -116.26
CA SER A 539 20.40 -56.78 -117.97
CA CYS A 540 19.94 -60.51 -117.73
CA THR A 541 19.30 -63.21 -120.26
CA THR A 542 15.65 -63.25 -121.06
CA GLY A 543 13.77 -65.24 -118.47
CA HIS A 544 16.07 -64.33 -115.65
CA ARG A 545 15.57 -61.40 -113.39
CA LEU A 546 18.42 -59.25 -112.16
CA ILE A 547 18.69 -59.20 -108.37
CA GLY A 548 20.62 -56.31 -106.95
CA HIS A 549 20.42 -52.94 -108.64
CA SER A 550 19.46 -51.95 -112.16
CA SER A 551 22.37 -49.74 -113.12
CA ALA A 552 25.53 -48.78 -111.36
CA GLU A 553 27.37 -45.56 -112.05
CA CYS A 554 31.14 -45.38 -112.18
CA ILE A 555 32.25 -42.70 -109.77
CA LEU A 556 35.24 -41.46 -107.86
CA SER A 557 35.55 -41.15 -104.10
CA GLY A 558 38.84 -39.35 -104.13
CA ASN A 559 41.40 -42.06 -103.59
CA ALA A 560 40.13 -44.42 -106.24
CA ALA A 561 37.32 -44.86 -108.68
CA HIS A 562 34.68 -47.48 -108.02
CA TRP A 563 31.14 -48.33 -108.97
CA SER A 564 28.34 -46.86 -106.92
CA THR A 565 26.87 -50.28 -106.47
CA LYS A 566 28.10 -53.84 -106.83
CA PRO A 567 26.90 -55.89 -109.71
CA PRO A 568 23.71 -57.77 -109.28
CA ILE A 569 23.07 -61.47 -109.84
CA CYS A 570 20.47 -63.07 -111.98
CA GLN A 571 20.78 -65.94 -108.89
CA ARG A 572 23.75 -68.60 -109.25
CA ILE A 573 25.66 -68.01 -106.08
CA PRO A 574 25.13 -71.98 -105.13
CA CYS A 575 22.69 -73.38 -102.71
CA GLY A 576 23.94 -76.24 -100.65
CA LEU A 577 22.17 -78.02 -97.87
CA PRO A 578 20.59 -76.05 -95.16
CA PRO A 579 22.38 -76.13 -91.86
CA THR A 580 21.05 -79.12 -89.98
CA ILE A 581 19.85 -78.69 -86.43
CA ALA A 582 20.53 -81.19 -83.73
CA ASN A 583 17.43 -83.24 -83.08
CA GLY A 584 15.71 -81.02 -85.59
CA ASP A 585 14.31 -82.74 -88.64
CA PHE A 586 14.16 -81.67 -92.27
CA ILE A 587 11.23 -81.50 -94.65
CA SER A 588 9.70 -79.45 -97.41
CA THR A 589 10.39 -79.53 -101.12
CA ASN A 590 14.10 -79.49 -100.50
CA ARG A 591 15.67 -82.89 -100.66
CA GLU A 592 18.67 -83.66 -102.81
CA ASN A 593 18.62 -81.28 -105.67
CA PHE A 594 19.25 -77.92 -104.15
CA HIS A 595 19.40 -75.11 -106.66
CA TYR A 596 18.05 -71.83 -105.42
CA GLY A 597 14.95 -70.45 -103.74
CA SER A 598 14.00 -73.76 -102.26
CA VAL A 599 12.42 -73.45 -98.84
CA VAL A 600 12.91 -75.89 -96.02
CA THR A 601 10.89 -76.35 -92.86
CA TYR A 602 12.50 -77.37 -89.60
CA ARG A 603 11.16 -79.43 -86.75
CA CYS A 604 12.44 -81.38 -83.80
CA ASN A 605 12.24 -84.97 -82.54
CA PRO A 606 8.94 -86.13 -81.16
CA GLY A 607 10.21 -89.54 -80.02
CA SER A 608 7.95 -90.89 -82.72
CA GLY A 609 4.47 -89.54 -83.08
CA GLY A 610 4.85 -86.37 -81.09
CA ARG A 611 6.01 -85.93 -77.55
CA LYS A 612 6.99 -83.11 -75.30
CA VAL A 613 10.60 -83.47 -76.11
CA PHE A 614 12.61 -80.58 -77.50
CA GLU A 615 10.84 -77.92 -79.46
CA LEU A 616 11.78 -75.79 -82.42
CA VAL A 617 12.15 -72.11 -81.58
CA GLY A 618 12.89 -69.28 -83.96
CA GLU A 619 11.97 -69.12 -87.63
CA PRO A 620 10.77 -72.52 -88.46
CA SER A 621 11.65 -72.09 -92.08
CA ILE A 622 14.50 -70.80 -94.20
CA TYR A 623 15.09 -70.41 -97.90
CA CYS A 624 17.92 -70.36 -100.41
CA THR A 625 19.18 -66.91 -101.30
CA SER A 626 22.27 -65.07 -102.42
CA ASN A 627 24.42 -62.50 -100.71
CA ASP A 628 27.92 -63.20 -101.92
CA ASP A 629 28.62 -64.77 -105.21
CA GLN A 630 27.51 -68.24 -105.81
CA VAL A 631 27.94 -70.11 -102.54
CA GLY A 632 24.24 -70.41 -102.02
CA ILE A 633 23.97 -68.95 -98.54
CA TRP A 634 20.60 -69.30 -96.82
CA SER A 635 18.39 -66.52 -95.41
CA GLY A 636 19.06 -66.81 -91.74
CA PRO A 637 20.02 -68.93 -88.91
CA ALA A 638 18.26 -72.13 -88.24
CA PRO A 639 16.04 -72.58 -85.31
CA GLN A 640 16.93 -74.39 -82.12
CA CYS A 641 15.33 -77.16 -80.15
CA ILE A 642 16.86 -79.22 -77.40
CA ILE A 643 20.77 -80.17 -77.55
CA PRO A 644 21.23 -84.05 -76.16
CA ASN A 645 23.54 -83.71 -73.07
CA LYS A 646 23.24 -84.71 -69.23
CA CYS A 647 24.04 -83.27 -66.90
CA THR A 648 23.07 -79.67 -66.45
CA PRO A 649 22.44 -77.89 -63.25
CA PRO A 650 19.73 -79.31 -61.10
CA ASN A 651 16.46 -77.49 -61.25
CA VAL A 652 15.10 -77.13 -57.75
CA GLU A 653 13.56 -74.07 -56.22
CA ASN A 654 14.04 -73.21 -52.56
CA GLY A 655 16.31 -76.20 -52.02
CA ILE A 656 20.02 -75.66 -52.55
CA LEU A 657 22.28 -78.51 -53.54
CA VAL A 658 24.85 -79.38 -50.84
CA SER A 659 27.39 -81.59 -52.57
CA ASP A 660 29.99 -80.55 -55.08
CA ASN A 661 28.39 -78.03 -57.33
CA ARG A 662 29.84 -78.13 -60.79
CA SER A 663 29.15 -76.15 -63.89
CA LEU A 664 28.96 -79.19 -66.08
CA PHE A 665 28.33 -82.43 -64.30
CA SER A 666 29.13 -85.82 -65.68
CA LEU A 667 27.68 -89.25 -65.28
CA ASN A 668 27.48 -90.54 -61.76
CA GLU A 669 27.52 -87.12 -60.30
CA VAL A 670 25.26 -87.21 -57.31
CA VAL A 671 23.83 -84.16 -55.65
CA GLU A 672 21.94 -83.89 -52.41
CA PHE A 673 19.51 -81.08 -51.81
CA ARG A 674 18.79 -79.36 -48.57
CA CYS A 675 15.80 -77.13 -48.24
CA GLN A 676 15.85 -73.56 -47.06
CA PRO A 677 14.68 -72.93 -43.60
CA GLY A 678 10.93 -73.25 -43.34
CA PHE A 679 10.69 -75.58 -46.31
CA VAL A 680 10.28 -79.32 -46.52
CA MET A 681 11.48 -81.59 -49.29
CA LYS A 682 8.96 -83.56 -51.21
CA GLY A 683 10.85 -86.14 -53.18
CA PRO A 684 14.19 -87.84 -53.01
CA ARG A 685 16.91 -85.84 -51.31
CA ARG A 686 19.64 -86.88 -53.73
CA VAL A 687 19.75 -87.06 -57.49
CA LYS A 688 22.24 -88.85 -59.67
CA CYS A 689 23.02 -88.25 -63.29
CA GLN A 690 22.09 -91.02 -65.63
CA ALA A 691 23.65 -92.08 -68.91
CA LEU A 692 20.51 -90.61 -70.41
CA ASN A 693 21.74 -87.27 -69.10
CA LYS A 694 18.53 -86.97 -67.15
CA TRP A 695 18.40 -86.86 -63.40
CA GLU A 696 17.15 -89.93 -61.66
CA PRO A 697 15.11 -89.84 -59.77
CA GLU A 698 13.54 -86.65 -61.05
CA LEU A 699 14.39 -83.51 -59.14
CA PRO A 700 12.54 -82.87 -55.95
CA SER A 701 10.88 -79.66 -54.91
CA CYS A 702 11.10 -77.91 -51.59
CA SER A 703 7.79 -76.26 -50.32
CA ARG A 704 7.13 -72.36 -49.74
CA VAL A 705 7.47 -72.23 -45.88
CA CYS A 706 4.55 -74.51 -44.52
CA GLN A 707 2.21 -77.40 -45.06
CA PRO A 708 -1.15 -77.60 -43.51
CA PRO A 709 -1.12 -78.24 -39.84
CA PRO A 710 -1.66 -81.66 -38.47
CA ASP A 711 -5.20 -82.38 -37.50
CA VAL A 712 -6.07 -83.74 -34.13
CA LEU A 713 -8.73 -86.34 -33.70
CA HIS A 714 -10.99 -84.69 -31.25
CA ALA A 715 -10.28 -81.05 -31.69
CA GLU A 716 -10.48 -78.27 -34.20
CA ARG A 717 -8.01 -75.88 -35.65
CA THR A 718 -8.43 -72.19 -35.17
CA GLN A 719 -8.71 -72.26 -38.91
CA ARG A 720 -7.09 -68.92 -39.22
CA ASP A 721 -5.96 -68.76 -42.81
CA LYS A 722 -5.99 -72.50 -42.71
CA ASP A 723 -5.83 -72.59 -46.47
CA ASN A 724 -2.36 -71.20 -46.54
CA PHE A 725 0.12 -70.69 -43.80
CA SER A 726 2.96 -68.32 -44.47
CA PRO A 727 6.11 -68.71 -42.56
CA GLY A 728 6.15 -67.34 -39.05
CA GLN A 729 2.43 -67.76 -38.84
CA GLU A 730 0.98 -69.46 -35.83
CA VAL A 731 -1.98 -71.75 -35.63
CA PHE A 732 -4.08 -72.44 -32.56
CA TYR A 733 -5.59 -75.75 -31.60
CA SER A 734 -8.75 -76.08 -29.59
CA CYS A 735 -10.62 -79.04 -28.21
CA GLU A 736 -14.31 -79.81 -28.03
CA PRO A 737 -16.05 -79.25 -24.79
CA GLY A 738 -15.16 -81.96 -22.34
CA TYR A 739 -11.69 -82.24 -23.77
CA ASP A 740 -8.42 -80.81 -22.54
CA LEU A 741 -5.40 -80.04 -24.63
CA ARG A 742 -2.11 -81.70 -23.89
CA GLY A 743 0.99 -79.99 -25.16
CA ALA A 744 1.53 -76.51 -26.50
CA ALA A 745 -1.70 -75.09 -27.82
CA SER A 746 -0.07 -73.11 -30.55
CA MET A 747 2.28 -74.16 -33.30
CA ARG A 748 4.40 -71.86 -35.34
CA CYS A 749 5.82 -72.30 -38.78
CA THR A 750 9.53 -71.74 -38.94
CA PRO A 751 10.71 -69.21 -41.37
CA GLN A 752 12.11 -72.29 -42.99
CA GLY A 753 10.67 -75.70 -42.49
CA ASP A 754 7.57 -77.35 -41.18
CA TRP A 755 5.73 -76.78 -37.96
CA SER A 756 8.05 -76.53 -35.04
CA PRO A 757 6.19 -78.60 -32.46
CA ALA A 758 4.00 -81.67 -32.69
CA ALA A 759 0.29 -81.07 -32.52
CA PRO A 760 -1.52 -81.09 -29.25
CA THR A 761 -3.70 -83.97 -28.24
CA CYS A 762 -7.13 -83.64 -26.74
CA GLU A 763 -9.70 -85.96 -27.90
CA VAL A 764 -9.62 -89.58 -28.81
CA LYS A 765 -13.23 -90.24 -27.18
CA SER A 766 -15.47 -89.23 -24.27
CA CYS A 767 -16.46 -93.13 -24.03
CA ASP A 768 -17.78 -96.09 -22.14
CA ASP A 769 -19.15 -94.67 -18.96
CA PHE A 770 -18.15 -97.64 -16.99
CA MET A 771 -14.54 -97.04 -16.63
CA GLY A 772 -14.24 -99.88 -14.18
CA GLN A 773 -13.26 -99.15 -10.63
CA LEU A 774 -9.76 -100.10 -9.64
CA LEU A 775 -9.41 -102.40 -6.72
CA ASN A 776 -8.17 -100.44 -3.76
CA GLY A 777 -8.37 -97.26 -5.74
CA ARG A 778 -10.85 -94.85 -7.20
CA VAL A 779 -11.57 -93.15 -10.49
CA LEU A 780 -12.44 -89.52 -10.44
CA PHE A 781 -14.31 -87.95 -13.29
CA PRO A 782 -13.25 -84.38 -13.45
CA VAL A 783 -16.09 -83.50 -15.74
CA ASN A 784 -17.71 -86.09 -17.88
CA LEU A 785 -16.51 -88.85 -20.09
CA GLN A 786 -16.68 -87.10 -23.44
CA LEU A 787 -14.37 -87.09 -26.43
CA GLY A 788 -11.88 -84.95 -24.61
CA ALA A 789 -12.50 -85.46 -20.92
CA LYS A 790 -9.72 -86.79 -18.70
CA VAL A 791 -10.26 -89.19 -15.86
CA ASP A 792 -7.83 -89.40 -13.00
CA PHE A 793 -6.81 -92.47 -11.05
CA VAL A 794 -5.73 -92.42 -7.42
CA CYS A 795 -5.35 -95.10 -4.84
CA ASP A 796 -5.83 -95.55 -1.16
CA GLU A 797 -2.93 -94.85 1.12
CA GLY A 798 -0.49 -97.70 1.08
CA PHE A 799 -1.12 -98.70 -2.50
CA GLN A 800 0.58 -97.09 -5.43
CA LEU A 801 -0.71 -96.92 -8.95
CA LYS A 802 0.91 -99.13 -11.47
CA GLY A 803 0.01 -97.71 -14.78
CA SER A 804 -0.94 -94.30 -16.06
CA SER A 805 -2.20 -91.64 -13.72
CA ALA A 806 -4.96 -90.54 -16.02
CA SER A 807 -6.76 -91.64 -19.13
CA TYR A 808 -8.10 -89.34 -21.78
CA CYS A 809 -11.20 -90.19 -23.71
CA VAL A 810 -10.09 -89.88 -27.31
CA LEU A 811 -11.49 -90.41 -30.76
CA ALA A 812 -9.72 -92.87 -32.97
CA GLY A 813 -11.32 -94.38 -35.98
CA MET A 814 -15.08 -94.22 -35.98
CA GLU A 815 -15.51 -94.60 -32.25
CA SER A 816 -13.95 -93.09 -29.20
CA LEU A 817 -12.13 -95.10 -26.58
CA TRP A 818 -10.06 -94.36 -23.50
CA ASN A 819 -6.44 -93.62 -24.22
CA SER A 820 -5.02 -95.83 -21.56
CA SER A 821 -6.02 -99.05 -19.94
CA VAL A 822 -6.98 -98.76 -16.34
CA PRO A 823 -4.08 -98.95 -13.99
CA VAL A 824 -4.05 -101.33 -11.08
CA CYS A 825 -2.88 -100.56 -7.63
CA GLU A 826 -5.00 -101.92 -4.74
CA GLN A 827 -8.34 -103.72 -5.07
CA ILE A 828 -10.01 -104.10 -8.68
CA PHE A 829 -13.67 -104.52 -7.05
CA CYS A 830 -15.71 -104.30 -3.47
CA PRO A 831 -18.35 -106.44 -1.99
CA SER A 832 -21.73 -104.97 -1.35
CA PRO A 833 -21.78 -102.54 1.45
CA PRO A 834 -23.32 -103.27 4.79
CA VAL A 835 -27.14 -103.12 5.05
CA ILE A 836 -27.72 -100.98 8.20
CA PRO A 837 -31.00 -101.27 9.93
CA ASN A 838 -33.51 -98.45 9.67
CA GLY A 839 -31.23 -96.90 7.12
CA ARG A 840 -30.70 -97.13 3.42
CA HIS A 841 -27.93 -96.81 0.91
CA THR A 842 -28.30 -93.83 -1.31
CA GLY A 843 -27.32 -93.82 -4.95
CA LYS A 844 -26.37 -97.43 -4.53
CA PRO A 845 -24.80 -98.89 -7.53
CA LEU A 846 -25.82 -102.43 -7.98
CA GLU A 847 -23.28 -105.16 -7.49
CA VAL A 848 -20.63 -102.80 -8.52
CA PHE A 849 -18.38 -100.73 -6.38
CA PRO A 850 -15.10 -99.97 -7.87
CA PHE A 851 -12.24 -99.21 -5.61
CA GLY A 852 -12.23 -95.74 -4.26
CA LYS A 853 -15.96 -95.55 -4.69
CA ALA A 854 -17.86 -94.12 -1.80
CA VAL A 855 -21.27 -95.04 -0.48
CA ASN A 856 -23.43 -92.78 1.61
CA TYR A 857 -25.82 -94.00 4.26
CA THR A 858 -28.96 -92.28 5.42
CA CYS A 859 -31.63 -93.08 7.97
CA ASP A 860 -35.36 -93.40 7.47
CA PRO A 861 -36.95 -90.03 7.52
CA HIS A 862 -40.30 -91.73 7.72
CA PRO A 863 -42.07 -90.75 4.58
CA ASP A 864 -40.67 -87.26 4.07
CA ARG A 865 -38.12 -86.21 6.62
CA GLY A 866 -38.59 -86.12 10.30
CA THR A 867 -37.53 -86.82 13.81
CA SER A 868 -36.83 -90.45 13.29
CA PHE A 869 -33.62 -92.35 13.64
CA ASP A 870 -30.56 -90.22 13.11
CA LEU A 871 -27.28 -91.49 11.81
CA ILE A 872 -24.46 -92.07 14.25
CA GLY A 873 -20.90 -92.61 13.09
CA GLU A 874 -19.29 -92.11 9.72
CA SER A 875 -22.02 -91.41 7.24
CA THR A 876 -19.90 -92.53 4.36
CA ILE A 877 -17.49 -95.33 3.68
CA ARG A 878 -15.09 -95.87 0.83
CA CYS A 879 -13.78 -98.96 -0.82
CA THR A 880 -10.13 -99.73 -0.35
CA SER A 881 -7.93 -102.79 -0.40
CA ASP A 882 -6.00 -103.97 2.62
CA PRO A 883 -5.72 -107.45 1.17
CA GLN A 884 -5.00 -107.91 -2.47
CA GLY A 885 -8.53 -108.15 -3.73
CA ASN A 886 -11.18 -108.76 -1.12
CA GLY A 887 -12.36 -105.23 -1.76
CA VAL A 888 -12.68 -104.34 1.92
CA TRP A 889 -14.49 -101.22 3.01
CA SER A 890 -12.86 -98.60 5.22
CA SER A 891 -14.92 -99.05 8.32
CA PRO A 892 -18.13 -100.27 9.70
CA ALA A 893 -21.38 -98.71 8.69
CA PRO A 894 -23.12 -96.14 10.74
CA ARG A 895 -26.05 -96.88 12.99
CA CYS A 896 -29.49 -95.32 12.96
CA GLY A 897 -28.60 -94.08 15.46
CA ILE A 898 -28.15 -91.02 17.70
CA LEU A 899 -30.61 -88.43 19.23
CA GLY A 900 -32.17 -84.87 18.59
CA HIS A 901 -29.32 -82.95 20.48
CA CYS A 902 -29.09 -79.21 19.29
CA GLN A 903 -32.67 -78.00 19.68
CA ALA A 904 -34.27 -75.61 17.23
CA PRO A 905 -32.21 -72.38 16.94
CA ASP A 906 -33.69 -69.36 18.71
CA HIS A 907 -35.26 -66.61 16.62
CA PHE A 908 -32.91 -63.77 15.73
CA LEU A 909 -35.52 -61.72 13.87
CA PHE A 910 -32.78 -59.59 12.34
CA ALA A 911 -31.66 -62.62 10.33
CA LYS A 912 -33.53 -64.96 8.00
CA LEU A 913 -32.59 -68.66 7.84
CA LYS A 914 -30.46 -69.54 4.80
CA THR A 915 -29.67 -73.26 4.85
CA GLN A 916 -31.34 -76.52 3.83
CA THR A 917 -33.49 -77.70 6.74
CA ASN A 918 -36.32 -80.20 7.12
CA ALA A 919 -36.41 -81.03 10.82
CA SER A 920 -36.82 -79.43 14.26
CA ASP A 921 -33.95 -81.20 16.00
CA PHE A 922 -30.57 -80.27 14.53
CA PRO A 923 -27.52 -82.60 14.76
CA ILE A 924 -24.60 -81.34 16.86
CA GLY A 925 -21.64 -80.23 14.79
CA THR A 926 -23.31 -78.09 12.15
CA SER A 927 -23.35 -74.35 11.45
CA LEU A 928 -26.67 -72.86 10.38
CA LYS A 929 -26.47 -69.94 7.93
CA TYR A 930 -28.40 -66.76 8.74
CA GLU A 931 -28.45 -63.55 6.69
CA CYS A 932 -29.24 -60.28 8.46
CA ARG A 933 -32.09 -58.05 7.31
CA PRO A 934 -31.60 -55.09 4.88
CA GLU A 935 -31.66 -52.67 7.80
CA TYR A 936 -28.64 -54.57 9.15
CA TYR A 937 -25.00 -55.18 8.22
CA GLY A 938 -22.48 -57.84 9.22
CA ARG A 939 -22.33 -60.48 6.48
CA PRO A 940 -24.03 -63.92 6.80
CA PHE A 941 -22.92 -65.69 9.98
CA SER A 942 -23.76 -69.11 11.40
CA ILE A 943 -24.42 -70.76 14.76
CA THR A 944 -22.40 -73.94 15.34
CA CYS A 945 -23.98 -76.80 17.30
CA LEU A 946 -21.29 -77.53 19.85
CA ASP A 947 -22.31 -80.51 21.98
CA ASN A 948 -24.32 -79.40 25.01
CA LEU A 949 -27.28 -79.12 22.65
CA VAL A 950 -26.42 -75.48 22.29
CA TRP A 951 -25.51 -73.12 19.51
CA SER A 952 -22.22 -71.23 19.47
CA SER A 953 -22.58 -67.86 21.19
CA PRO A 954 -22.61 -65.16 18.47
CA LYS A 955 -20.96 -61.87 19.43
CA ASP A 956 -21.62 -58.49 17.87
CA VAL A 957 -21.93 -59.99 14.38
CA CYS A 958 -25.24 -58.53 13.23
CA LYS A 959 -24.23 -54.91 13.61
CA ARG A 960 -26.09 -52.00 14.84
CA LYS A 961 -27.55 -48.92 13.04
CA SER A 962 -31.17 -48.01 14.09
CA CYS A 963 -31.62 -46.29 17.56
CA LYS A 964 -34.69 -46.82 19.66
CA THR A 965 -37.03 -43.88 19.57
CA PRO A 966 -36.86 -41.77 22.64
CA PRO A 967 -39.71 -41.71 25.01
CA ASP A 968 -42.03 -38.79 24.68
CA PRO A 969 -40.69 -36.02 26.75
CA VAL A 970 -42.87 -34.64 29.47
CA ASN A 971 -45.33 -32.17 28.09
CA GLY A 972 -43.58 -32.63 24.80
CA MET A 973 -43.23 -34.74 21.67
CA VAL A 974 -40.31 -36.02 19.63
CA HIS A 975 -40.38 -35.53 15.89
CA VAL A 976 -38.49 -37.41 13.23
CA ILE A 977 -37.43 -35.58 10.19
CA THR A 978 -36.86 -38.31 7.63
CA ASP A 979 -36.32 -41.64 9.36
CA ILE A 980 -34.86 -43.69 12.23
CA GLN A 981 -31.77 -44.66 10.19
CA VAL A 982 -28.36 -43.99 11.70
CA GLY A 983 -26.67 -40.83 10.55
CA SER A 984 -29.89 -38.87 10.77
CA ARG A 985 -30.66 -35.99 13.06
CA ILE A 986 -34.12 -35.65 14.60
CA ASN A 987 -35.53 -32.87 16.71
CA TYR A 988 -37.44 -32.52 19.97
CA SER A 989 -40.27 -30.20 20.93
CA CYS A 990 -42.29 -29.23 23.97
CA THR A 991 -45.29 -27.23 25.11
CA THR A 992 -45.20 -23.57 24.26
CA GLY A 993 -43.36 -21.70 26.96
CA HIS A 994 -41.07 -24.57 27.82
CA ARG A 995 -37.41 -24.24 26.93
CA LEU A 996 -35.63 -27.40 25.87
CA ILE A 997 -33.09 -28.25 28.50
CA GLY A 998 -30.61 -29.92 26.24
CA HIS A 999 -29.45 -29.89 22.65
CA SER A 1000 -32.88 -29.80 21.08
CA SER A 1001 -31.38 -32.28 18.65
CA ALA A 1002 -30.12 -35.84 18.46
CA GLU A 1003 -27.74 -38.11 16.55
CA CYS A 1004 -28.20 -41.84 16.12
CA ILE A 1005 -24.83 -43.14 17.17
CA LEU A 1006 -23.79 -46.69 17.85
CA SER A 1007 -22.07 -47.33 21.14
CA GLY A 1008 -21.25 -50.71 19.64
CA ASN A 1009 -23.49 -52.83 21.78
CA THR A 1010 -26.52 -50.70 21.21
CA ALA A 1011 -27.39 -47.70 19.13
CA HIS A 1012 -28.97 -44.78 20.90
CA TRP A 1013 -29.40 -41.06 20.62
CA SER A 1014 -26.57 -38.88 21.82
CA THR A 1015 -28.90 -36.61 23.68
CA LYS A 1016 -30.28 -37.27 27.11
CA PRO A 1017 -34.01 -37.20 27.59
CA PRO A 1018 -35.04 -33.65 27.19
CA ILE A 1019 -36.74 -31.76 29.98
CA CYS A 1020 -39.20 -28.90 30.02
CA GLN A 1021 -41.81 -29.26 32.84
CA ARG A 1022 -42.49 -25.40 33.98
CA ILE A 1023 -43.96 -22.89 31.37
CA PRO A 1024 -45.00 -19.41 32.68
CA CYS A 1025 -49.07 -19.72 31.62
CA GLY A 1026 -51.94 -18.27 33.64
CA LEU A 1027 -55.40 -19.70 34.24
CA PRO A 1028 -57.28 -21.37 31.34
CA PRO A 1029 -60.24 -19.48 29.78
CA THR A 1030 -63.07 -20.50 32.05
CA ILE A 1031 -66.38 -21.14 30.29
CA ALA A 1032 -69.61 -20.02 31.94
CA ASN A 1033 -71.36 -22.84 33.79
CA GLY A 1034 -68.41 -25.05 32.93
CA ASP A 1035 -66.27 -26.15 35.88
CA PHE A 1036 -62.55 -26.89 36.02
CA ILE A 1037 -60.50 -29.93 37.10
CA SER A 1038 -57.38 -31.93 36.23
CA THR A 1039 -53.85 -31.31 37.55
CA ASN A 1040 -54.07 -27.55 37.12
CA ARG A 1041 -55.13 -25.68 40.29
CA GLU A 1042 -52.86 -22.69 40.91
CA ASN A 1043 -49.22 -23.64 40.31
CA PHE A 1044 -49.57 -22.98 36.57
CA HIS A 1045 -46.32 -23.04 34.60
CA TYR A 1046 -46.80 -24.60 31.14
CA GLY A 1047 -48.03 -27.77 29.43
CA SER A 1048 -50.43 -28.41 32.32
CA VAL A 1049 -53.69 -29.84 30.98
CA VAL A 1050 -57.17 -29.04 32.31
CA THR A 1051 -60.46 -30.87 31.82
CA TYR A 1052 -63.58 -28.74 31.37
CA ARG A 1053 -67.17 -29.62 32.28
CA CYS A 1054 -70.47 -27.95 33.17
CA ASN A 1055 -72.95 -27.48 36.04
CA LEU A 1056 -75.19 -30.38 37.07
CA GLY A 1057 -77.05 -29.10 40.11
CA SER A 1058 -74.54 -30.70 42.48
CA ARG A 1059 -74.43 -34.39 41.53
CA GLY A 1060 -75.13 -34.82 37.83
CA ARG A 1061 -78.31 -33.58 36.17
CA LYS A 1062 -79.67 -32.65 32.74
CA VAL A 1063 -78.60 -29.00 32.92
CA PHE A 1064 -76.17 -27.81 30.27
CA GLU A 1065 -73.46 -30.03 28.77
CA LEU A 1066 -69.90 -29.45 27.56
CA VAL A 1067 -69.42 -29.57 23.81
CA GLY A 1068 -66.18 -29.41 21.85
CA GLU A 1069 -62.59 -29.40 23.09
CA PRO A 1070 -63.51 -30.89 26.52
CA SER A 1071 -59.81 -30.42 27.34
CA ILE A 1072 -57.03 -27.87 26.79
CA TYR A 1073 -53.43 -27.20 27.76
CA CYS A 1074 -50.88 -24.44 28.21
CA THR A 1075 -48.91 -23.40 25.14
CA SER A 1076 -47.28 -20.37 23.50
CA ASN A 1077 -47.98 -18.03 20.58
CA ASP A 1078 -46.67 -14.61 21.68
CA ASP A 1079 -43.58 -14.96 23.87
CA GLN A 1080 -44.53 -14.95 27.57
CA VAL A 1081 -48.15 -14.44 28.74
CA GLY A 1082 -48.70 -18.17 28.47
CA ILE A 1083 -51.69 -18.32 26.12
CA TRP A 1084 -53.64 -21.58 26.06
CA SER A 1085 -55.24 -23.29 23.06
CA GLY A 1086 -58.78 -21.95 23.01
CA PRO A 1087 -62.03 -21.55 25.03
CA ALA A 1088 -63.98 -23.66 22.52
CA PRO A 1089 -65.90 -25.70 25.19
CA GLN A 1090 -69.53 -24.61 25.60
CA CYS A 1091 -72.56 -25.74 27.61
CA ILE A 1092 -75.51 -23.48 28.14
CA ILE A 1093 -73.49 -20.02 29.07
CA PRO A 1094 -75.68 -17.08 30.69
CA ASN A 1095 -75.18 -13.27 29.76
CA LYS A 1096 -79.05 -12.54 30.09
CA CYS A 1097 -79.99 -11.06 32.51
CA THR A 1098 -77.74 -8.47 34.01
CA PRO A 1099 -78.64 -5.80 36.41
CA PRO A 1100 -81.28 -3.42 35.29
CA ASN A 1101 -80.04 -0.10 34.10
CA VAL A 1102 -82.23 2.62 35.50
CA GLU A 1103 -81.14 5.87 37.02
CA ASN A 1104 -82.97 7.46 39.93
CA GLY A 1105 -85.39 4.56 40.15
CA ILE A 1106 -84.43 1.68 42.43
CA LEU A 1107 -85.72 -1.82 41.80
CA VAL A 1108 -88.04 -3.06 44.57
CA SER A 1109 -88.33 -6.80 43.99
CA ASP A 1110 -85.73 -9.43 44.64
CA ASN A 1111 -82.44 -7.99 43.58
CA ARG A 1112 -80.08 -10.64 42.37
CA SER A 1113 -76.56 -10.52 41.11
CA LEU A 1114 -77.30 -12.70 38.14
CA PHE A 1115 -80.92 -12.92 37.17
CA SER A 1116 -82.41 -15.69 35.12
CA LEU A 1117 -85.26 -15.94 32.71
CA ASN A 1118 -88.61 -14.88 34.04
CA GLU A 1119 -87.11 -12.72 36.65
CA VAL A 1120 -89.34 -9.72 36.99
CA VAL A 1121 -88.31 -6.51 38.63
CA GLU A 1122 -90.44 -3.52 39.52
CA PHE A 1123 -88.91 -0.09 39.78
CA ARG A 1124 -89.90 2.63 42.15
CA CYS A 1125 -88.68 6.13 41.62
CA GLN A 1126 -86.86 8.23 44.17
CA PRO A 1127 -88.83 10.90 45.80
CA GLY A 1128 -89.43 13.79 43.48
CA PHE A 1129 -89.13 11.65 40.37
CA VAL A 1130 -91.74 10.17 38.08
CA MET A 1131 -91.45 7.02 36.03
CA LYS A 1132 -91.72 7.27 32.32
CA GLY A 1133 -92.16 3.77 31.00
CA PRO A 1134 -93.33 0.46 32.33
CA ARG A 1135 -92.87 -0.03 36.05
CA ARG A 1136 -91.85 -3.67 35.79
CA VAL A 1137 -89.41 -5.43 33.53
CA LYS A 1138 -89.09 -9.12 32.86
CA CYS A 1139 -86.14 -11.00 31.51
CA GLN A 1140 -86.62 -12.55 28.12
CA ALA A 1141 -85.08 -15.65 26.60
CA LEU A 1142 -83.16 -13.16 24.50
CA ASN A 1143 -81.55 -12.04 27.75
CA LYS A 1144 -82.84 -8.56 27.06
CA TRP A 1145 -85.32 -6.82 29.26
CA GLU A 1146 -88.82 -6.50 27.96
CA PRO A 1147 -90.14 -4.06 27.86
CA GLU A 1148 -87.02 -1.92 27.73
CA LEU A 1149 -85.99 -0.34 30.99
CA PRO A 1150 -87.79 2.77 32.08
CA SER A 1151 -86.25 5.96 33.29
CA CYS A 1152 -87.22 8.02 36.29
CA SER A 1153 -84.82 9.60 38.50
CA ARG A 1154 -81.25 8.01 37.70
CA VAL A 1155 -78.14 10.11 36.61
CA CYS A 1156 -78.11 11.89 39.86
CA GLN A 1157 -81.09 11.71 42.17
CA PRO A 1158 -84.00 13.95 41.74
CA PRO A 1159 -83.50 17.23 43.46
CA PRO A 1160 -84.48 17.67 47.02
CA GLU A 1161 -87.78 19.35 47.48
CA ILE A 1162 -87.96 22.27 49.79
CA LEU A 1163 -90.95 23.19 51.82
CA HIS A 1164 -92.73 26.32 50.74
CA GLY A 1165 -90.89 26.23 47.45
CA GLU A 1166 -90.93 24.53 44.10
CA HIS A 1167 -88.45 23.48 41.50
CA THR A 1168 -88.61 25.38 38.31
CA PRO A 1169 -89.70 22.96 35.68
CA SER A 1170 -86.91 20.48 35.51
CA HIS A 1171 -85.98 19.21 32.13
CA GLN A 1172 -86.37 15.66 33.18
CA ASP A 1173 -87.69 13.53 35.96
CA ASN A 1174 -84.13 12.32 36.19
CA PHE A 1175 -81.07 14.48 35.86
CA SER A 1176 -78.02 13.73 33.83
CA PRO A 1177 -74.71 14.87 35.02
CA GLY A 1178 -73.92 18.55 34.76
CA GLN A 1179 -77.62 19.23 34.90
CA GLU A 1180 -78.68 22.30 36.79
CA VAL A 1181 -81.91 22.79 38.66
CA PHE A 1182 -83.30 26.05 39.88
CA TYR A 1183 -85.42 26.60 42.98
CA SER A 1184 -88.15 29.15 43.44
CA CYS A 1185 -90.45 29.99 46.25
CA GLU A 1186 -94.03 31.01 46.83
CA PRO A 1187 -94.89 34.62 46.95
CA GLY A 1188 -94.24 35.95 50.39
CA TYR A 1189 -91.21 33.74 50.77
CA ASP A 1190 -87.57 34.63 50.41
CA LEU A 1191 -84.99 32.22 49.20
CA ARG A 1192 -81.75 32.04 51.07
CA GLY A 1193 -78.80 30.16 49.75
CA ALA A 1194 -77.82 29.31 46.21
CA ALA A 1195 -80.82 29.30 43.95
CA SER A 1196 -79.41 26.63 41.70
CA LEU A 1197 -77.74 23.30 42.27
CA HIS A 1198 -75.85 21.25 39.77
CA CYS A 1199 -75.25 17.54 39.55
CA THR A 1200 -71.68 16.39 39.47
CA PRO A 1201 -70.61 13.90 36.91
CA GLN A 1202 -70.68 11.37 39.67
CA GLY A 1203 -72.51 11.93 42.84
CA ASP A 1204 -75.29 13.79 44.50
CA TRP A 1205 -76.15 17.41 44.05
CA SER A 1206 -73.27 19.59 44.99
CA PRO A 1207 -74.99 22.06 47.26
CA GLU A 1208 -77.76 21.83 49.79
CA ALA A 1209 -81.08 23.07 48.58
CA PRO A 1210 -82.02 26.59 49.39
CA ARG A 1211 -84.50 27.34 52.11
CA CYS A 1212 -87.33 29.76 51.94
CA ALA A 1213 -90.93 29.19 52.30
CA VAL A 1214 -92.52 26.61 49.72
CA LYS A 1215 -91.10 23.30 48.13
CA SER A 1216 -94.28 21.75 46.73
CA CYS A 1217 -97.93 22.92 46.94
CA ASP A 1218 -101.14 24.54 45.95
CA ASP A 1219 -101.03 28.11 47.08
CA PHE A 1220 -104.62 27.96 48.03
CA LEU A 1221 -104.05 26.58 51.45
CA GLY A 1222 -107.17 28.60 51.98
CA GLN A 1223 -108.36 30.14 55.19
CA LEU A 1224 -109.90 28.60 58.26
CA PRO A 1225 -112.97 30.18 59.69
CA HIS A 1226 -112.13 31.90 62.96
CA GLY A 1227 -108.54 30.96 62.57
CA ARG A 1228 -105.51 31.84 60.55
CA VAL A 1229 -102.83 29.98 58.74
CA LEU A 1230 -99.33 31.26 58.91
CA PHE A 1231 -96.83 30.39 56.28
CA PRO A 1232 -93.57 30.80 58.05
CA LEU A 1233 -91.56 30.61 54.90
CA ASN A 1234 -93.50 29.83 51.75
CA LEU A 1235 -95.32 26.80 50.53
CA GLN A 1236 -92.64 24.89 48.65
CA LEU A 1237 -91.88 21.27 49.17
CA GLY A 1238 -90.52 21.14 52.68
CA ALA A 1239 -92.21 24.27 53.99
CA LYS A 1240 -94.61 23.81 56.86
CA VAL A 1241 -97.67 25.91 57.45
CA SER A 1242 -99.06 26.29 60.93
CA PHE A 1243 -102.64 26.64 61.98
CA VAL A 1244 -103.78 28.66 64.94
CA CYS A 1245 -107.08 30.00 65.98
CA ASP A 1246 -108.80 32.87 67.70
CA GLU A 1247 -108.94 33.00 71.44
CA GLY A 1248 -111.61 30.65 72.65
CA PHE A 1249 -111.69 28.46 69.60
CA ARG A 1250 -109.51 25.39 69.38
CA LEU A 1251 -108.52 23.74 66.18
CA LYS A 1252 -109.89 20.36 65.33
CA GLY A 1253 -107.39 18.65 63.16
CA SER A 1254 -103.69 18.85 62.68
CA SER A 1255 -101.67 21.69 64.16
CA VAL A 1256 -99.35 21.95 61.19
CA SER A 1257 -99.29 20.74 57.65
CA HIS A 1258 -96.15 20.07 55.73
CA CYS A 1259 -95.79 20.49 52.03
CA VAL A 1260 -94.40 17.16 51.02
CA LEU A 1261 -93.18 15.67 47.83
CA VAL A 1262 -94.47 12.37 46.68
CA GLY A 1263 -93.21 11.16 43.38
CA MET A 1264 -96.43 11.97 41.61
CA ARG A 1265 -96.63 15.51 42.81
CA SER A 1266 -96.27 17.69 45.82
CA LEU A 1267 -99.19 17.90 48.19
CA TRP A 1268 -99.98 19.02 51.71
CA ASN A 1269 -99.46 16.42 54.40
CA ASN A 1270 -102.74 17.05 56.09
CA SER A 1271 -106.08 18.51 55.25
CA VAL A 1272 -106.84 21.86 56.78
CA PRO A 1273 -108.22 21.81 60.25
CA VAL A 1274 -111.34 23.63 61.37
CA CYS A 1275 -111.77 25.60 64.52
CA GLU A 1276 -114.70 26.47 66.92
CA HIS A 1277 -114.13 30.19 67.62
CA ILE A 1278 -115.55 33.75 66.90
CA PHE A 1279 -113.46 37.02 67.51
CA CYS A 1280 -112.58 38.26 70.50
CA PRO A 1281 -111.56 37.02 73.85
CA ASN A 1282 -110.67 39.40 76.59
CA PRO A 1283 -107.51 41.19 75.84
CA PRO A 1284 -104.21 40.13 77.23
CA ALA A 1285 -103.35 41.81 80.48
CA ILE A 1286 -99.90 43.25 80.91
CA LEU A 1287 -97.90 43.64 84.05
CA ASN A 1288 -97.53 47.15 85.42
CA GLY A 1289 -99.97 48.29 82.78
CA ARG A 1290 -103.69 48.61 82.46
CA HIS A 1291 -106.26 48.58 79.75
CA THR A 1292 -108.37 51.57 79.12
CA GLY A 1293 -111.98 50.79 79.97
CA THR A 1294 -112.45 48.05 77.50
CA PRO A 1295 -115.04 47.10 78.74
CA SER A 1296 -114.56 43.38 78.62
CA GLY A 1297 -116.98 40.63 77.96
CA ASP A 1298 -117.72 42.04 74.60
CA ILE A 1299 -115.02 42.71 72.13
CA PRO A 1300 -116.65 43.02 68.83
CA TYR A 1301 -114.83 42.64 65.56
CA GLY A 1302 -113.01 45.81 64.74
CA LYS A 1303 -113.00 47.06 68.29
CA GLU A 1304 -109.76 48.48 69.53
CA ILE A 1305 -108.30 48.53 72.98
CA SER A 1306 -105.52 50.73 74.20
CA TYR A 1307 -102.96 49.89 76.85
CA THR A 1308 -101.31 52.26 79.25
CA CYS A 1309 -98.51 51.88 81.73
CA ASP A 1310 -98.38 52.74 85.41
CA PRO A 1311 -97.70 56.35 85.99
CA HIS A 1312 -97.20 55.61 89.65
CA PRO A 1313 -100.02 57.29 91.42
CA ASP A 1314 -99.59 60.50 89.47
CA ARG A 1315 -98.09 60.43 86.03
CA GLY A 1316 -94.41 60.26 85.51
CA MET A 1317 -91.42 58.66 83.99
CA THR A 1318 -92.03 55.25 85.35
CA PHE A 1319 -92.45 52.02 83.48
CA ASN A 1320 -92.79 52.88 79.83
CA LEU A 1321 -94.76 51.07 77.18
CA ILE A 1322 -92.89 49.39 74.41
CA GLY A 1323 -94.53 48.03 71.32
CA GLU A 1324 -97.91 48.74 69.78
CA SER A 1325 -100.01 50.59 72.28
CA THR A 1326 -103.23 49.53 70.68
CA ILE A 1327 -104.61 46.26 69.40
CA ARG A 1328 -107.70 45.48 67.36
CA CYS A 1329 -110.05 42.54 67.13
CA THR A 1330 -109.78 40.87 63.77
CA SER A 1331 -111.00 37.74 62.16
CA ASP A 1332 -109.10 34.88 60.65
CA PRO A 1333 -111.14 32.19 59.12
CA HIS A 1334 -111.68 30.87 62.59
CA GLY A 1335 -114.88 32.05 64.16
CA ASN A 1336 -113.00 32.84 67.31
CA GLY A 1337 -111.94 36.41 66.85
CA VAL A 1338 -108.26 36.99 67.25
CA TRP A 1339 -106.35 40.05 68.33
CA SER A 1340 -104.01 41.55 65.78
CA SER A 1341 -100.84 41.40 67.79
CA PRO A 1342 -99.46 40.70 71.17
CA ALA A 1343 -99.86 43.28 73.87
CA PRO A 1344 -97.24 45.83 74.66
CA ARG A 1345 -94.86 45.61 77.58
CA CYS A 1346 -94.14 48.01 80.43
CA GLU A 1347 -91.08 48.79 82.73
CA LEU A 1348 -89.56 46.74 85.71
CA SER A 1349 -89.36 47.86 89.35
CA VAL A 1350 -86.61 46.66 91.84
CA ARG A 1351 -86.58 43.12 93.71
CA ALA A 1352 -83.05 43.49 95.50
CA GLY A 1353 -83.48 40.87 98.04
CA HIS A 1354 -81.42 42.28 100.73
CA CYS A 1355 -79.14 42.73 104.01
CA LYS A 1356 -78.48 46.04 105.62
CA THR A 1357 -75.15 47.71 105.06
CA PRO A 1358 -72.34 45.61 106.28
CA GLU A 1359 -70.85 46.56 109.60
CA GLN A 1360 -67.48 48.14 109.38
CA PHE A 1361 -64.52 45.96 110.13
CA PRO A 1362 -61.71 48.47 110.39
CA PHE A 1363 -59.17 45.78 109.59
CA ALA A 1364 -60.52 45.30 106.09
CA SER A 1365 -61.32 47.69 103.28
CA PRO A 1366 -64.09 46.91 100.89
CA THR A 1367 -63.13 45.57 97.52
CA ILE A 1368 -66.20 45.01 95.42
CA PRO A 1369 -68.37 47.01 93.14
CA ILE A 1370 -70.86 48.71 95.37
CA ASN A 1371 -74.57 48.44 94.99
CA ASP A 1372 -76.29 51.12 97.07
CA PHE A 1373 -76.80 51.05 100.83
CA GLU A 1374 -78.99 48.00 100.82
CA PHE A 1375 -77.45 44.78 99.62
CA PRO A 1376 -79.49 42.04 98.11
CA VAL A 1377 -79.51 38.76 99.90
CA GLY A 1378 -77.35 36.08 98.42
CA THR A 1379 -74.22 38.04 97.75
CA SER A 1380 -70.71 37.87 99.14
CA LEU A 1381 -68.96 41.13 99.73
CA ASN A 1382 -65.18 41.10 99.30
CA TYR A 1383 -63.03 42.65 102.00
CA GLU A 1384 -59.27 42.79 101.99
CA CYS A 1385 -57.36 43.04 105.23
CA ARG A 1386 -54.94 45.90 105.82
CA PRO A 1387 -51.28 45.41 105.36
CA GLY A 1388 -50.61 44.83 109.01
CA TYR A 1389 -53.05 41.96 108.82
CA PHE A 1390 -52.81 38.50 107.39
CA GLY A 1391 -55.49 36.26 106.07
CA LYS A 1392 -56.85 36.15 102.62
CA MET A 1393 -59.52 38.36 101.25
CA PHE A 1394 -62.73 37.02 102.69
CA SER A 1395 -66.35 37.83 102.09
CA ILE A 1396 -69.53 38.06 104.08
CA SER A 1397 -72.46 36.32 102.46
CA CYS A 1398 -75.93 37.73 102.79
CA LEU A 1399 -77.82 34.70 103.99
CA GLU A 1400 -81.48 35.67 103.95
CA ASN A 1401 -82.04 36.79 107.52
CA LEU A 1402 -80.77 40.12 106.29
CA VAL A 1403 -77.71 39.12 108.20
CA TRP A 1404 -74.25 38.59 106.89
CA SER A 1405 -72.44 35.31 107.36
CA SER A 1406 -70.58 35.22 110.64
CA VAL A 1407 -66.89 35.43 109.96
CA GLU A 1408 -64.55 33.48 112.19
CA ASP A 1409 -61.04 34.54 112.99
CA ASN A 1410 -60.28 35.04 109.32
CA CYS A 1411 -58.38 38.28 109.57
CA ARG A 1412 -55.27 38.23 111.81
CA ARG A 1413 -52.03 40.03 110.24
CA LYS A 1414 -53.75 43.52 110.25
CA SER A 1415 -51.13 46.23 109.84
CA CYS A 1416 -51.21 50.27 110.14
CA GLY A 1417 -48.64 52.08 108.05
CA PRO A 1418 -45.62 53.12 110.00
CA PRO A 1419 -45.80 56.63 111.23
CA PRO A 1420 -43.24 59.08 110.01
CA GLU A 1421 -40.53 59.84 112.49
CA PRO A 1422 -41.39 63.06 114.18
CA PHE A 1423 -38.62 65.57 113.90
CA ASN A 1424 -36.42 65.54 116.96
CA GLY A 1425 -38.08 62.36 118.07
CA MET A 1426 -38.88 58.80 117.12
CA VAL A 1427 -41.55 56.20 117.64
CA HIS A 1428 -40.69 52.88 119.16
CA ILE A 1429 -42.72 49.83 118.38
CA ASN A 1430 -43.17 47.65 121.41
CA THR A 1431 -43.99 44.67 119.29
CA ASP A 1432 -45.28 45.34 115.84
CA THR A 1433 -47.59 47.74 114.09
CA GLN A 1434 -50.43 45.30 113.60
CA PHE A 1435 -53.92 45.99 114.70
CA GLY A 1436 -53.84 45.98 118.46
CA SER A 1437 -50.23 46.98 118.91
CA THR A 1438 -49.55 50.36 120.46
CA VAL A 1439 -46.51 52.36 119.58
CA ASN A 1440 -44.92 54.82 121.93
CA TYR A 1441 -43.62 58.21 120.96
CA SER A 1442 -40.54 59.63 122.58
CA CYS A 1443 -38.71 62.81 121.88
CA ASN A 1444 -34.99 63.45 122.21
CA GLU A 1445 -33.97 64.78 125.57
CA GLY A 1446 -34.71 68.46 125.83
CA PHE A 1447 -37.59 68.55 123.45
CA ARG A 1448 -41.04 67.57 124.66
CA LEU A 1449 -43.66 65.83 122.61
CA ILE A 1450 -46.76 67.82 121.83
CA GLY A 1451 -49.64 65.51 121.32
CA SER A 1452 -50.43 62.15 122.78
CA PRO A 1453 -47.85 59.90 124.23
CA SER A 1454 -48.89 56.67 122.56
CA THR A 1455 -51.01 55.66 119.62
CA THR A 1456 -52.71 52.32 119.21
CA CYS A 1457 -53.35 50.71 115.87
CA LEU A 1458 -57.08 50.07 115.62
CA VAL A 1459 -59.64 49.21 113.02
CA SER A 1460 -62.67 51.32 112.25
CA GLY A 1461 -64.73 51.91 109.15
CA ASN A 1462 -63.28 48.62 107.97
CA ASN A 1463 -59.81 50.16 107.67
CA VAL A 1464 -56.91 50.02 110.08
CA THR A 1465 -55.63 53.32 111.35
CA TRP A 1466 -53.88 54.75 114.38
CA ASP A 1467 -56.10 55.96 117.17
CA LYS A 1468 -54.32 59.26 117.35
CA LYS A 1469 -52.17 61.43 115.13
CA ALA A 1470 -48.44 61.45 115.76
CA PRO A 1471 -47.35 64.21 118.05
CA ILE A 1472 -44.71 66.82 117.26
CA CYS A 1473 -41.78 67.74 119.37
CA GLU A 1474 -38.16 68.83 118.93
CA ILE A 1475 -36.69 66.14 116.24
CA ILE A 1476 -33.06 65.28 115.90
CA SER A 1477 -31.34 66.44 112.51
CA CYS A 1478 -30.25 70.10 111.79
CA GLU A 1479 -26.85 71.06 113.08
CA PRO A 1480 -25.24 74.34 112.59
CA PRO A 1481 -24.67 75.35 109.05
CA PRO A 1482 -21.17 74.88 107.77
CA THR A 1483 -19.23 77.98 108.75
CA ILE A 1484 -17.13 79.58 106.09
CA SER A 1485 -13.83 81.15 106.86
CA ASN A 1486 -14.06 84.89 107.22
CA GLY A 1487 -17.74 84.54 106.58
CA ASP A 1488 -20.13 85.58 109.33
CA PHE A 1489 -23.47 84.14 110.37
CA TYR A 1490 -26.83 85.81 110.88
CA SER A 1491 -30.58 85.27 110.29
CA ASN A 1492 -33.10 83.57 112.51
CA ASN A 1493 -30.74 80.68 113.18
CA ARG A 1494 -28.75 81.10 116.36
CA THR A 1495 -28.74 78.13 118.61
CA SER A 1496 -31.97 76.24 118.64
CA PHE A 1497 -31.74 74.65 115.27
CA HIS A 1498 -34.50 72.26 114.37
CA ASN A 1499 -35.18 72.27 110.69
CA GLY A 1500 -36.20 74.64 107.95
CA THR A 1501 -34.27 77.49 109.47
CA VAL A 1502 -32.56 79.69 106.92
CA VAL A 1503 -29.23 81.33 107.52
CA THR A 1504 -27.57 84.16 105.66
CA TYR A 1505 -23.83 84.26 105.13
CA GLN A 1506 -21.49 87.20 104.86
CA CYS A 1507 -17.78 87.97 105.04
CA HIS A 1508 -15.49 90.01 107.25
CA THR A 1509 -15.09 93.69 106.60
CA GLY A 1510 -12.60 94.80 109.25
CA PRO A 1511 -14.84 97.11 111.01
CA ASP A 1512 -18.34 97.98 109.92
CA GLY A 1513 -17.62 97.36 106.27
CA GLU A 1514 -14.78 97.53 103.85
CA GLN A 1515 -13.80 95.87 100.69
CA LEU A 1516 -11.99 92.91 102.11
CA PHE A 1517 -13.23 89.52 101.01
CA GLU A 1518 -16.73 89.16 99.69
CA LEU A 1519 -19.29 86.40 99.72
CA VAL A 1520 -19.81 84.75 96.38
CA GLY A 1521 -22.49 82.21 95.70
CA GLU A 1522 -25.86 81.40 97.26
CA ARG A 1523 -25.34 83.63 100.25
CA SER A 1524 -28.12 81.74 101.96
CA ILE A 1525 -28.94 78.16 102.83
CA TYR A 1526 -31.60 76.28 104.74
CA CYS A 1527 -32.02 73.14 106.82
CA THR A 1528 -33.37 70.12 104.98
CA SER A 1529 -33.20 66.34 104.96
CA LYS A 1530 -31.59 63.92 102.54
CA ASP A 1531 -30.49 60.98 104.55
CA ASP A 1532 -31.98 60.23 107.89
CA GLN A 1533 -31.11 62.41 110.80
CA VAL A 1534 -28.06 64.65 110.95
CA GLY A 1535 -30.06 67.42 109.39
CA VAL A 1536 -27.98 68.16 106.31
CA TRP A 1537 -28.29 71.60 104.74
CA SER A 1538 -29.35 72.52 101.18
CA SER A 1539 -26.17 73.33 99.39
CA PRO A 1540 -22.63 74.25 99.88
CA PRO A 1541 -21.78 77.46 101.48
CA PRO A 1542 -20.50 80.48 99.76
CA ARG A 1543 -16.87 81.56 99.69
CA CYS A 1544 -15.18 84.85 100.31
CA ILE A 1545 -14.13 85.50 96.75
CA SER A 1546 -14.39 89.33 95.57
CA THR A 1547 -17.41 91.94 95.96
CA ASN A 1548 -18.07 95.35 97.64
CA LYS A 1549 -21.64 96.45 99.22
CA CYS A 1550 -23.75 99.43 97.76
CA THR A 1551 -22.62 102.95 97.20
CA ALA A 1552 -24.87 105.87 96.43
CA PRO A 1553 -26.85 105.32 93.34
CA GLU A 1554 -26.62 108.05 90.83
CA VAL A 1555 -29.56 109.21 88.82
CA GLU A 1556 -29.23 112.55 87.14
CA ASN A 1557 -32.22 114.87 87.60
CA ALA A 1558 -33.89 112.32 89.75
CA ILE A 1559 -33.85 112.00 93.49
CA ARG A 1560 -33.99 108.98 95.75
CA VAL A 1561 -37.00 109.20 98.05
CA PRO A 1562 -36.41 106.26 100.38
CA GLY A 1563 -33.99 106.30 103.25
CA ASN A 1564 -30.88 107.98 102.02
CA ARG A 1565 -27.94 106.25 103.56
CA SER A 1566 -24.23 106.72 103.30
CA PHE A 1567 -23.68 103.04 102.91
CA PHE A 1568 -26.54 100.80 101.87
CA SER A 1569 -26.39 97.23 102.99
CA LEU A 1570 -27.55 94.23 101.06
CA THR A 1571 -31.30 94.16 100.42
CA GLU A 1572 -31.61 97.88 100.70
CA ILE A 1573 -34.19 99.12 98.27
CA ILE A 1574 -34.35 102.64 97.00
CA ARG A 1575 -37.00 104.23 94.85
CA PHE A 1576 -36.37 107.17 92.60
CA ARG A 1577 -38.52 110.15 91.87
CA CYS A 1578 -37.86 112.59 89.09
CA GLN A 1579 -37.71 116.31 89.39
CA PRO A 1580 -40.69 118.05 87.94
CA GLY A 1581 -40.60 118.03 84.16
CA PHE A 1582 -38.87 114.68 84.08
CA VAL A 1583 -40.05 111.21 83.13
CA MET A 1584 -38.27 108.13 84.32
CA VAL A 1585 -36.91 105.75 81.79
CA GLY A 1586 -36.14 102.52 83.55
CA SER A 1587 -37.19 100.85 86.75
CA HIS A 1588 -38.36 103.08 89.58
CA THR A 1589 -36.73 101.09 92.36
CA VAL A 1590 -33.41 99.39 92.71
CA GLN A 1591 -32.10 96.91 95.23
CA CYS A 1592 -28.63 96.26 96.50
CA GLN A 1593 -27.60 92.79 95.47
CA THR A 1594 -25.17 90.39 97.07
CA ASN A 1595 -22.82 91.23 94.26
CA GLY A 1596 -22.79 94.78 95.53
CA ARG A 1597 -24.21 96.31 92.43
CA TRP A 1598 -27.60 97.84 92.02
CA GLY A 1599 -30.15 95.78 90.19
CA PRO A 1600 -31.76 96.55 88.06
CA LYS A 1601 -29.40 99.15 86.62
CA LEU A 1602 -30.03 102.67 87.82
CA PRO A 1603 -32.63 104.53 85.88
CA HIS A 1604 -32.21 107.80 84.06
CA CYS A 1605 -34.75 110.50 84.15
CA SER A 1606 -35.57 113.60 82.08
CA ARG A 1607 -33.36 113.31 78.71
CA VAL A 1608 -31.22 110.51 76.75
CA CYS A 1609 -27.26 110.78 76.29
CA GLN A 1610 -23.83 112.26 76.64
CA PRO A 1611 -22.88 115.34 74.80
CA PRO A 1612 -22.89 115.00 71.08
CA PRO A 1613 -19.74 114.42 69.21
CA GLU A 1614 -17.87 117.48 68.10
CA ILE A 1615 -17.57 117.99 64.41
CA LEU A 1616 -14.50 119.52 62.91
CA HIS A 1617 -15.25 122.69 61.02
CA GLY A 1618 -18.86 122.37 62.05
CA GLU A 1619 -21.02 123.79 64.76
CA HIS A 1620 -23.84 122.38 66.76
CA THR A 1621 -26.97 124.38 66.52
CA LEU A 1622 -27.92 125.78 69.91
CA SER A 1623 -27.24 122.89 72.11
CA HIS A 1624 -29.93 123.76 74.50
CA GLN A 1625 -28.39 121.69 77.19
CA ASP A 1626 -25.04 120.26 78.00
CA ASN A 1627 -26.94 117.03 78.43
CA PHE A 1628 -29.74 115.69 76.31
CA SER A 1629 -32.82 113.95 77.53
CA PRO A 1630 -34.02 111.13 75.43
CA GLY A 1631 -35.78 111.95 72.21
CA GLN A 1632 -33.87 115.18 72.11
CA GLU A 1633 -32.51 116.17 68.76
CA VAL A 1634 -29.22 117.82 68.02
CA PHE A 1635 -28.53 119.53 64.76
CA TYR A 1636 -25.20 119.85 63.03
CA SER A 1637 -24.21 122.70 60.81
CA CYS A 1638 -21.10 123.68 58.90
CA GLU A 1639 -19.34 126.91 58.04
CA PRO A 1640 -20.00 128.45 54.70
CA SER A 1641 -16.93 126.86 53.17
CA TYR A 1642 -18.35 123.45 53.92
CA ASP A 1643 -21.30 121.25 53.12
CA LEU A 1644 -22.76 118.52 55.28
CA ARG A 1645 -22.17 114.88 54.53
CA GLY A 1646 -24.28 112.33 56.34
CA ALA A 1647 -27.41 112.68 58.44
CA ALA A 1648 -27.67 116.24 59.64
CA SER A 1649 -29.52 115.42 62.80
CA LEU A 1650 -28.90 112.97 65.58
CA HIS A 1651 -31.41 111.90 68.17
CA CYS A 1652 -31.05 110.69 71.71
CA THR A 1653 -32.62 107.37 72.43
CA PRO A 1654 -33.95 105.70 75.47
CA GLN A 1655 -30.88 103.64 74.95
CA GLY A 1656 -28.91 106.73 75.74
CA ASP A 1657 -26.62 106.42 72.76
CA TRP A 1658 -26.77 108.70 69.79
CA SER A 1659 -28.59 107.07 66.98
CA PRO A 1660 -26.21 107.85 64.13
CA GLU A 1661 -22.62 108.95 63.90
CA ALA A 1662 -21.98 112.63 63.35
CA PRO A 1663 -21.83 114.30 60.04
CA ARG A 1664 -18.67 115.49 58.38
CA CYS A 1665 -18.19 118.90 56.86
CA THR A 1666 -18.35 118.69 53.69
CA VAL A 1667 -20.78 115.75 53.63
CA LYS A 1668 -22.61 115.39 50.33
CA SER A 1669 -26.41 114.39 50.81
CA CYS A 1670 -27.60 115.07 47.06
CA ASP A 1671 -27.73 118.08 44.88
CA ASP A 1672 -28.78 120.96 47.00
CA PHE A 1673 -32.16 122.61 47.19
CA LEU A 1674 -34.15 120.27 45.11
CA GLY A 1675 -35.81 123.12 43.33
CA GLN A 1676 -38.57 125.03 44.95
CA LEU A 1677 -42.14 123.97 44.72
CA PRO A 1678 -44.33 126.68 43.53
CA HIS A 1679 -46.87 127.67 46.12
CA GLY A 1680 -45.07 125.43 48.53
CA ARG A 1681 -41.86 125.07 50.45
CA VAL A 1682 -39.37 122.37 51.22
CA LEU A 1683 -38.14 122.01 54.74
CA LEU A 1684 -34.70 120.61 55.25
CA PRO A 1685 -34.52 119.23 58.72
CA LEU A 1686 -30.80 118.74 58.66
CA ASN A 1687 -29.15 119.21 55.34
CA LEU A 1688 -29.20 117.19 52.21
CA GLN A 1689 -26.62 114.48 52.79
CA LEU A 1690 -27.45 110.91 52.03
CA GLY A 1691 -29.64 109.94 54.92
CA ALA A 1692 -31.25 113.33 55.41
CA LYS A 1693 -34.92 113.67 54.59
CA VAL A 1694 -36.60 116.74 53.23
CA SER A 1695 -40.26 117.40 53.79
CA PHE A 1696 -42.67 119.08 51.44
CA VAL A 1697 -45.55 121.23 52.54
CA CYS A 1698 -47.58 123.82 50.79
CA ASP A 1699 -49.54 126.88 51.59
CA GLU A 1700 -52.93 126.32 53.03
CA GLY A 1701 -55.36 125.59 50.25
CA PHE A 1702 -52.85 123.96 47.97
CA ARG A 1703 -52.62 120.21 48.01
CA LEU A 1704 -49.41 118.29 47.54
CA LYS A 1705 -49.38 116.17 44.46
CA GLY A 1706 -46.60 113.74 44.90
CA ARG A 1707 -44.85 112.34 47.93
CA SER A 1708 -44.80 114.14 51.26
CA ALA A 1709 -41.11 113.62 51.85
CA SER A 1710 -38.02 112.62 49.95
CA HIS A 1711 -35.02 110.87 51.36
CA CYS A 1712 -31.57 111.56 50.11
CA VAL A 1713 -30.03 108.17 49.64
CA LEU A 1714 -27.21 106.38 47.92
CA ALA A 1715 -28.14 104.03 45.11
CA GLY A 1716 -24.64 102.74 44.72
CA MET A 1717 -22.77 104.77 42.17
CA LYS A 1718 -24.08 108.11 43.35
CA ALA A 1719 -26.53 109.70 45.72
CA LEU A 1720 -29.92 110.91 44.60
CA TRP A 1721 -33.25 111.88 46.08
CA ASN A 1722 -35.62 108.99 46.66
CA SER A 1723 -38.53 110.70 45.02
CA SER A 1724 -38.91 113.54 42.62
CA VAL A 1725 -40.42 116.67 44.01
CA PRO A 1726 -44.11 117.00 44.25
CA VAL A 1727 -46.03 119.94 42.89
CA CYS A 1728 -48.81 121.78 44.56
CA GLU A 1729 -49.47 125.49 44.48
CA GLN A 1730 -51.25 126.62 42.05
CA ILE A 1731 -53.03 125.89 38.61
CA PHE A 1732 -51.69 128.80 36.26
CA CYS A 1733 -54.55 131.43 35.96
CA PRO A 1734 -56.93 132.05 33.19
CA ASN A 1735 -56.62 135.20 31.19
CA PRO A 1736 -57.91 138.17 33.01
CA PRO A 1737 -61.39 139.45 32.51
CA ALA A 1738 -61.76 142.03 29.80
CA ILE A 1739 -63.06 145.43 30.66
CA LEU A 1740 -65.14 147.61 28.44
CA ASN A 1741 -63.54 150.93 27.63
CA GLY A 1742 -60.53 149.78 29.58
CA ARG A 1743 -57.22 148.18 28.88
CA HIS A 1744 -54.94 145.75 30.61
CA THR A 1745 -51.43 146.78 31.30
CA GLY A 1746 -48.95 144.50 29.57
CA THR A 1747 -50.06 141.31 31.15
CA PRO A 1748 -48.18 140.12 29.24
CA PHE A 1749 -50.62 138.06 27.28
CA GLY A 1750 -50.52 134.41 27.87
CA ASP A 1751 -51.35 132.90 31.18
CA ILE A 1752 -50.07 134.23 34.44
CA PRO A 1753 -48.61 132.12 37.10
CA TYR A 1754 -49.96 132.20 40.62
CA GLY A 1755 -49.21 135.45 42.36
CA LYS A 1756 -49.11 137.41 39.17
CA GLU A 1757 -50.83 140.77 39.29
CA ILE A 1758 -52.41 142.71 36.48
CA SER A 1759 -53.54 146.29 36.51
CA TYR A 1760 -56.45 147.76 34.62
CA ALA A 1761 -56.77 151.21 33.14
CA CYS A 1762 -59.59 153.16 31.53
CA ASP A 1763 -59.63 154.90 28.21
CA THR A 1764 -58.54 158.43 28.73
CA HIS A 1765 -58.12 159.52 25.20
CA PRO A 1766 -54.53 159.11 24.35
CA ASP A 1767 -53.08 160.79 27.41
CA ARG A 1768 -55.70 161.86 29.87
CA GLY A 1769 -59.17 163.30 29.78
CA MET A 1770 -62.34 163.03 31.70
CA THR A 1771 -63.73 160.08 29.86
CA PHE A 1772 -64.53 156.86 31.63
CA ASN A 1773 -63.60 156.50 35.25
CA LEU A 1774 -62.25 153.40 36.86
CA ILE A 1775 -64.25 152.16 39.77
CA GLY A 1776 -63.38 149.24 41.96
CA GLU A 1777 -60.02 147.69 42.65
CA SER A 1778 -57.65 148.62 39.87
CA SER A 1779 -55.55 145.53 40.26
CA ILE A 1780 -56.23 141.85 40.71
CA ARG A 1781 -53.89 139.01 41.49
CA CYS A 1782 -54.00 135.34 40.71
CA THR A 1783 -54.66 133.20 43.71
CA SER A 1784 -54.87 129.57 44.47
CA ASP A 1785 -57.79 127.97 46.17
CA PRO A 1786 -57.29 124.29 46.77
CA GLN A 1787 -58.59 123.56 43.36
CA GLY A 1788 -56.22 124.08 40.53
CA ASN A 1789 -57.16 126.28 37.64
CA GLY A 1790 -56.08 129.26 39.77
CA VAL A 1791 -58.68 131.91 40.16
CA TRP A 1792 -58.43 135.66 40.14
CA SER A 1793 -58.96 137.41 43.46
CA SER A 1794 -61.90 139.53 42.50
CA PRO A 1795 -63.90 140.93 39.71
CA ALA A 1796 -62.35 143.40 37.37
CA PRO A 1797 -63.03 147.06 37.72
CA ARG A 1798 -65.46 148.92 35.55
CA CYS A 1799 -64.91 152.06 33.56
CA GLU A 1800 -68.06 150.30 31.77
CA LEU A 1801 -70.80 148.93 34.15
CA SER A 1802 -72.11 145.20 33.62
CA VAL A 1803 -73.87 143.51 36.52
CA PRO A 1804 -76.14 141.44 34.22
CA ALA A 1805 -80.08 141.19 34.13
CA ALA A 1806 -81.74 137.73 33.22
CA CYS A 1807 -83.74 135.61 35.70
CA PRO A 1808 -83.79 132.36 37.47
CA HIS A 1809 -85.94 129.44 36.38
CA PRO A 1810 -89.57 130.05 36.89
CA PRO A 1811 -91.24 128.53 39.85
CA LYS A 1812 -93.16 125.36 39.20
CA ILE A 1813 -96.68 125.08 40.48
CA GLN A 1814 -98.53 121.98 41.53
CA ASN A 1815 -101.02 120.59 39.05
CA GLY A 1816 -100.04 123.17 36.49
CA HIS A 1817 -97.45 123.56 33.82
CA TYR A 1818 -95.46 126.29 32.22
CA ILE A 1819 -96.46 126.82 28.67
CA GLY A 1820 -93.85 127.08 26.05
CA GLY A 1821 -90.90 127.67 28.21
CA HIS A 1822 -88.17 129.21 26.21
CA VAL A 1823 -84.52 129.24 26.93
CA SER A 1824 -83.70 127.66 30.22
CA LEU A 1825 -82.56 131.15 30.92
CA TYR A 1826 -85.11 133.86 30.63
CA LEU A 1827 -83.88 137.18 29.40
CA PRO A 1828 -85.16 140.14 31.22
CA GLY A 1829 -88.57 141.38 30.21
CA MET A 1830 -89.36 137.82 29.28
CA THR A 1831 -92.81 136.63 30.14
CA ILE A 1832 -93.79 133.16 31.11
CA SER A 1833 -97.34 132.00 31.31
CA TYR A 1834 -98.75 129.18 33.35
CA ILE A 1835 -101.61 126.86 32.68
CA CYS A 1836 -103.53 124.38 34.78
CA ASP A 1837 -104.14 120.69 34.24
CA PRO A 1838 -107.52 119.46 33.32
CA GLY A 1839 -109.98 119.82 36.14
CA TYR A 1840 -108.16 122.73 37.69
CA LEU A 1841 -108.76 126.42 37.51
CA LEU A 1842 -106.20 129.17 37.54
CA VAL A 1843 -106.16 131.65 40.38
CA GLY A 1844 -103.95 134.69 40.28
CA LYS A 1845 -102.23 136.30 37.34
CA GLY A 1846 -101.37 133.83 34.61
CA PHE A 1847 -98.19 135.64 33.58
CA ILE A 1848 -95.09 136.46 35.46
CA PHE A 1849 -92.17 138.25 33.97
CA CYS A 1850 -88.92 139.67 35.07
CA THR A 1851 -88.43 143.41 35.28
CA ASP A 1852 -85.48 145.52 36.30
CA GLN A 1853 -83.36 142.54 35.31
CA GLY A 1854 -83.50 140.43 38.39
CA ILE A 1855 -86.41 138.79 40.07
CA TRP A 1856 -89.69 137.42 38.90
CA SER A 1857 -92.46 139.96 39.21
CA GLN A 1858 -94.83 138.09 41.44
CA LEU A 1859 -95.64 134.77 42.98
CA ASP A 1860 -96.97 132.29 40.51
CA HIS A 1861 -100.63 131.32 40.23
CA TYR A 1862 -102.17 128.41 42.02
CA CYS A 1863 -104.34 125.82 40.35
CA LYS A 1864 -107.34 126.35 41.09
CA GLU A 1865 -109.38 126.80 37.84
CA VAL A 1866 -111.86 129.43 36.86
CA ASN A 1867 -115.33 127.66 37.67
CA CYS A 1868 -117.50 130.53 39.59
CA SER A 1869 -120.60 131.01 41.69
CA PHE A 1870 -123.95 132.13 40.35
CA PRO A 1871 -123.82 135.64 39.12
CA LEU A 1872 -125.76 138.02 41.27
CA PHE A 1873 -127.97 140.46 39.50
CA MET A 1874 -130.20 142.99 41.13
CA ASN A 1875 -132.71 145.18 39.30
CA GLY A 1876 -131.45 143.47 36.26
CA ILE A 1877 -133.59 140.54 36.75
CA SER A 1878 -132.52 138.61 33.79
CA LYS A 1879 -128.96 137.35 34.31
CA GLU A 1880 -128.64 134.83 31.56
CA LEU A 1881 -126.15 132.00 31.88
CA GLU A 1882 -125.73 128.58 30.40
CA MET A 1883 -127.70 126.05 32.36
CA LYS A 1884 -125.06 124.71 34.66
CA LYS A 1885 -125.16 124.02 38.34
CA VAL A 1886 -121.50 124.86 38.36
CA TYR A 1887 -119.88 127.38 36.05
CA HIS A 1888 -116.42 126.81 34.73
CA TYR A 1889 -113.58 129.00 33.61
CA GLY A 1890 -114.45 130.89 30.47
CA ASP A 1891 -118.16 130.81 31.06
CA TYR A 1892 -119.81 134.10 30.25
CA VAL A 1893 -123.06 135.64 31.37
CA THR A 1894 -125.05 138.56 30.02
CA LEU A 1895 -127.48 140.83 31.79
CA LYS A 1896 -130.73 142.50 30.82
CA CYS A 1897 -132.42 145.24 32.77
CA GLU A 1898 -135.87 145.86 34.14
CA ASP A 1899 -137.97 148.46 32.41
CA GLY A 1900 -136.57 151.90 33.06
CA TYR A 1901 -133.10 150.83 34.13
CA THR A 1902 -129.61 151.20 32.70
CA LEU A 1903 -126.66 149.01 33.47
CA GLU A 1904 -124.01 150.52 35.68
CA GLY A 1905 -121.17 148.26 34.76
CA SER A 1906 -120.50 145.71 32.08
CA PRO A 1907 -123.29 143.92 30.36
CA TRP A 1908 -121.27 140.73 30.14
CA SER A 1909 -119.17 138.91 32.70
CA GLN A 1910 -116.65 136.16 32.36
CA CYS A 1911 -115.49 133.55 34.80
CA GLN A 1912 -111.81 134.09 35.51
CA ALA A 1913 -109.07 131.61 36.35
CA ASP A 1914 -109.02 133.23 39.76
CA ASP A 1915 -112.61 132.03 39.92
CA ARG A 1916 -113.93 135.54 40.28
CA TRP A 1917 -116.22 137.22 37.84
CA ASP A 1918 -114.41 139.84 35.84
CA PRO A 1919 -115.34 142.37 35.56
CA PRO A 1920 -117.29 142.21 38.77
CA LEU A 1921 -121.04 141.79 38.54
CA ALA A 1922 -122.82 145.01 37.67
CA LYS A 1923 -125.99 146.58 38.97
CA CYS A 1924 -128.73 148.01 36.86
CA THR A 1925 -131.20 150.95 37.27
CA SER A 1926 -134.91 151.80 37.81
CA ARG A 1927 -136.50 154.81 39.48
CA ALA A 1928 -136.22 156.55 42.95
CA HIS A 1929 -136.08 160.36 42.60
CA ASP A 1930 -139.67 162.15 43.11
CA ALA A 1931 -139.39 162.94 46.87
#